data_6EPY
#
_entry.id   6EPY
#
_cell.length_a   354.300
_cell.length_b   74.270
_cell.length_c   108.220
_cell.angle_alpha   90.00
_cell.angle_beta   105.50
_cell.angle_gamma   90.00
#
_symmetry.space_group_name_H-M   'C 1 2 1'
#
loop_
_entity.id
_entity.type
_entity.pdbx_description
1 polymer 'Periplasmic alpha-galactoside-binding protein'
2 branched alpha-D-galactopyranose-(1-6)-alpha-D-glucopyranose-(1-2)-beta-D-fructofuranose
3 non-polymer 1,2-ETHANEDIOL
4 non-polymer 'CALCIUM ION'
5 water water
#
_entity_poly.entity_id   1
_entity_poly.type   'polypeptide(L)'
_entity_poly.pdbx_seq_one_letter_code
;(MSE)IALSANAFETTTPPEPPQFPAEGKINYVARDTILEFKALPSYSEPDWITEKFEKAGKLPPLKERLPEEPLVYKTG
N(MSE)PDGVGVYGDT(MSE)RHVVGGRPEGWNYIAGQSQGWGGIDIALSECLTRTAPLFQVDAKDTEPLPNLAKSWEWS
EDGHTLT(MSE)HLVKGAKWSDGEAFNADDV(MSE)FYWEDAVVDPNVSPLGGGASPEAFGEGTTLKKIDDYTVEWTFKA
AFPKQYLYT(MSE)AYPSFCPGPSHILKPQHPKYSKNTYNQFKNAFPPEY(MSE)N(MSE)PV(MSE)GAWVPVSYRPDD
LIVLRRNPYYWKVDEKGQQLPYLNEVHYKLSTWADRDVQAVAGSGDFSNLEQPENFVASLKRAADPNAPARLAFGPRLIG
YNLQ(MSE)NFSANGWGNPDERGQAIRELNRNEVFRQAVTSALDRKAIGDSLVKGPFTAIYPGGISSGTSFYDRASTVYY
PFNLEGAKAALASIGLKDTDGDGFLNFPKETLGGRNVEITLLVNNGYATDKSLAEGLVGQ(MSE)AKLGLRVVIHSLDSN
QRDAAHYGGQFDWLVRRNSTELSSVVQNTEQLAPVGPRTSWNHRSPEGKELDL(MSE)PFEKE(MSE)ADIVRKFISSQD
NAERADL(MSE)KQYQKVYTQNLYTIGLTEYPGALIVNKRFSNVPQGTPIF(MSE)FNWAEDAIIRERLWVAADKQGKYE
LFPQQLPGKPGEGGPINHHHHHH
;
_entity_poly.pdbx_strand_id   A,B,C,D
#
# COMPACT_ATOMS: atom_id res chain seq x y z
N ALA A 8 20.46 9.33 42.10
CA ALA A 8 21.35 8.23 42.45
C ALA A 8 22.83 8.62 42.25
N PHE A 9 23.13 9.38 41.19
CA PHE A 9 24.48 9.83 40.85
C PHE A 9 24.69 11.31 41.13
N GLU A 10 25.91 11.68 41.55
CA GLU A 10 26.25 13.08 41.84
C GLU A 10 26.84 13.76 40.60
N THR A 11 25.95 14.18 39.70
CA THR A 11 26.30 14.85 38.46
C THR A 11 26.85 16.26 38.69
N THR A 12 27.71 16.70 37.79
CA THR A 12 28.33 18.03 37.80
C THR A 12 28.53 18.47 36.34
N THR A 13 29.47 19.40 36.11
CA THR A 13 29.83 19.87 34.76
C THR A 13 31.21 19.27 34.44
N PRO A 14 31.57 19.02 33.16
CA PRO A 14 32.90 18.41 32.89
C PRO A 14 34.05 19.39 33.17
N PRO A 15 35.21 18.89 33.70
CA PRO A 15 36.33 19.82 34.00
C PRO A 15 36.96 20.41 32.76
N GLU A 16 37.45 21.66 32.89
CA GLU A 16 38.11 22.35 31.78
C GLU A 16 39.39 21.63 31.39
N PRO A 17 39.58 21.36 30.08
CA PRO A 17 40.79 20.64 29.64
C PRO A 17 42.02 21.55 29.65
N PRO A 18 43.27 21.04 29.47
CA PRO A 18 44.43 21.94 29.39
C PRO A 18 44.34 22.90 28.21
N GLN A 19 44.94 24.09 28.32
CA GLN A 19 44.92 25.10 27.26
C GLN A 19 45.69 24.58 26.05
N PHE A 20 45.08 24.67 24.86
CA PHE A 20 45.71 24.20 23.63
C PHE A 20 46.37 25.40 22.88
N PRO A 21 47.71 25.58 23.03
CA PRO A 21 48.37 26.75 22.42
C PRO A 21 48.41 26.74 20.90
N ALA A 22 48.05 27.90 20.31
CA ALA A 22 48.01 28.20 18.87
C ALA A 22 47.23 27.17 18.05
N GLU A 23 45.95 27.49 17.74
CA GLU A 23 45.12 26.63 16.90
C GLU A 23 45.40 27.04 15.45
N GLY A 24 44.65 28.03 14.96
CA GLY A 24 44.76 28.56 13.60
C GLY A 24 46.02 29.37 13.31
N LYS A 25 45.91 30.71 13.20
CA LYS A 25 44.69 31.46 13.39
C LYS A 25 43.96 31.75 12.07
N ILE A 26 42.62 31.70 12.13
CA ILE A 26 41.73 31.97 11.01
C ILE A 26 41.72 33.48 10.69
N ASN A 27 41.75 33.84 9.38
CA ASN A 27 41.60 35.24 8.94
C ASN A 27 40.11 35.38 8.63
N TYR A 28 39.35 35.88 9.60
CA TYR A 28 37.91 36.03 9.46
C TYR A 28 37.53 37.08 8.41
N VAL A 29 36.56 36.72 7.56
CA VAL A 29 36.05 37.55 6.45
C VAL A 29 34.51 37.54 6.42
N ALA A 30 33.92 38.44 5.63
CA ALA A 30 32.48 38.48 5.45
C ALA A 30 32.08 37.43 4.38
N ARG A 31 30.84 36.94 4.43
CA ARG A 31 30.32 35.87 3.58
C ARG A 31 30.50 36.08 2.06
N ASP A 32 30.30 37.31 1.54
CA ASP A 32 30.34 37.55 0.09
C ASP A 32 31.71 37.99 -0.47
N THR A 33 32.78 37.72 0.29
CA THR A 33 34.15 38.02 -0.17
C THR A 33 34.72 36.85 -1.01
N ILE A 34 34.08 35.69 -0.97
CA ILE A 34 34.62 34.48 -1.62
C ILE A 34 34.31 34.37 -3.12
N LEU A 35 33.04 34.53 -3.47
CA LEU A 35 32.60 34.31 -4.84
C LEU A 35 31.34 35.10 -5.19
N GLU A 36 31.11 35.22 -6.51
CA GLU A 36 29.93 35.84 -7.10
C GLU A 36 29.74 35.29 -8.51
N PHE A 37 28.51 35.32 -9.02
CA PHE A 37 28.20 34.90 -10.38
C PHE A 37 28.13 36.14 -11.26
N LYS A 38 28.94 36.18 -12.34
CA LYS A 38 28.99 37.32 -13.28
C LYS A 38 29.76 36.93 -14.53
N ALA A 39 29.46 37.62 -15.66
CA ALA A 39 30.16 37.42 -16.92
C ALA A 39 31.46 38.21 -16.84
N LEU A 40 32.53 37.68 -17.44
CA LEU A 40 33.81 38.38 -17.50
C LEU A 40 34.10 38.77 -18.96
N PRO A 41 34.96 39.81 -19.24
CA PRO A 41 35.20 40.19 -20.64
C PRO A 41 35.84 39.10 -21.49
N SER A 42 36.74 38.29 -20.90
CA SER A 42 37.39 37.19 -21.61
C SER A 42 37.81 36.06 -20.67
N TYR A 43 37.96 34.85 -21.22
CA TYR A 43 38.31 33.66 -20.47
C TYR A 43 39.55 32.98 -21.00
N SER A 44 40.27 32.25 -20.15
CA SER A 44 41.48 31.54 -20.57
C SER A 44 41.52 30.15 -19.97
N GLU A 45 42.41 29.30 -20.49
CA GLU A 45 42.54 27.90 -20.12
C GLU A 45 44.00 27.46 -20.38
N PRO A 46 44.41 26.24 -19.94
CA PRO A 46 45.77 25.77 -20.28
C PRO A 46 46.02 25.80 -21.79
N ASP A 47 47.20 26.30 -22.20
CA ASP A 47 47.59 26.47 -23.61
C ASP A 47 47.41 25.21 -24.46
N TRP A 48 47.76 24.03 -23.91
CA TRP A 48 47.64 22.75 -24.61
C TRP A 48 46.19 22.38 -24.98
N ILE A 49 45.17 22.88 -24.22
CA ILE A 49 43.77 22.62 -24.53
C ILE A 49 43.41 23.41 -25.79
N THR A 50 43.78 24.70 -25.83
CA THR A 50 43.54 25.56 -27.01
C THR A 50 44.21 24.97 -28.25
N GLU A 51 45.50 24.62 -28.14
CA GLU A 51 46.29 24.09 -29.26
C GLU A 51 45.88 22.71 -29.74
N LYS A 52 45.75 21.71 -28.84
CA LYS A 52 45.46 20.31 -29.20
C LYS A 52 43.97 19.93 -29.28
N PHE A 53 43.07 20.72 -28.70
CA PHE A 53 41.67 20.36 -28.69
C PHE A 53 40.79 21.40 -29.42
N GLU A 54 40.88 22.69 -29.01
CA GLU A 54 40.09 23.76 -29.61
C GLU A 54 40.41 24.00 -31.09
N LYS A 55 41.69 24.28 -31.40
CA LYS A 55 42.18 24.55 -32.76
C LYS A 55 42.09 23.33 -33.65
N ALA A 56 42.13 22.12 -33.07
CA ALA A 56 42.02 20.85 -33.78
C ALA A 56 40.54 20.42 -33.99
N GLY A 57 39.60 21.29 -33.58
CA GLY A 57 38.17 21.04 -33.69
C GLY A 57 37.52 20.33 -32.52
N LYS A 58 38.21 19.34 -31.90
CA LYS A 58 37.85 18.43 -30.78
C LYS A 58 36.97 19.00 -29.63
N LEU A 59 37.07 20.31 -29.35
CA LEU A 59 36.32 20.94 -28.26
C LEU A 59 35.81 22.29 -28.71
N PRO A 60 34.63 22.76 -28.20
CA PRO A 60 34.19 24.13 -28.54
C PRO A 60 35.12 25.18 -27.89
N PRO A 61 35.23 26.44 -28.40
CA PRO A 61 36.02 27.44 -27.67
C PRO A 61 35.48 27.58 -26.25
N LEU A 62 36.38 27.90 -25.31
CA LEU A 62 36.10 27.97 -23.89
C LEU A 62 34.79 28.70 -23.51
N LYS A 63 34.54 29.90 -24.08
CA LYS A 63 33.36 30.73 -23.80
C LYS A 63 32.06 29.98 -24.08
N GLU A 64 32.04 29.12 -25.10
CA GLU A 64 30.85 28.32 -25.43
C GLU A 64 30.61 27.21 -24.38
N ARG A 65 31.69 26.71 -23.76
CA ARG A 65 31.59 25.67 -22.73
C ARG A 65 31.13 26.21 -21.38
N LEU A 66 31.33 27.52 -21.12
CA LEU A 66 31.03 28.11 -19.80
C LEU A 66 29.65 28.70 -19.69
N PRO A 67 29.06 28.84 -18.46
CA PRO A 67 27.81 29.60 -18.33
C PRO A 67 28.01 31.06 -18.76
N GLU A 68 26.92 31.76 -19.16
CA GLU A 68 26.99 33.18 -19.46
C GLU A 68 27.56 33.92 -18.22
N GLU A 69 27.10 33.53 -17.01
CA GLU A 69 27.59 34.07 -15.74
C GLU A 69 28.17 32.92 -14.90
N PRO A 70 29.45 32.56 -15.12
CA PRO A 70 30.03 31.48 -14.29
C PRO A 70 30.23 31.92 -12.84
N LEU A 71 30.53 30.94 -11.96
CA LEU A 71 30.87 31.23 -10.57
C LEU A 71 32.29 31.82 -10.64
N VAL A 72 32.48 33.03 -10.13
CA VAL A 72 33.77 33.72 -10.17
C VAL A 72 34.33 33.80 -8.74
N TYR A 73 35.51 33.24 -8.52
CA TYR A 73 36.19 33.36 -7.23
C TYR A 73 36.87 34.70 -7.19
N LYS A 74 36.60 35.46 -6.13
CA LYS A 74 37.13 36.80 -5.92
C LYS A 74 38.57 36.73 -5.40
N THR A 75 39.49 37.47 -6.03
CA THR A 75 40.93 37.47 -5.69
C THR A 75 41.21 37.87 -4.23
N GLY A 76 40.48 38.85 -3.70
CA GLY A 76 40.64 39.33 -2.33
C GLY A 76 40.64 38.24 -1.25
N ASN A 77 39.80 37.22 -1.42
CA ASN A 77 39.73 36.09 -0.48
C ASN A 77 40.83 35.05 -0.71
N PRO A 79 44.22 33.37 -0.37
CA PRO A 79 45.40 33.60 0.49
C PRO A 79 46.66 34.07 -0.25
N ASP A 80 46.89 33.57 -1.48
CA ASP A 80 48.09 33.88 -2.27
C ASP A 80 47.81 34.52 -3.62
N GLY A 81 46.55 34.84 -3.89
CA GLY A 81 46.14 35.47 -5.14
C GLY A 81 45.91 34.47 -6.26
N VAL A 82 45.73 34.99 -7.48
CA VAL A 82 45.47 34.29 -8.73
C VAL A 82 46.57 33.25 -8.99
N GLY A 83 46.15 32.07 -9.44
CA GLY A 83 47.04 30.96 -9.70
C GLY A 83 47.56 30.81 -11.11
N VAL A 84 48.34 29.73 -11.30
CA VAL A 84 48.91 29.31 -12.58
C VAL A 84 48.51 27.83 -12.75
N TYR A 85 48.43 27.37 -14.00
CA TYR A 85 48.07 25.98 -14.28
C TYR A 85 49.16 24.97 -14.02
N GLY A 86 48.73 23.74 -13.73
CA GLY A 86 49.63 22.60 -13.60
C GLY A 86 49.65 21.88 -12.27
N ASP A 87 50.35 20.74 -12.27
CA ASP A 87 50.61 19.86 -11.12
C ASP A 87 49.39 18.98 -10.77
N THR A 88 49.61 18.10 -9.79
CA THR A 88 48.69 17.06 -9.32
C THR A 88 48.58 17.11 -7.80
N ARG A 90 48.00 14.70 -4.75
CA ARG A 90 48.01 13.26 -4.45
C ARG A 90 47.38 12.96 -3.11
N HIS A 91 46.22 12.31 -3.14
CA HIS A 91 45.50 11.92 -1.93
C HIS A 91 45.75 10.45 -1.63
N VAL A 92 45.60 10.04 -0.35
CA VAL A 92 45.79 8.65 0.11
C VAL A 92 44.55 8.32 0.94
N VAL A 93 43.83 7.23 0.61
CA VAL A 93 42.57 6.89 1.31
C VAL A 93 42.55 5.45 1.86
N GLY A 94 41.77 5.23 2.93
CA GLY A 94 41.59 3.91 3.51
C GLY A 94 40.34 3.22 3.00
N GLY A 95 39.53 3.95 2.26
CA GLY A 95 38.29 3.39 1.69
C GLY A 95 38.52 2.74 0.35
N ARG A 96 37.50 2.07 -0.17
CA ARG A 96 37.55 1.40 -1.48
C ARG A 96 36.27 1.73 -2.25
N PRO A 97 36.33 1.99 -3.57
CA PRO A 97 35.10 2.32 -4.30
C PRO A 97 34.16 1.12 -4.51
N GLU A 98 32.86 1.35 -4.41
CA GLU A 98 31.82 0.35 -4.70
C GLU A 98 31.37 0.56 -6.14
N GLY A 99 31.43 1.82 -6.59
CA GLY A 99 31.04 2.29 -7.93
C GLY A 99 30.80 3.77 -7.88
N TRP A 100 30.22 4.35 -8.94
CA TRP A 100 30.01 5.80 -9.08
C TRP A 100 28.62 6.32 -8.74
N ASN A 101 27.70 5.44 -8.31
CA ASN A 101 26.32 5.86 -8.00
C ASN A 101 26.16 6.37 -6.57
N TYR A 102 26.64 7.59 -6.34
CA TYR A 102 26.60 8.30 -5.07
C TYR A 102 25.18 8.46 -4.56
N ILE A 103 24.25 8.90 -5.45
CA ILE A 103 22.86 9.19 -5.06
C ILE A 103 22.09 7.90 -4.66
N ALA A 104 22.57 6.71 -5.06
CA ALA A 104 22.01 5.42 -4.66
C ALA A 104 22.78 4.78 -3.48
N GLY A 105 23.70 5.52 -2.86
CA GLY A 105 24.41 5.08 -1.66
C GLY A 105 25.74 4.38 -1.84
N GLN A 106 26.33 4.46 -3.04
CA GLN A 106 27.65 3.88 -3.26
C GLN A 106 28.75 4.84 -2.82
N SER A 107 29.77 4.30 -2.13
CA SER A 107 30.95 5.06 -1.71
C SER A 107 32.00 4.96 -2.84
N GLN A 108 32.76 6.05 -3.06
CA GLN A 108 33.84 6.09 -4.04
C GLN A 108 35.22 5.92 -3.36
N GLY A 109 35.24 5.76 -2.04
CA GLY A 109 36.46 5.55 -1.25
C GLY A 109 36.73 6.56 -0.16
N TRP A 110 35.84 7.58 -0.03
CA TRP A 110 35.95 8.68 0.95
C TRP A 110 37.26 9.49 0.75
N GLY A 111 37.76 10.12 1.82
CA GLY A 111 38.99 10.91 1.76
C GLY A 111 39.05 12.04 0.75
N GLY A 112 37.87 12.57 0.39
CA GLY A 112 37.73 13.69 -0.54
C GLY A 112 37.24 13.38 -1.94
N ILE A 113 37.22 12.10 -2.34
CA ILE A 113 36.81 11.75 -3.72
C ILE A 113 35.33 12.12 -4.03
N ASP A 114 34.35 11.64 -3.25
CA ASP A 114 32.96 11.98 -3.51
C ASP A 114 32.71 13.49 -3.26
N ILE A 115 33.49 14.10 -2.35
CA ILE A 115 33.39 15.56 -2.09
C ILE A 115 33.74 16.34 -3.36
N ALA A 116 34.80 15.91 -4.10
CA ALA A 116 35.23 16.57 -5.34
C ALA A 116 34.30 16.26 -6.51
N LEU A 117 33.78 15.02 -6.57
CA LEU A 117 32.92 14.60 -7.68
C LEU A 117 31.50 15.13 -7.58
N SER A 118 30.83 14.90 -6.43
CA SER A 118 29.43 15.25 -6.22
C SER A 118 29.25 16.63 -5.60
N GLU A 119 29.22 17.68 -6.46
CA GLU A 119 28.97 19.08 -6.07
C GLU A 119 27.50 19.23 -5.66
N CYS A 120 27.22 20.19 -4.79
CA CYS A 120 25.87 20.33 -4.24
C CYS A 120 25.23 21.71 -4.51
N LEU A 121 23.93 21.86 -4.19
CA LEU A 121 23.18 23.12 -4.41
C LEU A 121 23.85 24.30 -3.73
N THR A 122 24.27 24.09 -2.47
CA THR A 122 24.94 25.11 -1.66
C THR A 122 26.26 24.55 -1.19
N ARG A 123 27.10 25.39 -0.56
CA ARG A 123 28.40 24.97 -0.03
C ARG A 123 28.64 25.67 1.30
N THR A 124 29.12 24.91 2.29
CA THR A 124 29.30 25.45 3.64
C THR A 124 30.68 25.27 4.23
N ALA A 125 31.46 24.29 3.77
CA ALA A 125 32.78 24.04 4.37
C ALA A 125 33.71 25.28 4.46
N PRO A 126 33.83 26.15 3.41
CA PRO A 126 34.68 27.34 3.55
C PRO A 126 34.14 28.39 4.56
N LEU A 127 32.94 28.19 5.12
CA LEU A 127 32.35 29.16 6.06
C LEU A 127 33.00 29.13 7.46
N PHE A 128 34.04 28.29 7.68
CA PHE A 128 34.81 28.34 8.94
C PHE A 128 35.48 29.72 9.05
N GLN A 129 35.69 30.40 7.88
CA GLN A 129 36.32 31.71 7.88
C GLN A 129 35.35 32.89 8.10
N VAL A 130 34.07 32.60 8.38
CA VAL A 130 33.08 33.66 8.69
C VAL A 130 32.75 33.51 10.19
N ASP A 131 33.07 34.54 11.02
CA ASP A 131 32.91 34.48 12.48
C ASP A 131 31.45 34.70 12.97
N ALA A 132 30.58 33.74 12.65
CA ALA A 132 29.15 33.76 13.01
C ALA A 132 28.54 32.37 12.80
N LYS A 133 27.35 32.13 13.38
CA LYS A 133 26.62 30.87 13.24
C LYS A 133 25.26 31.04 12.54
N ASP A 134 25.05 32.23 11.94
CA ASP A 134 23.83 32.56 11.20
C ASP A 134 24.14 32.85 9.71
N THR A 135 25.37 32.49 9.29
CA THR A 135 25.85 32.69 7.93
C THR A 135 24.97 31.92 6.94
N GLU A 136 24.62 32.57 5.85
CA GLU A 136 23.84 31.97 4.79
C GLU A 136 24.80 31.08 3.96
N PRO A 137 24.49 29.77 3.73
CA PRO A 137 25.37 28.94 2.88
C PRO A 137 25.71 29.58 1.55
N LEU A 138 26.91 29.32 1.06
CA LEU A 138 27.37 29.86 -0.21
C LEU A 138 26.57 29.29 -1.37
N PRO A 139 26.23 30.11 -2.39
CA PRO A 139 25.57 29.53 -3.57
C PRO A 139 26.56 28.65 -4.35
N ASN A 140 26.10 27.50 -4.83
CA ASN A 140 26.93 26.61 -5.63
C ASN A 140 26.19 26.27 -6.93
N LEU A 141 25.52 25.10 -7.01
CA LEU A 141 24.71 24.74 -8.19
C LEU A 141 23.43 25.60 -8.23
N ALA A 142 22.97 26.07 -7.03
CA ALA A 142 21.89 27.03 -6.84
C ALA A 142 22.62 28.39 -6.74
N LYS A 143 22.46 29.30 -7.76
CA LYS A 143 23.19 30.59 -7.79
C LYS A 143 22.58 31.68 -6.88
N SER A 144 21.27 31.58 -6.62
CA SER A 144 20.53 32.52 -5.78
C SER A 144 19.19 31.93 -5.37
N TRP A 145 18.57 32.55 -4.35
CA TRP A 145 17.28 32.13 -3.81
C TRP A 145 16.61 33.28 -3.06
N GLU A 146 15.27 33.23 -2.96
CA GLU A 146 14.49 34.24 -2.27
C GLU A 146 13.34 33.57 -1.50
N TRP A 147 13.11 34.03 -0.26
CA TRP A 147 12.01 33.57 0.59
C TRP A 147 10.77 34.41 0.30
N SER A 148 9.58 33.79 0.39
CA SER A 148 8.30 34.51 0.22
C SER A 148 8.09 35.35 1.49
N GLU A 149 7.12 36.28 1.46
CA GLU A 149 6.81 37.14 2.60
C GLU A 149 6.43 36.34 3.84
N ASP A 150 5.65 35.24 3.67
CA ASP A 150 5.21 34.37 4.76
C ASP A 150 6.25 33.31 5.16
N GLY A 151 7.33 33.19 4.38
CA GLY A 151 8.44 32.27 4.64
C GLY A 151 8.20 30.79 4.41
N HIS A 152 7.08 30.46 3.74
CA HIS A 152 6.74 29.06 3.45
C HIS A 152 7.26 28.61 2.09
N THR A 153 7.58 29.57 1.22
CA THR A 153 8.06 29.31 -0.13
C THR A 153 9.50 29.82 -0.35
N LEU A 154 10.36 28.96 -0.92
CA LEU A 154 11.73 29.31 -1.27
C LEU A 154 11.94 29.11 -2.77
N THR A 155 12.09 30.23 -3.52
CA THR A 155 12.31 30.21 -4.96
C THR A 155 13.82 30.14 -5.18
N HIS A 157 17.10 29.69 -7.82
CA HIS A 157 17.62 29.89 -9.17
C HIS A 157 18.92 29.12 -9.34
N LEU A 158 18.99 28.32 -10.39
CA LEU A 158 20.17 27.52 -10.67
C LEU A 158 21.18 28.24 -11.52
N VAL A 159 22.45 27.82 -11.43
CA VAL A 159 23.51 28.28 -12.34
C VAL A 159 22.95 27.91 -13.74
N LYS A 160 23.07 28.83 -14.70
CA LYS A 160 22.47 28.71 -16.03
C LYS A 160 23.52 28.67 -17.14
N GLY A 161 23.49 27.64 -17.97
CA GLY A 161 24.49 27.49 -19.03
C GLY A 161 25.64 26.58 -18.62
N ALA A 162 25.55 25.99 -17.43
CA ALA A 162 26.58 25.05 -17.00
C ALA A 162 26.30 23.69 -17.57
N LYS A 163 27.37 22.93 -17.82
CA LYS A 163 27.27 21.60 -18.38
C LYS A 163 27.97 20.59 -17.51
N TRP A 164 27.53 19.32 -17.60
CA TRP A 164 28.18 18.14 -17.02
C TRP A 164 29.50 17.97 -17.80
N SER A 165 30.42 17.21 -17.22
CA SER A 165 31.73 16.94 -17.82
C SER A 165 31.69 16.28 -19.22
N ASP A 166 30.53 15.72 -19.63
CA ASP A 166 30.36 15.12 -20.97
C ASP A 166 29.71 16.12 -21.96
N GLY A 167 29.51 17.37 -21.53
CA GLY A 167 28.89 18.39 -22.37
C GLY A 167 27.38 18.51 -22.30
N GLU A 168 26.71 17.60 -21.56
CA GLU A 168 25.23 17.66 -21.40
C GLU A 168 24.86 18.80 -20.44
N ALA A 169 23.78 19.54 -20.71
CA ALA A 169 23.36 20.67 -19.86
C ALA A 169 22.95 20.30 -18.44
N PHE A 170 23.46 21.06 -17.45
CA PHE A 170 23.00 20.92 -16.06
C PHE A 170 21.81 21.90 -15.97
N ASN A 171 20.68 21.42 -15.43
CA ASN A 171 19.47 22.21 -15.26
C ASN A 171 18.51 21.56 -14.23
N ALA A 172 17.28 22.10 -14.13
CA ALA A 172 16.27 21.65 -13.16
C ALA A 172 15.90 20.14 -13.22
N ASP A 173 16.07 19.49 -14.38
CA ASP A 173 15.78 18.06 -14.53
C ASP A 173 16.67 17.18 -13.66
N ASP A 174 17.93 17.59 -13.45
CA ASP A 174 18.88 16.87 -12.59
C ASP A 174 18.45 17.03 -11.11
N VAL A 175 18.00 18.24 -10.75
CA VAL A 175 17.53 18.59 -9.40
C VAL A 175 16.26 17.78 -9.05
N PHE A 177 15.14 14.94 -10.59
CA PHE A 177 15.42 13.50 -10.58
C PHE A 177 15.98 13.07 -9.21
N TYR A 178 16.92 13.85 -8.66
CA TYR A 178 17.49 13.57 -7.34
C TYR A 178 16.38 13.62 -6.27
N TRP A 179 15.58 14.71 -6.26
CA TRP A 179 14.50 14.88 -5.29
C TRP A 179 13.48 13.75 -5.29
N GLU A 180 12.85 13.50 -6.47
CA GLU A 180 11.81 12.49 -6.61
C GLU A 180 12.30 11.04 -6.59
N ASP A 181 13.32 10.72 -7.39
CA ASP A 181 13.74 9.36 -7.61
C ASP A 181 14.90 8.88 -6.71
N ALA A 182 15.43 9.76 -5.84
CA ALA A 182 16.45 9.36 -4.85
C ALA A 182 16.00 9.72 -3.44
N VAL A 183 15.68 11.01 -3.17
CA VAL A 183 15.22 11.45 -1.85
C VAL A 183 13.85 10.82 -1.49
N VAL A 184 12.77 11.25 -2.21
CA VAL A 184 11.39 10.83 -1.98
C VAL A 184 11.25 9.30 -2.13
N ASP A 185 11.86 8.72 -3.18
CA ASP A 185 11.81 7.28 -3.43
C ASP A 185 12.31 6.51 -2.17
N PRO A 186 11.48 5.66 -1.52
CA PRO A 186 11.93 4.99 -0.29
C PRO A 186 12.89 3.81 -0.50
N ASN A 187 13.18 3.47 -1.76
CA ASN A 187 14.08 2.37 -2.13
C ASN A 187 15.47 2.84 -2.57
N VAL A 188 15.69 4.16 -2.52
CA VAL A 188 16.96 4.77 -2.86
C VAL A 188 17.41 5.60 -1.65
N SER A 189 18.64 5.38 -1.19
CA SER A 189 19.21 6.13 -0.05
C SER A 189 20.58 6.68 -0.43
N PRO A 190 20.73 8.01 -0.61
CA PRO A 190 22.05 8.57 -0.97
C PRO A 190 23.14 8.30 0.07
N LEU A 191 24.42 8.35 -0.38
CA LEU A 191 25.58 8.10 0.48
C LEU A 191 25.61 9.06 1.69
N GLY A 192 25.96 8.53 2.86
CA GLY A 192 26.10 9.33 4.08
C GLY A 192 25.13 9.04 5.20
N GLY A 193 24.08 8.28 4.89
CA GLY A 193 23.09 7.89 5.89
C GLY A 193 21.97 8.88 6.14
N GLY A 194 22.05 10.07 5.52
CA GLY A 194 21.06 11.14 5.61
C GLY A 194 20.20 11.20 4.34
N ALA A 195 19.76 12.42 3.98
CA ALA A 195 18.95 12.70 2.79
C ALA A 195 17.59 11.96 2.73
N SER A 196 16.95 11.74 3.91
CA SER A 196 15.59 11.20 3.93
C SER A 196 14.66 12.41 3.58
N PRO A 197 13.40 12.22 3.13
CA PRO A 197 12.55 13.40 2.82
C PRO A 197 12.37 14.38 4.00
N GLU A 198 12.26 13.83 5.23
CA GLU A 198 12.04 14.61 6.45
C GLU A 198 13.28 15.40 6.90
N ALA A 199 14.48 15.11 6.33
CA ALA A 199 15.71 15.88 6.62
C ALA A 199 15.54 17.33 6.09
N PHE A 200 14.61 17.55 5.15
CA PHE A 200 14.30 18.84 4.54
C PHE A 200 13.00 19.43 5.14
N GLY A 201 12.50 18.81 6.20
CA GLY A 201 11.27 19.22 6.88
C GLY A 201 10.11 18.30 6.59
N GLU A 202 9.27 18.03 7.59
CA GLU A 202 8.11 17.17 7.46
C GLU A 202 7.09 17.81 6.49
N GLY A 203 6.72 17.07 5.46
CA GLY A 203 5.76 17.54 4.45
C GLY A 203 6.32 18.50 3.41
N THR A 204 7.66 18.68 3.37
CA THR A 204 8.34 19.56 2.41
C THR A 204 8.16 19.05 0.97
N THR A 205 7.83 19.97 0.07
CA THR A 205 7.70 19.65 -1.35
C THR A 205 8.71 20.49 -2.17
N LEU A 206 9.13 19.94 -3.31
CA LEU A 206 10.02 20.60 -4.27
C LEU A 206 9.43 20.39 -5.66
N LYS A 207 9.26 21.49 -6.40
CA LYS A 207 8.72 21.44 -7.77
C LYS A 207 9.54 22.29 -8.74
N LYS A 208 9.53 21.88 -10.01
CA LYS A 208 10.20 22.58 -11.09
C LYS A 208 9.30 23.73 -11.61
N ILE A 209 9.84 24.95 -11.67
CA ILE A 209 9.13 26.12 -12.20
C ILE A 209 9.46 26.20 -13.69
N ASP A 210 10.75 26.25 -14.01
CA ASP A 210 11.29 26.24 -15.37
C ASP A 210 12.62 25.50 -15.38
N ASP A 211 13.33 25.48 -16.51
CA ASP A 211 14.63 24.79 -16.62
C ASP A 211 15.71 25.29 -15.63
N TYR A 212 15.64 26.52 -15.11
CA TYR A 212 16.68 26.99 -14.17
C TYR A 212 16.08 27.51 -12.84
N THR A 213 14.84 27.10 -12.54
CA THR A 213 14.14 27.52 -11.34
C THR A 213 13.39 26.37 -10.69
N VAL A 214 13.57 26.25 -9.38
CA VAL A 214 12.88 25.26 -8.55
C VAL A 214 12.23 25.98 -7.36
N GLU A 215 11.19 25.38 -6.80
CA GLU A 215 10.46 25.99 -5.71
C GLU A 215 10.21 25.01 -4.56
N TRP A 216 10.69 25.38 -3.37
CA TRP A 216 10.48 24.61 -2.16
C TRP A 216 9.23 25.13 -1.42
N THR A 217 8.42 24.22 -0.84
CA THR A 217 7.28 24.57 0.02
C THR A 217 7.51 23.89 1.36
N PHE A 218 7.56 24.69 2.45
CA PHE A 218 7.81 24.22 3.81
C PHE A 218 6.61 24.44 4.71
N LYS A 219 6.35 23.48 5.62
CA LYS A 219 5.27 23.55 6.61
C LYS A 219 5.58 24.70 7.59
N ALA A 220 6.82 24.79 8.08
CA ALA A 220 7.25 25.85 9.00
C ALA A 220 7.60 27.14 8.21
N ALA A 221 7.53 28.30 8.88
CA ALA A 221 7.86 29.60 8.28
C ALA A 221 9.35 29.88 8.50
N PHE A 222 10.05 30.25 7.41
CA PHE A 222 11.50 30.56 7.36
C PHE A 222 12.39 29.46 8.01
N PRO A 223 12.28 28.17 7.64
CA PRO A 223 13.23 27.18 8.17
C PRO A 223 14.57 27.26 7.38
N LYS A 224 15.26 28.41 7.53
CA LYS A 224 16.52 28.76 6.85
C LYS A 224 17.65 27.75 7.09
N GLN A 225 17.57 26.96 8.18
CA GLN A 225 18.58 25.95 8.47
C GLN A 225 18.68 24.87 7.37
N TYR A 226 17.60 24.62 6.61
CA TYR A 226 17.59 23.63 5.52
C TYR A 226 18.48 24.01 4.34
N LEU A 227 18.95 25.28 4.26
CA LEU A 227 19.92 25.67 3.23
C LEU A 227 21.28 24.93 3.44
N TYR A 228 21.60 24.59 4.70
CA TYR A 228 22.81 23.83 5.06
C TYR A 228 22.62 22.37 4.63
N THR A 229 21.39 21.85 4.74
CA THR A 229 21.03 20.47 4.33
C THR A 229 21.16 20.31 2.80
N ALA A 231 23.66 21.46 1.11
CA ALA A 231 25.10 21.34 0.83
C ALA A 231 25.46 19.84 0.95
N TYR A 232 26.78 19.53 0.93
CA TYR A 232 27.28 18.18 1.10
C TYR A 232 26.92 17.67 2.53
N PRO A 233 26.44 16.41 2.69
CA PRO A 233 26.30 15.37 1.66
C PRO A 233 24.89 15.16 1.06
N SER A 234 23.88 15.92 1.51
CA SER A 234 22.49 15.55 1.27
C SER A 234 21.76 16.18 0.06
N PHE A 235 22.39 17.08 -0.74
CA PHE A 235 21.72 17.53 -1.97
C PHE A 235 22.77 17.74 -3.06
N CYS A 236 23.32 16.62 -3.57
CA CYS A 236 24.44 16.60 -4.49
C CYS A 236 24.04 15.69 -5.68
N PRO A 237 23.29 16.29 -6.64
CA PRO A 237 22.68 15.48 -7.72
C PRO A 237 23.65 14.82 -8.68
N GLY A 238 23.21 13.67 -9.18
CA GLY A 238 23.92 12.87 -10.16
C GLY A 238 23.46 13.24 -11.57
N PRO A 239 24.18 12.76 -12.62
CA PRO A 239 23.77 13.09 -14.00
C PRO A 239 22.50 12.29 -14.39
N SER A 240 21.34 12.94 -14.34
CA SER A 240 20.05 12.29 -14.64
C SER A 240 19.98 11.67 -16.03
N HIS A 241 20.69 12.22 -17.04
CA HIS A 241 20.67 11.66 -18.42
C HIS A 241 21.29 10.25 -18.50
N ILE A 242 22.21 9.95 -17.59
CA ILE A 242 22.91 8.66 -17.46
C ILE A 242 22.14 7.74 -16.43
N LEU A 243 21.75 8.30 -15.26
CA LEU A 243 21.11 7.54 -14.17
C LEU A 243 19.63 7.19 -14.38
N LYS A 244 18.80 8.14 -14.88
CA LYS A 244 17.36 7.94 -15.09
C LYS A 244 17.05 6.69 -15.98
N PRO A 245 17.74 6.44 -17.13
CA PRO A 245 17.42 5.22 -17.91
C PRO A 245 17.72 3.90 -17.16
N GLN A 246 18.44 3.96 -16.03
CA GLN A 246 18.80 2.78 -15.21
C GLN A 246 17.89 2.61 -13.97
N HIS A 247 17.13 3.64 -13.64
CA HIS A 247 16.24 3.67 -12.48
C HIS A 247 15.03 2.72 -12.71
N PRO A 248 14.60 1.93 -11.68
CA PRO A 248 13.47 0.98 -11.86
C PRO A 248 12.16 1.59 -12.36
N LYS A 249 11.92 2.89 -12.11
CA LYS A 249 10.70 3.56 -12.57
C LYS A 249 10.65 3.75 -14.10
N TYR A 250 11.82 3.75 -14.76
CA TYR A 250 11.95 4.01 -16.20
C TYR A 250 12.64 2.87 -16.96
N SER A 251 12.77 1.68 -16.33
CA SER A 251 13.43 0.49 -16.93
C SER A 251 13.00 -0.82 -16.25
N LYS A 252 13.55 -1.95 -16.71
CA LYS A 252 13.27 -3.28 -16.16
C LYS A 252 14.23 -3.63 -15.00
N ASN A 253 15.16 -2.70 -14.65
CA ASN A 253 16.13 -2.88 -13.57
C ASN A 253 15.48 -2.95 -12.20
N THR A 254 16.01 -3.79 -11.32
CA THR A 254 15.61 -3.82 -9.92
C THR A 254 16.37 -2.62 -9.26
N TYR A 255 16.08 -2.32 -7.98
CA TYR A 255 16.79 -1.24 -7.26
C TYR A 255 18.26 -1.55 -7.06
N ASN A 256 18.59 -2.84 -6.83
CA ASN A 256 19.98 -3.26 -6.66
C ASN A 256 20.75 -3.11 -7.98
N GLN A 257 20.07 -3.37 -9.12
CA GLN A 257 20.66 -3.22 -10.44
C GLN A 257 20.94 -1.74 -10.75
N PHE A 258 20.00 -0.85 -10.36
CA PHE A 258 20.16 0.59 -10.53
C PHE A 258 21.36 1.09 -9.71
N LYS A 259 21.43 0.65 -8.41
CA LYS A 259 22.49 1.04 -7.48
C LYS A 259 23.87 0.66 -8.03
N ASN A 260 23.98 -0.53 -8.65
CA ASN A 260 25.23 -1.10 -9.15
C ASN A 260 25.49 -0.95 -10.65
N ALA A 261 24.65 -0.21 -11.40
CA ALA A 261 24.79 -0.04 -12.87
C ALA A 261 26.11 0.64 -13.33
N PHE A 262 26.83 1.32 -12.43
CA PHE A 262 28.07 2.03 -12.75
C PHE A 262 29.22 1.58 -11.84
N PRO A 263 29.80 0.36 -12.10
CA PRO A 263 30.88 -0.14 -11.23
C PRO A 263 32.17 0.69 -11.35
N PRO A 264 33.19 0.48 -10.46
CA PRO A 264 34.40 1.32 -10.56
C PRO A 264 35.15 1.28 -11.91
N GLU A 265 35.01 0.17 -12.67
CA GLU A 265 35.62 -0.02 -13.99
C GLU A 265 34.98 0.89 -15.06
N TYR A 266 33.72 1.34 -14.84
CA TYR A 266 33.03 2.26 -15.75
C TYR A 266 33.78 3.61 -15.69
N ASN A 268 34.91 7.66 -16.93
CA ASN A 268 34.44 9.02 -17.25
C ASN A 268 32.99 9.32 -16.83
N PRO A 270 29.93 11.17 -15.77
CA PRO A 270 29.72 12.65 -15.82
C PRO A 270 29.55 13.28 -14.43
N VAL A 271 30.23 14.41 -14.21
CA VAL A 271 30.23 15.14 -12.92
C VAL A 271 30.11 16.67 -13.14
N GLY A 273 31.83 18.37 -10.92
CA GLY A 273 33.08 18.58 -10.20
C GLY A 273 34.24 19.03 -11.07
N ALA A 274 35.34 19.49 -10.42
CA ALA A 274 36.52 20.03 -11.11
C ALA A 274 37.32 19.01 -11.90
N TRP A 275 37.23 17.71 -11.51
CA TRP A 275 37.94 16.61 -12.14
C TRP A 275 37.01 15.41 -12.36
N VAL A 276 37.30 14.64 -13.39
CA VAL A 276 36.51 13.47 -13.80
C VAL A 276 37.33 12.19 -13.59
N PRO A 277 36.72 11.10 -13.05
CA PRO A 277 37.49 9.84 -12.93
C PRO A 277 37.79 9.24 -14.30
N VAL A 278 39.08 9.02 -14.59
CA VAL A 278 39.51 8.50 -15.90
C VAL A 278 40.18 7.12 -15.77
N SER A 279 40.62 6.74 -14.56
CA SER A 279 41.35 5.49 -14.38
C SER A 279 41.13 4.91 -13.00
N TYR A 280 41.00 3.60 -12.95
CA TYR A 280 40.80 2.82 -11.74
C TYR A 280 41.56 1.52 -11.85
N ARG A 281 42.38 1.22 -10.83
CA ARG A 281 43.09 -0.04 -10.70
C ARG A 281 42.79 -0.59 -9.30
N PRO A 282 42.12 -1.77 -9.22
CA PRO A 282 41.74 -2.33 -7.90
C PRO A 282 42.85 -2.36 -6.86
N ASP A 283 42.55 -1.87 -5.62
CA ASP A 283 43.47 -1.79 -4.46
C ASP A 283 44.74 -0.97 -4.71
N ASP A 284 44.73 -0.15 -5.76
CA ASP A 284 45.89 0.67 -6.10
C ASP A 284 45.60 2.15 -6.21
N LEU A 285 44.83 2.57 -7.23
CA LEU A 285 44.69 3.99 -7.53
C LEU A 285 43.48 4.34 -8.35
N ILE A 286 42.98 5.56 -8.11
CA ILE A 286 41.95 6.25 -8.88
C ILE A 286 42.60 7.54 -9.38
N VAL A 287 42.52 7.80 -10.69
CA VAL A 287 43.05 9.02 -11.28
C VAL A 287 41.88 9.83 -11.83
N LEU A 288 41.86 11.14 -11.48
CA LEU A 288 40.89 12.10 -11.99
C LEU A 288 41.65 13.12 -12.86
N ARG A 289 41.03 13.57 -13.98
CA ARG A 289 41.62 14.59 -14.87
C ARG A 289 40.67 15.78 -14.93
N ARG A 290 41.22 17.00 -15.10
CA ARG A 290 40.45 18.24 -15.19
C ARG A 290 39.22 18.14 -16.13
N ASN A 291 38.10 18.65 -15.63
CA ASN A 291 36.83 18.69 -16.35
C ASN A 291 36.86 19.94 -17.28
N PRO A 292 36.82 19.75 -18.63
CA PRO A 292 36.84 20.90 -19.55
C PRO A 292 35.55 21.74 -19.54
N TYR A 293 34.48 21.24 -18.90
CA TYR A 293 33.22 21.97 -18.77
C TYR A 293 33.05 22.59 -17.39
N TYR A 294 34.12 22.61 -16.54
CA TYR A 294 33.99 23.21 -15.20
C TYR A 294 33.53 24.66 -15.33
N TRP A 295 32.56 25.02 -14.49
CA TRP A 295 31.80 26.26 -14.50
C TRP A 295 32.27 27.35 -13.50
N LYS A 296 33.46 27.21 -12.96
CA LYS A 296 34.03 28.16 -12.01
C LYS A 296 35.32 28.70 -12.61
N VAL A 297 35.54 30.02 -12.46
CA VAL A 297 36.68 30.73 -13.01
C VAL A 297 37.28 31.68 -11.93
N ASP A 298 38.51 32.14 -12.14
CA ASP A 298 39.07 33.18 -11.28
C ASP A 298 38.71 34.56 -11.92
N GLU A 299 39.04 35.67 -11.23
CA GLU A 299 38.75 37.03 -11.69
C GLU A 299 39.52 37.46 -12.94
N LYS A 300 40.58 36.72 -13.32
CA LYS A 300 41.35 37.01 -14.54
C LYS A 300 40.72 36.23 -15.71
N GLY A 301 39.63 35.49 -15.45
CA GLY A 301 38.93 34.69 -16.45
C GLY A 301 39.52 33.31 -16.68
N GLN A 302 40.50 32.90 -15.86
CA GLN A 302 41.11 31.54 -16.01
C GLN A 302 40.14 30.50 -15.50
N GLN A 303 39.79 29.54 -16.35
CA GLN A 303 38.86 28.45 -15.99
C GLN A 303 39.54 27.52 -14.99
N LEU A 304 38.87 27.26 -13.87
CA LEU A 304 39.38 26.36 -12.84
C LEU A 304 39.09 24.88 -13.21
N PRO A 305 39.78 23.88 -12.61
CA PRO A 305 40.80 23.97 -11.54
C PRO A 305 42.17 24.41 -12.07
N TYR A 306 43.09 24.82 -11.18
CA TYR A 306 44.48 25.11 -11.61
C TYR A 306 45.23 23.77 -11.79
N LEU A 307 45.04 22.83 -10.83
CA LEU A 307 45.64 21.51 -10.86
C LEU A 307 44.97 20.69 -11.97
N ASN A 308 45.79 20.04 -12.81
CA ASN A 308 45.31 19.25 -13.94
C ASN A 308 44.81 17.86 -13.58
N GLU A 309 45.32 17.32 -12.49
CA GLU A 309 45.10 15.93 -12.11
C GLU A 309 45.00 15.74 -10.59
N VAL A 310 44.22 14.73 -10.17
CA VAL A 310 44.05 14.35 -8.77
C VAL A 310 44.21 12.82 -8.68
N HIS A 311 45.00 12.34 -7.68
CA HIS A 311 45.17 10.91 -7.43
C HIS A 311 44.55 10.52 -6.09
N TYR A 312 43.97 9.33 -6.04
CA TYR A 312 43.46 8.74 -4.80
C TYR A 312 44.10 7.36 -4.69
N LYS A 313 45.20 7.29 -3.92
CA LYS A 313 45.95 6.07 -3.70
C LYS A 313 45.16 5.24 -2.68
N LEU A 314 44.83 3.98 -3.04
CA LEU A 314 44.02 3.08 -2.22
C LEU A 314 44.94 2.37 -1.24
N SER A 315 44.94 2.81 0.02
CA SER A 315 45.85 2.29 1.04
C SER A 315 45.09 2.17 2.38
N THR A 316 45.63 2.69 3.49
CA THR A 316 44.95 2.70 4.80
C THR A 316 44.84 4.17 5.25
N TRP A 317 43.96 4.42 6.24
CA TRP A 317 43.81 5.75 6.82
C TRP A 317 45.09 6.18 7.58
N ALA A 318 45.75 5.25 8.30
CA ALA A 318 47.00 5.54 9.00
C ALA A 318 48.15 5.85 8.00
N ASP A 319 48.16 5.20 6.82
CA ASP A 319 49.18 5.45 5.78
C ASP A 319 49.04 6.85 5.18
N ARG A 320 47.83 7.44 5.22
CA ARG A 320 47.62 8.80 4.72
C ARG A 320 48.51 9.79 5.49
N ASP A 321 48.59 9.64 6.84
CA ASP A 321 49.44 10.49 7.70
C ASP A 321 50.90 10.26 7.36
N VAL A 322 51.30 8.98 7.24
CA VAL A 322 52.67 8.57 6.93
C VAL A 322 53.14 9.19 5.61
N GLN A 323 52.34 9.02 4.53
CA GLN A 323 52.68 9.55 3.21
C GLN A 323 52.71 11.09 3.17
N ALA A 324 51.78 11.74 3.89
CA ALA A 324 51.74 13.22 3.93
C ALA A 324 53.00 13.82 4.59
N VAL A 325 53.45 13.24 5.71
CA VAL A 325 54.66 13.77 6.37
C VAL A 325 55.93 13.37 5.60
N ALA A 326 55.90 12.26 4.84
CA ALA A 326 57.03 11.80 4.03
C ALA A 326 57.17 12.60 2.74
N GLY A 327 56.06 13.14 2.23
CA GLY A 327 56.05 13.92 1.00
C GLY A 327 55.54 13.21 -0.25
N SER A 328 55.15 11.93 -0.11
CA SER A 328 54.61 11.14 -1.23
C SER A 328 53.11 11.33 -1.39
N GLY A 329 52.45 11.74 -0.31
CA GLY A 329 51.04 12.12 -0.26
C GLY A 329 51.02 13.62 -0.01
N ASP A 330 50.01 14.34 -0.53
CA ASP A 330 49.97 15.82 -0.40
C ASP A 330 49.05 16.38 0.65
N PHE A 331 48.22 15.52 1.26
CA PHE A 331 47.19 15.95 2.20
C PHE A 331 46.86 14.88 3.21
N SER A 332 46.58 15.29 4.45
CA SER A 332 46.02 14.41 5.47
C SER A 332 45.22 15.15 6.52
N ASN A 333 44.22 14.48 7.08
CA ASN A 333 43.53 14.93 8.29
C ASN A 333 44.10 13.99 9.36
N LEU A 334 45.03 14.51 10.18
CA LEU A 334 45.65 13.75 11.28
C LEU A 334 44.56 13.75 12.39
N GLU A 335 43.88 12.63 12.52
CA GLU A 335 42.69 12.47 13.36
C GLU A 335 42.70 11.24 14.28
N GLN A 336 43.78 10.47 14.23
CA GLN A 336 43.97 9.27 15.07
C GLN A 336 45.11 9.57 16.06
N PRO A 337 44.79 9.78 17.36
CA PRO A 337 45.83 10.14 18.36
C PRO A 337 47.08 9.27 18.39
N GLU A 338 47.00 7.97 18.04
CA GLU A 338 48.17 7.08 18.02
C GLU A 338 49.19 7.45 16.91
N ASN A 339 48.83 8.38 16.01
CA ASN A 339 49.74 8.84 14.96
C ASN A 339 50.22 10.26 15.24
N PHE A 340 49.74 10.90 16.34
CA PHE A 340 50.11 12.29 16.67
C PHE A 340 51.61 12.52 16.89
N VAL A 341 52.24 11.71 17.76
CA VAL A 341 53.67 11.88 18.14
C VAL A 341 54.61 11.69 16.95
N ALA A 342 54.46 10.60 16.18
CA ALA A 342 55.30 10.33 15.00
C ALA A 342 55.12 11.41 13.91
N SER A 343 53.88 11.91 13.74
CA SER A 343 53.61 12.95 12.74
C SER A 343 54.22 14.28 13.16
N LEU A 344 54.09 14.65 14.46
CA LEU A 344 54.67 15.88 15.02
C LEU A 344 56.19 15.88 14.92
N LYS A 345 56.83 14.73 15.21
CA LYS A 345 58.28 14.56 15.12
C LYS A 345 58.78 14.81 13.69
N ARG A 346 58.15 14.16 12.69
CA ARG A 346 58.47 14.29 11.27
C ARG A 346 58.21 15.71 10.72
N ALA A 347 57.21 16.43 11.28
CA ALA A 347 56.87 17.80 10.88
C ALA A 347 57.73 18.86 11.59
N ALA A 348 58.44 18.47 12.68
CA ALA A 348 59.31 19.36 13.46
C ALA A 348 60.60 19.71 12.72
N ASP A 349 61.00 18.90 11.73
CA ASP A 349 62.17 19.11 10.89
C ASP A 349 61.93 20.34 9.99
N PRO A 350 62.80 21.39 9.98
CA PRO A 350 62.56 22.55 9.09
C PRO A 350 62.55 22.20 7.59
N ASN A 351 63.22 21.09 7.23
CA ASN A 351 63.31 20.56 5.86
C ASN A 351 62.08 19.69 5.46
N ALA A 352 61.09 19.55 6.39
CA ALA A 352 59.85 18.79 6.20
C ALA A 352 59.11 19.22 4.96
N PRO A 353 58.63 18.27 4.14
CA PRO A 353 57.90 18.67 2.91
C PRO A 353 56.48 19.18 3.18
N ALA A 354 55.95 18.95 4.38
CA ALA A 354 54.58 19.32 4.72
C ALA A 354 54.49 20.15 5.97
N ARG A 355 53.43 20.94 6.03
CA ARG A 355 53.07 21.82 7.15
C ARG A 355 51.94 21.09 7.93
N LEU A 356 51.97 21.18 9.27
CA LEU A 356 51.02 20.52 10.17
C LEU A 356 50.44 21.55 11.13
N ALA A 357 49.11 21.63 11.26
CA ALA A 357 48.50 22.60 12.18
C ALA A 357 47.23 22.06 12.85
N PHE A 358 47.26 21.98 14.19
CA PHE A 358 46.12 21.54 15.01
C PHE A 358 45.06 22.65 15.10
N GLY A 359 43.80 22.25 15.23
CA GLY A 359 42.68 23.17 15.34
C GLY A 359 41.97 22.97 16.67
N PRO A 360 40.72 23.45 16.85
CA PRO A 360 39.99 23.24 18.12
C PRO A 360 39.57 21.77 18.32
N ARG A 361 39.11 21.39 19.53
CA ARG A 361 38.69 20.00 19.85
C ARG A 361 37.34 19.68 19.21
N LEU A 362 37.36 19.27 17.95
CA LEU A 362 36.15 18.97 17.19
C LEU A 362 35.98 17.49 16.79
N ILE A 363 36.93 16.65 17.18
CA ILE A 363 36.83 15.22 16.90
C ILE A 363 36.34 14.54 18.16
N GLY A 364 35.12 14.03 18.12
CA GLY A 364 34.50 13.37 19.26
C GLY A 364 34.04 11.97 18.94
N TYR A 365 34.05 11.09 19.96
CA TYR A 365 33.57 9.72 19.82
C TYR A 365 32.46 9.46 20.81
N ASN A 366 31.40 8.78 20.34
CA ASN A 366 30.29 8.37 21.18
C ASN A 366 29.99 6.89 21.08
N LEU A 367 29.47 6.37 22.19
CA LEU A 367 28.88 5.07 22.27
C LEU A 367 27.39 5.38 21.95
N GLN A 368 26.86 4.76 20.90
CA GLN A 368 25.46 4.91 20.48
C GLN A 368 24.70 3.61 20.73
N ASN A 370 21.07 1.45 20.30
CA ASN A 370 19.86 1.32 19.49
C ASN A 370 18.64 1.48 20.41
N PHE A 371 17.87 2.56 20.23
CA PHE A 371 16.69 2.88 21.04
C PHE A 371 15.35 2.34 20.49
N SER A 372 15.37 1.65 19.34
CA SER A 372 14.13 1.13 18.76
C SER A 372 13.70 -0.21 19.39
N ALA A 373 12.56 -0.22 20.07
CA ALA A 373 11.99 -1.42 20.67
C ALA A 373 10.81 -1.89 19.81
N ASN A 374 10.66 -1.29 18.60
CA ASN A 374 9.58 -1.61 17.68
C ASN A 374 10.03 -2.25 16.34
N GLY A 375 11.15 -2.98 16.36
CA GLY A 375 11.59 -3.75 15.20
C GLY A 375 12.63 -3.25 14.20
N TRP A 376 13.30 -2.09 14.45
CA TRP A 376 14.34 -1.59 13.53
C TRP A 376 15.51 -2.58 13.56
N GLY A 377 15.84 -3.12 12.38
CA GLY A 377 16.88 -4.12 12.21
C GLY A 377 16.43 -5.55 12.49
N ASN A 378 15.11 -5.73 12.71
CA ASN A 378 14.45 -7.02 13.01
C ASN A 378 15.22 -7.85 14.06
N PRO A 379 15.40 -7.34 15.31
CA PRO A 379 16.20 -8.11 16.29
C PRO A 379 15.51 -9.40 16.75
N ASP A 380 16.30 -10.40 17.18
CA ASP A 380 15.82 -11.66 17.76
C ASP A 380 15.46 -11.38 19.24
N GLU A 381 15.08 -12.42 20.01
CA GLU A 381 14.71 -12.26 21.43
C GLU A 381 15.81 -11.60 22.26
N ARG A 382 17.07 -12.01 22.03
CA ARG A 382 18.24 -11.45 22.71
C ARG A 382 18.42 -9.94 22.39
N GLY A 383 18.37 -9.56 21.10
CA GLY A 383 18.49 -8.19 20.63
C GLY A 383 17.41 -7.29 21.20
N GLN A 384 16.16 -7.79 21.23
CA GLN A 384 14.99 -7.08 21.77
C GLN A 384 15.16 -6.74 23.25
N ALA A 385 15.70 -7.69 24.06
CA ALA A 385 15.96 -7.52 25.49
C ALA A 385 17.05 -6.45 25.73
N ILE A 386 18.02 -6.31 24.79
CA ILE A 386 19.04 -5.26 24.86
C ILE A 386 18.42 -3.87 24.56
N ARG A 387 17.52 -3.80 23.56
CA ARG A 387 16.81 -2.55 23.19
C ARG A 387 16.05 -2.02 24.42
N GLU A 388 15.39 -2.94 25.16
CA GLU A 388 14.64 -2.60 26.37
C GLU A 388 15.57 -2.08 27.48
N LEU A 389 16.78 -2.66 27.63
CA LEU A 389 17.76 -2.16 28.60
C LEU A 389 18.29 -0.76 28.16
N ASN A 390 18.56 -0.58 26.86
CA ASN A 390 19.05 0.70 26.31
C ASN A 390 18.08 1.85 26.59
N ARG A 391 16.74 1.56 26.55
CA ARG A 391 15.66 2.52 26.78
C ARG A 391 15.43 2.81 28.25
N ASN A 392 16.03 2.02 29.12
CA ASN A 392 15.94 2.20 30.56
C ASN A 392 17.00 3.22 30.98
N GLU A 393 16.60 4.39 31.52
CA GLU A 393 17.50 5.48 31.91
C GLU A 393 18.50 5.12 33.03
N VAL A 394 18.10 4.24 33.98
CA VAL A 394 18.98 3.77 35.05
C VAL A 394 20.14 2.93 34.47
N PHE A 395 19.86 2.12 33.44
CA PHE A 395 20.87 1.33 32.74
C PHE A 395 21.88 2.29 32.04
N ARG A 396 21.38 3.36 31.38
CA ARG A 396 22.23 4.34 30.69
C ARG A 396 23.12 5.08 31.68
N GLN A 397 22.55 5.49 32.83
CA GLN A 397 23.27 6.18 33.90
C GLN A 397 24.37 5.30 34.47
N ALA A 398 24.10 3.98 34.63
CA ALA A 398 25.11 3.02 35.09
C ALA A 398 26.28 2.89 34.07
N VAL A 399 25.97 2.72 32.78
CA VAL A 399 26.97 2.58 31.72
C VAL A 399 27.92 3.79 31.67
N THR A 400 27.36 5.01 31.65
CA THR A 400 28.16 6.23 31.57
C THR A 400 29.02 6.45 32.86
N SER A 401 28.47 6.11 34.02
CA SER A 401 29.14 6.26 35.33
C SER A 401 30.26 5.23 35.55
N ALA A 402 30.21 4.11 34.80
CA ALA A 402 31.21 3.04 34.87
C ALA A 402 32.41 3.35 33.95
N LEU A 403 32.35 4.48 33.22
CA LEU A 403 33.45 4.87 32.34
C LEU A 403 34.44 5.79 33.06
N ASP A 404 35.71 5.38 33.04
CA ASP A 404 36.82 6.18 33.59
C ASP A 404 37.35 6.93 32.35
N ARG A 405 36.77 8.12 32.12
CA ARG A 405 37.06 8.97 30.96
C ARG A 405 38.50 9.48 30.91
N LYS A 406 39.14 9.69 32.09
CA LYS A 406 40.55 10.09 32.17
C LYS A 406 41.40 8.96 31.61
N ALA A 407 41.11 7.69 31.97
CA ALA A 407 41.80 6.49 31.47
C ALA A 407 41.58 6.30 29.98
N ILE A 408 40.38 6.65 29.46
CA ILE A 408 40.07 6.57 28.02
C ILE A 408 41.00 7.53 27.26
N GLY A 409 41.09 8.78 27.74
CA GLY A 409 41.97 9.79 27.18
C GLY A 409 43.43 9.36 27.16
N ASP A 410 43.92 8.83 28.31
CA ASP A 410 45.31 8.34 28.47
C ASP A 410 45.63 7.17 27.55
N SER A 411 44.64 6.31 27.24
CA SER A 411 44.81 5.15 26.35
C SER A 411 45.05 5.57 24.88
N LEU A 412 44.66 6.80 24.51
CA LEU A 412 44.84 7.29 23.14
C LEU A 412 46.15 8.03 22.94
N VAL A 413 46.40 9.06 23.77
CA VAL A 413 47.61 9.90 23.71
C VAL A 413 47.78 10.71 24.98
N LYS A 414 49.03 10.91 25.39
CA LYS A 414 49.36 11.74 26.56
C LYS A 414 49.41 13.21 26.10
N GLY A 415 49.44 14.12 27.05
CA GLY A 415 49.52 15.54 26.74
C GLY A 415 48.20 16.30 26.80
N PRO A 416 48.15 17.52 26.22
CA PRO A 416 46.94 18.34 26.33
C PRO A 416 45.82 18.08 25.30
N PHE A 417 45.94 17.01 24.48
CA PHE A 417 44.96 16.72 23.42
C PHE A 417 43.53 16.38 23.91
N THR A 418 43.38 15.26 24.65
CA THR A 418 42.07 14.79 25.10
C THR A 418 41.40 15.68 26.16
N ALA A 419 40.06 15.67 26.16
CA ALA A 419 39.21 16.39 27.09
C ALA A 419 38.13 15.42 27.55
N ILE A 420 37.63 15.63 28.78
CA ILE A 420 36.53 14.84 29.35
C ILE A 420 35.30 15.13 28.51
N TYR A 421 34.74 14.10 27.90
CA TYR A 421 33.60 14.28 27.00
C TYR A 421 32.38 13.43 27.43
N PRO A 422 31.36 14.05 28.08
CA PRO A 422 30.19 13.28 28.51
C PRO A 422 29.26 12.89 27.35
N GLY A 423 29.38 13.62 26.24
CA GLY A 423 28.54 13.48 25.06
C GLY A 423 27.97 14.81 24.66
N GLY A 424 27.18 14.83 23.59
CA GLY A 424 26.53 16.03 23.10
C GLY A 424 27.40 16.90 22.21
N ILE A 425 27.07 18.20 22.17
CA ILE A 425 27.81 19.19 21.36
C ILE A 425 29.29 19.22 21.81
N SER A 426 30.19 19.24 20.81
CA SER A 426 31.63 19.33 21.02
C SER A 426 32.01 20.63 21.76
N SER A 427 32.99 20.56 22.68
CA SER A 427 33.48 21.72 23.42
C SER A 427 34.22 22.77 22.53
N GLY A 428 34.64 22.34 21.34
CA GLY A 428 35.33 23.20 20.39
C GLY A 428 34.45 24.09 19.54
N THR A 429 33.11 24.00 19.65
CA THR A 429 32.20 24.81 18.82
C THR A 429 31.49 25.87 19.67
N SER A 430 31.14 27.03 19.07
CA SER A 430 30.57 28.18 19.78
C SER A 430 29.21 27.94 20.46
N PHE A 431 28.35 27.02 19.95
CA PHE A 431 27.07 26.74 20.62
C PHE A 431 27.20 25.94 21.92
N TYR A 432 28.40 25.41 22.19
CA TYR A 432 28.68 24.64 23.41
C TYR A 432 28.59 25.50 24.64
N ASP A 433 28.00 24.95 25.72
CA ASP A 433 27.92 25.60 27.02
C ASP A 433 28.28 24.56 28.07
N ARG A 434 29.43 24.74 28.73
CA ARG A 434 29.95 23.86 29.79
C ARG A 434 28.93 23.70 30.93
N ALA A 435 28.32 24.82 31.35
CA ALA A 435 27.31 24.85 32.43
C ALA A 435 26.06 24.02 32.12
N SER A 436 25.76 23.80 30.84
CA SER A 436 24.60 23.02 30.38
C SER A 436 24.96 21.55 30.12
N THR A 437 26.24 21.18 30.30
CA THR A 437 26.74 19.82 30.03
C THR A 437 26.73 18.98 31.30
N VAL A 438 25.88 17.94 31.31
CA VAL A 438 25.78 17.04 32.45
C VAL A 438 26.89 15.99 32.40
N TYR A 439 27.78 16.03 33.40
CA TYR A 439 28.88 15.10 33.56
C TYR A 439 28.56 14.11 34.68
N TYR A 440 28.60 12.80 34.36
CA TYR A 440 28.43 11.70 35.30
C TYR A 440 29.86 11.25 35.60
N PRO A 441 30.44 11.61 36.77
CA PRO A 441 31.83 11.20 37.05
C PRO A 441 31.99 9.68 37.19
N PHE A 442 33.25 9.20 37.15
CA PHE A 442 33.54 7.77 37.32
C PHE A 442 33.13 7.31 38.74
N ASN A 443 32.09 6.45 38.80
CA ASN A 443 31.53 5.90 40.03
C ASN A 443 31.11 4.46 39.73
N LEU A 444 32.10 3.55 39.73
CA LEU A 444 31.89 2.13 39.42
C LEU A 444 30.95 1.45 40.42
N GLU A 445 31.09 1.80 41.71
CA GLU A 445 30.25 1.24 42.77
C GLU A 445 28.79 1.66 42.64
N GLY A 446 28.57 2.93 42.32
CA GLY A 446 27.23 3.46 42.08
C GLY A 446 26.60 2.84 40.85
N ALA A 447 27.43 2.57 39.81
CA ALA A 447 27.00 1.95 38.56
C ALA A 447 26.56 0.50 38.84
N LYS A 448 27.32 -0.24 39.68
CA LYS A 448 26.98 -1.62 40.07
C LYS A 448 25.67 -1.69 40.86
N ALA A 449 25.43 -0.71 41.78
CA ALA A 449 24.18 -0.65 42.57
C ALA A 449 23.00 -0.30 41.69
N ALA A 450 23.22 0.56 40.67
CA ALA A 450 22.18 0.97 39.73
C ALA A 450 21.68 -0.23 38.91
N LEU A 451 22.61 -1.07 38.43
CA LEU A 451 22.25 -2.29 37.68
C LEU A 451 21.54 -3.33 38.55
N ALA A 452 21.97 -3.48 39.83
CA ALA A 452 21.33 -4.39 40.79
C ALA A 452 19.89 -3.93 41.01
N SER A 453 19.65 -2.59 41.07
CA SER A 453 18.32 -2.01 41.29
C SER A 453 17.34 -2.26 40.12
N ILE A 454 17.85 -2.61 38.93
CA ILE A 454 16.92 -2.91 37.82
C ILE A 454 16.83 -4.44 37.59
N GLY A 455 17.29 -5.19 38.58
CA GLY A 455 17.20 -6.65 38.60
C GLY A 455 18.27 -7.42 37.87
N LEU A 456 19.43 -6.78 37.60
CA LEU A 456 20.56 -7.42 36.95
C LEU A 456 21.59 -7.83 38.02
N LYS A 457 21.84 -9.14 38.14
CA LYS A 457 22.75 -9.71 39.13
C LYS A 457 23.40 -11.00 38.59
N ASP A 458 24.66 -11.28 39.00
CA ASP A 458 25.41 -12.47 38.60
C ASP A 458 24.89 -13.65 39.43
N THR A 459 24.13 -14.55 38.77
CA THR A 459 23.51 -15.71 39.43
C THR A 459 24.28 -17.02 39.19
N ASP A 460 25.42 -16.98 38.46
CA ASP A 460 26.19 -18.20 38.17
C ASP A 460 27.70 -18.07 38.54
N GLY A 461 28.04 -17.02 39.29
CA GLY A 461 29.39 -16.72 39.76
C GLY A 461 30.49 -16.48 38.73
N ASP A 462 30.13 -16.18 37.45
CA ASP A 462 31.15 -15.96 36.43
C ASP A 462 31.59 -14.48 36.30
N GLY A 463 31.09 -13.63 37.20
CA GLY A 463 31.42 -12.20 37.21
C GLY A 463 30.62 -11.35 36.21
N PHE A 464 29.77 -11.99 35.41
CA PHE A 464 28.92 -11.32 34.44
C PHE A 464 27.47 -11.32 34.88
N LEU A 465 26.82 -10.18 34.77
CA LEU A 465 25.43 -10.03 35.17
C LEU A 465 24.46 -10.83 34.31
N ASN A 466 23.49 -11.43 34.97
CA ASN A 466 22.44 -12.22 34.36
C ASN A 466 21.16 -11.42 34.32
N PHE A 467 20.32 -11.69 33.31
CA PHE A 467 18.98 -11.11 33.25
C PHE A 467 18.18 -11.76 34.39
N PRO A 468 17.07 -11.15 34.89
CA PRO A 468 16.25 -11.86 35.90
C PRO A 468 15.68 -13.13 35.26
N LYS A 469 15.33 -14.14 36.09
CA LYS A 469 14.86 -15.44 35.56
C LYS A 469 13.69 -15.32 34.55
N GLU A 470 12.90 -14.23 34.61
CA GLU A 470 11.75 -14.00 33.73
C GLU A 470 12.13 -13.62 32.28
N THR A 471 13.33 -13.03 32.05
CA THR A 471 13.84 -12.64 30.72
C THR A 471 14.97 -13.60 30.27
N LEU A 472 14.81 -14.16 29.05
CA LEU A 472 15.77 -15.06 28.37
C LEU A 472 16.34 -16.20 29.25
N GLY A 473 15.48 -16.77 30.10
CA GLY A 473 15.81 -17.86 31.03
C GLY A 473 16.88 -17.52 32.06
N GLY A 474 17.03 -16.23 32.36
CA GLY A 474 18.00 -15.73 33.33
C GLY A 474 19.46 -15.89 32.91
N ARG A 475 19.74 -15.96 31.59
CA ARG A 475 21.11 -16.09 31.06
C ARG A 475 21.90 -14.78 31.23
N ASN A 476 23.22 -14.84 30.99
CA ASN A 476 24.08 -13.64 31.04
C ASN A 476 23.64 -12.62 30.00
N VAL A 477 23.68 -11.34 30.38
CA VAL A 477 23.41 -10.23 29.46
C VAL A 477 24.58 -10.24 28.44
N GLU A 478 24.27 -10.20 27.15
CA GLU A 478 25.27 -10.21 26.10
C GLU A 478 24.97 -9.09 25.12
N ILE A 479 25.88 -8.13 25.00
CA ILE A 479 25.72 -6.94 24.14
C ILE A 479 26.74 -6.93 23.00
N THR A 480 26.27 -6.72 21.76
CA THR A 480 27.16 -6.63 20.60
C THR A 480 27.56 -5.16 20.36
N LEU A 481 28.81 -4.95 19.94
CA LEU A 481 29.35 -3.61 19.72
C LEU A 481 29.88 -3.48 18.30
N LEU A 482 29.17 -2.71 17.46
CA LEU A 482 29.52 -2.51 16.06
C LEU A 482 30.67 -1.50 15.94
N VAL A 483 31.78 -1.93 15.30
CA VAL A 483 33.00 -1.14 15.17
C VAL A 483 33.46 -1.01 13.72
N ASN A 484 33.96 0.17 13.35
CA ASN A 484 34.55 0.45 12.04
C ASN A 484 35.98 -0.10 12.06
N ASN A 485 36.22 -1.14 11.27
CA ASN A 485 37.51 -1.86 11.17
C ASN A 485 38.67 -1.04 10.52
N GLY A 486 38.38 0.08 9.87
CA GLY A 486 39.39 0.88 9.16
C GLY A 486 40.26 1.81 9.98
N TYR A 487 39.95 1.96 11.29
CA TYR A 487 40.67 2.90 12.16
C TYR A 487 41.19 2.30 13.44
N ALA A 488 42.46 2.62 13.78
CA ALA A 488 43.08 2.16 15.02
C ALA A 488 42.37 2.79 16.23
N THR A 489 41.93 4.07 16.12
CA THR A 489 41.23 4.78 17.20
C THR A 489 39.94 4.06 17.60
N ASP A 490 39.07 3.78 16.62
CA ASP A 490 37.79 3.10 16.82
C ASP A 490 37.98 1.77 17.51
N LYS A 491 38.96 1.00 17.03
CA LYS A 491 39.29 -0.31 17.56
C LYS A 491 39.83 -0.24 18.99
N SER A 492 40.70 0.75 19.27
CA SER A 492 41.27 0.95 20.62
C SER A 492 40.16 1.37 21.62
N LEU A 493 39.24 2.26 21.19
CA LEU A 493 38.11 2.68 22.03
C LEU A 493 37.15 1.54 22.32
N ALA A 494 36.89 0.68 21.32
CA ALA A 494 36.02 -0.49 21.45
C ALA A 494 36.61 -1.49 22.45
N GLU A 495 37.92 -1.75 22.35
CA GLU A 495 38.63 -2.65 23.26
C GLU A 495 38.63 -2.10 24.70
N GLY A 496 38.83 -0.79 24.84
CA GLY A 496 38.79 -0.09 26.13
C GLY A 496 37.41 -0.18 26.77
N LEU A 497 36.34 0.02 25.95
CA LEU A 497 34.94 -0.09 26.37
C LEU A 497 34.60 -1.51 26.86
N VAL A 498 35.05 -2.56 26.14
CA VAL A 498 34.84 -3.96 26.52
C VAL A 498 35.44 -4.26 27.93
N GLY A 499 36.65 -3.76 28.17
CA GLY A 499 37.33 -3.92 29.46
C GLY A 499 36.62 -3.22 30.61
N GLN A 500 36.16 -1.97 30.39
CA GLN A 500 35.44 -1.20 31.41
C GLN A 500 34.07 -1.82 31.73
N ALA A 502 33.35 -5.02 31.42
CA ALA A 502 33.66 -6.27 32.11
C ALA A 502 33.75 -6.03 33.64
N LYS A 503 34.36 -4.91 34.05
CA LYS A 503 34.47 -4.47 35.47
C LYS A 503 33.09 -4.16 36.05
N LEU A 504 32.18 -3.60 35.24
CA LEU A 504 30.79 -3.32 35.63
C LEU A 504 29.97 -4.64 35.68
N GLY A 505 30.43 -5.67 34.95
CA GLY A 505 29.74 -6.95 34.88
C GLY A 505 28.92 -7.18 33.62
N LEU A 506 29.09 -6.32 32.60
CA LEU A 506 28.37 -6.50 31.35
C LEU A 506 29.28 -7.11 30.30
N ARG A 507 28.84 -8.20 29.66
CA ARG A 507 29.63 -8.83 28.60
C ARG A 507 29.36 -8.15 27.25
N VAL A 508 30.40 -7.50 26.71
CA VAL A 508 30.33 -6.83 25.42
C VAL A 508 31.20 -7.55 24.39
N VAL A 509 30.62 -7.85 23.20
CA VAL A 509 31.29 -8.56 22.11
C VAL A 509 31.45 -7.64 20.90
N ILE A 510 32.70 -7.48 20.41
CA ILE A 510 32.99 -6.65 19.24
C ILE A 510 32.56 -7.33 17.93
N HIS A 511 31.87 -6.58 17.07
CA HIS A 511 31.47 -6.95 15.71
C HIS A 511 32.19 -5.90 14.83
N SER A 512 33.42 -6.24 14.38
CA SER A 512 34.26 -5.33 13.59
C SER A 512 34.02 -5.52 12.10
N LEU A 513 33.57 -4.45 11.41
CA LEU A 513 33.26 -4.52 9.99
C LEU A 513 33.92 -3.45 9.18
N ASP A 514 34.15 -3.75 7.89
CA ASP A 514 34.72 -2.76 6.96
C ASP A 514 33.65 -1.69 6.70
N SER A 515 34.08 -0.48 6.31
CA SER A 515 33.24 0.72 6.11
C SER A 515 31.89 0.46 5.47
N ASN A 516 31.87 -0.17 4.29
CA ASN A 516 30.64 -0.44 3.53
C ASN A 516 29.66 -1.33 4.34
N GLN A 517 30.15 -2.45 4.91
CA GLN A 517 29.33 -3.35 5.72
C GLN A 517 28.90 -2.72 7.05
N ARG A 518 29.78 -1.89 7.64
CA ARG A 518 29.52 -1.19 8.90
C ARG A 518 28.35 -0.21 8.69
N ASP A 519 28.38 0.58 7.58
CA ASP A 519 27.31 1.54 7.26
C ASP A 519 25.97 0.84 7.02
N ALA A 520 25.97 -0.30 6.30
CA ALA A 520 24.74 -1.09 6.04
C ALA A 520 24.13 -1.63 7.34
N ALA A 521 24.97 -2.19 8.25
CA ALA A 521 24.51 -2.73 9.55
C ALA A 521 23.93 -1.58 10.44
N HIS A 522 24.61 -0.42 10.48
CA HIS A 522 24.17 0.74 11.26
C HIS A 522 22.83 1.28 10.73
N TYR A 523 22.79 1.70 9.44
CA TYR A 523 21.59 2.30 8.84
C TYR A 523 20.42 1.30 8.76
N GLY A 524 20.73 0.01 8.68
CA GLY A 524 19.73 -1.06 8.71
C GLY A 524 19.26 -1.42 10.12
N GLY A 525 19.85 -0.80 11.15
CA GLY A 525 19.49 -1.04 12.55
C GLY A 525 19.90 -2.38 13.12
N GLN A 526 20.86 -3.03 12.47
CA GLN A 526 21.38 -4.35 12.87
C GLN A 526 22.53 -4.19 13.86
N PHE A 527 22.21 -3.62 15.04
CA PHE A 527 23.19 -3.39 16.11
C PHE A 527 22.49 -3.21 17.48
N ASP A 528 23.21 -3.52 18.58
CA ASP A 528 22.75 -3.26 19.95
C ASP A 528 23.35 -1.88 20.32
N TRP A 529 24.71 -1.82 20.30
CA TRP A 529 25.56 -0.66 20.57
C TRP A 529 26.55 -0.49 19.39
N LEU A 530 27.07 0.72 19.23
CA LEU A 530 28.11 1.01 18.26
C LEU A 530 29.03 2.11 18.76
N VAL A 531 30.28 2.10 18.28
CA VAL A 531 31.27 3.14 18.55
C VAL A 531 31.31 3.94 17.26
N ARG A 532 31.24 5.27 17.37
CA ARG A 532 31.23 6.12 16.18
C ARG A 532 31.85 7.48 16.41
N ARG A 533 32.63 7.92 15.43
CA ARG A 533 33.19 9.28 15.40
C ARG A 533 32.03 10.21 15.02
N ASN A 534 31.92 11.37 15.69
CA ASN A 534 30.82 12.30 15.45
C ASN A 534 30.83 12.91 14.06
N SER A 535 29.63 13.17 13.52
CA SER A 535 29.47 13.81 12.22
C SER A 535 29.26 15.34 12.50
N THR A 536 29.01 16.14 11.46
CA THR A 536 28.97 17.60 11.52
C THR A 536 27.99 18.24 12.53
N GLU A 537 26.81 17.65 12.78
CA GLU A 537 25.84 18.25 13.70
C GLU A 537 26.41 18.43 15.14
N LEU A 538 27.31 17.55 15.60
CA LEU A 538 27.89 17.71 16.93
C LEU A 538 29.16 18.58 16.92
N SER A 539 29.83 18.66 15.77
CA SER A 539 31.02 19.50 15.58
C SER A 539 30.69 20.94 15.17
N SER A 540 29.45 21.21 14.72
CA SER A 540 29.09 22.55 14.24
C SER A 540 27.67 23.02 14.57
N VAL A 541 26.74 22.08 14.86
CA VAL A 541 25.33 22.35 15.16
C VAL A 541 24.53 22.72 13.88
N VAL A 542 24.99 23.76 13.15
CA VAL A 542 24.31 24.34 12.01
C VAL A 542 24.30 23.46 10.74
N GLN A 543 25.27 22.53 10.58
CA GLN A 543 25.32 21.64 9.41
C GLN A 543 24.63 20.31 9.72
N ASN A 544 23.52 20.02 8.99
CA ASN A 544 22.66 18.82 9.14
C ASN A 544 22.07 18.74 10.55
N THR A 545 21.46 19.86 10.98
CA THR A 545 20.86 20.08 12.29
C THR A 545 19.81 19.01 12.60
N GLU A 546 19.12 18.48 11.55
CA GLU A 546 18.10 17.44 11.67
C GLU A 546 18.65 16.14 12.34
N GLN A 547 20.00 15.90 12.24
CA GLN A 547 20.69 14.73 12.83
C GLN A 547 20.89 14.85 14.36
N LEU A 548 20.52 16.01 14.95
CA LEU A 548 20.64 16.24 16.41
C LEU A 548 19.55 15.48 17.18
N ALA A 549 18.42 15.13 16.51
CA ALA A 549 17.30 14.48 17.18
C ALA A 549 16.46 13.67 16.19
N PRO A 550 15.56 12.77 16.66
CA PRO A 550 14.67 12.07 15.72
C PRO A 550 13.49 12.98 15.29
N VAL A 551 13.79 14.05 14.54
CA VAL A 551 12.79 15.01 14.02
C VAL A 551 11.95 14.35 12.92
N GLY A 552 12.57 13.39 12.22
CA GLY A 552 11.95 12.57 11.20
C GLY A 552 12.13 11.10 11.56
N PRO A 553 11.46 10.17 10.86
CA PRO A 553 11.61 8.74 11.21
C PRO A 553 13.01 8.14 10.96
N ARG A 554 13.86 8.82 10.18
CA ARG A 554 15.20 8.31 9.85
C ARG A 554 16.33 9.36 10.01
N THR A 555 16.04 10.52 10.67
CA THR A 555 17.05 11.56 10.89
C THR A 555 18.04 11.24 12.04
N SER A 556 17.62 10.46 13.04
CA SER A 556 18.47 10.08 14.17
C SER A 556 19.45 8.95 13.80
N TRP A 557 20.70 8.99 14.32
CA TRP A 557 21.69 7.93 14.06
C TRP A 557 21.36 6.66 14.85
N ASN A 558 20.67 6.78 15.99
CA ASN A 558 20.46 5.60 16.84
C ASN A 558 18.99 5.27 17.14
N HIS A 559 18.06 6.04 16.57
CA HIS A 559 16.64 5.76 16.77
C HIS A 559 15.86 6.02 15.49
N ARG A 560 15.76 4.99 14.66
CA ARG A 560 15.01 5.07 13.41
C ARG A 560 13.85 4.08 13.47
N SER A 561 12.88 4.29 12.57
CA SER A 561 11.73 3.39 12.48
C SER A 561 11.98 2.33 11.40
N PRO A 562 11.57 1.06 11.61
CA PRO A 562 11.73 0.05 10.54
C PRO A 562 10.73 0.33 9.41
N GLU A 563 10.97 -0.21 8.19
CA GLU A 563 10.00 -0.01 7.11
C GLU A 563 9.03 -1.20 7.03
N GLY A 564 7.72 -0.95 7.14
CA GLY A 564 7.11 0.36 7.33
C GLY A 564 6.51 0.45 8.71
N LYS A 565 6.94 1.45 9.51
CA LYS A 565 6.48 1.66 10.89
C LYS A 565 6.80 3.08 11.37
N GLU A 566 6.20 3.50 12.52
CA GLU A 566 6.43 4.81 13.14
C GLU A 566 7.44 4.72 14.29
N LEU A 567 7.97 5.87 14.78
CA LEU A 567 8.93 5.93 15.88
C LEU A 567 8.30 5.69 17.26
N ASP A 568 9.04 4.97 18.14
CA ASP A 568 8.65 4.75 19.53
C ASP A 568 9.47 5.70 20.43
N LEU A 569 9.26 7.02 20.21
CA LEU A 569 9.99 8.06 20.95
C LEU A 569 9.65 8.12 22.42
N PRO A 571 9.77 10.44 26.02
CA PRO A 571 9.48 11.87 26.22
C PRO A 571 10.66 12.84 26.01
N PHE A 572 11.87 12.52 26.56
CA PHE A 572 13.03 13.42 26.36
C PHE A 572 13.40 13.62 24.89
N GLU A 573 13.19 12.61 24.05
CA GLU A 573 13.47 12.65 22.59
C GLU A 573 12.52 13.60 21.87
N LYS A 574 11.25 13.62 22.31
CA LYS A 574 10.19 14.51 21.80
C LYS A 574 10.52 15.96 22.17
N GLU A 575 11.05 16.17 23.39
CA GLU A 575 11.50 17.49 23.86
C GLU A 575 12.69 17.96 23.03
N ALA A 577 13.38 16.89 19.87
CA ALA A 577 12.86 17.13 18.53
C ALA A 577 12.20 18.53 18.42
N ASP A 578 11.47 18.95 19.47
CA ASP A 578 10.81 20.25 19.53
C ASP A 578 11.83 21.38 19.53
N ILE A 579 12.90 21.27 20.37
CA ILE A 579 13.99 22.25 20.45
C ILE A 579 14.67 22.42 19.08
N VAL A 580 14.99 21.30 18.40
CA VAL A 580 15.65 21.29 17.10
C VAL A 580 14.77 21.97 16.04
N ARG A 581 13.46 21.62 15.98
CA ARG A 581 12.53 22.26 15.02
C ARG A 581 12.41 23.77 15.25
N LYS A 582 12.36 24.21 16.53
CA LYS A 582 12.29 25.63 16.89
C LYS A 582 13.58 26.35 16.46
N PHE A 583 14.76 25.72 16.69
CA PHE A 583 16.07 26.26 16.27
C PHE A 583 16.12 26.46 14.73
N ILE A 584 15.64 25.45 13.97
CA ILE A 584 15.65 25.44 12.49
C ILE A 584 14.91 26.66 11.89
N SER A 585 13.78 27.06 12.53
CA SER A 585 12.95 28.18 12.08
C SER A 585 13.20 29.51 12.84
N SER A 586 14.25 29.56 13.68
CA SER A 586 14.58 30.79 14.40
C SER A 586 15.70 31.56 13.70
N GLN A 587 15.59 32.89 13.68
CA GLN A 587 16.61 33.79 13.14
C GLN A 587 17.07 34.76 14.25
N ASP A 588 16.71 34.46 15.52
CA ASP A 588 17.08 35.25 16.69
C ASP A 588 18.31 34.59 17.32
N ASN A 589 19.47 35.31 17.30
CA ASN A 589 20.75 34.79 17.81
C ASN A 589 20.73 34.36 19.28
N ALA A 590 20.16 35.21 20.15
CA ALA A 590 20.03 34.97 21.59
C ALA A 590 19.16 33.74 21.87
N GLU A 591 18.01 33.61 21.14
CA GLU A 591 17.10 32.47 21.26
C GLU A 591 17.82 31.17 20.82
N ARG A 592 18.56 31.21 19.71
CA ARG A 592 19.29 30.05 19.19
C ARG A 592 20.35 29.55 20.17
N ALA A 593 21.10 30.48 20.79
CA ALA A 593 22.13 30.12 21.78
C ALA A 593 21.47 29.47 23.03
N ASP A 594 20.33 30.02 23.48
CA ASP A 594 19.55 29.50 24.61
C ASP A 594 18.99 28.12 24.29
N LEU A 595 18.47 27.91 23.05
CA LEU A 595 17.94 26.61 22.60
C LEU A 595 19.02 25.52 22.57
N LYS A 597 21.64 25.48 24.62
CA LYS A 597 21.96 25.23 26.03
C LYS A 597 20.92 24.21 26.56
N GLN A 598 19.61 24.43 26.25
CA GLN A 598 18.53 23.54 26.65
C GLN A 598 18.73 22.17 26.00
N TYR A 599 19.05 22.16 24.69
CA TYR A 599 19.33 20.93 23.93
C TYR A 599 20.43 20.10 24.61
N GLN A 600 21.59 20.76 24.92
CA GLN A 600 22.75 20.16 25.58
C GLN A 600 22.38 19.52 26.91
N LYS A 601 21.58 20.24 27.71
CA LYS A 601 21.10 19.79 29.02
C LYS A 601 20.25 18.52 28.91
N VAL A 602 19.23 18.53 28.02
CA VAL A 602 18.32 17.38 27.82
C VAL A 602 19.10 16.19 27.30
N TYR A 603 19.96 16.40 26.27
CA TYR A 603 20.84 15.36 25.67
C TYR A 603 21.67 14.65 26.75
N THR A 604 22.49 15.44 27.51
CA THR A 604 23.46 14.91 28.47
C THR A 604 22.81 14.38 29.74
N GLN A 605 21.72 14.98 30.24
CA GLN A 605 21.06 14.45 31.43
CA GLN A 605 21.05 14.45 31.43
C GLN A 605 20.44 13.07 31.15
N ASN A 606 19.77 12.92 30.00
CA ASN A 606 19.07 11.70 29.58
C ASN A 606 19.91 10.67 28.85
N LEU A 607 21.15 11.06 28.46
CA LEU A 607 22.12 10.20 27.76
C LEU A 607 21.59 9.68 26.41
N TYR A 608 21.24 10.63 25.52
CA TYR A 608 20.81 10.34 24.14
C TYR A 608 21.92 9.49 23.45
N THR A 609 23.19 9.77 23.78
CA THR A 609 24.38 8.96 23.47
C THR A 609 25.31 9.10 24.68
N ILE A 610 26.38 8.30 24.73
CA ILE A 610 27.34 8.33 25.82
C ILE A 610 28.72 8.66 25.24
N GLY A 611 29.24 9.83 25.61
CA GLY A 611 30.53 10.30 25.13
C GLY A 611 31.69 9.46 25.63
N LEU A 612 32.69 9.20 24.76
CA LEU A 612 33.87 8.41 25.12
C LEU A 612 35.06 9.33 25.40
N THR A 613 35.40 10.19 24.42
CA THR A 613 36.48 11.18 24.47
C THR A 613 36.36 12.12 23.29
N GLU A 614 37.10 13.22 23.38
CA GLU A 614 37.14 14.28 22.39
C GLU A 614 38.55 14.87 22.38
N TYR A 615 39.00 15.32 21.19
CA TYR A 615 40.35 15.84 21.02
C TYR A 615 40.46 16.67 19.72
N PRO A 616 41.58 17.39 19.48
CA PRO A 616 41.70 18.12 18.20
C PRO A 616 42.45 17.30 17.14
N GLY A 617 42.19 17.61 15.87
CA GLY A 617 42.90 17.02 14.76
C GLY A 617 43.80 18.06 14.11
N ALA A 618 44.72 17.62 13.23
CA ALA A 618 45.62 18.55 12.55
C ALA A 618 45.58 18.38 11.04
N LEU A 619 45.57 19.51 10.33
CA LEU A 619 45.61 19.51 8.88
C LEU A 619 47.05 19.42 8.40
N ILE A 620 47.35 18.46 7.53
CA ILE A 620 48.70 18.27 6.96
C ILE A 620 48.61 18.52 5.46
N VAL A 621 49.38 19.51 4.95
CA VAL A 621 49.37 19.84 3.51
C VAL A 621 50.80 20.03 3.05
N ASN A 622 51.14 19.45 1.88
CA ASN A 622 52.45 19.65 1.27
C ASN A 622 52.70 21.17 1.06
N LYS A 623 53.91 21.64 1.41
CA LYS A 623 54.29 23.05 1.34
C LYS A 623 54.28 23.70 -0.05
N ARG A 624 54.33 22.92 -1.15
CA ARG A 624 54.38 23.52 -2.48
C ARG A 624 53.03 24.17 -2.92
N PHE A 625 51.93 23.84 -2.25
CA PHE A 625 50.62 24.38 -2.57
C PHE A 625 50.39 25.80 -2.04
N SER A 626 49.95 26.68 -2.93
CA SER A 626 49.51 28.05 -2.64
C SER A 626 47.97 28.04 -2.55
N ASN A 627 47.39 29.08 -1.90
CA ASN A 627 45.95 29.31 -1.71
C ASN A 627 45.29 28.43 -0.63
N VAL A 628 46.09 27.74 0.21
CA VAL A 628 45.54 26.94 1.31
C VAL A 628 45.15 27.94 2.43
N PRO A 629 43.86 28.06 2.82
CA PRO A 629 43.51 29.06 3.86
C PRO A 629 44.13 28.73 5.22
N GLN A 630 44.62 29.78 5.91
CA GLN A 630 45.22 29.67 7.26
C GLN A 630 44.14 29.23 8.26
N GLY A 631 44.55 28.44 9.25
CA GLY A 631 43.68 27.96 10.32
C GLY A 631 42.52 27.06 9.93
N THR A 632 42.55 26.45 8.72
CA THR A 632 41.46 25.57 8.29
C THR A 632 41.33 24.39 9.28
N PRO A 633 40.14 24.16 9.91
CA PRO A 633 39.99 22.98 10.77
C PRO A 633 39.86 21.72 9.91
N ILE A 634 40.24 20.55 10.46
CA ILE A 634 40.06 19.31 9.67
C ILE A 634 38.59 18.97 9.50
N PHE A 635 37.73 19.40 10.44
CA PHE A 635 36.33 19.04 10.45
C PHE A 635 35.47 20.05 11.20
N PHE A 637 32.13 22.34 9.31
CA PHE A 637 30.91 22.29 8.47
C PHE A 637 31.02 21.10 7.52
N ASN A 638 32.27 20.68 7.24
CA ASN A 638 32.66 19.49 6.48
C ASN A 638 34.13 19.23 6.71
N TRP A 639 34.66 18.15 6.10
CA TRP A 639 36.07 17.81 6.12
C TRP A 639 36.90 18.89 5.38
N ALA A 640 38.17 19.05 5.78
CA ALA A 640 39.11 20.01 5.19
C ALA A 640 39.28 19.87 3.66
N GLU A 641 39.07 18.66 3.08
CA GLU A 641 39.13 18.46 1.62
C GLU A 641 38.18 19.43 0.91
N ASP A 642 37.00 19.67 1.52
CA ASP A 642 36.00 20.63 1.02
C ASP A 642 36.39 22.07 1.37
N ALA A 643 36.70 22.34 2.66
CA ALA A 643 36.99 23.66 3.21
C ALA A 643 38.13 24.41 2.53
N ILE A 644 39.17 23.71 2.08
CA ILE A 644 40.34 24.35 1.45
C ILE A 644 40.10 24.78 -0.01
N ILE A 645 38.97 24.36 -0.63
CA ILE A 645 38.60 24.69 -2.00
C ILE A 645 39.73 24.23 -2.95
N ARG A 646 39.83 22.92 -3.14
CA ARG A 646 40.88 22.30 -3.95
C ARG A 646 40.95 22.83 -5.41
N GLU A 647 39.82 23.22 -6.02
CA GLU A 647 39.76 23.78 -7.40
C GLU A 647 40.43 25.19 -7.51
N ARG A 648 40.75 25.81 -6.37
CA ARG A 648 41.35 27.14 -6.28
C ARG A 648 42.85 27.08 -5.84
N LEU A 649 43.33 25.87 -5.51
CA LEU A 649 44.73 25.66 -5.12
C LEU A 649 45.62 25.62 -6.35
N TRP A 650 46.87 26.06 -6.20
CA TRP A 650 47.83 26.05 -7.30
C TRP A 650 49.25 25.90 -6.79
N VAL A 651 50.16 25.58 -7.69
CA VAL A 651 51.58 25.43 -7.38
C VAL A 651 52.37 26.33 -8.33
N ALA A 652 53.27 27.18 -7.79
CA ALA A 652 54.14 28.06 -8.62
C ALA A 652 54.94 27.18 -9.61
N ALA A 653 55.08 27.61 -10.87
CA ALA A 653 55.79 26.85 -11.93
C ALA A 653 57.14 26.26 -11.48
N ASP A 654 57.97 27.06 -10.77
CA ASP A 654 59.29 26.60 -10.31
C ASP A 654 59.24 25.56 -9.15
N LYS A 655 58.06 25.30 -8.56
CA LYS A 655 57.89 24.34 -7.47
C LYS A 655 57.07 23.11 -7.88
N GLN A 656 56.54 23.09 -9.11
CA GLN A 656 55.64 22.03 -9.55
C GLN A 656 56.28 20.65 -9.65
N GLY A 657 55.54 19.66 -9.19
CA GLY A 657 55.94 18.27 -9.31
C GLY A 657 55.66 17.80 -10.73
N LYS A 658 56.23 16.67 -11.12
CA LYS A 658 56.00 16.11 -12.47
C LYS A 658 55.38 14.73 -12.29
N TYR A 659 54.17 14.70 -11.71
CA TYR A 659 53.44 13.50 -11.31
C TYR A 659 52.26 13.12 -12.17
N GLU A 660 51.99 13.86 -13.26
CA GLU A 660 50.84 13.53 -14.10
C GLU A 660 50.98 12.20 -14.84
N LEU A 661 49.97 11.33 -14.71
CA LEU A 661 49.91 10.04 -15.41
C LEU A 661 49.17 10.16 -16.75
N PHE A 662 48.44 11.26 -16.98
CA PHE A 662 47.79 11.54 -18.26
C PHE A 662 48.06 12.99 -18.67
N PRO A 663 49.34 13.44 -18.76
CA PRO A 663 49.58 14.85 -19.12
C PRO A 663 49.03 15.20 -20.50
N GLN A 664 48.46 16.40 -20.59
CA GLN A 664 47.89 17.03 -21.79
C GLN A 664 46.75 16.17 -22.39
N GLN A 665 46.02 15.49 -21.53
CA GLN A 665 44.91 14.64 -21.90
C GLN A 665 43.64 15.05 -21.19
N LEU A 666 42.50 14.81 -21.83
CA LEU A 666 41.21 15.15 -21.23
C LEU A 666 40.37 13.90 -21.05
N PRO A 667 39.34 13.88 -20.19
CA PRO A 667 38.53 12.65 -20.05
C PRO A 667 37.87 12.21 -21.35
N GLY A 668 37.75 10.90 -21.52
CA GLY A 668 37.08 10.29 -22.66
C GLY A 668 35.58 10.35 -22.44
N LYS A 669 34.82 9.66 -23.29
CA LYS A 669 33.35 9.65 -23.17
C LYS A 669 32.88 8.67 -22.09
N PRO A 670 31.74 8.94 -21.42
CA PRO A 670 31.25 7.99 -20.40
C PRO A 670 31.00 6.59 -20.98
N GLY A 671 31.50 5.59 -20.26
CA GLY A 671 31.40 4.17 -20.62
C GLY A 671 32.35 3.73 -21.72
N GLU A 672 33.27 4.61 -22.12
CA GLU A 672 34.25 4.34 -23.17
C GLU A 672 35.67 4.12 -22.62
N GLY A 673 36.67 4.45 -23.43
CA GLY A 673 38.09 4.25 -23.09
C GLY A 673 38.70 5.30 -22.19
N GLY A 674 40.04 5.21 -22.07
CA GLY A 674 40.88 6.10 -21.29
C GLY A 674 40.96 7.52 -21.82
N PRO A 675 41.78 8.39 -21.17
CA PRO A 675 41.87 9.80 -21.59
C PRO A 675 42.25 10.02 -23.06
N ILE A 676 41.53 10.95 -23.68
CA ILE A 676 41.61 11.33 -25.08
C ILE A 676 42.67 12.43 -25.32
N ALA B 8 -27.76 33.92 12.63
CA ALA B 8 -27.71 35.23 11.98
C ALA B 8 -26.27 35.66 11.68
N PHE B 9 -26.08 36.40 10.59
CA PHE B 9 -24.76 36.88 10.17
C PHE B 9 -24.60 38.38 10.40
N GLU B 10 -23.37 38.81 10.72
CA GLU B 10 -23.05 40.22 10.97
C GLU B 10 -22.58 40.89 9.68
N THR B 11 -23.55 41.27 8.84
CA THR B 11 -23.30 41.93 7.56
C THR B 11 -22.79 43.36 7.72
N THR B 12 -21.99 43.82 6.77
CA THR B 12 -21.43 45.16 6.73
C THR B 12 -21.30 45.57 5.25
N THR B 13 -20.43 46.54 4.93
CA THR B 13 -20.15 46.98 3.58
C THR B 13 -18.76 46.43 3.21
N PRO B 14 -18.44 46.16 1.91
CA PRO B 14 -17.11 45.60 1.60
C PRO B 14 -15.99 46.62 1.79
N PRO B 15 -14.80 46.19 2.29
CA PRO B 15 -13.72 47.17 2.52
C PRO B 15 -13.16 47.77 1.23
N GLU B 16 -12.72 49.03 1.30
CA GLU B 16 -12.14 49.73 0.17
C GLU B 16 -10.85 49.05 -0.28
N PRO B 17 -10.71 48.75 -1.59
CA PRO B 17 -9.50 48.07 -2.06
C PRO B 17 -8.30 49.02 -2.12
N PRO B 18 -7.04 48.54 -2.36
CA PRO B 18 -5.91 49.49 -2.49
C PRO B 18 -6.10 50.40 -3.71
N GLN B 19 -5.54 51.62 -3.64
CA GLN B 19 -5.61 52.60 -4.72
C GLN B 19 -4.88 52.06 -5.95
N PHE B 20 -5.50 52.17 -7.14
CA PHE B 20 -4.90 51.72 -8.39
C PHE B 20 -4.52 52.98 -9.24
N PRO B 21 -3.25 53.49 -9.10
CA PRO B 21 -2.87 54.74 -9.79
C PRO B 21 -2.83 54.66 -11.31
N ALA B 22 -2.24 53.60 -11.88
CA ALA B 22 -2.17 53.44 -13.33
C ALA B 22 -3.53 52.98 -13.88
N GLU B 23 -4.31 53.94 -14.40
CA GLU B 23 -5.63 53.69 -14.99
C GLU B 23 -5.62 54.16 -16.46
N GLY B 24 -6.49 55.11 -16.82
CA GLY B 24 -6.58 55.65 -18.18
C GLY B 24 -5.38 56.46 -18.65
N LYS B 25 -5.57 57.77 -18.89
CA LYS B 25 -6.83 58.47 -18.68
C LYS B 25 -7.61 58.69 -19.98
N ILE B 26 -8.95 58.60 -19.88
CA ILE B 26 -9.88 58.80 -20.97
C ILE B 26 -9.94 60.31 -21.32
N ASN B 27 -9.98 60.64 -22.63
CA ASN B 27 -10.19 62.02 -23.07
C ASN B 27 -11.69 62.12 -23.32
N TYR B 28 -12.43 62.63 -22.34
CA TYR B 28 -13.89 62.75 -22.42
C TYR B 28 -14.33 63.74 -23.48
N VAL B 29 -15.34 63.33 -24.28
CA VAL B 29 -15.91 64.10 -25.41
C VAL B 29 -17.44 64.05 -25.39
N ALA B 30 -18.10 64.93 -26.18
CA ALA B 30 -19.55 64.92 -26.30
C ALA B 30 -19.94 63.84 -27.34
N ARG B 31 -21.18 63.33 -27.23
CA ARG B 31 -21.71 62.23 -28.05
C ARG B 31 -21.57 62.40 -29.57
N ASP B 32 -21.83 63.61 -30.11
CA ASP B 32 -21.84 63.83 -31.56
C ASP B 32 -20.50 64.31 -32.16
N THR B 33 -19.38 64.07 -31.45
CA THR B 33 -18.03 64.38 -31.95
C THR B 33 -17.47 63.19 -32.77
N ILE B 34 -18.08 61.99 -32.68
CA ILE B 34 -17.53 60.79 -33.31
C ILE B 34 -17.90 60.63 -34.78
N LEU B 35 -19.20 60.73 -35.07
CA LEU B 35 -19.70 60.46 -36.41
C LEU B 35 -21.00 61.20 -36.72
N GLU B 36 -21.34 61.24 -38.00
CA GLU B 36 -22.58 61.78 -38.54
C GLU B 36 -22.84 61.18 -39.91
N PHE B 37 -24.09 61.13 -40.34
CA PHE B 37 -24.47 60.64 -41.68
C PHE B 37 -24.64 61.84 -42.58
N LYS B 38 -23.90 61.87 -43.70
CA LYS B 38 -23.96 62.97 -44.68
C LYS B 38 -23.27 62.57 -45.97
N ALA B 39 -23.71 63.20 -47.07
CA ALA B 39 -23.11 63.03 -48.39
C ALA B 39 -21.84 63.89 -48.45
N LEU B 40 -20.77 63.36 -49.05
CA LEU B 40 -19.53 64.14 -49.22
C LEU B 40 -19.37 64.49 -50.72
N PRO B 41 -18.63 65.58 -51.08
CA PRO B 41 -18.48 65.91 -52.53
C PRO B 41 -17.80 64.82 -53.35
N SER B 42 -16.80 64.10 -52.78
CA SER B 42 -16.11 63.02 -53.47
C SER B 42 -15.60 61.94 -52.51
N TYR B 43 -15.43 60.72 -53.04
CA TYR B 43 -14.97 59.58 -52.27
C TYR B 43 -13.72 58.94 -52.89
N SER B 44 -12.94 58.23 -52.07
CA SER B 44 -11.73 57.54 -52.53
C SER B 44 -11.60 56.16 -51.88
N GLU B 45 -10.74 55.32 -52.44
CA GLU B 45 -10.55 53.94 -52.01
C GLU B 45 -9.10 53.52 -52.33
N PRO B 46 -8.59 52.34 -51.88
CA PRO B 46 -7.23 51.92 -52.29
C PRO B 46 -7.09 51.93 -53.82
N ASP B 47 -5.95 52.46 -54.31
CA ASP B 47 -5.62 52.58 -55.73
C ASP B 47 -5.80 51.30 -56.55
N TRP B 48 -5.36 50.15 -56.01
CA TRP B 48 -5.45 48.84 -56.65
C TRP B 48 -6.89 48.39 -56.91
N ILE B 49 -7.87 48.88 -56.10
CA ILE B 49 -9.29 48.55 -56.31
C ILE B 49 -9.78 49.27 -57.55
N THR B 50 -9.54 50.62 -57.62
CA THR B 50 -9.89 51.48 -58.75
C THR B 50 -9.38 50.86 -60.04
N GLU B 51 -8.08 50.50 -60.07
CA GLU B 51 -7.39 49.92 -61.21
C GLU B 51 -7.84 48.51 -61.61
N LYS B 52 -7.61 47.52 -60.72
CA LYS B 52 -7.88 46.10 -60.97
C LYS B 52 -9.38 45.67 -60.93
N PHE B 53 -10.32 46.51 -60.45
CA PHE B 53 -11.73 46.08 -60.32
C PHE B 53 -12.81 47.04 -60.89
N GLU B 54 -12.94 48.27 -60.32
CA GLU B 54 -13.92 49.27 -60.73
C GLU B 54 -13.79 49.71 -62.21
N LYS B 55 -12.55 50.05 -62.68
CA LYS B 55 -12.39 50.46 -64.08
C LYS B 55 -12.39 49.22 -65.01
N ALA B 56 -12.19 48.02 -64.40
CA ALA B 56 -12.24 46.72 -65.06
C ALA B 56 -13.70 46.23 -65.20
N GLY B 57 -14.65 46.98 -64.64
CA GLY B 57 -16.09 46.70 -64.66
C GLY B 57 -16.64 45.87 -63.50
N LYS B 58 -15.77 45.04 -62.85
CA LYS B 58 -16.06 44.06 -61.77
C LYS B 58 -16.87 44.61 -60.57
N LEU B 59 -16.72 45.90 -60.27
CA LEU B 59 -17.45 46.53 -59.18
C LEU B 59 -18.14 47.79 -59.68
N PRO B 60 -19.36 48.10 -59.16
CA PRO B 60 -20.01 49.38 -59.50
C PRO B 60 -19.13 50.58 -59.09
N PRO B 61 -19.42 51.83 -59.57
CA PRO B 61 -18.64 52.98 -59.08
C PRO B 61 -18.75 53.10 -57.55
N LEU B 62 -17.64 53.49 -56.91
CA LEU B 62 -17.55 53.68 -55.44
C LEU B 62 -18.74 54.47 -54.87
N LYS B 63 -19.09 55.62 -55.51
CA LYS B 63 -20.20 56.49 -55.11
C LYS B 63 -21.53 55.73 -55.08
N GLU B 64 -21.67 54.74 -55.98
CA GLU B 64 -22.88 53.92 -56.10
C GLU B 64 -22.92 52.79 -55.09
N ARG B 65 -21.75 52.24 -54.71
CA ARG B 65 -21.62 51.18 -53.71
C ARG B 65 -21.97 51.72 -52.33
N LEU B 66 -21.71 53.03 -52.12
CA LEU B 66 -21.94 53.74 -50.89
C LEU B 66 -23.36 54.22 -50.79
N PRO B 67 -23.94 54.33 -49.57
CA PRO B 67 -25.28 54.98 -49.42
C PRO B 67 -25.17 56.47 -49.84
N GLU B 68 -26.28 57.12 -50.20
CA GLU B 68 -26.28 58.56 -50.55
C GLU B 68 -25.67 59.38 -49.39
N GLU B 69 -26.01 59.00 -48.14
CA GLU B 69 -25.47 59.61 -46.94
C GLU B 69 -24.75 58.52 -46.13
N PRO B 70 -23.45 58.27 -46.41
CA PRO B 70 -22.74 57.25 -45.62
C PRO B 70 -22.46 57.71 -44.19
N LEU B 71 -22.08 56.77 -43.31
CA LEU B 71 -21.67 57.11 -41.94
C LEU B 71 -20.27 57.74 -42.10
N VAL B 72 -20.11 58.99 -41.66
CA VAL B 72 -18.83 59.70 -41.77
C VAL B 72 -18.19 59.85 -40.39
N TYR B 73 -16.97 59.34 -40.22
CA TYR B 73 -16.23 59.53 -38.97
C TYR B 73 -15.60 60.91 -39.00
N LYS B 74 -15.82 61.67 -37.93
CA LYS B 74 -15.31 63.05 -37.78
C LYS B 74 -13.85 63.03 -37.32
N THR B 75 -13.00 63.83 -37.99
CA THR B 75 -11.55 63.92 -37.73
C THR B 75 -11.21 64.34 -36.29
N GLY B 76 -11.97 65.28 -35.73
CA GLY B 76 -11.74 65.78 -34.36
C GLY B 76 -11.66 64.71 -33.28
N ASN B 77 -12.44 63.62 -33.41
CA ASN B 77 -12.44 62.53 -32.45
C ASN B 77 -11.31 61.53 -32.70
N PRO B 79 -7.82 60.02 -32.53
CA PRO B 79 -6.60 60.28 -31.73
C PRO B 79 -5.38 60.76 -32.54
N ASP B 80 -5.22 60.26 -33.78
CA ASP B 80 -4.09 60.60 -34.65
C ASP B 80 -4.48 61.21 -36.01
N GLY B 81 -5.76 61.49 -36.20
CA GLY B 81 -6.27 62.06 -37.44
C GLY B 81 -6.54 61.04 -38.53
N VAL B 82 -6.79 61.54 -39.75
CA VAL B 82 -7.11 60.78 -40.97
C VAL B 82 -5.99 59.76 -41.29
N GLY B 83 -6.40 58.56 -41.68
CA GLY B 83 -5.50 57.46 -41.95
C GLY B 83 -5.07 57.24 -43.39
N VAL B 84 -4.24 56.20 -43.57
CA VAL B 84 -3.72 55.75 -44.85
C VAL B 84 -4.08 54.27 -44.96
N TYR B 85 -4.21 53.78 -46.19
CA TYR B 85 -4.54 52.38 -46.44
C TYR B 85 -3.40 51.40 -46.19
N GLY B 86 -3.77 50.17 -45.86
CA GLY B 86 -2.84 49.05 -45.71
C GLY B 86 -2.73 48.40 -44.35
N ASP B 87 -1.98 47.29 -44.34
CA ASP B 87 -1.63 46.45 -43.20
C ASP B 87 -2.81 45.53 -42.76
N THR B 88 -2.52 44.69 -41.75
CA THR B 88 -3.37 43.63 -41.23
C THR B 88 -3.41 43.72 -39.71
N ARG B 90 -3.71 41.39 -36.57
CA ARG B 90 -3.61 39.98 -36.16
C ARG B 90 -4.25 39.73 -34.81
N HIS B 91 -5.36 39.01 -34.79
CA HIS B 91 -6.01 38.61 -33.53
C HIS B 91 -5.68 37.16 -33.22
N VAL B 92 -5.73 36.80 -31.91
CA VAL B 92 -5.47 35.43 -31.42
C VAL B 92 -6.67 35.08 -30.54
N VAL B 93 -7.35 33.95 -30.80
CA VAL B 93 -8.57 33.60 -30.05
C VAL B 93 -8.51 32.18 -29.44
N GLY B 94 -9.23 31.98 -28.34
CA GLY B 94 -9.34 30.67 -27.70
C GLY B 94 -10.59 29.93 -28.14
N GLY B 95 -11.47 30.58 -28.88
CA GLY B 95 -12.71 29.98 -29.36
C GLY B 95 -12.51 29.29 -30.69
N ARG B 96 -13.52 28.55 -31.14
CA ARG B 96 -13.52 27.86 -32.44
C ARG B 96 -14.85 28.12 -33.14
N PRO B 97 -14.85 28.35 -34.48
CA PRO B 97 -16.13 28.61 -35.15
C PRO B 97 -17.02 27.38 -35.29
N GLU B 98 -18.34 27.58 -35.13
CA GLU B 98 -19.36 26.53 -35.33
C GLU B 98 -19.87 26.65 -36.76
N GLY B 99 -19.88 27.89 -37.24
CA GLY B 99 -20.36 28.28 -38.57
C GLY B 99 -20.66 29.78 -38.54
N TRP B 100 -21.32 30.30 -39.61
CA TRP B 100 -21.58 31.74 -39.76
C TRP B 100 -22.98 32.23 -39.36
N ASN B 101 -23.86 31.32 -38.85
CA ASN B 101 -25.23 31.70 -38.51
C ASN B 101 -25.36 32.25 -37.08
N TYR B 102 -24.90 33.50 -36.93
CA TYR B 102 -24.89 34.25 -35.67
C TYR B 102 -26.31 34.38 -35.06
N ILE B 103 -27.29 34.73 -35.89
CA ILE B 103 -28.66 34.97 -35.45
C ILE B 103 -29.36 33.67 -34.99
N ALA B 104 -28.82 32.49 -35.36
CA ALA B 104 -29.33 31.19 -34.90
C ALA B 104 -28.50 30.61 -33.75
N GLY B 105 -27.58 31.42 -33.20
CA GLY B 105 -26.79 31.03 -32.03
C GLY B 105 -25.44 30.40 -32.27
N GLN B 106 -24.93 30.45 -33.51
CA GLN B 106 -23.60 29.91 -33.78
C GLN B 106 -22.52 30.93 -33.41
N SER B 107 -21.44 30.45 -32.76
CA SER B 107 -20.26 31.26 -32.45
C SER B 107 -19.26 31.17 -33.62
N GLN B 108 -18.58 32.29 -33.92
CA GLN B 108 -17.53 32.33 -34.95
C GLN B 108 -16.10 32.24 -34.33
N GLY B 109 -16.03 32.12 -32.99
CA GLY B 109 -14.77 31.97 -32.25
C GLY B 109 -14.46 33.04 -31.24
N TRP B 110 -15.38 34.05 -31.09
CA TRP B 110 -15.27 35.18 -30.17
C TRP B 110 -13.99 36.02 -30.44
N GLY B 111 -13.49 36.71 -29.42
CA GLY B 111 -12.28 37.52 -29.53
C GLY B 111 -12.31 38.61 -30.59
N GLY B 112 -13.53 39.10 -30.90
CA GLY B 112 -13.73 40.19 -31.86
C GLY B 112 -14.28 39.81 -33.23
N ILE B 113 -14.27 38.52 -33.59
CA ILE B 113 -14.73 38.11 -34.94
C ILE B 113 -16.24 38.42 -35.17
N ASP B 114 -17.16 37.92 -34.30
CA ASP B 114 -18.60 38.20 -34.52
C ASP B 114 -18.89 39.71 -34.29
N ILE B 115 -18.08 40.39 -33.45
CA ILE B 115 -18.19 41.85 -33.23
C ILE B 115 -17.96 42.60 -34.56
N ALA B 116 -16.94 42.21 -35.32
CA ALA B 116 -16.60 42.83 -36.61
C ALA B 116 -17.57 42.42 -37.72
N LEU B 117 -18.06 41.16 -37.70
CA LEU B 117 -18.96 40.67 -38.74
C LEU B 117 -20.40 41.13 -38.60
N SER B 118 -20.99 40.93 -37.40
CA SER B 118 -22.38 41.23 -37.14
C SER B 118 -22.60 42.63 -36.58
N GLU B 119 -22.70 43.64 -37.48
CA GLU B 119 -23.00 45.04 -37.13
C GLU B 119 -24.46 45.15 -36.67
N CYS B 120 -24.74 46.13 -35.82
CA CYS B 120 -26.05 46.23 -35.18
C CYS B 120 -26.74 47.57 -35.44
N LEU B 121 -28.03 47.70 -35.06
CA LEU B 121 -28.83 48.94 -35.28
C LEU B 121 -28.15 50.16 -34.66
N THR B 122 -27.67 50.01 -33.43
CA THR B 122 -26.99 51.09 -32.69
C THR B 122 -25.63 50.59 -32.25
N ARG B 123 -24.80 51.47 -31.67
CA ARG B 123 -23.45 51.13 -31.21
C ARG B 123 -23.16 51.88 -29.93
N THR B 124 -22.62 51.18 -28.92
CA THR B 124 -22.40 51.77 -27.60
C THR B 124 -20.99 51.65 -27.06
N ALA B 125 -20.20 50.66 -27.54
CA ALA B 125 -18.84 50.47 -27.00
C ALA B 125 -17.97 51.74 -26.99
N PRO B 126 -17.93 52.60 -28.06
CA PRO B 126 -17.10 53.82 -28.00
C PRO B 126 -17.60 54.87 -27.01
N LEU B 127 -18.78 54.67 -26.38
CA LEU B 127 -19.36 55.64 -25.44
C LEU B 127 -18.64 55.67 -24.09
N PHE B 128 -17.55 54.87 -23.90
CA PHE B 128 -16.73 54.95 -22.67
C PHE B 128 -16.12 56.36 -22.61
N GLN B 129 -15.99 57.02 -23.77
CA GLN B 129 -15.38 58.34 -23.85
C GLN B 129 -16.38 59.50 -23.61
N VAL B 130 -17.65 59.19 -23.29
CA VAL B 130 -18.65 60.24 -22.95
C VAL B 130 -18.90 60.08 -21.42
N ASP B 131 -18.57 61.12 -20.62
CA ASP B 131 -18.68 61.11 -19.14
C ASP B 131 -20.12 61.27 -18.61
N ALA B 132 -20.97 60.26 -18.86
CA ALA B 132 -22.38 60.23 -18.45
C ALA B 132 -22.93 58.82 -18.61
N LYS B 133 -24.08 58.55 -17.98
CA LYS B 133 -24.78 57.27 -18.05
C LYS B 133 -26.18 57.42 -18.69
N ASP B 134 -26.46 58.59 -19.30
CA ASP B 134 -27.73 58.89 -19.97
C ASP B 134 -27.49 59.17 -21.47
N THR B 135 -26.29 58.83 -21.96
CA THR B 135 -25.89 59.03 -23.35
C THR B 135 -26.79 58.19 -24.28
N GLU B 136 -27.25 58.80 -25.36
CA GLU B 136 -28.02 58.13 -26.39
C GLU B 136 -27.06 57.26 -27.23
N PRO B 137 -27.33 55.93 -27.41
CA PRO B 137 -26.45 55.10 -28.25
C PRO B 137 -26.21 55.71 -29.62
N LEU B 138 -25.01 55.45 -30.17
CA LEU B 138 -24.64 55.98 -31.48
C LEU B 138 -25.49 55.34 -32.58
N PRO B 139 -25.87 56.11 -33.62
CA PRO B 139 -26.57 55.47 -34.74
C PRO B 139 -25.60 54.58 -35.53
N ASN B 140 -26.06 53.41 -35.97
CA ASN B 140 -25.23 52.50 -36.78
C ASN B 140 -26.05 52.09 -38.03
N LEU B 141 -26.66 50.90 -38.04
CA LEU B 141 -27.54 50.47 -39.15
C LEU B 141 -28.86 51.29 -39.16
N ALA B 142 -29.27 51.77 -37.96
CA ALA B 142 -30.38 52.70 -37.79
C ALA B 142 -29.67 54.05 -37.74
N LYS B 143 -29.88 54.91 -38.75
CA LYS B 143 -29.18 56.20 -38.84
C LYS B 143 -29.82 57.29 -37.94
N SER B 144 -31.11 57.18 -37.66
CA SER B 144 -31.84 58.15 -36.83
C SER B 144 -33.14 57.55 -36.31
N TRP B 145 -33.71 58.18 -35.30
CA TRP B 145 -34.97 57.75 -34.68
C TRP B 145 -35.63 58.89 -33.92
N GLU B 146 -36.94 58.81 -33.75
CA GLU B 146 -37.72 59.81 -33.04
C GLU B 146 -38.83 59.16 -32.20
N TRP B 147 -39.00 59.66 -30.98
CA TRP B 147 -40.04 59.22 -30.05
C TRP B 147 -41.31 60.02 -30.30
N SER B 148 -42.48 59.38 -30.13
CA SER B 148 -43.79 60.04 -30.24
C SER B 148 -43.95 60.92 -28.98
N GLU B 149 -44.92 61.84 -28.99
CA GLU B 149 -45.17 62.72 -27.84
C GLU B 149 -45.48 61.94 -26.57
N ASP B 150 -46.23 60.82 -26.67
CA ASP B 150 -46.61 59.97 -25.54
C ASP B 150 -45.51 58.95 -25.15
N GLY B 151 -44.47 58.85 -25.98
CA GLY B 151 -43.33 57.96 -25.76
C GLY B 151 -43.56 56.47 -25.94
N HIS B 152 -44.69 56.08 -26.53
CA HIS B 152 -45.02 54.68 -26.77
C HIS B 152 -44.55 54.19 -28.14
N THR B 153 -44.29 55.15 -29.06
CA THR B 153 -43.88 54.84 -30.43
C THR B 153 -42.49 55.37 -30.73
N LEU B 154 -41.66 54.52 -31.35
CA LEU B 154 -40.32 54.90 -31.79
C LEU B 154 -40.18 54.65 -33.29
N THR B 155 -40.10 55.74 -34.06
CA THR B 155 -39.94 55.69 -35.52
C THR B 155 -38.44 55.64 -35.80
N HIS B 157 -35.28 55.17 -38.61
CA HIS B 157 -34.82 55.33 -39.98
C HIS B 157 -33.52 54.59 -40.18
N LEU B 158 -33.44 53.77 -41.22
CA LEU B 158 -32.24 52.99 -41.48
C LEU B 158 -31.30 53.69 -42.44
N VAL B 159 -30.00 53.29 -42.42
CA VAL B 159 -29.01 53.73 -43.40
C VAL B 159 -29.68 53.37 -44.79
N LYS B 160 -29.69 54.32 -45.74
CA LYS B 160 -30.40 54.18 -47.01
C LYS B 160 -29.45 54.06 -48.20
N GLY B 161 -29.56 52.94 -48.92
CA GLY B 161 -28.71 52.66 -50.07
C GLY B 161 -27.47 51.85 -49.75
N ALA B 162 -27.38 51.28 -48.51
CA ALA B 162 -26.23 50.45 -48.12
C ALA B 162 -26.47 49.04 -48.65
N LYS B 163 -25.37 48.35 -48.94
CA LYS B 163 -25.42 46.99 -49.46
C LYS B 163 -24.64 46.05 -48.56
N TRP B 164 -25.05 44.76 -48.54
CA TRP B 164 -24.31 43.66 -47.92
C TRP B 164 -23.03 43.52 -48.75
N SER B 165 -22.01 42.81 -48.23
CA SER B 165 -20.72 42.59 -48.87
C SER B 165 -20.78 41.87 -50.23
N ASP B 166 -21.91 41.23 -50.57
CA ASP B 166 -22.09 40.57 -51.87
C ASP B 166 -22.82 41.47 -52.89
N GLY B 167 -23.08 42.74 -52.51
CA GLY B 167 -23.76 43.69 -53.39
C GLY B 167 -25.28 43.73 -53.30
N GLU B 168 -25.90 42.84 -52.50
CA GLU B 168 -27.35 42.80 -52.27
C GLU B 168 -27.74 43.94 -51.30
N ALA B 169 -28.88 44.59 -51.56
CA ALA B 169 -29.36 45.74 -50.78
C ALA B 169 -29.68 45.41 -49.33
N PHE B 170 -29.23 46.28 -48.41
CA PHE B 170 -29.59 46.20 -47.00
C PHE B 170 -30.83 47.10 -46.82
N ASN B 171 -31.86 46.62 -46.11
CA ASN B 171 -33.09 47.39 -45.87
C ASN B 171 -33.94 46.77 -44.75
N ALA B 172 -35.18 47.28 -44.56
CA ALA B 172 -36.11 46.82 -43.50
C ALA B 172 -36.46 45.32 -43.55
N ASP B 173 -36.31 44.65 -44.73
CA ASP B 173 -36.55 43.20 -44.82
C ASP B 173 -35.58 42.40 -43.96
N ASP B 174 -34.34 42.88 -43.80
CA ASP B 174 -33.30 42.26 -42.95
C ASP B 174 -33.64 42.46 -41.47
N VAL B 175 -34.14 43.65 -41.15
CA VAL B 175 -34.56 44.02 -39.80
C VAL B 175 -35.78 43.17 -39.37
N PHE B 177 -36.86 40.25 -40.77
CA PHE B 177 -36.52 38.81 -40.74
C PHE B 177 -35.89 38.45 -39.38
N TYR B 178 -34.94 39.29 -38.90
CA TYR B 178 -34.31 39.07 -37.60
C TYR B 178 -35.39 39.12 -36.47
N TRP B 179 -36.24 40.17 -36.46
CA TRP B 179 -37.26 40.36 -35.44
C TRP B 179 -38.26 39.19 -35.36
N GLU B 180 -38.91 38.87 -36.50
CA GLU B 180 -39.92 37.84 -36.58
C GLU B 180 -39.38 36.41 -36.56
N ASP B 181 -38.40 36.10 -37.42
CA ASP B 181 -37.92 34.74 -37.61
C ASP B 181 -36.70 34.33 -36.76
N ALA B 182 -36.18 35.24 -35.92
CA ALA B 182 -35.10 34.89 -34.98
C ALA B 182 -35.51 35.28 -33.57
N VAL B 183 -35.90 36.54 -33.34
CA VAL B 183 -36.29 37.00 -31.99
C VAL B 183 -37.61 36.37 -31.55
N VAL B 184 -38.73 36.75 -32.21
CA VAL B 184 -40.08 36.30 -31.90
C VAL B 184 -40.18 34.77 -32.04
N ASP B 185 -39.59 34.18 -33.10
CA ASP B 185 -39.58 32.72 -33.31
C ASP B 185 -39.01 32.03 -32.05
N PRO B 186 -39.78 31.18 -31.34
CA PRO B 186 -39.25 30.57 -30.09
C PRO B 186 -38.24 29.43 -30.30
N ASN B 187 -38.00 29.06 -31.56
CA ASN B 187 -37.08 27.97 -31.93
C ASN B 187 -35.72 28.46 -32.43
N VAL B 188 -35.55 29.79 -32.46
CA VAL B 188 -34.30 30.42 -32.89
C VAL B 188 -33.82 31.29 -31.73
N SER B 189 -32.56 31.12 -31.31
CA SER B 189 -31.97 31.91 -30.22
C SER B 189 -30.62 32.51 -30.66
N PRO B 190 -30.54 33.85 -30.89
CA PRO B 190 -29.26 34.46 -31.32
C PRO B 190 -28.09 34.24 -30.34
N LEU B 191 -26.86 34.34 -30.85
CA LEU B 191 -25.64 34.15 -30.05
C LEU B 191 -25.58 35.17 -28.91
N GLY B 192 -25.14 34.71 -27.74
CA GLY B 192 -24.99 35.57 -26.56
C GLY B 192 -25.88 35.24 -25.40
N GLY B 193 -26.92 34.43 -25.65
CA GLY B 193 -27.86 34.02 -24.60
C GLY B 193 -28.99 34.99 -24.31
N GLY B 194 -29.00 36.14 -24.96
CA GLY B 194 -30.04 37.16 -24.82
C GLY B 194 -30.96 37.18 -26.04
N ALA B 195 -31.44 38.37 -26.42
CA ALA B 195 -32.32 38.65 -27.57
C ALA B 195 -33.67 37.89 -27.55
N SER B 196 -34.26 37.68 -26.35
CA SER B 196 -35.59 37.09 -26.24
C SER B 196 -36.57 38.25 -26.55
N PRO B 197 -37.85 38.00 -26.95
CA PRO B 197 -38.75 39.14 -27.23
C PRO B 197 -38.89 40.13 -26.06
N GLU B 198 -38.92 39.61 -24.81
CA GLU B 198 -39.10 40.42 -23.60
C GLU B 198 -37.86 41.27 -23.23
N ALA B 199 -36.68 41.01 -23.85
CA ALA B 199 -35.47 41.84 -23.67
C ALA B 199 -35.71 43.26 -24.23
N PHE B 200 -36.73 43.41 -25.12
CA PHE B 200 -37.11 44.68 -25.75
C PHE B 200 -38.38 45.24 -25.11
N GLY B 201 -38.80 44.63 -24.00
CA GLY B 201 -40.00 45.02 -23.27
C GLY B 201 -41.15 44.06 -23.47
N GLU B 202 -41.91 43.80 -22.41
CA GLU B 202 -43.08 42.91 -22.45
C GLU B 202 -44.16 43.51 -23.37
N GLY B 203 -44.59 42.73 -24.35
CA GLY B 203 -45.59 43.15 -25.32
C GLY B 203 -45.12 44.09 -26.41
N THR B 204 -43.79 44.30 -26.54
CA THR B 204 -43.20 45.18 -27.56
C THR B 204 -43.43 44.61 -28.96
N THR B 205 -43.83 45.49 -29.88
CA THR B 205 -44.04 45.12 -31.28
C THR B 205 -43.13 45.96 -32.19
N LEU B 206 -42.74 45.36 -33.33
CA LEU B 206 -41.92 46.01 -34.35
C LEU B 206 -42.58 45.75 -35.70
N LYS B 207 -42.81 46.81 -36.47
CA LYS B 207 -43.42 46.70 -37.80
C LYS B 207 -42.66 47.52 -38.85
N LYS B 208 -42.74 47.07 -40.10
CA LYS B 208 -42.11 47.75 -41.23
C LYS B 208 -43.06 48.84 -41.74
N ILE B 209 -42.55 50.07 -41.88
CA ILE B 209 -43.30 51.20 -42.43
C ILE B 209 -43.04 51.20 -43.95
N ASP B 210 -41.76 51.15 -44.35
CA ASP B 210 -41.33 51.08 -45.75
C ASP B 210 -39.95 50.44 -45.82
N ASP B 211 -39.26 50.49 -46.97
CA ASP B 211 -37.94 49.85 -47.08
C ASP B 211 -36.85 50.40 -46.12
N TYR B 212 -37.00 51.64 -45.63
CA TYR B 212 -35.95 52.24 -44.79
C TYR B 212 -36.49 52.81 -43.47
N THR B 213 -37.69 52.38 -43.07
CA THR B 213 -38.33 52.84 -41.84
C THR B 213 -39.04 51.69 -41.15
N VAL B 214 -38.79 51.60 -39.84
CA VAL B 214 -39.41 50.61 -38.96
C VAL B 214 -40.03 51.36 -37.76
N GLU B 215 -41.01 50.74 -37.13
CA GLU B 215 -41.71 51.36 -36.02
C GLU B 215 -41.86 50.43 -34.83
N TRP B 216 -41.35 50.86 -33.67
CA TRP B 216 -41.46 50.13 -32.42
C TRP B 216 -42.68 50.64 -31.63
N THR B 217 -43.44 49.73 -30.98
CA THR B 217 -44.54 50.08 -30.08
C THR B 217 -44.21 49.45 -28.72
N PHE B 218 -44.13 50.29 -27.68
CA PHE B 218 -43.79 49.88 -26.32
C PHE B 218 -44.96 50.09 -25.36
N LYS B 219 -45.13 49.16 -24.40
CA LYS B 219 -46.16 49.21 -23.35
C LYS B 219 -45.85 50.38 -22.42
N ALA B 220 -44.57 50.53 -22.00
CA ALA B 220 -44.12 51.64 -21.16
C ALA B 220 -43.85 52.91 -22.01
N ALA B 221 -43.91 54.08 -21.36
CA ALA B 221 -43.65 55.37 -22.01
C ALA B 221 -42.15 55.70 -21.90
N PHE B 222 -41.54 56.08 -23.03
CA PHE B 222 -40.11 56.41 -23.16
C PHE B 222 -39.14 55.36 -22.55
N PRO B 223 -39.24 54.04 -22.88
CA PRO B 223 -38.24 53.11 -22.35
C PRO B 223 -36.96 53.19 -23.21
N LYS B 224 -36.29 54.38 -23.14
CA LYS B 224 -35.07 54.73 -23.89
C LYS B 224 -33.89 53.76 -23.69
N GLN B 225 -33.89 53.01 -22.57
CA GLN B 225 -32.85 52.02 -22.29
C GLN B 225 -32.77 50.92 -23.35
N TYR B 226 -33.89 50.61 -24.06
CA TYR B 226 -33.93 49.59 -25.10
C TYR B 226 -33.08 49.95 -26.34
N LEU B 227 -32.66 51.23 -26.47
CA LEU B 227 -31.76 51.63 -27.57
C LEU B 227 -30.39 50.96 -27.41
N TYR B 228 -29.99 50.65 -26.15
CA TYR B 228 -28.74 49.95 -25.85
C TYR B 228 -28.89 48.47 -26.23
N THR B 229 -30.12 47.91 -26.02
CA THR B 229 -30.45 46.52 -26.37
C THR B 229 -30.36 46.30 -27.89
N ALA B 231 -27.99 47.48 -29.74
CA ALA B 231 -26.57 47.40 -30.09
C ALA B 231 -26.12 45.93 -29.96
N TYR B 232 -24.79 45.68 -30.03
CA TYR B 232 -24.24 44.34 -29.85
C TYR B 232 -24.51 43.87 -28.39
N PRO B 233 -24.90 42.61 -28.16
CA PRO B 233 -25.07 41.51 -29.14
C PRO B 233 -26.51 41.23 -29.62
N SER B 234 -27.48 41.98 -29.11
CA SER B 234 -28.91 41.68 -29.17
C SER B 234 -29.73 42.13 -30.43
N PHE B 235 -29.23 43.03 -31.31
CA PHE B 235 -29.97 43.37 -32.57
C PHE B 235 -28.98 43.58 -33.71
N CYS B 236 -28.41 42.46 -34.21
CA CYS B 236 -27.35 42.45 -35.20
C CYS B 236 -27.77 41.49 -36.32
N PRO B 237 -28.59 42.02 -37.28
CA PRO B 237 -29.20 41.14 -38.28
C PRO B 237 -28.25 40.48 -39.27
N GLY B 238 -28.65 39.30 -39.71
CA GLY B 238 -27.96 38.52 -40.72
C GLY B 238 -28.52 38.80 -42.11
N PRO B 239 -27.82 38.31 -43.18
CA PRO B 239 -28.31 38.54 -44.55
C PRO B 239 -29.55 37.68 -44.86
N SER B 240 -30.76 38.31 -44.77
CA SER B 240 -32.04 37.63 -44.99
C SER B 240 -32.16 36.97 -46.36
N HIS B 241 -31.56 37.56 -47.43
CA HIS B 241 -31.59 36.96 -48.78
C HIS B 241 -30.91 35.58 -48.84
N ILE B 242 -29.96 35.32 -47.91
CA ILE B 242 -29.21 34.06 -47.77
C ILE B 242 -29.90 33.14 -46.72
N LEU B 243 -30.22 33.71 -45.55
CA LEU B 243 -30.77 32.95 -44.41
C LEU B 243 -32.23 32.54 -44.56
N LYS B 244 -33.10 33.44 -45.04
CA LYS B 244 -34.54 33.18 -45.20
C LYS B 244 -34.82 31.89 -46.03
N PRO B 245 -34.18 31.63 -47.21
CA PRO B 245 -34.47 30.36 -47.93
C PRO B 245 -34.09 29.08 -47.16
N GLN B 246 -33.32 29.22 -46.05
CA GLN B 246 -32.90 28.08 -45.20
C GLN B 246 -33.75 27.93 -43.94
N HIS B 247 -34.57 28.94 -43.64
CA HIS B 247 -35.42 28.97 -42.46
C HIS B 247 -36.60 27.95 -42.57
N PRO B 248 -36.93 27.21 -41.48
CA PRO B 248 -38.04 26.22 -41.55
C PRO B 248 -39.37 26.79 -42.02
N LYS B 249 -39.64 28.09 -41.81
CA LYS B 249 -40.89 28.71 -42.24
C LYS B 249 -41.00 28.83 -43.77
N TYR B 250 -39.86 28.85 -44.49
CA TYR B 250 -39.80 29.05 -45.94
C TYR B 250 -39.12 27.92 -46.70
N SER B 251 -38.93 26.75 -46.04
CA SER B 251 -38.27 25.58 -46.65
C SER B 251 -38.64 24.31 -45.88
N LYS B 252 -38.08 23.16 -46.29
CA LYS B 252 -38.30 21.85 -45.66
C LYS B 252 -37.25 21.55 -44.57
N ASN B 253 -36.36 22.52 -44.29
CA ASN B 253 -35.32 22.41 -43.26
C ASN B 253 -35.91 22.36 -41.87
N THR B 254 -35.28 21.58 -40.98
CA THR B 254 -35.62 21.59 -39.56
C THR B 254 -34.87 22.82 -38.97
N TYR B 255 -35.10 23.15 -37.68
CA TYR B 255 -34.41 24.27 -37.04
C TYR B 255 -32.91 24.02 -36.90
N ASN B 256 -32.51 22.76 -36.64
CA ASN B 256 -31.10 22.38 -36.54
C ASN B 256 -30.41 22.53 -37.91
N GLN B 257 -31.14 22.21 -39.01
CA GLN B 257 -30.63 22.34 -40.37
C GLN B 257 -30.41 23.80 -40.72
N PHE B 258 -31.36 24.68 -40.32
CA PHE B 258 -31.27 26.13 -40.53
C PHE B 258 -30.05 26.68 -39.78
N LYS B 259 -29.90 26.30 -38.50
CA LYS B 259 -28.82 26.75 -37.63
C LYS B 259 -27.44 26.41 -38.23
N ASN B 260 -27.33 25.20 -38.82
CA ASN B 260 -26.08 24.67 -39.35
C ASN B 260 -25.89 24.79 -40.87
N ALA B 261 -26.80 25.47 -41.60
CA ALA B 261 -26.74 25.58 -43.08
C ALA B 261 -25.49 26.31 -43.65
N PHE B 262 -24.74 27.02 -42.81
CA PHE B 262 -23.54 27.77 -43.23
C PHE B 262 -22.34 27.38 -42.36
N PRO B 263 -21.73 26.19 -42.61
CA PRO B 263 -20.59 25.75 -41.79
C PRO B 263 -19.35 26.64 -41.99
N PRO B 264 -18.28 26.50 -41.17
CA PRO B 264 -17.11 27.38 -41.33
C PRO B 264 -16.43 27.33 -42.72
N GLU B 265 -16.55 26.19 -43.43
CA GLU B 265 -15.98 26.00 -44.79
C GLU B 265 -16.71 26.84 -45.83
N TYR B 266 -17.98 27.23 -45.57
CA TYR B 266 -18.74 28.10 -46.47
C TYR B 266 -18.03 29.47 -46.49
N ASN B 268 -17.09 33.52 -47.90
CA ASN B 268 -17.64 34.85 -48.21
C ASN B 268 -19.07 35.11 -47.73
N PRO B 270 -22.16 36.86 -46.56
CA PRO B 270 -22.42 38.31 -46.63
C PRO B 270 -22.58 38.98 -45.27
N VAL B 271 -21.94 40.15 -45.11
CA VAL B 271 -21.90 40.93 -43.86
C VAL B 271 -22.11 42.43 -44.12
N GLY B 273 -20.35 44.28 -42.02
CA GLY B 273 -19.07 44.59 -41.38
C GLY B 273 -17.97 45.04 -42.32
N ALA B 274 -16.84 45.55 -41.76
CA ALA B 274 -15.72 46.11 -42.55
C ALA B 274 -14.91 45.09 -43.34
N TRP B 275 -14.92 43.82 -42.92
CA TRP B 275 -14.20 42.72 -43.54
C TRP B 275 -15.09 41.48 -43.66
N VAL B 276 -14.83 40.68 -44.71
CA VAL B 276 -15.59 39.48 -45.05
C VAL B 276 -14.71 38.24 -44.81
N PRO B 277 -15.27 37.16 -44.18
CA PRO B 277 -14.49 35.92 -44.03
C PRO B 277 -14.24 35.22 -45.37
N VAL B 278 -12.98 35.09 -45.75
CA VAL B 278 -12.62 34.53 -47.07
C VAL B 278 -11.86 33.21 -46.97
N SER B 279 -11.33 32.88 -45.78
CA SER B 279 -10.54 31.67 -45.61
C SER B 279 -10.67 31.11 -44.21
N TYR B 280 -10.75 29.79 -44.12
CA TYR B 280 -10.84 29.04 -42.87
C TYR B 280 -10.02 27.77 -42.98
N ARG B 281 -9.15 27.55 -42.00
CA ARG B 281 -8.40 26.32 -41.88
C ARG B 281 -8.60 25.80 -40.46
N PRO B 282 -9.23 24.58 -40.30
CA PRO B 282 -9.52 24.05 -38.95
C PRO B 282 -8.37 24.09 -37.96
N ASP B 283 -8.61 24.59 -36.73
CA ASP B 283 -7.64 24.73 -35.62
C ASP B 283 -6.39 25.59 -35.97
N ASP B 284 -6.51 26.40 -37.01
CA ASP B 284 -5.40 27.23 -37.43
C ASP B 284 -5.74 28.70 -37.56
N LEU B 285 -6.56 29.07 -38.56
CA LEU B 285 -6.77 30.47 -38.89
C LEU B 285 -8.04 30.78 -39.68
N ILE B 286 -8.57 31.98 -39.44
CA ILE B 286 -9.66 32.59 -40.17
C ILE B 286 -9.09 33.90 -40.73
N VAL B 287 -9.24 34.11 -42.04
CA VAL B 287 -8.79 35.34 -42.69
C VAL B 287 -10.00 36.10 -43.20
N LEU B 288 -10.06 37.40 -42.90
CA LEU B 288 -11.08 38.33 -43.40
C LEU B 288 -10.40 39.35 -44.32
N ARG B 289 -11.08 39.74 -45.44
CA ARG B 289 -10.60 40.75 -46.38
C ARG B 289 -11.58 41.89 -46.44
N ARG B 290 -11.10 43.11 -46.67
CA ARG B 290 -11.92 44.33 -46.76
C ARG B 290 -13.20 44.14 -47.61
N ASN B 291 -14.32 44.64 -47.08
CA ASN B 291 -15.63 44.62 -47.72
C ASN B 291 -15.73 45.83 -48.66
N PRO B 292 -15.80 45.61 -50.00
CA PRO B 292 -15.85 46.75 -50.94
C PRO B 292 -17.17 47.52 -50.91
N TYR B 293 -18.20 46.98 -50.19
CA TYR B 293 -19.50 47.65 -50.02
C TYR B 293 -19.64 48.32 -48.67
N TYR B 294 -18.53 48.43 -47.89
CA TYR B 294 -18.59 49.08 -46.56
C TYR B 294 -19.12 50.50 -46.70
N TRP B 295 -20.03 50.86 -45.79
CA TRP B 295 -20.85 52.07 -45.80
C TRP B 295 -20.35 53.20 -44.87
N LYS B 296 -19.10 53.10 -44.41
CA LYS B 296 -18.50 54.09 -43.51
C LYS B 296 -17.27 54.70 -44.20
N VAL B 297 -17.08 56.02 -44.05
CA VAL B 297 -16.00 56.77 -44.68
C VAL B 297 -15.37 57.77 -43.67
N ASP B 298 -14.21 58.35 -44.05
CA ASP B 298 -13.64 59.43 -43.24
C ASP B 298 -14.06 60.78 -43.87
N GLU B 299 -13.74 61.89 -43.19
CA GLU B 299 -14.09 63.24 -43.66
C GLU B 299 -13.41 63.65 -44.97
N LYS B 300 -12.32 62.95 -45.37
CA LYS B 300 -11.64 63.18 -46.65
C LYS B 300 -12.32 62.35 -47.77
N GLY B 301 -13.36 61.58 -47.42
CA GLY B 301 -14.10 60.74 -48.36
C GLY B 301 -13.48 59.38 -48.59
N GLN B 302 -12.44 59.00 -47.81
CA GLN B 302 -11.81 57.67 -47.96
C GLN B 302 -12.73 56.60 -47.36
N GLN B 303 -13.11 55.60 -48.17
CA GLN B 303 -13.96 54.50 -47.71
C GLN B 303 -13.17 53.61 -46.75
N LEU B 304 -13.76 53.36 -45.58
CA LEU B 304 -13.16 52.50 -44.59
C LEU B 304 -13.41 51.01 -44.90
N PRO B 305 -12.69 50.05 -44.28
CA PRO B 305 -11.61 50.21 -43.27
C PRO B 305 -10.28 50.68 -43.89
N TYR B 306 -9.31 51.14 -43.07
CA TYR B 306 -7.97 51.47 -43.57
C TYR B 306 -7.16 50.15 -43.74
N LEU B 307 -7.30 49.24 -42.77
CA LEU B 307 -6.65 47.93 -42.77
C LEU B 307 -7.34 47.06 -43.81
N ASN B 308 -6.54 46.40 -44.67
CA ASN B 308 -7.06 45.57 -45.76
C ASN B 308 -7.47 44.16 -45.35
N GLU B 309 -6.88 43.67 -44.25
CA GLU B 309 -7.04 42.30 -43.83
C GLU B 309 -7.05 42.15 -42.30
N VAL B 310 -7.77 41.12 -41.83
CA VAL B 310 -7.85 40.77 -40.40
C VAL B 310 -7.65 39.26 -40.25
N HIS B 311 -6.80 38.85 -39.26
CA HIS B 311 -6.56 37.42 -38.98
C HIS B 311 -7.11 37.06 -37.61
N TYR B 312 -7.63 35.84 -37.48
CA TYR B 312 -8.06 35.27 -36.22
C TYR B 312 -7.34 33.93 -36.12
N LYS B 313 -6.22 33.92 -35.38
CA LYS B 313 -5.42 32.72 -35.16
C LYS B 313 -6.12 31.90 -34.09
N LEU B 314 -6.40 30.62 -34.40
CA LEU B 314 -7.13 29.72 -33.52
C LEU B 314 -6.15 29.07 -32.55
N SER B 315 -6.10 29.58 -31.30
CA SER B 315 -5.16 29.12 -30.29
C SER B 315 -5.85 29.02 -28.93
N THR B 316 -5.27 29.59 -27.85
CA THR B 316 -5.89 29.63 -26.54
C THR B 316 -6.03 31.10 -26.12
N TRP B 317 -6.89 31.37 -25.12
CA TRP B 317 -7.05 32.72 -24.58
C TRP B 317 -5.75 33.20 -23.87
N ALA B 318 -5.05 32.30 -23.15
CA ALA B 318 -3.77 32.67 -22.48
C ALA B 318 -2.68 32.98 -23.56
N ASP B 319 -2.67 32.25 -24.69
CA ASP B 319 -1.70 32.51 -25.77
C ASP B 319 -1.92 33.90 -26.43
N ARG B 320 -3.16 34.45 -26.36
CA ARG B 320 -3.43 35.79 -26.91
C ARG B 320 -2.53 36.83 -26.21
N ASP B 321 -2.39 36.74 -24.88
CA ASP B 321 -1.52 37.64 -24.09
C ASP B 321 -0.06 37.45 -24.48
N VAL B 322 0.37 36.18 -24.56
CA VAL B 322 1.74 35.80 -24.91
C VAL B 322 2.11 36.38 -26.29
N GLN B 323 1.28 36.13 -27.32
CA GLN B 323 1.52 36.63 -28.68
C GLN B 323 1.50 38.17 -28.78
N ALA B 324 0.59 38.84 -28.04
CA ALA B 324 0.50 40.30 -28.05
C ALA B 324 1.78 40.96 -27.47
N VAL B 325 2.32 40.44 -26.37
CA VAL B 325 3.54 41.02 -25.79
C VAL B 325 4.79 40.63 -26.61
N ALA B 326 4.73 39.49 -27.34
CA ALA B 326 5.84 39.04 -28.19
C ALA B 326 5.87 39.81 -29.52
N GLY B 327 4.72 40.29 -29.99
CA GLY B 327 4.62 41.03 -31.24
C GLY B 327 4.07 40.24 -32.42
N SER B 328 3.72 38.95 -32.20
CA SER B 328 3.15 38.11 -33.28
C SER B 328 1.63 38.26 -33.36
N GLY B 329 1.02 38.68 -32.26
CA GLY B 329 -0.39 39.04 -32.15
C GLY B 329 -0.45 40.55 -31.94
N ASP B 330 -1.51 41.22 -32.42
CA ASP B 330 -1.60 42.71 -32.34
C ASP B 330 -2.49 43.27 -31.25
N PHE B 331 -3.25 42.40 -30.58
CA PHE B 331 -4.24 42.85 -29.61
C PHE B 331 -4.48 41.78 -28.56
N SER B 332 -4.71 42.22 -27.31
CA SER B 332 -5.17 41.36 -26.24
C SER B 332 -5.93 42.11 -25.18
N ASN B 333 -6.88 41.43 -24.54
CA ASN B 333 -7.54 41.89 -23.34
C ASN B 333 -6.86 40.99 -22.27
N LEU B 334 -5.91 41.56 -21.51
CA LEU B 334 -5.22 40.87 -20.42
C LEU B 334 -6.25 40.86 -19.26
N GLU B 335 -6.89 39.72 -19.06
CA GLU B 335 -8.02 39.53 -18.18
C GLU B 335 -7.92 38.33 -17.24
N GLN B 336 -6.79 37.59 -17.31
CA GLN B 336 -6.52 36.44 -16.45
C GLN B 336 -5.36 36.81 -15.53
N PRO B 337 -5.63 37.03 -14.22
CA PRO B 337 -4.57 37.46 -13.28
C PRO B 337 -3.29 36.64 -13.29
N GLU B 338 -3.39 35.34 -13.61
CA GLU B 338 -2.27 34.40 -13.72
C GLU B 338 -1.24 34.84 -14.81
N ASN B 339 -1.64 35.73 -15.73
CA ASN B 339 -0.77 36.21 -16.81
C ASN B 339 -0.32 37.66 -16.59
N PHE B 340 -0.77 38.30 -15.50
CA PHE B 340 -0.44 39.71 -15.23
C PHE B 340 1.07 40.00 -15.11
N VAL B 341 1.78 39.24 -14.23
CA VAL B 341 3.21 39.47 -13.92
C VAL B 341 4.10 39.30 -15.17
N ALA B 342 3.97 38.16 -15.88
CA ALA B 342 4.74 37.88 -17.09
C ALA B 342 4.48 38.91 -18.20
N SER B 343 3.22 39.38 -18.33
CA SER B 343 2.86 40.37 -19.35
C SER B 343 3.44 41.74 -19.00
N LEU B 344 3.37 42.15 -17.71
CA LEU B 344 3.93 43.42 -17.21
C LEU B 344 5.45 43.46 -17.41
N LYS B 345 6.15 42.33 -17.12
CA LYS B 345 7.59 42.20 -17.27
C LYS B 345 8.00 42.40 -18.72
N ARG B 346 7.34 41.74 -19.70
CA ARG B 346 7.65 41.89 -21.13
C ARG B 346 7.24 43.25 -21.70
N ALA B 347 6.26 43.93 -21.09
CA ALA B 347 5.87 45.28 -21.50
C ALA B 347 6.83 46.35 -20.92
N ALA B 348 7.59 46.02 -19.85
CA ALA B 348 8.54 46.92 -19.20
C ALA B 348 9.82 47.16 -20.04
N ASP B 349 10.10 46.27 -21.01
CA ASP B 349 11.24 46.36 -21.92
C ASP B 349 11.04 47.59 -22.85
N PRO B 350 12.03 48.53 -22.95
CA PRO B 350 11.85 49.69 -23.83
C PRO B 350 11.61 49.37 -25.30
N ASN B 351 12.21 48.26 -25.79
CA ASN B 351 12.01 47.77 -27.17
C ASN B 351 10.69 46.99 -27.36
N ALA B 352 9.81 46.90 -26.31
CA ALA B 352 8.54 46.16 -26.38
C ALA B 352 7.71 46.56 -27.58
N PRO B 353 7.22 45.57 -28.35
CA PRO B 353 6.42 45.92 -29.53
C PRO B 353 5.00 46.40 -29.21
N ALA B 354 4.53 46.16 -27.95
CA ALA B 354 3.18 46.51 -27.55
C ALA B 354 3.12 47.39 -26.33
N ARG B 355 2.03 48.14 -26.22
CA ARG B 355 1.69 49.03 -25.12
C ARG B 355 0.64 48.31 -24.27
N LEU B 356 0.73 48.43 -22.94
CA LEU B 356 -0.15 47.78 -21.98
C LEU B 356 -0.71 48.82 -21.01
N ALA B 357 -2.04 48.87 -20.82
CA ALA B 357 -2.65 49.81 -19.88
C ALA B 357 -3.86 49.25 -19.13
N PHE B 358 -3.77 49.22 -17.79
CA PHE B 358 -4.86 48.77 -16.91
C PHE B 358 -5.95 49.84 -16.80
N GLY B 359 -7.20 49.40 -16.59
CA GLY B 359 -8.35 50.29 -16.41
C GLY B 359 -8.97 50.10 -15.05
N PRO B 360 -10.24 50.52 -14.83
CA PRO B 360 -10.88 50.29 -13.53
C PRO B 360 -11.25 48.82 -13.29
N ARG B 361 -11.65 48.45 -12.06
CA ARG B 361 -12.01 47.07 -11.70
C ARG B 361 -13.37 46.67 -12.27
N LEU B 362 -13.39 46.22 -13.52
CA LEU B 362 -14.63 45.87 -14.22
C LEU B 362 -14.76 44.38 -14.58
N ILE B 363 -13.78 43.56 -14.21
CA ILE B 363 -13.83 42.12 -14.46
C ILE B 363 -14.23 41.47 -13.15
N GLY B 364 -15.44 40.92 -13.12
CA GLY B 364 -15.98 40.27 -11.94
C GLY B 364 -16.40 38.85 -12.21
N TYR B 365 -16.31 38.00 -11.18
CA TYR B 365 -16.74 36.61 -11.27
C TYR B 365 -17.79 36.30 -10.21
N ASN B 366 -18.83 35.58 -10.63
CA ASN B 366 -19.90 35.17 -9.73
C ASN B 366 -20.16 33.68 -9.79
N LEU B 367 -20.61 33.16 -8.65
CA LEU B 367 -21.15 31.84 -8.51
C LEU B 367 -22.65 32.08 -8.75
N GLN B 368 -23.22 31.41 -9.77
CA GLN B 368 -24.64 31.51 -10.12
C GLN B 368 -25.34 30.19 -9.82
N ASN B 370 -28.90 27.90 -10.04
CA ASN B 370 -30.15 27.72 -10.79
C ASN B 370 -31.34 27.84 -9.81
N PHE B 371 -32.15 28.91 -9.98
CA PHE B 371 -33.30 29.21 -9.12
C PHE B 371 -34.64 28.61 -9.59
N SER B 372 -34.66 27.90 -10.73
CA SER B 372 -35.91 27.32 -11.23
C SER B 372 -36.28 26.01 -10.56
N ALA B 373 -37.39 26.00 -9.82
CA ALA B 373 -37.90 24.78 -9.18
C ALA B 373 -39.11 24.27 -9.99
N ASN B 374 -39.33 24.85 -11.19
CA ASN B 374 -40.45 24.48 -12.04
C ASN B 374 -40.05 23.83 -13.41
N GLY B 375 -38.91 23.14 -13.45
CA GLY B 375 -38.53 22.35 -14.61
C GLY B 375 -37.55 22.86 -15.66
N TRP B 376 -36.90 24.04 -15.46
CA TRP B 376 -35.89 24.51 -16.43
C TRP B 376 -34.70 23.55 -16.42
N GLY B 377 -34.40 22.97 -17.58
CA GLY B 377 -33.34 22.00 -17.77
C GLY B 377 -33.77 20.58 -17.46
N ASN B 378 -35.07 20.37 -17.17
CA ASN B 378 -35.72 19.10 -16.84
C ASN B 378 -34.89 18.30 -15.79
N PRO B 379 -34.65 18.84 -14.57
CA PRO B 379 -33.79 18.11 -13.63
C PRO B 379 -34.41 16.83 -13.09
N ASP B 380 -33.56 15.86 -12.68
CA ASP B 380 -33.98 14.62 -12.05
C ASP B 380 -34.29 14.93 -10.55
N GLU B 381 -34.62 13.92 -9.73
CA GLU B 381 -34.92 14.11 -8.31
C GLU B 381 -33.76 14.81 -7.55
N ARG B 382 -32.50 14.42 -7.85
CA ARG B 382 -31.31 15.02 -7.26
C ARG B 382 -31.19 16.54 -7.62
N GLY B 383 -31.32 16.86 -8.90
CA GLY B 383 -31.26 18.24 -9.42
C GLY B 383 -32.33 19.12 -8.81
N GLN B 384 -33.57 18.61 -8.72
CA GLN B 384 -34.72 19.30 -8.13
C GLN B 384 -34.48 19.66 -6.65
N ALA B 385 -33.87 18.73 -5.87
CA ALA B 385 -33.54 18.95 -4.46
C ALA B 385 -32.48 20.06 -4.29
N ILE B 386 -31.57 20.22 -5.27
CA ILE B 386 -30.56 21.28 -5.27
C ILE B 386 -31.23 22.66 -5.55
N ARG B 387 -32.19 22.72 -6.50
CA ARG B 387 -32.95 23.95 -6.81
C ARG B 387 -33.71 24.42 -5.57
N GLU B 388 -34.26 23.47 -4.79
CA GLU B 388 -34.96 23.83 -3.55
C GLU B 388 -34.00 24.39 -2.50
N LEU B 389 -32.75 23.84 -2.41
CA LEU B 389 -31.71 24.39 -1.51
C LEU B 389 -31.25 25.78 -1.99
N ASN B 390 -31.05 25.95 -3.32
CA ASN B 390 -30.62 27.23 -3.91
C ASN B 390 -31.61 28.36 -3.59
N ARG B 391 -32.92 28.04 -3.58
CA ARG B 391 -34.02 28.97 -3.28
C ARG B 391 -34.18 29.29 -1.79
N ASN B 392 -33.50 28.51 -0.91
CA ASN B 392 -33.52 28.72 0.53
C ASN B 392 -32.45 29.80 0.87
N GLU B 393 -32.90 30.98 1.37
CA GLU B 393 -32.01 32.12 1.68
C GLU B 393 -30.97 31.79 2.76
N VAL B 394 -31.30 30.92 3.74
CA VAL B 394 -30.36 30.48 4.79
C VAL B 394 -29.19 29.68 4.16
N PHE B 395 -29.50 28.85 3.16
CA PHE B 395 -28.50 28.06 2.41
C PHE B 395 -27.56 29.03 1.67
N ARG B 396 -28.12 30.07 0.99
CA ARG B 396 -27.33 31.08 0.25
C ARG B 396 -26.43 31.87 1.18
N GLN B 397 -26.96 32.28 2.36
CA GLN B 397 -26.21 33.02 3.38
C GLN B 397 -25.05 32.19 3.91
N ALA B 398 -25.27 30.88 4.10
CA ALA B 398 -24.22 29.95 4.53
C ALA B 398 -23.10 29.84 3.47
N VAL B 399 -23.47 29.65 2.18
CA VAL B 399 -22.52 29.50 1.08
C VAL B 399 -21.61 30.75 0.98
N THR B 400 -22.21 31.95 0.94
CA THR B 400 -21.45 33.19 0.81
C THR B 400 -20.55 33.47 2.06
N SER B 401 -21.02 33.16 3.27
CA SER B 401 -20.27 33.38 4.52
C SER B 401 -19.11 32.39 4.68
N ALA B 402 -19.18 31.23 3.98
CA ALA B 402 -18.15 30.19 3.99
C ALA B 402 -17.01 30.54 3.05
N LEU B 403 -17.15 31.64 2.27
CA LEU B 403 -16.10 32.06 1.34
C LEU B 403 -15.12 33.04 1.99
N ASP B 404 -13.83 32.69 1.91
CA ASP B 404 -12.74 33.53 2.40
C ASP B 404 -12.29 34.28 1.14
N ARG B 405 -12.92 35.45 0.90
CA ARG B 405 -12.72 36.28 -0.29
C ARG B 405 -11.30 36.85 -0.40
N LYS B 406 -10.64 37.11 0.74
CA LYS B 406 -9.24 37.58 0.76
C LYS B 406 -8.35 36.46 0.18
N ALA B 407 -8.59 35.19 0.59
CA ALA B 407 -7.85 34.03 0.10
C ALA B 407 -8.13 33.79 -1.41
N ILE B 408 -9.37 34.07 -1.87
CA ILE B 408 -9.74 33.95 -3.29
C ILE B 408 -8.88 34.94 -4.11
N GLY B 409 -8.82 36.19 -3.64
CA GLY B 409 -8.01 37.23 -4.29
C GLY B 409 -6.54 36.85 -4.38
N ASP B 410 -5.97 36.37 -3.24
CA ASP B 410 -4.57 35.93 -3.12
C ASP B 410 -4.23 34.75 -4.03
N SER B 411 -5.21 33.86 -4.28
CA SER B 411 -5.03 32.68 -5.13
C SER B 411 -4.86 33.05 -6.62
N LEU B 412 -5.33 34.25 -7.01
CA LEU B 412 -5.23 34.71 -8.40
C LEU B 412 -3.96 35.50 -8.67
N VAL B 413 -3.70 36.56 -7.87
CA VAL B 413 -2.54 37.43 -8.01
C VAL B 413 -2.35 38.28 -6.74
N LYS B 414 -1.09 38.54 -6.37
CA LYS B 414 -0.76 39.41 -5.25
C LYS B 414 -0.78 40.87 -5.74
N GLY B 415 -0.73 41.81 -4.82
CA GLY B 415 -0.71 43.21 -5.21
C GLY B 415 -2.04 43.93 -5.09
N PRO B 416 -2.16 45.12 -5.71
CA PRO B 416 -3.40 45.91 -5.57
C PRO B 416 -4.54 45.59 -6.56
N PHE B 417 -4.42 44.51 -7.34
CA PHE B 417 -5.43 44.14 -8.35
C PHE B 417 -6.82 43.75 -7.79
N THR B 418 -6.91 42.67 -7.00
CA THR B 418 -8.18 42.15 -6.49
C THR B 418 -8.83 43.03 -5.42
N ALA B 419 -10.17 42.98 -5.39
CA ALA B 419 -11.01 43.69 -4.43
C ALA B 419 -12.04 42.70 -3.91
N ILE B 420 -12.48 42.90 -2.63
CA ILE B 420 -13.50 42.09 -2.01
C ILE B 420 -14.79 42.30 -2.80
N TYR B 421 -15.35 41.23 -3.34
CA TYR B 421 -16.54 41.34 -4.19
C TYR B 421 -17.69 40.45 -3.69
N PRO B 422 -18.69 41.06 -3.02
CA PRO B 422 -19.82 40.26 -2.51
C PRO B 422 -20.78 39.79 -3.60
N GLY B 423 -20.76 40.51 -4.72
CA GLY B 423 -21.64 40.29 -5.86
C GLY B 423 -22.29 41.61 -6.26
N GLY B 424 -23.13 41.56 -7.28
CA GLY B 424 -23.84 42.74 -7.77
C GLY B 424 -23.05 43.60 -8.72
N ILE B 425 -23.43 44.89 -8.82
CA ILE B 425 -22.77 45.88 -9.69
C ILE B 425 -21.28 45.98 -9.31
N SER B 426 -20.42 46.01 -10.34
CA SER B 426 -18.98 46.14 -10.21
C SER B 426 -18.63 47.48 -9.52
N SER B 427 -17.60 47.47 -8.62
CA SER B 427 -17.13 48.67 -7.93
C SER B 427 -16.47 49.70 -8.88
N GLY B 428 -16.07 49.26 -10.08
CA GLY B 428 -15.46 50.15 -11.07
C GLY B 428 -16.40 50.98 -11.92
N THR B 429 -17.74 50.83 -11.74
CA THR B 429 -18.71 51.60 -12.56
C THR B 429 -19.42 52.66 -11.69
N SER B 430 -19.86 53.77 -12.31
CA SER B 430 -20.43 54.92 -11.60
C SER B 430 -21.75 54.63 -10.85
N PHE B 431 -22.57 53.67 -11.29
CA PHE B 431 -23.83 53.36 -10.57
C PHE B 431 -23.63 52.59 -9.26
N TYR B 432 -22.39 52.11 -9.02
CA TYR B 432 -22.03 51.39 -7.82
C TYR B 432 -22.09 52.29 -6.60
N ASP B 433 -22.60 51.75 -5.49
CA ASP B 433 -22.66 52.44 -4.21
C ASP B 433 -22.21 51.45 -3.14
N ARG B 434 -21.04 51.70 -2.54
CA ARG B 434 -20.44 50.87 -1.49
C ARG B 434 -21.38 50.71 -0.28
N ALA B 435 -22.03 51.82 0.15
CA ALA B 435 -22.97 51.84 1.27
C ALA B 435 -24.21 50.95 1.05
N SER B 436 -24.59 50.70 -0.23
CA SER B 436 -25.71 49.84 -0.61
C SER B 436 -25.28 48.37 -0.85
N THR B 437 -23.99 48.07 -0.68
CA THR B 437 -23.46 46.72 -0.96
C THR B 437 -23.36 45.91 0.31
N VAL B 438 -24.14 44.81 0.37
CA VAL B 438 -24.16 43.94 1.53
C VAL B 438 -23.00 42.93 1.45
N TYR B 439 -22.07 43.03 2.40
CA TYR B 439 -20.93 42.15 2.54
C TYR B 439 -21.16 41.17 3.71
N TYR B 440 -21.09 39.86 3.41
CA TYR B 440 -21.17 38.78 4.40
C TYR B 440 -19.71 38.38 4.63
N PRO B 441 -19.09 38.80 5.76
CA PRO B 441 -17.66 38.42 5.98
C PRO B 441 -17.47 36.91 6.17
N PHE B 442 -16.21 36.46 6.12
CA PHE B 442 -15.86 35.06 6.29
C PHE B 442 -16.20 34.59 7.72
N ASN B 443 -17.20 33.69 7.81
CA ASN B 443 -17.69 33.12 9.06
C ASN B 443 -18.07 31.66 8.78
N LEU B 444 -17.04 30.78 8.73
CA LEU B 444 -17.20 29.36 8.46
C LEU B 444 -18.05 28.65 9.51
N GLU B 445 -17.85 29.02 10.79
CA GLU B 445 -18.59 28.42 11.89
C GLU B 445 -20.07 28.79 11.86
N GLY B 446 -20.36 30.05 11.57
CA GLY B 446 -21.73 30.53 11.41
C GLY B 446 -22.43 29.87 10.22
N ALA B 447 -21.66 29.64 9.12
CA ALA B 447 -22.12 28.97 7.91
C ALA B 447 -22.50 27.51 8.21
N LYS B 448 -21.67 26.80 9.01
CA LYS B 448 -21.92 25.41 9.43
C LYS B 448 -23.20 25.32 10.28
N ALA B 449 -23.41 26.28 11.21
CA ALA B 449 -24.61 26.32 12.06
C ALA B 449 -25.88 26.62 11.25
N ALA B 450 -25.73 27.49 10.21
CA ALA B 450 -26.84 27.87 9.33
C ALA B 450 -27.34 26.65 8.55
N LEU B 451 -26.43 25.81 8.04
CA LEU B 451 -26.81 24.57 7.32
C LEU B 451 -27.43 23.53 8.26
N ALA B 452 -26.92 23.43 9.50
CA ALA B 452 -27.47 22.51 10.50
C ALA B 452 -28.92 22.93 10.81
N SER B 453 -29.19 24.26 10.85
CA SER B 453 -30.52 24.82 11.13
C SER B 453 -31.57 24.50 10.03
N ILE B 454 -31.13 24.14 8.81
CA ILE B 454 -32.09 23.80 7.76
C ILE B 454 -32.14 22.27 7.56
N GLY B 455 -31.62 21.54 8.55
CA GLY B 455 -31.65 20.08 8.60
C GLY B 455 -30.57 19.33 7.83
N LEU B 456 -29.47 20.02 7.47
CA LEU B 456 -28.36 19.38 6.76
C LEU B 456 -27.25 19.03 7.75
N LYS B 457 -26.98 17.72 7.88
CA LYS B 457 -25.96 17.19 8.78
C LYS B 457 -25.35 15.89 8.27
N ASP B 458 -24.09 15.65 8.60
CA ASP B 458 -23.38 14.44 8.21
C ASP B 458 -23.87 13.29 9.08
N THR B 459 -24.59 12.33 8.46
CA THR B 459 -25.19 11.17 9.15
C THR B 459 -24.45 9.85 8.88
N ASP B 460 -23.34 9.89 8.10
CA ASP B 460 -22.56 8.67 7.78
C ASP B 460 -21.04 8.84 8.06
N GLY B 461 -20.67 9.89 8.78
CA GLY B 461 -19.30 10.22 9.17
C GLY B 461 -18.26 10.47 8.08
N ASP B 462 -18.68 10.75 6.84
CA ASP B 462 -17.70 10.98 5.77
C ASP B 462 -17.29 12.48 5.61
N GLY B 463 -17.73 13.33 6.53
CA GLY B 463 -17.40 14.76 6.49
C GLY B 463 -18.27 15.61 5.57
N PHE B 464 -19.15 14.96 4.79
CA PHE B 464 -20.07 15.64 3.88
C PHE B 464 -21.50 15.60 4.40
N LEU B 465 -22.19 16.74 4.29
CA LEU B 465 -23.56 16.87 4.77
C LEU B 465 -24.54 16.07 3.94
N ASN B 466 -25.46 15.41 4.66
CA ASN B 466 -26.53 14.60 4.11
C ASN B 466 -27.84 15.37 4.15
N PHE B 467 -28.74 15.04 3.21
CA PHE B 467 -30.08 15.57 3.22
C PHE B 467 -30.81 14.92 4.41
N PRO B 468 -31.89 15.51 4.98
CA PRO B 468 -32.63 14.79 6.04
C PRO B 468 -33.26 13.52 5.44
N LYS B 469 -33.64 12.55 6.30
CA LYS B 469 -34.22 11.26 5.90
C LYS B 469 -35.35 11.34 4.87
N GLU B 470 -36.12 12.45 4.89
CA GLU B 470 -37.26 12.71 4.01
C GLU B 470 -36.83 12.84 2.55
N THR B 471 -35.81 13.70 2.28
CA THR B 471 -35.28 14.02 0.96
C THR B 471 -34.19 13.04 0.48
N LEU B 472 -34.38 12.47 -0.72
CA LEU B 472 -33.48 11.55 -1.44
C LEU B 472 -32.85 10.43 -0.56
N GLY B 473 -33.65 9.86 0.33
CA GLY B 473 -33.24 8.79 1.22
C GLY B 473 -32.11 9.11 2.18
N GLY B 474 -31.94 10.39 2.49
CA GLY B 474 -30.91 10.88 3.41
C GLY B 474 -29.49 10.81 2.90
N ARG B 475 -29.30 10.71 1.56
CA ARG B 475 -27.97 10.64 0.96
C ARG B 475 -27.21 11.97 1.06
N ASN B 476 -25.91 11.94 0.75
CA ASN B 476 -25.09 13.14 0.72
C ASN B 476 -25.60 14.15 -0.29
N VAL B 477 -25.56 15.44 0.09
CA VAL B 477 -25.87 16.53 -0.81
C VAL B 477 -24.74 16.51 -1.87
N GLU B 478 -25.11 16.51 -3.16
CA GLU B 478 -24.13 16.50 -4.24
C GLU B 478 -24.51 17.58 -5.24
N ILE B 479 -23.63 18.57 -5.42
CA ILE B 479 -23.85 19.73 -6.28
C ILE B 479 -22.88 19.74 -7.46
N THR B 480 -23.40 19.94 -8.69
CA THR B 480 -22.58 20.03 -9.88
C THR B 480 -22.23 21.51 -10.15
N LEU B 481 -21.00 21.76 -10.62
CA LEU B 481 -20.51 23.12 -10.89
C LEU B 481 -20.04 23.22 -12.34
N LEU B 482 -20.82 23.95 -13.16
CA LEU B 482 -20.53 24.14 -14.58
C LEU B 482 -19.44 25.19 -14.78
N VAL B 483 -18.34 24.80 -15.46
CA VAL B 483 -17.16 25.65 -15.66
C VAL B 483 -16.78 25.76 -17.14
N ASN B 484 -16.33 26.97 -17.55
CA ASN B 484 -15.82 27.24 -18.89
C ASN B 484 -14.37 26.73 -18.92
N ASN B 485 -14.12 25.69 -19.71
CA ASN B 485 -12.84 25.03 -19.86
C ASN B 485 -11.72 25.86 -20.55
N GLY B 486 -12.09 26.96 -21.23
CA GLY B 486 -11.11 27.76 -21.96
C GLY B 486 -10.24 28.73 -21.19
N TYR B 487 -10.49 28.90 -19.87
CA TYR B 487 -9.76 29.88 -19.07
C TYR B 487 -9.15 29.32 -17.80
N ALA B 488 -7.89 29.69 -17.52
CA ALA B 488 -7.17 29.31 -16.30
C ALA B 488 -7.85 29.94 -15.06
N THR B 489 -8.33 31.21 -15.17
CA THR B 489 -9.01 31.90 -14.08
C THR B 489 -10.27 31.17 -13.64
N ASP B 490 -11.17 30.83 -14.57
CA ASP B 490 -12.41 30.11 -14.29
C ASP B 490 -12.13 28.81 -13.57
N LYS B 491 -11.15 28.06 -14.09
CA LYS B 491 -10.76 26.77 -13.54
C LYS B 491 -10.16 26.91 -12.13
N SER B 492 -9.31 27.93 -11.91
CA SER B 492 -8.71 28.19 -10.59
C SER B 492 -9.80 28.60 -9.55
N LEU B 493 -10.76 29.45 -9.98
CA LEU B 493 -11.87 29.86 -9.10
C LEU B 493 -12.79 28.68 -8.75
N ALA B 494 -13.06 27.79 -9.72
CA ALA B 494 -13.89 26.59 -9.54
C ALA B 494 -13.25 25.65 -8.55
N GLU B 495 -11.93 25.42 -8.68
CA GLU B 495 -11.16 24.56 -7.79
C GLU B 495 -11.13 25.13 -6.38
N GLY B 496 -10.96 26.46 -6.28
CA GLY B 496 -10.95 27.17 -5.01
C GLY B 496 -12.28 27.06 -4.30
N LEU B 497 -13.38 27.20 -5.06
CA LEU B 497 -14.77 27.07 -4.57
C LEU B 497 -15.04 25.65 -4.06
N VAL B 498 -14.59 24.59 -4.79
CA VAL B 498 -14.75 23.19 -4.37
C VAL B 498 -14.08 22.94 -3.00
N GLY B 499 -12.86 23.47 -2.81
CA GLY B 499 -12.10 23.34 -1.57
C GLY B 499 -12.78 24.02 -0.41
N GLN B 500 -13.27 25.26 -0.60
CA GLN B 500 -13.98 26.02 0.43
C GLN B 500 -15.29 25.35 0.84
N ALA B 502 -15.96 22.10 0.59
CA ALA B 502 -15.57 20.87 1.28
C ALA B 502 -15.40 21.13 2.79
N LYS B 503 -14.80 22.29 3.15
CA LYS B 503 -14.61 22.73 4.55
C LYS B 503 -15.97 23.01 5.22
N LEU B 504 -16.93 23.52 4.45
CA LEU B 504 -18.31 23.77 4.91
C LEU B 504 -19.09 22.43 5.03
N GLY B 505 -18.64 21.40 4.30
CA GLY B 505 -19.27 20.08 4.29
C GLY B 505 -20.14 19.80 3.07
N LEU B 506 -20.08 20.67 2.05
CA LEU B 506 -20.87 20.46 0.83
C LEU B 506 -20.00 19.86 -0.27
N ARG B 507 -20.45 18.73 -0.86
CA ARG B 507 -19.71 18.10 -1.95
C ARG B 507 -20.05 18.73 -3.29
N VAL B 508 -19.05 19.39 -3.90
CA VAL B 508 -19.20 20.07 -5.20
C VAL B 508 -18.35 19.35 -6.26
N VAL B 509 -18.96 19.03 -7.40
CA VAL B 509 -18.30 18.32 -8.50
C VAL B 509 -18.23 19.20 -9.74
N ILE B 510 -17.02 19.43 -10.27
CA ILE B 510 -16.78 20.24 -11.47
C ILE B 510 -17.21 19.50 -12.75
N HIS B 511 -17.98 20.20 -13.60
CA HIS B 511 -18.42 19.78 -14.93
C HIS B 511 -17.79 20.85 -15.87
N SER B 512 -16.57 20.55 -16.37
CA SER B 512 -15.80 21.47 -17.21
C SER B 512 -16.09 21.24 -18.69
N LEU B 513 -16.64 22.26 -19.36
CA LEU B 513 -17.02 22.15 -20.77
C LEU B 513 -16.44 23.24 -21.63
N ASP B 514 -16.26 22.93 -22.94
CA ASP B 514 -15.79 23.92 -23.92
C ASP B 514 -16.92 24.93 -24.13
N SER B 515 -16.57 26.15 -24.57
CA SER B 515 -17.46 27.29 -24.75
C SER B 515 -18.84 26.95 -25.31
N ASN B 516 -18.87 26.26 -26.47
CA ASN B 516 -20.14 25.92 -27.15
C ASN B 516 -21.03 25.01 -26.28
N GLN B 517 -20.46 23.93 -25.71
CA GLN B 517 -21.20 23.02 -24.84
C GLN B 517 -21.59 23.67 -23.51
N ARG B 518 -20.72 24.56 -22.98
CA ARG B 518 -20.95 25.30 -21.73
C ARG B 518 -22.17 26.22 -21.91
N ASP B 519 -22.23 26.98 -23.04
CA ASP B 519 -23.34 27.88 -23.33
C ASP B 519 -24.66 27.12 -23.47
N ALA B 520 -24.65 25.95 -24.15
CA ALA B 520 -25.86 25.12 -24.34
C ALA B 520 -26.38 24.58 -23.01
N ALA B 521 -25.49 24.09 -22.12
CA ALA B 521 -25.87 23.57 -20.79
C ALA B 521 -26.44 24.71 -19.91
N HIS B 522 -25.80 25.90 -19.93
CA HIS B 522 -26.24 27.08 -19.17
C HIS B 522 -27.61 27.56 -19.63
N TYR B 523 -27.73 27.94 -20.91
CA TYR B 523 -28.98 28.48 -21.46
C TYR B 523 -30.13 27.44 -21.48
N GLY B 524 -29.77 26.15 -21.53
CA GLY B 524 -30.73 25.05 -21.45
C GLY B 524 -31.12 24.72 -20.02
N GLY B 525 -30.49 25.37 -19.03
CA GLY B 525 -30.79 25.16 -17.61
C GLY B 525 -30.31 23.85 -17.03
N GLN B 526 -29.36 23.21 -17.71
CA GLN B 526 -28.79 21.92 -17.31
C GLN B 526 -27.58 22.13 -16.39
N PHE B 527 -27.84 22.75 -15.22
CA PHE B 527 -26.82 23.04 -14.23
C PHE B 527 -27.44 23.24 -12.85
N ASP B 528 -26.68 22.98 -11.77
CA ASP B 528 -27.10 23.27 -10.40
C ASP B 528 -26.51 24.67 -10.08
N TRP B 529 -25.17 24.76 -10.15
CA TRP B 529 -24.34 25.94 -9.94
C TRP B 529 -23.41 26.12 -11.15
N LEU B 530 -22.95 27.36 -11.38
CA LEU B 530 -21.96 27.66 -12.41
C LEU B 530 -21.06 28.82 -11.98
N VAL B 531 -19.83 28.84 -12.50
CA VAL B 531 -18.87 29.92 -12.28
C VAL B 531 -18.90 30.69 -13.60
N ARG B 532 -19.03 32.01 -13.54
CA ARG B 532 -19.11 32.81 -14.75
C ARG B 532 -18.54 34.22 -14.55
N ARG B 533 -17.81 34.68 -15.57
CA ARG B 533 -17.32 36.06 -15.65
C ARG B 533 -18.54 36.91 -15.99
N ASN B 534 -18.67 38.07 -15.34
CA ASN B 534 -19.81 38.98 -15.55
C ASN B 534 -19.89 39.53 -16.94
N SER B 535 -21.12 39.73 -17.45
CA SER B 535 -21.37 40.35 -18.74
C SER B 535 -21.61 41.86 -18.50
N THR B 536 -21.92 42.65 -19.54
CA THR B 536 -22.02 44.11 -19.53
C THR B 536 -22.96 44.73 -18.48
N GLU B 537 -24.12 44.10 -18.16
CA GLU B 537 -25.06 44.71 -17.20
C GLU B 537 -24.43 44.95 -15.81
N LEU B 538 -23.47 44.11 -15.38
CA LEU B 538 -22.84 44.31 -14.08
C LEU B 538 -21.63 45.25 -14.16
N SER B 539 -21.00 45.32 -15.34
CA SER B 539 -19.85 46.19 -15.59
C SER B 539 -20.26 47.61 -16.02
N SER B 540 -21.52 47.82 -16.45
CA SER B 540 -21.95 49.14 -16.93
C SER B 540 -23.38 49.56 -16.55
N VAL B 541 -24.25 48.59 -16.19
CA VAL B 541 -25.67 48.80 -15.85
C VAL B 541 -26.52 49.10 -17.10
N VAL B 542 -26.14 50.14 -17.87
CA VAL B 542 -26.90 50.68 -18.99
C VAL B 542 -26.94 49.76 -20.24
N GLN B 543 -25.96 48.85 -20.42
CA GLN B 543 -25.91 47.93 -21.57
C GLN B 543 -26.54 46.58 -21.19
N ASN B 544 -27.67 46.23 -21.85
CA ASN B 544 -28.46 44.99 -21.60
C ASN B 544 -28.96 44.96 -20.15
N THR B 545 -29.63 46.07 -19.78
CA THR B 545 -30.20 46.32 -18.47
C THR B 545 -31.19 45.21 -18.06
N GLU B 546 -31.85 44.59 -19.06
CA GLU B 546 -32.81 43.49 -18.87
C GLU B 546 -32.18 42.25 -18.19
N GLN B 547 -30.86 42.09 -18.32
CA GLN B 547 -30.10 40.98 -17.74
C GLN B 547 -29.83 41.14 -16.23
N LEU B 548 -30.22 42.29 -15.64
CA LEU B 548 -30.07 42.56 -14.21
C LEU B 548 -31.09 41.79 -13.38
N ALA B 549 -32.23 41.42 -13.97
CA ALA B 549 -33.30 40.74 -13.24
C ALA B 549 -34.16 39.86 -14.17
N PRO B 550 -34.96 38.92 -13.62
CA PRO B 550 -35.88 38.16 -14.48
C PRO B 550 -37.10 39.02 -14.88
N VAL B 551 -36.88 40.08 -15.69
CA VAL B 551 -37.95 40.99 -16.17
C VAL B 551 -38.83 40.26 -17.19
N GLY B 552 -38.23 39.31 -17.89
CA GLY B 552 -38.88 38.44 -18.84
C GLY B 552 -38.62 36.99 -18.46
N PRO B 553 -39.32 36.02 -19.10
CA PRO B 553 -39.09 34.60 -18.74
C PRO B 553 -37.70 34.04 -19.05
N ARG B 554 -36.89 34.73 -19.90
CA ARG B 554 -35.56 34.28 -20.27
C ARG B 554 -34.46 35.36 -20.19
N THR B 555 -34.75 36.51 -19.52
CA THR B 555 -33.76 37.60 -19.42
C THR B 555 -32.68 37.36 -18.34
N SER B 556 -33.00 36.58 -17.29
CA SER B 556 -32.08 36.26 -16.18
C SER B 556 -31.09 35.17 -16.58
N TRP B 557 -29.82 35.28 -16.14
CA TRP B 557 -28.81 34.26 -16.40
C TRP B 557 -29.05 32.99 -15.57
N ASN B 558 -29.65 33.09 -14.38
CA ASN B 558 -29.79 31.91 -13.53
C ASN B 558 -31.25 31.55 -13.14
N HIS B 559 -32.24 32.25 -13.70
CA HIS B 559 -33.65 31.96 -13.43
C HIS B 559 -34.51 32.17 -14.68
N ARG B 560 -34.63 31.12 -15.47
CA ARG B 560 -35.44 31.13 -16.68
C ARG B 560 -36.54 30.09 -16.56
N SER B 561 -37.54 30.15 -17.46
CA SER B 561 -38.60 29.15 -17.47
C SER B 561 -38.46 28.24 -18.68
N PRO B 562 -38.87 26.95 -18.57
CA PRO B 562 -38.87 26.09 -19.78
C PRO B 562 -39.98 26.56 -20.73
N GLU B 563 -39.94 26.14 -22.01
CA GLU B 563 -40.96 26.50 -23.00
C GLU B 563 -42.38 26.18 -22.54
N GLY B 564 -43.27 27.14 -22.79
CA GLY B 564 -44.68 27.05 -22.42
C GLY B 564 -44.99 27.17 -20.94
N LYS B 565 -43.96 27.45 -20.13
CA LYS B 565 -44.14 27.63 -18.69
C LYS B 565 -43.77 29.04 -18.26
N GLU B 566 -44.29 29.46 -17.08
CA GLU B 566 -44.03 30.78 -16.49
C GLU B 566 -42.96 30.69 -15.39
N LEU B 567 -42.46 31.85 -14.94
CA LEU B 567 -41.43 31.94 -13.89
C LEU B 567 -41.99 31.70 -12.48
N ASP B 568 -41.21 31.00 -11.63
CA ASP B 568 -41.52 30.79 -10.21
C ASP B 568 -40.69 31.80 -9.37
N LEU B 569 -40.98 33.10 -9.58
CA LEU B 569 -40.28 34.23 -8.94
C LEU B 569 -40.43 34.33 -7.45
N PRO B 571 -40.16 36.66 -4.01
CA PRO B 571 -40.50 38.09 -3.82
C PRO B 571 -39.36 39.07 -4.11
N PHE B 572 -38.13 38.82 -3.61
CA PHE B 572 -36.98 39.73 -3.87
C PHE B 572 -36.68 39.90 -5.39
N GLU B 573 -36.90 38.81 -6.18
CA GLU B 573 -36.66 38.82 -7.64
C GLU B 573 -37.68 39.71 -8.36
N LYS B 574 -38.94 39.71 -7.88
CA LYS B 574 -40.02 40.55 -8.36
C LYS B 574 -39.68 42.02 -8.05
N GLU B 575 -39.16 42.30 -6.83
CA GLU B 575 -38.74 43.66 -6.42
C GLU B 575 -37.61 44.17 -7.33
N ALA B 577 -37.07 43.11 -10.52
CA ALA B 577 -37.66 43.30 -11.85
C ALA B 577 -38.43 44.63 -11.93
N ASP B 578 -39.12 45.02 -10.81
CA ASP B 578 -39.84 46.29 -10.72
C ASP B 578 -38.88 47.47 -10.79
N ILE B 579 -37.76 47.42 -10.01
CA ILE B 579 -36.70 48.45 -10.01
C ILE B 579 -36.10 48.60 -11.44
N VAL B 580 -35.78 47.48 -12.10
CA VAL B 580 -35.19 47.47 -13.44
C VAL B 580 -36.15 48.08 -14.47
N ARG B 581 -37.46 47.71 -14.44
CA ARG B 581 -38.45 48.28 -15.37
C ARG B 581 -38.62 49.80 -15.16
N LYS B 582 -38.58 50.26 -13.90
CA LYS B 582 -38.69 51.68 -13.57
C LYS B 582 -37.44 52.44 -14.09
N PHE B 583 -36.24 51.86 -13.89
CA PHE B 583 -34.98 52.41 -14.39
C PHE B 583 -35.00 52.58 -15.93
N ILE B 584 -35.48 51.55 -16.65
CA ILE B 584 -35.55 51.52 -18.13
C ILE B 584 -36.35 52.71 -18.72
N SER B 585 -37.44 53.11 -18.03
CA SER B 585 -38.33 54.18 -18.45
C SER B 585 -38.06 55.54 -17.76
N SER B 586 -36.97 55.65 -16.99
CA SER B 586 -36.66 56.92 -16.31
C SER B 586 -35.58 57.69 -17.06
N GLN B 587 -35.75 59.01 -17.16
CA GLN B 587 -34.76 59.91 -17.75
C GLN B 587 -34.28 60.93 -16.69
N ASP B 588 -34.58 60.66 -15.40
CA ASP B 588 -34.19 61.48 -14.25
C ASP B 588 -32.93 60.84 -13.66
N ASN B 589 -31.79 61.56 -13.73
CA ASN B 589 -30.47 61.11 -13.25
C ASN B 589 -30.46 60.72 -11.77
N ALA B 590 -31.01 61.57 -10.90
CA ALA B 590 -31.09 61.35 -9.45
C ALA B 590 -31.93 60.11 -9.13
N GLU B 591 -33.10 59.95 -9.78
CA GLU B 591 -33.97 58.79 -9.62
C GLU B 591 -33.25 57.48 -10.05
N ARG B 592 -32.53 57.52 -11.20
CA ARG B 592 -31.79 56.36 -11.71
C ARG B 592 -30.68 55.91 -10.75
N ALA B 593 -29.93 56.88 -10.18
CA ALA B 593 -28.88 56.57 -9.22
C ALA B 593 -29.47 55.94 -7.93
N ASP B 594 -30.61 56.46 -7.46
CA ASP B 594 -31.32 55.95 -6.28
C ASP B 594 -31.84 54.53 -6.54
N LEU B 595 -32.35 54.28 -7.76
CA LEU B 595 -32.85 52.96 -8.19
C LEU B 595 -31.73 51.90 -8.19
N LYS B 597 -29.05 52.02 -6.27
CA LYS B 597 -28.65 51.83 -4.87
C LYS B 597 -29.60 50.78 -4.27
N GLN B 598 -30.93 50.93 -4.53
CA GLN B 598 -31.95 49.99 -4.03
C GLN B 598 -31.74 48.63 -4.68
N TYR B 599 -31.47 48.60 -6.00
CA TYR B 599 -31.18 47.37 -6.73
C TYR B 599 -30.00 46.59 -6.10
N GLN B 600 -28.87 47.27 -5.84
CA GLN B 600 -27.67 46.66 -5.26
C GLN B 600 -27.97 46.07 -3.88
N LYS B 601 -28.72 46.84 -3.06
CA LYS B 601 -29.10 46.44 -1.73
C LYS B 601 -29.90 45.14 -1.77
N VAL B 602 -30.97 45.07 -2.61
CA VAL B 602 -31.84 43.89 -2.74
C VAL B 602 -31.03 42.71 -3.27
N TYR B 603 -30.22 42.93 -4.32
CA TYR B 603 -29.36 41.91 -4.93
C TYR B 603 -28.44 41.26 -3.89
N THR B 604 -27.64 42.06 -3.21
CA THR B 604 -26.58 41.62 -2.30
C THR B 604 -27.13 41.13 -0.94
N GLN B 605 -28.24 41.69 -0.44
CA GLN B 605 -28.84 41.21 0.80
C GLN B 605 -29.39 39.76 0.60
N ASN B 606 -30.09 39.54 -0.53
CA ASN B 606 -30.77 38.29 -0.87
C ASN B 606 -29.93 37.27 -1.61
N LEU B 607 -28.73 37.69 -2.07
CA LEU B 607 -27.76 36.86 -2.81
C LEU B 607 -28.34 36.28 -4.11
N TYR B 608 -28.76 37.19 -5.01
CA TYR B 608 -29.25 36.86 -6.36
C TYR B 608 -28.17 36.02 -7.08
N THR B 609 -26.89 36.35 -6.82
CA THR B 609 -25.69 35.58 -7.17
C THR B 609 -24.72 35.79 -6.01
N ILE B 610 -23.61 35.02 -5.99
CA ILE B 610 -22.60 35.11 -4.94
C ILE B 610 -21.28 35.49 -5.60
N GLY B 611 -20.78 36.69 -5.29
CA GLY B 611 -19.54 37.20 -5.84
C GLY B 611 -18.33 36.42 -5.37
N LEU B 612 -17.37 36.19 -6.28
CA LEU B 612 -16.14 35.45 -5.95
C LEU B 612 -14.98 36.43 -5.74
N THR B 613 -14.72 37.26 -6.75
CA THR B 613 -13.67 38.27 -6.78
C THR B 613 -13.88 39.19 -7.98
N GLU B 614 -13.18 40.32 -7.95
CA GLU B 614 -13.22 41.35 -8.96
C GLU B 614 -11.83 42.00 -9.05
N TYR B 615 -11.45 42.42 -10.26
CA TYR B 615 -10.14 43.01 -10.51
C TYR B 615 -10.12 43.79 -11.83
N PRO B 616 -9.04 44.55 -12.13
CA PRO B 616 -8.99 45.26 -13.43
C PRO B 616 -8.28 44.45 -14.51
N GLY B 617 -8.59 44.75 -15.77
CA GLY B 617 -7.92 44.14 -16.90
C GLY B 617 -7.09 45.19 -17.62
N ALA B 618 -6.20 44.75 -18.52
CA ALA B 618 -5.36 45.68 -19.27
C ALA B 618 -5.47 45.48 -20.78
N LEU B 619 -5.57 46.60 -21.52
CA LEU B 619 -5.59 46.54 -22.96
C LEU B 619 -4.16 46.49 -23.50
N ILE B 620 -3.86 45.50 -24.36
CA ILE B 620 -2.54 45.35 -25.00
C ILE B 620 -2.72 45.55 -26.50
N VAL B 621 -2.03 46.54 -27.07
CA VAL B 621 -2.13 46.82 -28.51
C VAL B 621 -0.72 47.05 -29.06
N ASN B 622 -0.42 46.44 -30.23
CA ASN B 622 0.85 46.66 -30.90
C ASN B 622 1.03 48.20 -31.15
N LYS B 623 2.24 48.71 -30.91
CA LYS B 623 2.59 50.13 -31.02
C LYS B 623 2.46 50.74 -32.41
N ARG B 624 2.49 49.95 -33.49
CA ARG B 624 2.42 50.50 -34.85
C ARG B 624 1.04 51.08 -35.23
N PHE B 625 0.00 50.72 -34.49
CA PHE B 625 -1.35 51.20 -34.78
C PHE B 625 -1.59 52.62 -34.28
N SER B 626 -2.10 53.47 -35.18
CA SER B 626 -2.57 54.82 -34.92
C SER B 626 -4.09 54.76 -34.75
N ASN B 627 -4.66 55.80 -34.12
CA ASN B 627 -6.09 56.00 -33.84
C ASN B 627 -6.68 55.13 -32.71
N VAL B 628 -5.82 54.51 -31.88
CA VAL B 628 -6.30 53.71 -30.73
C VAL B 628 -6.66 54.74 -29.62
N PRO B 629 -7.91 54.82 -29.14
CA PRO B 629 -8.24 55.84 -28.13
C PRO B 629 -7.55 55.57 -26.79
N GLN B 630 -7.07 56.64 -26.14
CA GLN B 630 -6.43 56.59 -24.81
C GLN B 630 -7.42 56.14 -23.75
N GLY B 631 -6.94 55.38 -22.79
CA GLY B 631 -7.74 54.88 -21.66
C GLY B 631 -8.88 53.95 -21.98
N THR B 632 -8.89 53.33 -23.18
CA THR B 632 -9.96 52.40 -23.53
C THR B 632 -10.02 51.25 -22.51
N PRO B 633 -11.18 51.00 -21.83
CA PRO B 633 -11.23 49.84 -20.93
C PRO B 633 -11.37 48.56 -21.74
N ILE B 634 -10.93 47.42 -21.19
CA ILE B 634 -11.11 46.16 -21.92
C ILE B 634 -12.57 45.74 -22.00
N PHE B 635 -13.40 46.20 -21.05
CA PHE B 635 -14.78 45.79 -20.96
C PHE B 635 -15.63 46.78 -20.21
N PHE B 637 -19.16 48.91 -21.97
CA PHE B 637 -20.41 48.80 -22.75
C PHE B 637 -20.30 47.58 -23.69
N ASN B 638 -19.06 47.19 -24.02
CA ASN B 638 -18.67 46.00 -24.76
C ASN B 638 -17.15 45.80 -24.61
N TRP B 639 -16.62 44.72 -25.21
CA TRP B 639 -15.20 44.43 -25.23
C TRP B 639 -14.44 45.51 -26.04
N ALA B 640 -13.17 45.72 -25.71
CA ALA B 640 -12.29 46.70 -26.36
C ALA B 640 -12.19 46.53 -27.89
N GLU B 641 -12.38 45.30 -28.45
CA GLU B 641 -12.37 45.06 -29.91
C GLU B 641 -13.41 45.98 -30.58
N ASP B 642 -14.57 46.19 -29.92
CA ASP B 642 -15.62 47.09 -30.39
C ASP B 642 -15.27 48.55 -30.11
N ALA B 643 -14.93 48.86 -28.83
CA ALA B 643 -14.65 50.22 -28.33
C ALA B 643 -13.57 50.98 -29.09
N ILE B 644 -12.52 50.29 -29.58
CA ILE B 644 -11.39 50.96 -30.26
C ILE B 644 -11.72 51.34 -31.71
N ILE B 645 -12.88 50.85 -32.26
CA ILE B 645 -13.31 51.13 -33.64
C ILE B 645 -12.21 50.70 -34.61
N ARG B 646 -12.09 49.38 -34.79
CA ARG B 646 -11.07 48.77 -35.64
C ARG B 646 -11.10 49.25 -37.11
N GLU B 647 -12.29 49.58 -37.67
CA GLU B 647 -12.41 50.10 -39.07
C GLU B 647 -11.78 51.51 -39.25
N ARG B 648 -11.44 52.19 -38.14
CA ARG B 648 -10.87 53.55 -38.13
C ARG B 648 -9.35 53.53 -37.77
N LEU B 649 -8.82 52.35 -37.42
CA LEU B 649 -7.39 52.21 -37.07
C LEU B 649 -6.56 52.15 -38.36
N TRP B 650 -5.33 52.65 -38.29
CA TRP B 650 -4.43 52.62 -39.42
C TRP B 650 -2.99 52.54 -38.96
N VAL B 651 -2.10 52.22 -39.91
CA VAL B 651 -0.66 52.12 -39.65
C VAL B 651 0.06 53.01 -40.67
N ALA B 652 0.96 53.91 -40.19
CA ALA B 652 1.75 54.79 -41.08
C ALA B 652 2.54 53.90 -42.07
N ALA B 653 2.62 54.34 -43.35
CA ALA B 653 3.28 53.57 -44.42
C ALA B 653 4.65 53.01 -44.04
N ASP B 654 5.51 53.83 -43.40
CA ASP B 654 6.86 53.43 -42.99
C ASP B 654 6.91 52.43 -41.79
N LYS B 655 5.77 52.17 -41.13
CA LYS B 655 5.69 51.23 -39.99
C LYS B 655 4.87 49.98 -40.33
N GLN B 656 4.27 49.89 -41.54
CA GLN B 656 3.40 48.79 -41.90
C GLN B 656 4.07 47.42 -41.93
N GLY B 657 3.37 46.42 -41.40
CA GLY B 657 3.81 45.03 -41.46
C GLY B 657 3.49 44.50 -42.85
N LYS B 658 4.04 43.35 -43.19
CA LYS B 658 3.85 42.73 -44.51
C LYS B 658 3.25 41.35 -44.28
N TYR B 659 2.05 41.33 -43.70
CA TYR B 659 1.36 40.13 -43.26
C TYR B 659 0.18 39.70 -44.10
N GLU B 660 -0.14 40.42 -45.20
CA GLU B 660 -1.32 40.02 -46.00
C GLU B 660 -1.18 38.68 -46.70
N LEU B 661 -2.16 37.79 -46.50
CA LEU B 661 -2.20 36.48 -47.16
C LEU B 661 -2.96 36.54 -48.51
N PHE B 662 -3.76 37.61 -48.72
CA PHE B 662 -4.45 37.81 -49.99
C PHE B 662 -4.26 39.27 -50.45
N PRO B 663 -3.00 39.78 -50.59
CA PRO B 663 -2.83 41.19 -50.99
C PRO B 663 -3.47 41.50 -52.35
N GLN B 664 -4.09 42.67 -52.44
CA GLN B 664 -4.76 43.23 -53.62
C GLN B 664 -5.89 42.33 -54.15
N GLN B 665 -6.56 41.66 -53.21
CA GLN B 665 -7.64 40.74 -53.52
C GLN B 665 -8.89 41.11 -52.76
N LEU B 666 -10.04 40.80 -53.34
CA LEU B 666 -11.31 41.09 -52.71
C LEU B 666 -12.08 39.81 -52.49
N PRO B 667 -13.07 39.77 -51.57
CA PRO B 667 -13.82 38.53 -51.35
C PRO B 667 -14.54 38.02 -52.62
N GLY B 668 -14.60 36.70 -52.75
CA GLY B 668 -15.32 36.03 -53.82
C GLY B 668 -16.82 36.03 -53.52
N LYS B 669 -17.59 35.32 -54.31
CA LYS B 669 -19.04 35.24 -54.12
C LYS B 669 -19.41 34.28 -52.97
N PRO B 670 -20.52 34.53 -52.24
CA PRO B 670 -20.92 33.58 -51.17
C PRO B 670 -21.15 32.16 -51.69
N GLY B 671 -20.57 31.21 -50.97
CA GLY B 671 -20.65 29.78 -51.27
C GLY B 671 -19.75 29.34 -52.40
N GLU B 672 -18.87 30.24 -52.89
CA GLU B 672 -17.95 29.98 -54.00
C GLU B 672 -16.50 29.85 -53.52
N GLY B 673 -15.55 30.20 -54.40
CA GLY B 673 -14.13 30.07 -54.15
C GLY B 673 -13.48 31.16 -53.31
N GLY B 674 -12.15 31.09 -53.26
CA GLY B 674 -11.30 32.04 -52.53
C GLY B 674 -11.28 33.44 -53.11
N PRO B 675 -10.46 34.36 -52.53
CA PRO B 675 -10.45 35.77 -53.00
C PRO B 675 -10.12 35.96 -54.47
N ILE B 676 -10.79 36.94 -55.09
CA ILE B 676 -10.63 37.28 -56.50
C ILE B 676 -9.59 38.38 -56.74
N ALA C 8 55.74 -33.29 29.58
CA ALA C 8 55.65 -32.12 30.45
C ALA C 8 54.92 -32.44 31.75
N PHE C 9 53.87 -33.29 31.68
CA PHE C 9 53.06 -33.70 32.82
C PHE C 9 53.33 -35.15 33.21
N GLU C 10 53.24 -35.45 34.52
CA GLU C 10 53.47 -36.78 35.06
C GLU C 10 52.17 -37.59 35.13
N THR C 11 51.76 -38.12 33.98
CA THR C 11 50.54 -38.91 33.82
C THR C 11 50.63 -40.27 34.50
N THR C 12 49.49 -40.80 34.95
CA THR C 12 49.34 -42.10 35.59
C THR C 12 47.96 -42.66 35.21
N THR C 13 47.43 -43.60 36.01
CA THR C 13 46.10 -44.19 35.83
C THR C 13 45.20 -43.59 36.93
N PRO C 14 43.86 -43.44 36.73
CA PRO C 14 43.04 -42.83 37.79
C PRO C 14 42.89 -43.75 39.01
N PRO C 15 42.88 -43.19 40.25
CA PRO C 15 42.75 -44.05 41.44
C PRO C 15 41.41 -44.74 41.55
N GLU C 16 41.40 -45.95 42.12
CA GLU C 16 40.17 -46.72 42.33
C GLU C 16 39.22 -45.99 43.27
N PRO C 17 37.95 -45.84 42.90
CA PRO C 17 37.00 -45.14 43.78
C PRO C 17 36.56 -46.02 44.96
N PRO C 18 35.84 -45.49 45.98
CA PRO C 18 35.38 -46.37 47.07
C PRO C 18 34.41 -47.42 46.57
N GLN C 19 34.37 -48.56 47.27
CA GLN C 19 33.47 -49.67 46.96
C GLN C 19 32.04 -49.18 47.20
N PHE C 20 31.22 -49.32 46.17
CA PHE C 20 29.84 -48.90 46.16
C PHE C 20 29.06 -50.03 45.51
N PRO C 21 28.44 -50.95 46.30
CA PRO C 21 27.69 -52.05 45.67
C PRO C 21 26.41 -51.58 45.00
N ALA C 22 26.20 -52.03 43.75
CA ALA C 22 25.00 -51.71 42.97
C ALA C 22 23.90 -52.66 43.44
N GLU C 23 22.97 -52.12 44.25
CA GLU C 23 21.86 -52.88 44.80
C GLU C 23 20.57 -52.39 44.12
N GLY C 24 19.75 -53.29 43.56
CA GLY C 24 19.90 -54.75 43.59
C GLY C 24 20.65 -55.40 42.44
N LYS C 25 20.41 -56.70 42.26
CA LYS C 25 21.07 -57.54 41.26
C LYS C 25 20.22 -57.87 40.05
N ILE C 26 20.84 -57.86 38.87
CA ILE C 26 20.20 -58.20 37.60
C ILE C 26 20.01 -59.74 37.54
N ASN C 27 18.84 -60.20 37.06
CA ASN C 27 18.60 -61.62 36.82
C ASN C 27 18.94 -61.82 35.35
N TYR C 28 20.15 -62.28 35.07
CA TYR C 28 20.62 -62.47 33.70
C TYR C 28 19.87 -63.60 32.99
N VAL C 29 19.46 -63.34 31.73
CA VAL C 29 18.68 -64.24 30.88
C VAL C 29 19.26 -64.25 29.46
N ALA C 30 18.79 -65.19 28.63
CA ALA C 30 19.20 -65.28 27.22
C ALA C 30 18.31 -64.31 26.42
N ARG C 31 18.83 -63.83 25.28
CA ARG C 31 18.21 -62.84 24.40
C ARG C 31 16.75 -63.14 23.98
N ASP C 32 16.41 -64.40 23.66
CA ASP C 32 15.09 -64.76 23.14
C ASP C 32 14.06 -65.20 24.22
N THR C 33 14.29 -64.83 25.48
CA THR C 33 13.36 -65.10 26.59
C THR C 33 12.30 -63.99 26.72
N ILE C 34 12.54 -62.83 26.08
CA ILE C 34 11.68 -61.65 26.24
C ILE C 34 10.43 -61.65 25.35
N LEU C 35 10.62 -61.88 24.06
CA LEU C 35 9.55 -61.79 23.08
C LEU C 35 9.77 -62.65 21.84
N GLU C 36 8.68 -62.83 21.07
CA GLU C 36 8.66 -63.53 19.78
C GLU C 36 7.43 -63.07 19.00
N PHE C 37 7.47 -63.17 17.67
CA PHE C 37 6.35 -62.83 16.79
C PHE C 37 5.65 -64.11 16.42
N LYS C 38 4.34 -64.20 16.69
CA LYS C 38 3.50 -65.37 16.40
C LYS C 38 2.02 -65.05 16.56
N ALA C 39 1.18 -65.79 15.84
CA ALA C 39 -0.28 -65.67 15.94
C ALA C 39 -0.74 -66.44 17.17
N LEU C 40 -1.72 -65.89 17.91
CA LEU C 40 -2.26 -66.58 19.08
C LEU C 40 -3.70 -67.06 18.76
N PRO C 41 -4.24 -68.11 19.46
CA PRO C 41 -5.61 -68.57 19.12
C PRO C 41 -6.70 -67.53 19.35
N SER C 42 -6.55 -66.68 20.39
CA SER C 42 -7.52 -65.62 20.68
C SER C 42 -6.88 -64.42 21.37
N TYR C 43 -7.51 -63.24 21.22
CA TYR C 43 -7.04 -62.00 21.79
C TYR C 43 -8.08 -61.34 22.68
N SER C 44 -7.64 -60.54 23.65
CA SER C 44 -8.54 -59.81 24.55
C SER C 44 -8.07 -58.38 24.76
N GLU C 45 -8.96 -57.53 25.30
CA GLU C 45 -8.73 -56.11 25.49
C GLU C 45 -9.56 -55.63 26.70
N PRO C 46 -9.39 -54.39 27.21
CA PRO C 46 -10.26 -53.90 28.30
C PRO C 46 -11.74 -54.03 27.93
N ASP C 47 -12.56 -54.52 28.88
CA ASP C 47 -14.00 -54.76 28.67
C ASP C 47 -14.77 -53.55 28.14
N TRP C 48 -14.45 -52.34 28.63
CA TRP C 48 -15.09 -51.09 28.20
C TRP C 48 -14.86 -50.78 26.70
N ILE C 49 -13.76 -51.27 26.10
CA ILE C 49 -13.49 -51.04 24.67
C ILE C 49 -14.48 -51.89 23.86
N THR C 50 -14.60 -53.18 24.21
CA THR C 50 -15.54 -54.09 23.54
C THR C 50 -16.98 -53.55 23.65
N GLU C 51 -17.41 -53.18 24.87
CA GLU C 51 -18.76 -52.70 25.14
C GLU C 51 -19.11 -51.32 24.54
N LYS C 52 -18.27 -50.31 24.76
CA LYS C 52 -18.52 -48.92 24.33
C LYS C 52 -18.00 -48.54 22.93
N PHE C 53 -17.09 -49.33 22.36
CA PHE C 53 -16.54 -48.98 21.06
C PHE C 53 -16.81 -50.04 19.99
N GLU C 54 -16.44 -51.32 20.25
CA GLU C 54 -16.63 -52.41 19.29
C GLU C 54 -18.11 -52.69 19.00
N LYS C 55 -18.90 -52.98 20.06
CA LYS C 55 -20.32 -53.28 19.98
C LYS C 55 -21.16 -52.08 19.54
N ALA C 56 -20.67 -50.85 19.81
CA ALA C 56 -21.32 -49.60 19.41
C ALA C 56 -20.91 -49.16 17.98
N GLY C 57 -20.15 -50.01 17.30
CA GLY C 57 -19.69 -49.77 15.94
C GLY C 57 -18.35 -49.10 15.81
N LYS C 58 -18.09 -48.03 16.63
CA LYS C 58 -16.94 -47.11 16.73
C LYS C 58 -15.52 -47.66 16.42
N LEU C 59 -15.26 -48.95 16.62
CA LEU C 59 -13.95 -49.56 16.37
C LEU C 59 -14.10 -50.93 15.70
N PRO C 60 -13.12 -51.35 14.85
CA PRO C 60 -13.18 -52.70 14.27
C PRO C 60 -12.91 -53.78 15.33
N PRO C 61 -13.21 -55.09 15.09
CA PRO C 61 -12.85 -56.11 16.08
C PRO C 61 -11.34 -56.17 16.31
N LEU C 62 -10.94 -56.54 17.53
CA LEU C 62 -9.53 -56.62 17.96
C LEU C 62 -8.60 -57.46 17.05
N LYS C 63 -9.04 -58.64 16.55
CA LYS C 63 -8.24 -59.50 15.68
C LYS C 63 -7.91 -58.79 14.33
N GLU C 64 -8.81 -57.89 13.89
CA GLU C 64 -8.68 -57.10 12.66
C GLU C 64 -7.62 -55.99 12.82
N ARG C 65 -7.64 -55.31 13.98
CA ARG C 65 -6.74 -54.23 14.34
C ARG C 65 -5.29 -54.69 14.54
N LEU C 66 -5.11 -55.96 14.96
CA LEU C 66 -3.80 -56.53 15.22
C LEU C 66 -3.15 -57.12 13.97
N PRO C 67 -1.79 -57.19 13.89
CA PRO C 67 -1.18 -57.89 12.74
C PRO C 67 -1.40 -59.40 12.90
N GLU C 68 -1.24 -60.18 11.82
CA GLU C 68 -1.44 -61.64 11.85
C GLU C 68 -0.52 -62.29 12.90
N GLU C 69 0.73 -61.82 12.98
CA GLU C 69 1.71 -62.28 13.96
C GLU C 69 2.16 -61.09 14.82
N PRO C 70 1.42 -60.71 15.90
CA PRO C 70 1.88 -59.58 16.73
C PRO C 70 3.11 -59.95 17.55
N LEU C 71 3.76 -58.93 18.13
CA LEU C 71 4.89 -59.12 19.01
C LEU C 71 4.26 -59.69 20.32
N VAL C 72 4.70 -60.87 20.72
CA VAL C 72 4.18 -61.52 21.92
C VAL C 72 5.25 -61.48 23.02
N TYR C 73 4.93 -60.88 24.16
CA TYR C 73 5.85 -60.89 25.29
C TYR C 73 5.68 -62.21 26.01
N LYS C 74 6.79 -62.88 26.26
CA LYS C 74 6.83 -64.19 26.91
C LYS C 74 6.72 -64.05 28.43
N THR C 75 5.82 -64.82 29.05
CA THR C 75 5.54 -64.76 30.51
C THR C 75 6.79 -65.03 31.39
N GLY C 76 7.63 -65.97 30.98
CA GLY C 76 8.85 -66.32 31.72
C GLY C 76 9.78 -65.17 32.06
N ASN C 77 9.86 -64.16 31.18
CA ASN C 77 10.71 -62.99 31.44
C ASN C 77 9.99 -61.94 32.29
N PRO C 79 8.76 -60.19 35.47
CA PRO C 79 9.07 -60.31 36.91
C PRO C 79 7.90 -60.77 37.78
N ASP C 80 6.67 -60.39 37.44
CA ASP C 80 5.46 -60.71 38.21
C ASP C 80 4.38 -61.46 37.42
N GLY C 81 4.69 -61.85 36.20
CA GLY C 81 3.77 -62.58 35.34
C GLY C 81 2.79 -61.68 34.60
N VAL C 82 1.78 -62.31 33.96
CA VAL C 82 0.73 -61.68 33.16
C VAL C 82 -0.03 -60.60 33.99
N GLY C 83 -0.30 -59.47 33.35
CA GLY C 83 -0.95 -58.34 34.00
C GLY C 83 -2.45 -58.25 33.89
N VAL C 84 -2.99 -57.19 34.47
CA VAL C 84 -4.40 -56.81 34.45
C VAL C 84 -4.46 -55.37 33.94
N TYR C 85 -5.59 -55.00 33.35
CA TYR C 85 -5.76 -53.65 32.81
C TYR C 85 -6.04 -52.58 33.86
N GLY C 86 -5.67 -51.34 33.51
CA GLY C 86 -5.98 -50.17 34.31
C GLY C 86 -4.81 -49.38 34.86
N ASP C 87 -5.17 -48.22 35.44
CA ASP C 87 -4.29 -47.26 36.10
C ASP C 87 -3.52 -46.37 35.07
N THR C 88 -2.76 -45.41 35.62
CA THR C 88 -2.00 -44.39 34.91
C THR C 88 -0.57 -44.34 35.40
N ARG C 90 2.35 -41.70 35.98
CA ARG C 90 2.57 -40.25 36.01
C ARG C 90 4.06 -39.97 35.90
N HIS C 91 4.45 -39.29 34.84
CA HIS C 91 5.82 -38.85 34.64
C HIS C 91 5.91 -37.35 34.90
N VAL C 92 7.12 -36.88 35.29
CA VAL C 92 7.38 -35.46 35.54
C VAL C 92 8.63 -35.12 34.71
N VAL C 93 8.55 -34.06 33.86
CA VAL C 93 9.69 -33.73 32.98
C VAL C 93 10.14 -32.27 33.10
N GLY C 94 11.42 -32.02 32.81
CA GLY C 94 11.96 -30.66 32.80
C GLY C 94 11.98 -30.06 31.41
N GLY C 95 11.67 -30.85 30.40
CA GLY C 95 11.63 -30.40 29.02
C GLY C 95 10.27 -29.84 28.65
N ARG C 96 10.17 -29.20 27.47
CA ARG C 96 8.94 -28.63 26.95
C ARG C 96 8.77 -29.07 25.49
N PRO C 97 7.55 -29.42 25.03
CA PRO C 97 7.42 -29.83 23.62
C PRO C 97 7.56 -28.69 22.62
N GLU C 98 8.20 -28.97 21.48
CA GLU C 98 8.32 -28.01 20.37
C GLU C 98 7.21 -28.31 19.37
N GLY C 99 6.84 -29.58 19.31
CA GLY C 99 5.82 -30.15 18.43
C GLY C 99 6.04 -31.65 18.33
N TRP C 100 5.35 -32.31 17.39
CA TRP C 100 5.37 -33.78 17.25
C TRP C 100 6.29 -34.32 16.14
N ASN C 101 7.02 -33.45 15.42
CA ASN C 101 7.89 -33.87 14.32
C ASN C 101 9.29 -34.27 14.79
N TYR C 102 9.35 -35.47 15.39
CA TYR C 102 10.55 -36.10 15.92
C TYR C 102 11.63 -36.26 14.84
N ILE C 103 11.25 -36.76 13.66
CA ILE C 103 12.19 -37.06 12.57
C ILE C 103 12.81 -35.78 11.97
N ALA C 104 12.18 -34.61 12.20
CA ALA C 104 12.72 -33.32 11.77
C ALA C 104 13.45 -32.57 12.92
N GLY C 105 13.66 -33.26 14.05
CA GLY C 105 14.43 -32.71 15.17
C GLY C 105 13.66 -32.00 16.27
N GLN C 106 12.32 -32.13 16.29
CA GLN C 106 11.54 -31.53 17.37
C GLN C 106 11.53 -32.42 18.61
N SER C 107 11.69 -31.81 19.79
CA SER C 107 11.60 -32.51 21.07
C SER C 107 10.14 -32.47 21.56
N GLN C 108 9.71 -33.54 22.23
CA GLN C 108 8.37 -33.64 22.83
C GLN C 108 8.39 -33.37 24.35
N GLY C 109 9.57 -33.12 24.90
CA GLY C 109 9.77 -32.82 26.31
C GLY C 109 10.69 -33.75 27.07
N TRP C 110 11.22 -34.81 26.39
CA TRP C 110 12.13 -35.83 26.94
C TRP C 110 11.47 -36.60 28.10
N GLY C 111 12.27 -37.14 29.02
CA GLY C 111 11.78 -37.88 30.18
C GLY C 111 10.88 -39.08 29.88
N GLY C 112 11.06 -39.68 28.71
CA GLY C 112 10.33 -40.86 28.27
C GLY C 112 9.25 -40.65 27.22
N ILE C 113 8.81 -39.40 26.95
CA ILE C 113 7.72 -39.17 26.01
C ILE C 113 8.06 -39.62 24.57
N ASP C 114 9.15 -39.13 23.98
CA ASP C 114 9.49 -39.55 22.63
C ASP C 114 9.92 -41.03 22.58
N ILE C 115 10.48 -41.54 23.69
CA ILE C 115 10.83 -42.97 23.79
C ILE C 115 9.55 -43.82 23.60
N ALA C 116 8.44 -43.43 24.24
CA ALA C 116 7.16 -44.13 24.16
C ALA C 116 6.46 -43.89 22.81
N LEU C 117 6.56 -42.67 22.25
CA LEU C 117 5.89 -42.33 20.99
C LEU C 117 6.58 -42.87 19.75
N SER C 118 7.88 -42.60 19.62
CA SER C 118 8.66 -42.99 18.45
C SER C 118 9.36 -44.33 18.60
N GLU C 119 8.63 -45.41 18.30
CA GLU C 119 9.15 -46.80 18.29
C GLU C 119 10.12 -46.96 17.11
N CYS C 120 11.08 -47.86 17.26
CA CYS C 120 12.16 -48.00 16.28
C CYS C 120 12.25 -49.41 15.68
N LEU C 121 13.10 -49.59 14.63
CA LEU C 121 13.24 -50.89 13.94
C LEU C 121 13.66 -52.00 14.89
N THR C 122 14.63 -51.70 15.77
CA THR C 122 15.14 -52.62 16.78
C THR C 122 15.00 -52.00 18.15
N ARG C 123 15.31 -52.76 19.22
CA ARG C 123 15.23 -52.26 20.60
C ARG C 123 16.36 -52.87 21.40
N THR C 124 17.05 -52.03 22.19
CA THR C 124 18.25 -52.49 22.94
C THR C 124 18.21 -52.27 24.43
N ALA C 125 17.43 -51.27 24.91
CA ALA C 125 17.41 -50.95 26.35
C ALA C 125 17.17 -52.16 27.28
N PRO C 126 16.21 -53.10 27.02
CA PRO C 126 16.06 -54.25 27.93
C PRO C 126 17.23 -55.25 27.90
N LEU C 127 18.23 -55.06 27.02
CA LEU C 127 19.38 -55.96 26.91
C LEU C 127 20.39 -55.83 28.06
N PHE C 128 20.12 -54.95 29.07
CA PHE C 128 20.95 -54.87 30.28
C PHE C 128 20.88 -56.25 30.99
N GLN C 129 19.78 -57.01 30.73
CA GLN C 129 19.57 -58.29 31.40
C GLN C 129 20.23 -59.49 30.66
N VAL C 130 20.98 -59.23 29.57
CA VAL C 130 21.73 -60.29 28.86
C VAL C 130 23.21 -60.01 29.18
N ASP C 131 23.91 -60.94 29.86
CA ASP C 131 25.30 -60.80 30.29
C ASP C 131 26.35 -60.99 29.16
N ALA C 132 26.37 -60.04 28.20
CA ALA C 132 27.28 -60.02 27.04
C ALA C 132 27.24 -58.66 26.36
N LYS C 133 28.24 -58.38 25.50
CA LYS C 133 28.36 -57.14 24.73
C LYS C 133 28.27 -57.41 23.20
N ASP C 134 27.87 -58.63 22.82
CA ASP C 134 27.74 -59.05 21.41
C ASP C 134 26.28 -59.46 21.11
N THR C 135 25.36 -59.14 22.03
CA THR C 135 23.93 -59.44 21.91
C THR C 135 23.34 -58.79 20.69
N GLU C 136 22.52 -59.54 19.96
CA GLU C 136 21.81 -59.03 18.80
C GLU C 136 20.61 -58.18 19.29
N PRO C 137 20.48 -56.90 18.84
CA PRO C 137 19.31 -56.10 19.25
C PRO C 137 17.98 -56.84 19.04
N LEU C 138 17.02 -56.56 19.92
CA LEU C 138 15.71 -57.18 19.85
C LEU C 138 14.95 -56.72 18.61
N PRO C 139 14.19 -57.61 17.96
CA PRO C 139 13.34 -57.14 16.85
C PRO C 139 12.19 -56.27 17.40
N ASN C 140 11.87 -55.17 16.70
CA ASN C 140 10.77 -54.30 17.09
C ASN C 140 9.87 -54.07 15.86
N LEU C 141 10.00 -52.92 15.16
CA LEU C 141 9.25 -52.66 13.92
C LEU C 141 9.76 -53.58 12.78
N ALA C 142 11.06 -53.97 12.87
CA ALA C 142 11.67 -54.95 11.98
C ALA C 142 11.55 -56.25 12.79
N LYS C 143 10.69 -57.19 12.34
CA LYS C 143 10.46 -58.45 13.06
C LYS C 143 11.57 -59.48 12.90
N SER C 144 12.36 -59.43 11.81
CA SER C 144 13.46 -60.37 11.52
C SER C 144 14.38 -59.83 10.43
N TRP C 145 15.57 -60.40 10.33
CA TRP C 145 16.59 -60.00 9.34
C TRP C 145 17.60 -61.11 9.12
N GLU C 146 18.27 -61.11 7.96
CA GLU C 146 19.27 -62.10 7.60
C GLU C 146 20.42 -61.44 6.83
N TRP C 147 21.66 -61.82 7.17
CA TRP C 147 22.87 -61.36 6.49
C TRP C 147 23.15 -62.25 5.30
N SER C 148 23.71 -61.67 4.22
CA SER C 148 24.12 -62.44 3.04
C SER C 148 25.41 -63.20 3.41
N GLU C 149 25.82 -64.18 2.58
CA GLU C 149 27.04 -64.95 2.82
C GLU C 149 28.29 -64.07 2.92
N ASP C 150 28.37 -63.03 2.07
CA ASP C 150 29.51 -62.10 2.05
C ASP C 150 29.40 -60.98 3.12
N GLY C 151 28.25 -60.88 3.78
CA GLY C 151 27.98 -59.91 4.85
C GLY C 151 27.80 -58.46 4.43
N HIS C 152 27.64 -58.22 3.13
CA HIS C 152 27.45 -56.87 2.60
C HIS C 152 25.97 -56.49 2.50
N THR C 153 25.09 -57.50 2.49
CA THR C 153 23.65 -57.30 2.35
C THR C 153 22.88 -57.77 3.59
N LEU C 154 21.94 -56.91 4.06
CA LEU C 154 21.06 -57.20 5.19
C LEU C 154 19.60 -57.13 4.75
N THR C 155 18.93 -58.29 4.65
CA THR C 155 17.51 -58.36 4.25
C THR C 155 16.70 -58.23 5.53
N HIS C 157 12.91 -57.83 7.40
CA HIS C 157 11.48 -58.08 7.32
C HIS C 157 10.75 -57.28 8.41
N LEU C 158 9.71 -56.53 8.02
CA LEU C 158 8.94 -55.67 8.93
C LEU C 158 7.71 -56.33 9.51
N VAL C 159 7.22 -55.83 10.67
CA VAL C 159 5.98 -56.36 11.23
C VAL C 159 4.89 -56.19 10.12
N LYS C 160 4.17 -57.27 9.81
CA LYS C 160 3.21 -57.28 8.71
C LYS C 160 1.79 -57.22 9.18
N GLY C 161 1.07 -56.21 8.72
CA GLY C 161 -0.34 -56.00 9.04
C GLY C 161 -0.58 -55.08 10.23
N ALA C 162 0.49 -54.45 10.77
CA ALA C 162 0.35 -53.51 11.88
C ALA C 162 -0.12 -52.17 11.32
N LYS C 163 -0.81 -51.41 12.14
CA LYS C 163 -1.32 -50.10 11.78
C LYS C 163 -0.86 -49.03 12.74
N TRP C 164 -0.81 -47.77 12.25
CA TRP C 164 -0.57 -46.56 13.03
C TRP C 164 -1.82 -46.40 13.91
N SER C 165 -1.72 -45.55 14.94
CA SER C 165 -2.81 -45.30 15.88
C SER C 165 -4.11 -44.75 15.24
N ASP C 166 -4.02 -44.23 13.99
CA ASP C 166 -5.19 -43.71 13.27
C ASP C 166 -5.78 -44.77 12.31
N GLY C 167 -5.23 -45.98 12.36
CA GLY C 167 -5.69 -47.09 11.55
C GLY C 167 -5.02 -47.25 10.19
N GLU C 168 -4.14 -46.30 9.80
CA GLU C 168 -3.40 -46.38 8.53
C GLU C 168 -2.33 -47.45 8.63
N ALA C 169 -2.09 -48.19 7.53
CA ALA C 169 -1.12 -49.27 7.49
C ALA C 169 0.33 -48.83 7.73
N PHE C 170 1.04 -49.59 8.56
CA PHE C 170 2.47 -49.39 8.76
C PHE C 170 3.13 -50.37 7.79
N ASN C 171 4.12 -49.90 7.00
CA ASN C 171 4.88 -50.70 6.03
C ASN C 171 6.20 -50.02 5.62
N ALA C 172 6.88 -50.57 4.56
CA ALA C 172 8.16 -50.08 4.05
C ALA C 172 8.16 -48.63 3.55
N ASP C 173 6.98 -48.08 3.15
CA ASP C 173 6.89 -46.68 2.73
C ASP C 173 7.29 -45.71 3.85
N ASP C 174 6.92 -46.05 5.12
CA ASP C 174 7.29 -45.27 6.31
C ASP C 174 8.80 -45.37 6.59
N VAL C 175 9.39 -46.55 6.36
CA VAL C 175 10.83 -46.83 6.53
C VAL C 175 11.64 -46.04 5.47
N PHE C 177 10.62 -43.35 3.65
CA PHE C 177 10.44 -41.91 3.84
C PHE C 177 11.46 -41.38 4.89
N TYR C 178 11.61 -42.10 6.01
CA TYR C 178 12.58 -41.72 7.04
C TYR C 178 14.00 -41.75 6.47
N TRP C 179 14.39 -42.85 5.80
CA TRP C 179 15.72 -43.00 5.22
C TRP C 179 16.09 -41.91 4.21
N GLU C 180 15.26 -41.73 3.18
CA GLU C 180 15.50 -40.78 2.11
C GLU C 180 15.26 -39.32 2.49
N ASP C 181 14.09 -39.02 3.09
CA ASP C 181 13.66 -37.65 3.32
C ASP C 181 13.98 -37.09 4.72
N ALA C 182 14.63 -37.89 5.58
CA ALA C 182 15.10 -37.42 6.89
C ALA C 182 16.59 -37.68 7.03
N VAL C 183 17.04 -38.97 6.92
CA VAL C 183 18.46 -39.33 7.07
C VAL C 183 19.31 -38.77 5.91
N VAL C 184 19.07 -39.24 4.67
CA VAL C 184 19.82 -38.84 3.48
C VAL C 184 19.65 -37.34 3.22
N ASP C 185 18.40 -36.79 3.29
CA ASP C 185 18.11 -35.36 3.08
C ASP C 185 19.02 -34.49 3.98
N PRO C 186 19.96 -33.66 3.43
CA PRO C 186 20.88 -32.91 4.31
C PRO C 186 20.25 -31.73 5.04
N ASN C 187 18.97 -31.44 4.78
CA ASN C 187 18.24 -30.33 5.40
C ASN C 187 17.31 -30.78 6.54
N VAL C 188 17.31 -32.09 6.84
CA VAL C 188 16.50 -32.68 7.90
C VAL C 188 17.44 -33.41 8.84
N SER C 189 17.32 -33.12 10.15
CA SER C 189 18.13 -33.78 11.17
C SER C 189 17.23 -34.30 12.29
N PRO C 190 17.05 -35.65 12.42
CA PRO C 190 16.21 -36.20 13.50
C PRO C 190 16.65 -35.81 14.90
N LEU C 191 15.72 -35.90 15.88
CA LEU C 191 16.00 -35.57 17.28
C LEU C 191 17.12 -36.45 17.85
N GLY C 192 18.01 -35.88 18.64
CA GLY C 192 19.09 -36.62 19.28
C GLY C 192 20.49 -36.21 18.86
N GLY C 193 20.60 -35.50 17.73
CA GLY C 193 21.88 -35.05 17.22
C GLY C 193 22.65 -36.04 16.37
N GLY C 194 22.13 -37.26 16.25
CA GLY C 194 22.71 -38.32 15.42
C GLY C 194 21.92 -38.52 14.14
N ALA C 195 21.85 -39.78 13.66
CA ALA C 195 21.12 -40.18 12.45
C ALA C 195 21.60 -39.49 11.13
N SER C 196 22.90 -39.19 11.02
CA SER C 196 23.45 -38.68 9.75
C SER C 196 23.61 -39.94 8.84
N PRO C 197 23.71 -39.82 7.47
CA PRO C 197 23.85 -41.04 6.66
C PRO C 197 25.04 -41.93 7.04
N GLU C 198 26.18 -41.30 7.41
CA GLU C 198 27.42 -41.99 7.76
C GLU C 198 27.36 -42.72 9.12
N ALA C 199 26.32 -42.45 9.95
CA ALA C 199 26.11 -43.16 11.23
C ALA C 199 25.77 -44.63 10.95
N PHE C 200 25.29 -44.93 9.73
CA PHE C 200 24.93 -46.27 9.27
C PHE C 200 26.02 -46.87 8.37
N GLY C 201 27.18 -46.20 8.31
CA GLY C 201 28.32 -46.60 7.50
C GLY C 201 28.48 -45.73 6.28
N GLU C 202 29.75 -45.42 5.92
CA GLU C 202 30.06 -44.63 4.73
C GLU C 202 29.63 -45.39 3.47
N GLY C 203 28.82 -44.75 2.64
CA GLY C 203 28.31 -45.33 1.40
C GLY C 203 27.19 -46.34 1.55
N THR C 204 26.59 -46.46 2.76
CA THR C 204 25.48 -47.37 3.03
C THR C 204 24.23 -46.98 2.25
N THR C 205 23.58 -47.97 1.65
CA THR C 205 22.32 -47.78 0.91
C THR C 205 21.20 -48.62 1.55
N LEU C 206 19.97 -48.13 1.42
CA LEU C 206 18.76 -48.80 1.88
C LEU C 206 17.73 -48.70 0.76
N LYS C 207 17.14 -49.84 0.39
CA LYS C 207 16.13 -49.90 -0.67
C LYS C 207 14.94 -50.77 -0.29
N LYS C 208 13.77 -50.45 -0.86
CA LYS C 208 12.53 -51.18 -0.64
C LYS C 208 12.48 -52.37 -1.60
N ILE C 209 12.24 -53.59 -1.05
CA ILE C 209 12.10 -54.81 -1.84
C ILE C 209 10.61 -54.94 -2.16
N ASP C 210 9.77 -54.98 -1.11
CA ASP C 210 8.31 -55.02 -1.19
C ASP C 210 7.72 -54.24 -0.01
N ASP C 211 6.38 -54.30 0.18
CA ASP C 211 5.69 -53.60 1.27
C ASP C 211 6.18 -53.94 2.67
N TYR C 212 6.73 -55.14 2.89
CA TYR C 212 7.19 -55.53 4.23
C TYR C 212 8.65 -55.99 4.26
N THR C 213 9.44 -55.63 3.22
CA THR C 213 10.85 -56.00 3.12
C THR C 213 11.70 -54.84 2.65
N VAL C 214 12.82 -54.63 3.34
CA VAL C 214 13.81 -53.61 3.00
C VAL C 214 15.19 -54.27 2.95
N GLU C 215 16.12 -53.68 2.19
CA GLU C 215 17.44 -54.25 2.03
C GLU C 215 18.54 -53.21 2.22
N TRP C 216 19.46 -53.48 3.16
CA TRP C 216 20.63 -52.65 3.43
C TRP C 216 21.84 -53.17 2.64
N THR C 217 22.67 -52.26 2.08
CA THR C 217 23.93 -52.60 1.41
C THR C 217 25.03 -51.82 2.13
N PHE C 218 26.00 -52.55 2.68
CA PHE C 218 27.13 -51.98 3.43
C PHE C 218 28.45 -52.19 2.71
N LYS C 219 29.35 -51.18 2.80
CA LYS C 219 30.70 -51.20 2.20
C LYS C 219 31.52 -52.27 2.94
N ALA C 220 31.46 -52.29 4.29
CA ALA C 220 32.15 -53.28 5.11
C ALA C 220 31.35 -54.59 5.19
N ALA C 221 32.04 -55.70 5.49
CA ALA C 221 31.43 -57.02 5.63
C ALA C 221 31.03 -57.22 7.09
N PHE C 222 29.77 -57.64 7.32
CA PHE C 222 29.17 -57.88 8.63
C PHE C 222 29.33 -56.71 9.64
N PRO C 223 28.96 -55.44 9.30
CA PRO C 223 29.03 -54.38 10.32
C PRO C 223 27.78 -54.46 11.22
N LYS C 224 27.68 -55.57 11.99
CA LYS C 224 26.55 -55.92 12.88
C LYS C 224 26.25 -54.84 13.94
N GLN C 225 27.25 -53.97 14.26
CA GLN C 225 27.07 -52.87 15.20
C GLN C 225 25.96 -51.90 14.79
N TYR C 226 25.70 -51.76 13.46
CA TYR C 226 24.65 -50.86 12.94
C TYR C 226 23.23 -51.29 13.31
N LEU C 227 23.02 -52.55 13.78
CA LEU C 227 21.70 -52.97 14.26
C LEU C 227 21.29 -52.18 15.52
N TYR C 228 22.29 -51.75 16.33
CA TYR C 228 22.09 -50.92 17.53
C TYR C 228 21.69 -49.52 17.10
N THR C 229 22.28 -49.04 15.99
CA THR C 229 21.98 -47.72 15.40
C THR C 229 20.52 -47.67 14.89
N ALA C 231 18.03 -48.76 16.55
CA ALA C 231 17.14 -48.67 17.73
C ALA C 231 17.07 -47.20 18.08
N TYR C 232 16.44 -46.88 19.20
CA TYR C 232 16.34 -45.50 19.67
C TYR C 232 17.76 -44.93 19.91
N PRO C 233 18.03 -43.67 19.51
CA PRO C 233 17.11 -42.69 18.87
C PRO C 233 17.19 -42.54 17.34
N SER C 234 18.07 -43.31 16.66
CA SER C 234 18.47 -43.10 15.27
C SER C 234 17.65 -43.75 14.12
N PHE C 235 16.69 -44.65 14.39
CA PHE C 235 15.84 -45.19 13.30
C PHE C 235 14.42 -45.45 13.82
N CYS C 236 13.68 -44.36 14.05
CA CYS C 236 12.36 -44.36 14.66
C CYS C 236 11.42 -43.54 13.77
N PRO C 237 10.89 -44.21 12.73
CA PRO C 237 10.10 -43.49 11.71
C PRO C 237 8.80 -42.86 12.15
N GLY C 238 8.48 -41.76 11.49
CA GLY C 238 7.24 -41.00 11.71
C GLY C 238 6.16 -41.46 10.74
N PRO C 239 4.90 -41.01 10.92
CA PRO C 239 3.83 -41.43 9.98
C PRO C 239 3.94 -40.70 8.64
N SER C 240 4.51 -41.39 7.63
CA SER C 240 4.75 -40.82 6.30
C SER C 240 3.48 -40.29 5.62
N HIS C 241 2.30 -40.90 5.86
CA HIS C 241 1.03 -40.42 5.26
C HIS C 241 0.64 -39.00 5.73
N ILE C 242 1.15 -38.58 6.89
CA ILE C 242 0.93 -37.28 7.51
C ILE C 242 2.11 -36.33 7.21
N LEU C 243 3.35 -36.83 7.35
CA LEU C 243 4.56 -36.02 7.18
C LEU C 243 4.96 -35.74 5.72
N LYS C 244 4.88 -36.75 4.82
CA LYS C 244 5.27 -36.62 3.42
C LYS C 244 4.53 -35.44 2.69
N PRO C 245 3.19 -35.24 2.82
CA PRO C 245 2.57 -34.08 2.15
C PRO C 245 3.08 -32.70 2.65
N GLN C 246 3.80 -32.68 3.80
CA GLN C 246 4.36 -31.46 4.40
C GLN C 246 5.85 -31.23 4.07
N HIS C 247 6.53 -32.27 3.58
CA HIS C 247 7.95 -32.24 3.23
C HIS C 247 8.20 -31.33 2.00
N PRO C 248 9.29 -30.51 1.99
CA PRO C 248 9.54 -29.61 0.84
C PRO C 248 9.64 -30.24 -0.54
N LYS C 249 10.02 -31.52 -0.59
CA LYS C 249 10.16 -32.26 -1.84
C LYS C 249 8.81 -32.58 -2.50
N TYR C 250 7.71 -32.59 -1.71
CA TYR C 250 6.37 -32.95 -2.17
C TYR C 250 5.32 -31.84 -1.97
N SER C 251 5.77 -30.61 -1.68
CA SER C 251 4.92 -29.45 -1.42
C SER C 251 5.69 -28.14 -1.62
N LYS C 252 5.04 -27.00 -1.32
CA LYS C 252 5.66 -25.68 -1.41
C LYS C 252 6.20 -25.20 -0.05
N ASN C 253 6.17 -26.08 0.96
CA ASN C 253 6.69 -25.81 2.31
C ASN C 253 8.21 -25.68 2.30
N THR C 254 8.74 -24.77 3.13
CA THR C 254 10.19 -24.66 3.33
C THR C 254 10.54 -25.77 4.34
N TYR C 255 11.84 -25.99 4.63
CA TYR C 255 12.25 -27.01 5.62
C TYR C 255 11.80 -26.64 7.04
N ASN C 256 11.81 -25.34 7.36
CA ASN C 256 11.35 -24.87 8.67
C ASN C 256 9.84 -25.07 8.82
N GLN C 257 9.08 -24.92 7.72
CA GLN C 257 7.63 -25.13 7.70
C GLN C 257 7.31 -26.61 7.92
N PHE C 258 8.10 -27.52 7.28
CA PHE C 258 7.94 -28.96 7.43
C PHE C 258 8.22 -29.36 8.89
N LYS C 259 9.34 -28.85 9.45
CA LYS C 259 9.76 -29.13 10.82
C LYS C 259 8.67 -28.74 11.83
N ASN C 260 7.99 -27.60 11.60
CA ASN C 260 6.99 -27.02 12.51
C ASN C 260 5.52 -27.27 12.13
N ALA C 261 5.24 -28.12 11.11
CA ALA C 261 3.87 -28.37 10.62
C ALA C 261 2.91 -29.02 11.64
N PHE C 262 3.45 -29.64 12.72
CA PHE C 262 2.66 -30.31 13.75
C PHE C 262 2.99 -29.76 15.14
N PRO C 263 2.47 -28.55 15.49
CA PRO C 263 2.78 -27.95 16.81
C PRO C 263 2.20 -28.75 17.97
N PRO C 264 2.55 -28.46 19.25
CA PRO C 264 2.01 -29.27 20.37
C PRO C 264 0.48 -29.29 20.48
N GLU C 265 -0.21 -28.24 19.99
CA GLU C 265 -1.68 -28.12 20.01
C GLU C 265 -2.34 -29.13 19.04
N TYR C 266 -1.60 -29.60 18.01
CA TYR C 266 -2.10 -30.59 17.06
C TYR C 266 -2.30 -31.90 17.85
N ASN C 268 -3.74 -35.97 18.66
CA ASN C 268 -3.76 -37.36 18.18
C ASN C 268 -2.78 -37.68 17.04
N PRO C 270 -0.45 -39.54 14.78
CA PRO C 270 -0.33 -41.01 14.65
C PRO C 270 1.02 -41.55 15.08
N VAL C 271 1.00 -42.64 15.87
CA VAL C 271 2.18 -43.29 16.45
C VAL C 271 2.10 -44.83 16.33
N GLY C 273 3.57 -46.33 18.90
CA GLY C 273 3.72 -46.44 20.35
C GLY C 273 2.46 -46.88 21.10
N ALA C 274 2.63 -47.26 22.38
CA ALA C 274 1.53 -47.82 23.22
C ALA C 274 0.44 -46.83 23.58
N TRP C 275 0.76 -45.54 23.61
CA TRP C 275 -0.15 -44.45 23.92
C TRP C 275 -0.05 -43.32 22.90
N VAL C 276 -1.15 -42.61 22.69
CA VAL C 276 -1.28 -41.50 21.73
C VAL C 276 -1.48 -40.19 22.48
N PRO C 277 -0.79 -39.09 22.11
CA PRO C 277 -1.05 -37.80 22.77
C PRO C 277 -2.46 -37.28 22.46
N VAL C 278 -3.24 -37.03 23.50
CA VAL C 278 -4.63 -36.58 23.34
C VAL C 278 -4.86 -35.18 23.90
N SER C 279 -3.96 -34.70 24.78
CA SER C 279 -4.15 -33.41 25.44
C SER C 279 -2.84 -32.74 25.75
N TYR C 280 -2.80 -31.42 25.54
CA TYR C 280 -1.65 -30.58 25.81
C TYR C 280 -2.11 -29.25 26.40
N ARG C 281 -1.55 -28.86 27.53
CA ARG C 281 -1.78 -27.56 28.14
C ARG C 281 -0.41 -26.93 28.41
N PRO C 282 -0.11 -25.77 27.76
CA PRO C 282 1.24 -25.15 27.92
C PRO C 282 1.73 -25.01 29.35
N ASP C 283 2.99 -25.44 29.62
CA ASP C 283 3.67 -25.41 30.92
C ASP C 283 2.95 -26.20 32.03
N ASP C 284 2.02 -27.09 31.63
CA ASP C 284 1.28 -27.86 32.62
C ASP C 284 1.35 -29.36 32.43
N LEU C 285 0.75 -29.87 31.32
CA LEU C 285 0.61 -31.31 31.16
C LEU C 285 0.37 -31.78 29.74
N ILE C 286 0.86 -33.00 29.47
CA ILE C 286 0.62 -33.77 28.26
C ILE C 286 -0.03 -35.06 28.73
N VAL C 287 -1.17 -35.41 28.15
CA VAL C 287 -1.87 -36.65 28.48
C VAL C 287 -1.86 -37.54 27.24
N LEU C 288 -1.51 -38.83 27.44
CA LEU C 288 -1.55 -39.82 26.39
C LEU C 288 -2.55 -40.89 26.81
N ARG C 289 -3.27 -41.44 25.84
CA ARG C 289 -4.25 -42.51 26.06
C ARG C 289 -3.86 -43.71 25.23
N ARG C 290 -4.18 -44.92 25.72
CA ARG C 290 -3.88 -46.19 25.06
C ARG C 290 -4.23 -46.20 23.56
N ASN C 291 -3.27 -46.71 22.75
CA ASN C 291 -3.38 -46.82 21.30
C ASN C 291 -4.17 -48.10 20.98
N PRO C 292 -5.40 -48.00 20.40
CA PRO C 292 -6.18 -49.22 20.12
C PRO C 292 -5.64 -50.09 18.98
N TYR C 293 -4.65 -49.60 18.23
CA TYR C 293 -4.02 -50.36 17.15
C TYR C 293 -2.63 -50.89 17.57
N TYR C 294 -2.28 -50.84 18.90
CA TYR C 294 -0.99 -51.35 19.38
C TYR C 294 -0.84 -52.81 18.97
N TRP C 295 0.34 -53.14 18.47
CA TRP C 295 0.70 -54.42 17.85
C TRP C 295 1.46 -55.42 18.76
N LYS C 296 1.45 -55.14 20.07
CA LYS C 296 2.12 -55.99 21.06
C LYS C 296 1.07 -56.58 22.01
N VAL C 297 1.22 -57.87 22.36
CA VAL C 297 0.29 -58.61 23.24
C VAL C 297 1.05 -59.47 24.26
N ASP C 298 0.37 -59.97 25.31
CA ASP C 298 1.00 -60.95 26.20
C ASP C 298 0.69 -62.38 25.67
N GLU C 299 1.16 -63.44 26.38
CA GLU C 299 0.93 -64.82 25.99
C GLU C 299 -0.52 -65.28 26.18
N LYS C 300 -1.32 -64.55 26.98
CA LYS C 300 -2.74 -64.85 27.17
C LYS C 300 -3.58 -64.17 26.06
N GLY C 301 -2.92 -63.44 25.15
CA GLY C 301 -3.59 -62.74 24.06
C GLY C 301 -4.10 -61.36 24.43
N GLN C 302 -3.78 -60.84 25.63
CA GLN C 302 -4.22 -59.51 26.04
C GLN C 302 -3.42 -58.45 25.30
N GLN C 303 -4.11 -57.57 24.56
CA GLN C 303 -3.45 -56.48 23.82
C GLN C 303 -2.88 -55.45 24.79
N LEU C 304 -1.62 -55.12 24.60
CA LEU C 304 -0.94 -54.15 25.45
C LEU C 304 -1.23 -52.71 24.99
N PRO C 305 -0.99 -51.66 25.81
CA PRO C 305 -0.42 -51.66 27.18
C PRO C 305 -1.45 -52.08 28.25
N TYR C 306 -0.99 -52.39 29.48
CA TYR C 306 -1.92 -52.69 30.58
C TYR C 306 -2.47 -51.36 31.12
N LEU C 307 -1.58 -50.35 31.27
CA LEU C 307 -1.92 -49.01 31.74
C LEU C 307 -2.70 -48.28 30.63
N ASN C 308 -3.80 -47.66 30.99
CA ASN C 308 -4.68 -46.96 30.06
C ASN C 308 -4.23 -45.57 29.67
N GLU C 309 -3.47 -44.92 30.57
CA GLU C 309 -3.13 -43.52 30.45
C GLU C 309 -1.73 -43.23 30.96
N VAL C 310 -1.09 -42.21 30.36
CA VAL C 310 0.25 -41.73 30.74
C VAL C 310 0.21 -40.20 30.85
N HIS C 311 0.80 -39.65 31.93
CA HIS C 311 0.90 -38.20 32.09
C HIS C 311 2.34 -37.76 32.02
N TYR C 312 2.58 -36.59 31.42
CA TYR C 312 3.89 -35.94 31.42
C TYR C 312 3.64 -34.54 31.97
N LYS C 313 3.90 -34.38 33.27
CA LYS C 313 3.73 -33.12 33.97
C LYS C 313 4.92 -32.24 33.61
N LEU C 314 4.65 -31.04 33.09
CA LEU C 314 5.69 -30.11 32.63
C LEU C 314 6.18 -29.28 33.83
N SER C 315 7.34 -29.66 34.36
CA SER C 315 7.89 -29.04 35.56
C SER C 315 9.42 -28.86 35.40
N THR C 316 10.22 -29.29 36.39
CA THR C 316 11.68 -29.25 36.30
C THR C 316 12.21 -30.68 36.49
N TRP C 317 13.47 -30.93 36.09
CA TRP C 317 14.12 -32.23 36.29
C TRP C 317 14.32 -32.53 37.78
N ALA C 318 14.66 -31.50 38.61
CA ALA C 318 14.80 -31.70 40.07
C ALA C 318 13.43 -32.05 40.73
N ASP C 319 12.32 -31.47 40.22
CA ASP C 319 10.97 -31.74 40.73
C ASP C 319 10.55 -33.19 40.45
N ARG C 320 11.11 -33.83 39.40
CA ARG C 320 10.82 -35.23 39.10
C ARG C 320 11.19 -36.12 40.28
N ASP C 321 12.38 -35.88 40.88
CA ASP C 321 12.84 -36.63 42.06
C ASP C 321 11.92 -36.37 43.26
N VAL C 322 11.58 -35.10 43.47
CA VAL C 322 10.70 -34.63 44.57
C VAL C 322 9.35 -35.33 44.47
N GLN C 323 8.68 -35.24 43.31
CA GLN C 323 7.37 -35.86 43.09
C GLN C 323 7.40 -37.39 43.19
N ALA C 324 8.48 -38.05 42.71
CA ALA C 324 8.62 -39.51 42.77
C ALA C 324 8.69 -40.00 44.21
N VAL C 325 9.49 -39.33 45.08
CA VAL C 325 9.61 -39.77 46.48
C VAL C 325 8.34 -39.34 47.27
N ALA C 326 7.62 -38.29 46.84
CA ALA C 326 6.39 -37.84 47.50
C ALA C 326 5.19 -38.73 47.13
N GLY C 327 5.22 -39.34 45.96
CA GLY C 327 4.15 -40.23 45.50
C GLY C 327 3.23 -39.66 44.44
N SER C 328 3.44 -38.40 44.05
CA SER C 328 2.62 -37.73 43.02
C SER C 328 3.13 -38.01 41.61
N GLY C 329 4.43 -38.33 41.51
CA GLY C 329 5.09 -38.77 40.29
C GLY C 329 5.40 -40.25 40.49
N ASP C 330 5.39 -41.07 39.42
CA ASP C 330 5.59 -42.53 39.55
C ASP C 330 6.97 -43.06 39.17
N PHE C 331 7.83 -42.18 38.64
CA PHE C 331 9.12 -42.59 38.12
C PHE C 331 10.12 -41.44 38.16
N SER C 332 11.37 -41.77 38.45
CA SER C 332 12.48 -40.83 38.31
C SER C 332 13.79 -41.53 38.07
N ASN C 333 14.68 -40.85 37.33
CA ASN C 333 16.08 -41.24 37.21
C ASN C 333 16.77 -40.22 38.12
N LEU C 334 17.16 -40.64 39.34
CA LEU C 334 17.85 -39.78 40.30
C LEU C 334 19.29 -39.72 39.79
N GLU C 335 19.63 -38.61 39.14
CA GLU C 335 20.88 -38.43 38.38
C GLU C 335 21.62 -37.13 38.70
N GLN C 336 21.08 -36.33 39.62
CA GLN C 336 21.68 -35.06 40.05
C GLN C 336 22.14 -35.25 41.51
N PRO C 337 23.47 -35.35 41.75
CA PRO C 337 23.98 -35.59 43.12
C PRO C 337 23.43 -34.67 44.20
N GLU C 338 23.07 -33.41 43.84
CA GLU C 338 22.49 -32.42 44.74
C GLU C 338 21.16 -32.88 45.34
N ASN C 339 20.50 -33.90 44.74
CA ASN C 339 19.23 -34.43 45.23
C ASN C 339 19.37 -35.82 45.87
N PHE C 340 20.60 -36.37 45.91
CA PHE C 340 20.82 -37.72 46.46
C PHE C 340 20.42 -37.88 47.93
N VAL C 341 20.90 -36.98 48.81
CA VAL C 341 20.69 -37.04 50.27
C VAL C 341 19.21 -36.93 50.62
N ALA C 342 18.51 -35.90 50.11
CA ALA C 342 17.08 -35.70 50.36
C ALA C 342 16.23 -36.89 49.87
N SER C 343 16.58 -37.47 48.71
CA SER C 343 15.86 -38.61 48.15
C SER C 343 16.10 -39.88 48.99
N LEU C 344 17.37 -40.11 49.42
CA LEU C 344 17.74 -41.26 50.27
C LEU C 344 17.07 -41.20 51.64
N LYS C 345 16.98 -39.99 52.24
CA LYS C 345 16.33 -39.76 53.52
C LYS C 345 14.84 -40.14 53.41
N ARG C 346 14.16 -39.63 52.36
CA ARG C 346 12.75 -39.92 52.11
C ARG C 346 12.53 -41.43 51.91
N ALA C 347 13.41 -42.09 51.11
CA ALA C 347 13.33 -43.52 50.79
C ALA C 347 13.64 -44.43 52.00
N ALA C 348 14.27 -43.86 53.06
CA ALA C 348 14.61 -44.60 54.28
C ALA C 348 13.37 -44.91 55.15
N ASP C 349 12.25 -44.21 54.90
CA ASP C 349 10.98 -44.42 55.60
C ASP C 349 10.32 -45.70 55.02
N PRO C 350 9.99 -46.74 55.84
CA PRO C 350 9.35 -47.94 55.28
C PRO C 350 7.97 -47.67 54.65
N ASN C 351 7.32 -46.56 55.04
CA ASN C 351 6.02 -46.12 54.52
C ASN C 351 6.16 -45.32 53.19
N ALA C 352 7.40 -45.14 52.68
CA ALA C 352 7.70 -44.42 51.43
C ALA C 352 6.89 -45.03 50.26
N PRO C 353 6.26 -44.20 49.41
CA PRO C 353 5.47 -44.75 48.30
C PRO C 353 6.32 -45.30 47.15
N ALA C 354 7.62 -44.99 47.13
CA ALA C 354 8.52 -45.40 46.07
C ALA C 354 9.75 -46.14 46.57
N ARG C 355 10.29 -47.01 45.71
CA ARG C 355 11.49 -47.79 45.90
C ARG C 355 12.63 -47.06 45.17
N LEU C 356 13.85 -47.06 45.74
CA LEU C 356 15.03 -46.39 45.18
C LEU C 356 16.20 -47.37 45.11
N ALA C 357 16.86 -47.49 43.94
CA ALA C 357 18.02 -48.39 43.82
C ALA C 357 19.13 -47.82 42.93
N PHE C 358 20.34 -47.66 43.50
CA PHE C 358 21.52 -47.20 42.77
C PHE C 358 22.12 -48.34 41.92
N GLY C 359 22.73 -47.98 40.80
CA GLY C 359 23.37 -48.91 39.88
C GLY C 359 24.87 -48.63 39.79
N PRO C 360 25.57 -49.14 38.75
CA PRO C 360 27.01 -48.82 38.58
C PRO C 360 27.26 -47.35 38.17
N ARG C 361 28.53 -46.88 38.22
CA ARG C 361 28.88 -45.49 37.86
C ARG C 361 28.84 -45.27 36.35
N LEU C 362 27.65 -44.95 35.82
CA LEU C 362 27.44 -44.78 34.39
C LEU C 362 27.05 -43.36 33.98
N ILE C 363 26.95 -42.44 34.93
CA ILE C 363 26.64 -41.04 34.63
C ILE C 363 27.97 -40.27 34.68
N GLY C 364 28.40 -39.82 33.51
CA GLY C 364 29.63 -39.06 33.40
C GLY C 364 29.43 -37.70 32.76
N TYR C 365 30.27 -36.73 33.13
CA TYR C 365 30.27 -35.40 32.55
C TYR C 365 31.61 -35.06 31.93
N ASN C 366 31.56 -34.44 30.75
CA ASN C 366 32.76 -33.99 30.05
C ASN C 366 32.70 -32.54 29.63
N LEU C 367 33.87 -31.92 29.58
CA LEU C 367 34.09 -30.62 28.99
C LEU C 367 34.45 -30.99 27.53
N GLN C 368 33.66 -30.48 26.58
CA GLN C 368 33.87 -30.70 25.15
C GLN C 368 34.30 -29.41 24.49
N ASN C 370 35.22 -27.34 20.88
CA ASN C 370 34.96 -27.33 19.44
C ASN C 370 36.33 -27.42 18.72
N PHE C 371 36.57 -28.53 18.01
CA PHE C 371 37.82 -28.81 17.29
C PHE C 371 37.84 -28.35 15.82
N SER C 372 36.74 -27.79 15.32
CA SER C 372 36.69 -27.35 13.92
C SER C 372 37.31 -25.98 13.70
N ALA C 373 38.42 -25.94 12.94
CA ALA C 373 39.09 -24.69 12.58
C ALA C 373 38.75 -24.36 11.12
N ASN C 374 37.78 -25.09 10.53
CA ASN C 374 37.37 -24.91 9.15
C ASN C 374 35.92 -24.39 8.95
N GLY C 375 35.40 -23.63 9.91
CA GLY C 375 34.12 -22.96 9.77
C GLY C 375 32.83 -23.51 10.34
N TRP C 376 32.87 -24.62 11.13
CA TRP C 376 31.64 -25.15 11.76
C TRP C 376 31.13 -24.11 12.77
N GLY C 377 29.90 -23.66 12.56
CA GLY C 377 29.25 -22.65 13.39
C GLY C 377 29.57 -21.23 12.97
N ASN C 378 30.29 -21.08 11.83
CA ASN C 378 30.73 -19.81 11.21
C ASN C 378 31.31 -18.86 12.29
N PRO C 379 32.38 -19.27 13.01
CA PRO C 379 32.91 -18.40 14.07
C PRO C 379 33.49 -17.07 13.58
N ASP C 380 33.45 -16.04 14.47
CA ASP C 380 34.05 -14.74 14.20
C ASP C 380 35.56 -14.88 14.52
N GLU C 381 36.33 -13.77 14.42
CA GLU C 381 37.78 -13.80 14.70
C GLU C 381 38.10 -14.33 16.10
N ARG C 382 37.31 -13.93 17.11
CA ARG C 382 37.45 -14.37 18.49
C ARG C 382 37.25 -15.90 18.63
N GLY C 383 36.15 -16.41 18.05
CA GLY C 383 35.79 -17.83 18.05
C GLY C 383 36.85 -18.69 17.38
N GLN C 384 37.35 -18.23 16.21
CA GLN C 384 38.39 -18.89 15.43
C GLN C 384 39.70 -19.05 16.23
N ALA C 385 40.09 -18.03 17.00
CA ALA C 385 41.31 -18.07 17.83
C ALA C 385 41.17 -19.13 18.95
N ILE C 386 39.95 -19.28 19.53
CA ILE C 386 39.69 -20.29 20.57
C ILE C 386 39.79 -21.69 19.95
N ARG C 387 39.24 -21.87 18.72
CA ARG C 387 39.29 -23.14 17.99
C ARG C 387 40.74 -23.57 17.81
N GLU C 388 41.64 -22.62 17.45
CA GLU C 388 43.07 -22.88 17.27
C GLU C 388 43.73 -23.27 18.60
N LEU C 389 43.32 -22.64 19.72
CA LEU C 389 43.81 -23.03 21.05
C LEU C 389 43.31 -24.44 21.43
N ASN C 390 42.04 -24.75 21.15
CA ASN C 390 41.44 -26.07 21.45
C ASN C 390 42.19 -27.21 20.75
N ARG C 391 42.67 -26.96 19.51
CA ARG C 391 43.43 -27.91 18.68
C ARG C 391 44.89 -28.06 19.11
N ASN C 392 45.38 -27.16 19.98
CA ASN C 392 46.75 -27.21 20.49
C ASN C 392 46.75 -28.16 21.69
N GLU C 393 47.46 -29.32 21.56
CA GLU C 393 47.51 -30.35 22.62
C GLU C 393 48.09 -29.84 23.95
N VAL C 394 49.03 -28.88 23.92
CA VAL C 394 49.63 -28.29 25.12
C VAL C 394 48.54 -27.50 25.90
N PHE C 395 47.66 -26.80 25.17
CA PHE C 395 46.53 -26.06 25.75
C PHE C 395 45.58 -27.04 26.44
N ARG C 396 45.26 -28.18 25.78
CA ARG C 396 44.37 -29.21 26.33
C ARG C 396 44.95 -29.83 27.60
N GLN C 397 46.27 -30.14 27.58
CA GLN C 397 46.99 -30.71 28.71
C GLN C 397 46.99 -29.76 29.91
N ALA C 398 47.11 -28.44 29.64
CA ALA C 398 47.06 -27.40 30.67
C ALA C 398 45.66 -27.32 31.31
N VAL C 399 44.58 -27.30 30.48
CA VAL C 399 43.19 -27.23 30.97
C VAL C 399 42.87 -28.44 31.89
N THR C 400 43.18 -29.67 31.45
CA THR C 400 42.90 -30.89 32.24
C THR C 400 43.76 -31.00 33.53
N SER C 401 44.99 -30.48 33.52
CA SER C 401 45.88 -30.54 34.69
C SER C 401 45.48 -29.50 35.71
N ALA C 402 44.81 -28.41 35.27
CA ALA C 402 44.36 -27.33 36.14
C ALA C 402 43.09 -27.73 36.89
N LEU C 403 42.53 -28.91 36.58
CA LEU C 403 41.33 -29.39 37.26
C LEU C 403 41.65 -30.21 38.50
N ASP C 404 41.08 -29.80 39.63
CA ASP C 404 41.18 -30.51 40.91
C ASP C 404 39.91 -31.35 40.92
N ARG C 405 40.02 -32.59 40.39
CA ARG C 405 38.91 -33.52 40.23
C ARG C 405 38.32 -34.01 41.55
N LYS C 406 39.14 -34.08 42.62
CA LYS C 406 38.67 -34.44 43.96
C LYS C 406 37.71 -33.33 44.45
N ALA C 407 38.08 -32.05 44.23
CA ALA C 407 37.25 -30.89 44.62
C ALA C 407 35.96 -30.86 43.79
N ILE C 408 36.02 -31.27 42.50
CA ILE C 408 34.83 -31.34 41.64
C ILE C 408 33.84 -32.36 42.24
N GLY C 409 34.34 -33.55 42.59
CA GLY C 409 33.52 -34.59 43.21
C GLY C 409 32.89 -34.13 44.50
N ASP C 410 33.68 -33.49 45.40
CA ASP C 410 33.23 -32.94 46.68
C ASP C 410 32.17 -31.87 46.54
N SER C 411 32.23 -31.06 45.47
CA SER C 411 31.28 -29.97 45.21
C SER C 411 29.88 -30.51 44.84
N LEU C 412 29.79 -31.77 44.39
CA LEU C 412 28.52 -32.37 44.00
C LEU C 412 27.85 -33.10 45.16
N VAL C 413 28.57 -34.04 45.79
CA VAL C 413 28.06 -34.84 46.91
C VAL C 413 29.23 -35.54 47.62
N LYS C 414 29.13 -35.64 48.95
CA LYS C 414 30.10 -36.35 49.78
C LYS C 414 29.74 -37.85 49.74
N GLY C 415 30.64 -38.69 50.27
CA GLY C 415 30.42 -40.12 50.28
C GLY C 415 31.07 -40.88 49.14
N PRO C 416 30.64 -42.15 48.93
CA PRO C 416 31.30 -43.00 47.91
C PRO C 416 30.80 -42.88 46.47
N PHE C 417 29.95 -41.88 46.16
CA PHE C 417 29.35 -41.73 44.83
C PHE C 417 30.36 -41.39 43.70
N THR C 418 31.04 -40.23 43.79
CA THR C 418 31.94 -39.75 42.74
C THR C 418 33.24 -40.55 42.63
N ALA C 419 33.78 -40.59 41.41
CA ALA C 419 35.03 -41.22 41.05
C ALA C 419 35.81 -40.25 40.19
N ILE C 420 37.15 -40.31 40.28
CA ILE C 420 38.06 -39.50 39.47
C ILE C 420 37.83 -39.92 38.01
N TYR C 421 37.45 -38.95 37.18
CA TYR C 421 37.11 -39.24 35.79
C TYR C 421 37.94 -38.39 34.82
N PRO C 422 38.98 -38.98 34.19
CA PRO C 422 39.80 -38.20 33.24
C PRO C 422 39.11 -37.93 31.92
N GLY C 423 38.12 -38.77 31.60
CA GLY C 423 37.37 -38.76 30.35
C GLY C 423 37.33 -40.14 29.75
N GLY C 424 36.68 -40.27 28.59
CA GLY C 424 36.58 -41.55 27.87
C GLY C 424 35.48 -42.45 28.36
N ILE C 425 35.64 -43.76 28.12
CA ILE C 425 34.69 -44.81 28.52
C ILE C 425 34.49 -44.78 30.04
N SER C 426 33.21 -44.85 30.46
CA SER C 426 32.80 -44.88 31.86
C SER C 426 33.42 -46.11 32.58
N SER C 427 33.84 -45.92 33.85
CA SER C 427 34.40 -47.01 34.68
C SER C 427 33.37 -48.09 35.03
N GLY C 428 32.07 -47.77 34.90
CA GLY C 428 30.99 -48.70 35.21
C GLY C 428 30.63 -49.70 34.13
N THR C 429 31.28 -49.63 32.94
CA THR C 429 30.94 -50.55 31.84
C THR C 429 32.09 -51.56 31.62
N SER C 430 31.76 -52.77 31.12
CA SER C 430 32.72 -53.86 30.93
C SER C 430 33.89 -53.56 29.96
N PHE C 431 33.71 -52.71 28.92
CA PHE C 431 34.80 -52.41 27.98
C PHE C 431 35.88 -51.49 28.59
N TYR C 432 35.60 -50.91 29.78
CA TYR C 432 36.53 -50.03 30.48
C TYR C 432 37.77 -50.78 30.96
N ASP C 433 38.95 -50.14 30.82
CA ASP C 433 40.21 -50.65 31.30
C ASP C 433 40.96 -49.51 31.98
N ARG C 434 41.10 -49.59 33.32
CA ARG C 434 41.80 -48.61 34.16
C ARG C 434 43.25 -48.39 33.68
N ALA C 435 43.98 -49.48 33.36
CA ALA C 435 45.37 -49.44 32.87
C ALA C 435 45.53 -48.67 31.54
N SER C 436 44.45 -48.59 30.73
CA SER C 436 44.43 -47.87 29.45
C SER C 436 43.96 -46.41 29.61
N THR C 437 43.60 -46.00 30.83
CA THR C 437 43.06 -44.65 31.10
C THR C 437 44.17 -43.70 31.57
N VAL C 438 44.44 -42.67 30.76
CA VAL C 438 45.46 -41.67 31.06
C VAL C 438 44.88 -40.61 31.99
N TYR C 439 45.44 -40.53 33.20
CA TYR C 439 45.06 -39.55 34.22
C TYR C 439 46.12 -38.47 34.33
N TYR C 440 45.71 -37.20 34.15
CA TYR C 440 46.56 -36.03 34.31
C TYR C 440 46.21 -35.51 35.71
N PRO C 441 47.06 -35.74 36.75
CA PRO C 441 46.71 -35.27 38.10
C PRO C 441 46.68 -33.74 38.21
N PHE C 442 46.12 -33.23 39.31
CA PHE C 442 46.05 -31.78 39.56
C PHE C 442 47.47 -31.19 39.71
N ASN C 443 47.85 -30.35 38.73
CA ASN C 443 49.14 -29.68 38.66
C ASN C 443 48.93 -28.28 38.07
N LEU C 444 48.44 -27.35 38.92
CA LEU C 444 48.15 -25.98 38.54
C LEU C 444 49.40 -25.23 38.04
N GLU C 445 50.55 -25.44 38.72
CA GLU C 445 51.80 -24.79 38.34
C GLU C 445 52.31 -25.26 36.98
N GLY C 446 52.22 -26.56 36.73
CA GLY C 446 52.59 -27.14 35.44
C GLY C 446 51.69 -26.64 34.32
N ALA C 447 50.38 -26.46 34.64
CA ALA C 447 49.37 -25.95 33.72
C ALA C 447 49.68 -24.49 33.34
N LYS C 448 50.08 -23.66 34.34
CA LYS C 448 50.46 -22.25 34.12
C LYS C 448 51.68 -22.13 33.23
N ALA C 449 52.68 -23.03 33.40
CA ALA C 449 53.91 -23.04 32.60
C ALA C 449 53.61 -23.45 31.17
N ALA C 450 52.65 -24.37 30.98
CA ALA C 450 52.20 -24.84 29.66
C ALA C 450 51.57 -23.71 28.84
N LEU C 451 50.69 -22.89 29.47
CA LEU C 451 50.04 -21.76 28.79
C LEU C 451 51.03 -20.66 28.43
N ALA C 452 52.00 -20.39 29.33
CA ALA C 452 53.08 -19.42 29.10
C ALA C 452 53.95 -19.88 27.91
N SER C 453 54.17 -21.22 27.78
CA SER C 453 54.95 -21.80 26.68
C SER C 453 54.26 -21.69 25.31
N ILE C 454 52.94 -21.44 25.24
CA ILE C 454 52.29 -21.34 23.93
C ILE C 454 51.95 -19.86 23.58
N GLY C 455 52.60 -18.92 24.28
CA GLY C 455 52.47 -17.49 24.01
C GLY C 455 51.36 -16.71 24.67
N LEU C 456 50.73 -17.29 25.71
CA LEU C 456 49.67 -16.60 26.46
C LEU C 456 50.24 -16.03 27.75
N LYS C 457 50.11 -14.70 27.94
CA LYS C 457 50.62 -14.03 29.14
C LYS C 457 49.80 -12.82 29.52
N ASP C 458 49.70 -12.54 30.82
CA ASP C 458 48.96 -11.39 31.35
C ASP C 458 49.84 -10.14 31.25
N THR C 459 49.60 -9.32 30.23
CA THR C 459 50.36 -8.10 29.96
C THR C 459 49.91 -6.90 30.83
N ASP C 460 48.60 -6.83 31.15
CA ASP C 460 47.93 -5.73 31.88
C ASP C 460 47.83 -5.91 33.41
N GLY C 461 48.24 -7.06 33.92
CA GLY C 461 48.21 -7.35 35.35
C GLY C 461 46.83 -7.48 35.98
N ASP C 462 45.81 -7.89 35.19
CA ASP C 462 44.43 -8.12 35.67
C ASP C 462 44.16 -9.58 36.08
N GLY C 463 45.20 -10.41 36.09
CA GLY C 463 45.11 -11.81 36.46
C GLY C 463 44.69 -12.74 35.33
N PHE C 464 44.27 -12.17 34.18
CA PHE C 464 43.83 -12.94 33.01
C PHE C 464 44.84 -12.89 31.89
N LEU C 465 45.05 -14.02 31.20
CA LEU C 465 46.00 -14.11 30.11
C LEU C 465 45.50 -13.47 28.82
N ASN C 466 46.41 -12.76 28.12
CA ASN C 466 46.16 -12.10 26.85
C ASN C 466 46.74 -12.94 25.71
N PHE C 467 46.12 -12.84 24.52
CA PHE C 467 46.59 -13.46 23.28
C PHE C 467 47.88 -12.73 22.86
N PRO C 468 48.82 -13.35 22.08
CA PRO C 468 50.00 -12.59 21.63
C PRO C 468 49.59 -11.41 20.73
N LYS C 469 50.47 -10.40 20.57
CA LYS C 469 50.21 -9.18 19.78
C LYS C 469 49.61 -9.43 18.38
N GLU C 470 49.97 -10.58 17.76
CA GLU C 470 49.52 -11.02 16.44
C GLU C 470 48.00 -11.26 16.40
N THR C 471 47.49 -12.04 17.36
CA THR C 471 46.08 -12.44 17.46
C THR C 471 45.22 -11.46 18.26
N LEU C 472 44.09 -11.02 17.66
CA LEU C 472 43.07 -10.13 18.21
C LEU C 472 43.61 -8.86 18.92
N GLY C 473 44.69 -8.29 18.37
CA GLY C 473 45.34 -7.10 18.92
C GLY C 473 45.82 -7.20 20.35
N GLY C 474 46.09 -8.43 20.80
CA GLY C 474 46.55 -8.69 22.15
C GLY C 474 45.48 -8.59 23.22
N ARG C 475 44.21 -8.83 22.85
CA ARG C 475 43.07 -8.82 23.77
C ARG C 475 43.18 -9.99 24.76
N ASN C 476 42.48 -9.89 25.90
CA ASN C 476 42.42 -10.97 26.89
C ASN C 476 41.71 -12.18 26.25
N VAL C 477 42.18 -13.41 26.57
CA VAL C 477 41.56 -14.65 26.08
C VAL C 477 40.17 -14.73 26.71
N GLU C 478 39.14 -14.93 25.88
CA GLU C 478 37.77 -15.01 26.36
C GLU C 478 37.09 -16.23 25.76
N ILE C 479 36.70 -17.18 26.63
CA ILE C 479 36.10 -18.47 26.23
C ILE C 479 34.64 -18.58 26.67
N THR C 480 33.74 -18.96 25.74
CA THR C 480 32.33 -19.17 26.09
C THR C 480 32.09 -20.65 26.44
N LEU C 481 31.22 -20.88 27.44
CA LEU C 481 30.88 -22.21 27.93
C LEU C 481 29.41 -22.47 27.79
N LEU C 482 29.02 -23.33 26.84
CA LEU C 482 27.63 -23.67 26.58
C LEU C 482 27.13 -24.67 27.65
N VAL C 483 26.08 -24.29 28.37
CA VAL C 483 25.52 -25.07 29.48
C VAL C 483 24.00 -25.32 29.31
N ASN C 484 23.55 -26.52 29.69
CA ASN C 484 22.15 -26.88 29.71
C ASN C 484 21.55 -26.28 30.99
N ASN C 485 20.63 -25.32 30.83
CA ASN C 485 19.98 -24.58 31.92
C ASN C 485 19.00 -25.40 32.78
N GLY C 486 18.61 -26.58 32.31
CA GLY C 486 17.62 -27.42 33.00
C GLY C 486 18.11 -28.21 34.19
N TYR C 487 19.42 -28.25 34.45
CA TYR C 487 19.99 -29.08 35.50
C TYR C 487 20.88 -28.35 36.47
N ALA C 488 20.69 -28.61 37.77
CA ALA C 488 21.53 -28.03 38.84
C ALA C 488 22.97 -28.55 38.71
N THR C 489 23.16 -29.85 38.35
CA THR C 489 24.47 -30.47 38.18
C THR C 489 25.30 -29.77 37.10
N ASP C 490 24.74 -29.61 35.90
CA ASP C 490 25.39 -28.93 34.77
C ASP C 490 25.83 -27.56 35.15
N LYS C 491 24.93 -26.80 35.81
CA LYS C 491 25.19 -25.43 36.24
C LYS C 491 26.27 -25.37 37.33
N SER C 492 26.27 -26.32 38.29
CA SER C 492 27.27 -26.37 39.35
C SER C 492 28.67 -26.71 38.75
N LEU C 493 28.72 -27.63 37.80
CA LEU C 493 29.97 -28.02 37.15
C LEU C 493 30.54 -26.87 36.31
N ALA C 494 29.65 -26.11 35.62
CA ALA C 494 30.02 -24.96 34.81
C ALA C 494 30.62 -23.85 35.69
N GLU C 495 29.98 -23.58 36.83
CA GLU C 495 30.43 -22.58 37.79
C GLU C 495 31.80 -22.98 38.40
N GLY C 496 31.95 -24.26 38.73
CA GLY C 496 33.19 -24.82 39.25
C GLY C 496 34.33 -24.69 38.25
N LEU C 497 34.05 -24.96 36.96
CA LEU C 497 35.03 -24.84 35.89
C LEU C 497 35.48 -23.37 35.66
N VAL C 498 34.56 -22.39 35.80
CA VAL C 498 34.87 -20.95 35.67
C VAL C 498 35.86 -20.51 36.77
N GLY C 499 35.63 -20.96 37.99
CA GLY C 499 36.50 -20.68 39.13
C GLY C 499 37.88 -21.29 39.00
N GLN C 500 37.94 -22.57 38.54
CA GLN C 500 39.21 -23.29 38.31
C GLN C 500 40.04 -22.69 37.17
N ALA C 502 39.83 -19.50 36.21
CA ALA C 502 40.24 -18.18 36.68
C ALA C 502 41.60 -18.28 37.40
N LYS C 503 41.81 -19.35 38.21
CA LYS C 503 43.08 -19.63 38.91
C LYS C 503 44.21 -19.91 37.89
N LEU C 504 43.89 -20.56 36.76
CA LEU C 504 44.81 -20.86 35.68
C LEU C 504 45.11 -19.59 34.86
N GLY C 505 44.20 -18.61 34.89
CA GLY C 505 44.36 -17.35 34.17
C GLY C 505 43.46 -17.20 32.95
N LEU C 506 42.54 -18.15 32.73
CA LEU C 506 41.63 -18.11 31.56
C LEU C 506 40.25 -17.59 31.93
N ARG C 507 39.76 -16.55 31.20
CA ARG C 507 38.42 -16.02 31.47
C ARG C 507 37.35 -16.83 30.72
N VAL C 508 36.47 -17.50 31.49
CA VAL C 508 35.40 -18.31 30.93
C VAL C 508 34.03 -17.67 31.24
N VAL C 509 33.18 -17.55 30.21
CA VAL C 509 31.86 -16.94 30.31
C VAL C 509 30.77 -17.98 30.05
N ILE C 510 29.83 -18.15 30.99
CA ILE C 510 28.75 -19.11 30.83
C ILE C 510 27.68 -18.60 29.85
N HIS C 511 27.27 -19.48 28.93
CA HIS C 511 26.18 -19.27 27.98
C HIS C 511 25.18 -20.38 28.35
N SER C 512 24.24 -20.06 29.26
CA SER C 512 23.26 -21.02 29.76
C SER C 512 21.98 -20.96 28.93
N LEU C 513 21.62 -22.08 28.29
CA LEU C 513 20.45 -22.14 27.43
C LEU C 513 19.51 -23.27 27.77
N ASP C 514 18.22 -23.09 27.45
CA ASP C 514 17.21 -24.13 27.62
C ASP C 514 17.52 -25.24 26.60
N SER C 515 17.07 -26.46 26.88
CA SER C 515 17.33 -27.67 26.11
C SER C 515 17.30 -27.50 24.60
N ASN C 516 16.18 -26.97 24.07
CA ASN C 516 16.03 -26.78 22.62
C ASN C 516 17.09 -25.84 22.03
N GLN C 517 17.33 -24.68 22.66
CA GLN C 517 18.31 -23.71 22.19
C GLN C 517 19.72 -24.21 22.37
N ARG C 518 19.95 -24.99 23.45
CA ARG C 518 21.26 -25.61 23.75
C ARG C 518 21.61 -26.61 22.64
N ASP C 519 20.66 -27.49 22.27
CA ASP C 519 20.87 -28.48 21.20
C ASP C 519 21.16 -27.82 19.84
N ALA C 520 20.42 -26.74 19.49
CA ALA C 520 20.65 -26.02 18.23
C ALA C 520 22.04 -25.36 18.18
N ALA C 521 22.48 -24.71 19.29
CA ALA C 521 23.80 -24.08 19.38
C ALA C 521 24.93 -25.15 19.27
N HIS C 522 24.76 -26.30 19.96
CA HIS C 522 25.72 -27.41 19.94
C HIS C 522 25.84 -27.99 18.53
N TYR C 523 24.73 -28.52 17.99
CA TYR C 523 24.73 -29.20 16.69
C TYR C 523 25.04 -28.23 15.53
N GLY C 524 24.76 -26.94 15.72
CA GLY C 524 25.11 -25.90 14.77
C GLY C 524 26.56 -25.43 14.88
N GLY C 525 27.30 -25.94 15.88
CA GLY C 525 28.70 -25.59 16.10
C GLY C 525 28.95 -24.20 16.63
N GLN C 526 27.92 -23.57 17.21
CA GLN C 526 27.98 -22.22 17.76
C GLN C 526 28.39 -22.28 19.24
N PHE C 527 29.61 -22.77 19.49
CA PHE C 527 30.20 -22.90 20.84
C PHE C 527 31.71 -22.96 20.78
N ASP C 528 32.36 -22.54 21.87
CA ASP C 528 33.82 -22.65 22.01
C ASP C 528 34.05 -23.96 22.78
N TRP C 529 33.46 -24.03 23.99
CA TRP C 529 33.45 -25.14 24.93
C TRP C 529 32.01 -25.42 25.35
N LEU C 530 31.74 -26.63 25.83
CA LEU C 530 30.45 -26.99 26.40
C LEU C 530 30.61 -28.02 27.52
N VAL C 531 29.67 -28.01 28.47
CA VAL C 531 29.59 -29.01 29.55
C VAL C 531 28.45 -29.92 29.10
N ARG C 532 28.67 -31.24 29.14
CA ARG C 532 27.67 -32.18 28.70
C ARG C 532 27.73 -33.50 29.45
N ARG C 533 26.54 -34.03 29.80
CA ARG C 533 26.40 -35.36 30.38
C ARG C 533 26.60 -36.34 29.22
N ASN C 534 27.32 -37.43 29.45
CA ASN C 534 27.62 -38.43 28.41
C ASN C 534 26.40 -39.15 27.88
N SER C 535 26.41 -39.46 26.58
CA SER C 535 25.36 -40.24 25.94
C SER C 535 25.80 -41.74 25.98
N THR C 536 24.99 -42.64 25.37
CA THR C 536 25.15 -44.10 25.44
C THR C 536 26.50 -44.66 25.01
N GLU C 537 27.20 -44.06 24.01
CA GLU C 537 28.46 -44.62 23.53
C GLU C 537 29.54 -44.66 24.63
N LEU C 538 29.53 -43.73 25.59
CA LEU C 538 30.52 -43.76 26.68
C LEU C 538 30.06 -44.61 27.87
N SER C 539 28.73 -44.80 28.01
CA SER C 539 28.13 -45.62 29.07
C SER C 539 27.99 -47.10 28.69
N SER C 540 28.06 -47.47 27.38
CA SER C 540 27.89 -48.88 26.95
C SER C 540 28.78 -49.29 25.79
N VAL C 541 29.35 -48.33 25.04
CA VAL C 541 30.21 -48.57 23.86
C VAL C 541 29.38 -49.07 22.64
N VAL C 542 28.60 -50.14 22.82
CA VAL C 542 27.86 -50.85 21.76
C VAL C 542 26.65 -50.07 21.19
N GLN C 543 26.07 -49.14 21.96
CA GLN C 543 24.91 -48.34 21.49
C GLN C 543 25.42 -47.02 20.91
N ASN C 544 25.21 -46.82 19.59
CA ASN C 544 25.66 -45.63 18.82
C ASN C 544 27.19 -45.47 18.90
N THR C 545 27.87 -46.55 18.54
CA THR C 545 29.32 -46.71 18.50
C THR C 545 29.96 -45.64 17.61
N GLU C 546 29.26 -45.24 16.53
CA GLU C 546 29.76 -44.21 15.61
C GLU C 546 30.02 -42.84 16.32
N GLN C 547 29.40 -42.57 17.50
CA GLN C 547 29.57 -41.32 18.26
C GLN C 547 30.88 -41.29 19.08
N LEU C 548 31.65 -42.41 19.06
CA LEU C 548 32.94 -42.50 19.75
C LEU C 548 34.04 -41.70 19.03
N ALA C 549 33.88 -41.46 17.72
CA ALA C 549 34.92 -40.77 16.94
C ALA C 549 34.33 -40.06 15.72
N PRO C 550 35.08 -39.15 15.06
CA PRO C 550 34.56 -38.54 13.82
C PRO C 550 34.73 -39.51 12.63
N VAL C 551 33.99 -40.65 12.64
CA VAL C 551 34.01 -41.66 11.57
C VAL C 551 33.32 -41.11 10.30
N GLY C 552 32.35 -40.21 10.54
CA GLY C 552 31.61 -39.49 9.52
C GLY C 552 31.76 -37.99 9.75
N PRO C 553 31.37 -37.14 8.78
CA PRO C 553 31.50 -35.68 8.98
C PRO C 553 30.65 -35.05 10.11
N ARG C 554 29.64 -35.79 10.61
CA ARG C 554 28.75 -35.30 11.67
C ARG C 554 28.50 -36.30 12.83
N THR C 555 29.31 -37.38 12.91
CA THR C 555 29.15 -38.39 13.97
C THR C 555 29.74 -37.96 15.33
N SER C 556 30.76 -37.08 15.33
CA SER C 556 31.42 -36.58 16.53
C SER C 556 30.59 -35.46 17.20
N TRP C 557 30.55 -35.45 18.56
CA TRP C 557 29.86 -34.40 19.29
C TRP C 557 30.60 -33.05 19.24
N ASN C 558 31.94 -33.07 19.14
CA ASN C 558 32.71 -31.82 19.19
C ASN C 558 33.52 -31.49 17.93
N HIS C 559 33.46 -32.33 16.90
CA HIS C 559 34.20 -32.07 15.67
C HIS C 559 33.39 -32.47 14.46
N ARG C 560 32.60 -31.52 13.95
CA ARG C 560 31.78 -31.74 12.77
C ARG C 560 32.25 -30.76 11.68
N SER C 561 31.83 -30.98 10.44
CA SER C 561 32.20 -30.07 9.35
C SER C 561 30.95 -29.34 8.86
N PRO C 562 31.04 -28.10 8.31
CA PRO C 562 29.82 -27.50 7.71
C PRO C 562 29.48 -28.27 6.42
N GLU C 563 28.23 -28.16 5.91
CA GLU C 563 27.85 -28.88 4.68
C GLU C 563 28.58 -28.30 3.48
N GLY C 564 29.03 -29.19 2.60
CA GLY C 564 29.81 -28.82 1.42
C GLY C 564 31.29 -28.76 1.74
N LYS C 565 31.65 -29.02 3.03
CA LYS C 565 33.02 -29.04 3.51
C LYS C 565 33.38 -30.37 4.17
N GLU C 566 34.68 -30.67 4.22
CA GLU C 566 35.19 -31.92 4.83
C GLU C 566 35.77 -31.64 6.22
N LEU C 567 36.08 -32.70 6.98
CA LEU C 567 36.66 -32.59 8.33
C LEU C 567 38.14 -32.22 8.31
N ASP C 568 38.57 -31.39 9.28
CA ASP C 568 39.98 -31.04 9.48
C ASP C 568 40.52 -31.87 10.67
N LEU C 569 40.53 -33.21 10.49
CA LEU C 569 40.96 -34.15 11.54
C LEU C 569 42.42 -34.08 11.89
N PRO C 571 45.79 -36.08 13.65
CA PRO C 571 46.17 -37.51 13.53
C PRO C 571 45.56 -38.49 14.54
N PHE C 572 45.52 -38.12 15.84
CA PHE C 572 44.92 -38.98 16.86
C PHE C 572 43.44 -39.31 16.60
N GLU C 573 42.69 -38.36 15.98
CA GLU C 573 41.27 -38.53 15.67
C GLU C 573 41.08 -39.55 14.55
N LYS C 574 42.02 -39.56 13.58
CA LYS C 574 42.05 -40.52 12.46
C LYS C 574 42.34 -41.93 13.00
N GLU C 575 43.22 -42.01 14.02
CA GLU C 575 43.53 -43.29 14.69
C GLU C 575 42.29 -43.80 15.46
N ALA C 577 39.12 -43.04 14.78
CA ALA C 577 38.14 -43.38 13.73
C ALA C 577 38.40 -44.76 13.07
N ASP C 578 39.69 -45.13 12.90
CA ASP C 578 40.12 -46.44 12.36
C ASP C 578 39.73 -47.56 13.34
N ILE C 579 40.03 -47.36 14.63
CA ILE C 579 39.69 -48.31 15.72
C ILE C 579 38.16 -48.57 15.75
N VAL C 580 37.35 -47.50 15.70
CA VAL C 580 35.89 -47.59 15.76
C VAL C 580 35.34 -48.38 14.54
N ARG C 581 35.82 -48.08 13.32
CA ARG C 581 35.38 -48.82 12.10
C ARG C 581 35.72 -50.32 12.19
N LYS C 582 36.92 -50.64 12.71
CA LYS C 582 37.37 -52.04 12.89
C LYS C 582 36.46 -52.75 13.93
N PHE C 583 36.14 -52.06 15.04
CA PHE C 583 35.25 -52.58 16.10
C PHE C 583 33.86 -52.93 15.53
N ILE C 584 33.29 -52.01 14.71
CA ILE C 584 31.93 -52.12 14.12
C ILE C 584 31.75 -53.42 13.29
N SER C 585 32.80 -53.81 12.56
CA SER C 585 32.80 -55.00 11.70
C SER C 585 33.46 -56.24 12.31
N SER C 586 33.85 -56.18 13.60
CA SER C 586 34.45 -57.33 14.29
C SER C 586 33.38 -58.11 15.06
N GLN C 587 33.50 -59.46 15.03
CA GLN C 587 32.65 -60.36 15.81
C GLN C 587 33.51 -61.22 16.76
N ASP C 588 34.77 -60.80 16.97
CA ASP C 588 35.72 -61.46 17.87
C ASP C 588 35.73 -60.69 19.20
N ASN C 589 35.26 -61.33 20.29
CA ASN C 589 35.14 -60.74 21.63
C ASN C 589 36.47 -60.20 22.18
N ALA C 590 37.54 -61.00 22.10
CA ALA C 590 38.88 -60.66 22.58
C ALA C 590 39.44 -59.46 21.78
N GLU C 591 39.28 -59.46 20.45
CA GLU C 591 39.72 -58.36 19.57
C GLU C 591 38.96 -57.06 19.93
N ARG C 592 37.64 -57.14 20.14
CA ARG C 592 36.80 -55.99 20.51
C ARG C 592 37.22 -55.36 21.85
N ALA C 593 37.53 -56.21 22.86
CA ALA C 593 38.00 -55.73 24.16
C ALA C 593 39.36 -55.01 24.03
N ASP C 594 40.27 -55.59 23.24
CA ASP C 594 41.58 -55.01 22.96
C ASP C 594 41.47 -53.67 22.23
N LEU C 595 40.54 -53.58 21.25
CA LEU C 595 40.27 -52.37 20.50
C LEU C 595 39.79 -51.22 21.41
N LYS C 597 40.54 -50.91 24.59
CA LYS C 597 41.69 -50.53 25.43
C LYS C 597 42.55 -49.50 24.64
N GLN C 598 42.83 -49.80 23.35
CA GLN C 598 43.59 -48.91 22.45
C GLN C 598 42.83 -47.59 22.29
N TYR C 599 41.49 -47.68 22.05
CA TYR C 599 40.62 -46.50 21.93
C TYR C 599 40.72 -45.58 23.16
N GLN C 600 40.58 -46.17 24.36
CA GLN C 600 40.65 -45.47 25.66
C GLN C 600 42.00 -44.75 25.84
N LYS C 601 43.08 -45.42 25.45
CA LYS C 601 44.44 -44.89 25.54
C LYS C 601 44.61 -43.64 24.66
N VAL C 602 44.22 -43.75 23.35
CA VAL C 602 44.33 -42.65 22.39
C VAL C 602 43.46 -41.46 22.84
N TYR C 603 42.19 -41.74 23.22
CA TYR C 603 41.22 -40.75 23.71
C TYR C 603 41.80 -39.93 24.87
N THR C 604 42.21 -40.62 25.95
CA THR C 604 42.65 -39.98 27.20
C THR C 604 44.05 -39.35 27.11
N GLN C 605 44.97 -39.95 26.36
CA GLN C 605 46.31 -39.36 26.19
C GLN C 605 46.21 -38.01 25.45
N ASN C 606 45.41 -37.96 24.37
CA ASN C 606 45.24 -36.79 23.50
C ASN C 606 44.15 -35.82 23.89
N LEU C 607 43.33 -36.21 24.87
CA LEU C 607 42.25 -35.38 25.41
C LEU C 607 41.19 -35.01 24.36
N TYR C 608 40.58 -36.04 23.77
CA TYR C 608 39.49 -35.89 22.79
C TYR C 608 38.36 -35.06 23.45
N THR C 609 38.14 -35.28 24.77
CA THR C 609 37.31 -34.49 25.67
C THR C 609 38.04 -34.49 27.01
N ILE C 610 37.60 -33.64 27.94
CA ILE C 610 38.20 -33.55 29.26
C ILE C 610 37.13 -33.92 30.30
N GLY C 611 37.32 -35.05 30.99
CA GLY C 611 36.38 -35.54 32.00
C GLY C 611 36.30 -34.62 33.20
N LEU C 612 35.09 -34.43 33.73
CA LEU C 612 34.87 -33.58 34.92
C LEU C 612 34.69 -34.43 36.18
N THR C 613 33.73 -35.38 36.13
CA THR C 613 33.40 -36.33 37.19
C THR C 613 32.45 -37.40 36.65
N GLU C 614 32.30 -38.46 37.44
CA GLU C 614 31.46 -39.60 37.13
C GLU C 614 30.92 -40.16 38.44
N TYR C 615 29.69 -40.70 38.39
CA TYR C 615 29.00 -41.20 39.57
C TYR C 615 27.83 -42.12 39.19
N PRO C 616 27.20 -42.83 40.16
CA PRO C 616 26.04 -43.67 39.81
C PRO C 616 24.71 -42.92 39.99
N GLY C 617 23.70 -43.36 39.28
CA GLY C 617 22.35 -42.84 39.42
C GLY C 617 21.45 -43.90 40.03
N ALA C 618 20.26 -43.49 40.50
CA ALA C 618 19.30 -44.42 41.11
C ALA C 618 17.94 -44.41 40.43
N LEU C 619 17.36 -45.58 40.21
CA LEU C 619 16.02 -45.69 39.64
C LEU C 619 14.99 -45.57 40.78
N ILE C 620 14.03 -44.65 40.64
CA ILE C 620 12.94 -44.48 41.61
C ILE C 620 11.63 -44.86 40.91
N VAL C 621 10.91 -45.84 41.48
CA VAL C 621 9.64 -46.28 40.89
C VAL C 621 8.62 -46.45 42.00
N ASN C 622 7.39 -45.96 41.78
CA ASN C 622 6.31 -46.12 42.73
C ASN C 622 6.09 -47.64 42.98
N LYS C 623 5.91 -48.01 44.27
CA LYS C 623 5.77 -49.40 44.70
C LYS C 623 4.55 -50.16 44.16
N ARG C 624 3.47 -49.48 43.72
CA ARG C 624 2.28 -50.19 43.23
C ARG C 624 2.47 -50.90 41.88
N PHE C 625 3.52 -50.56 41.12
CA PHE C 625 3.78 -51.18 39.83
C PHE C 625 4.40 -52.56 39.92
N SER C 626 3.80 -53.52 39.23
CA SER C 626 4.30 -54.88 39.01
C SER C 626 5.01 -54.91 37.65
N ASN C 627 5.88 -55.93 37.44
CA ASN C 627 6.65 -56.20 36.22
C ASN C 627 7.87 -55.28 36.01
N VAL C 628 8.30 -54.54 37.05
CA VAL C 628 9.50 -53.68 36.93
C VAL C 628 10.72 -54.61 37.08
N PRO C 629 11.62 -54.75 36.07
CA PRO C 629 12.75 -55.68 36.22
C PRO C 629 13.73 -55.26 37.32
N GLN C 630 14.23 -56.25 38.08
CA GLN C 630 15.23 -56.06 39.15
C GLN C 630 16.57 -55.59 38.55
N GLY C 631 17.25 -54.73 39.28
CA GLY C 631 18.56 -54.21 38.90
C GLY C 631 18.62 -53.36 37.64
N THR C 632 17.48 -52.82 37.17
CA THR C 632 17.47 -51.97 35.97
C THR C 632 18.39 -50.73 36.19
N PRO C 633 19.42 -50.48 35.34
CA PRO C 633 20.21 -49.25 35.50
C PRO C 633 19.42 -48.05 34.95
N ILE C 634 19.70 -46.85 35.43
CA ILE C 634 19.01 -45.67 34.89
C ILE C 634 19.43 -45.38 33.45
N PHE C 635 20.66 -45.78 33.09
CA PHE C 635 21.23 -45.45 31.79
C PHE C 635 22.34 -46.42 31.38
N PHE C 637 22.10 -48.92 27.70
CA PHE C 637 21.82 -48.98 26.25
C PHE C 637 20.85 -47.86 25.88
N ASN C 638 20.07 -47.41 26.88
CA ASN C 638 19.15 -46.28 26.85
C ASN C 638 18.73 -45.97 28.29
N TRP C 639 17.90 -44.94 28.46
CA TRP C 639 17.33 -44.54 29.73
C TRP C 639 16.36 -45.64 30.24
N ALA C 640 16.22 -45.74 31.57
CA ALA C 640 15.35 -46.71 32.24
C ALA C 640 13.87 -46.67 31.77
N GLU C 641 13.37 -45.52 31.24
CA GLU C 641 11.99 -45.42 30.72
C GLU C 641 11.80 -46.46 29.62
N ASP C 642 12.83 -46.68 28.79
CA ASP C 642 12.84 -47.69 27.74
C ASP C 642 13.06 -49.10 28.33
N ALA C 643 14.14 -49.28 29.15
CA ALA C 643 14.58 -50.55 29.71
C ALA C 643 13.55 -51.31 30.53
N ILE C 644 12.66 -50.60 31.25
CA ILE C 644 11.63 -51.23 32.10
C ILE C 644 10.41 -51.75 31.31
N ILE C 645 10.30 -51.40 30.01
CA ILE C 645 9.21 -51.84 29.10
C ILE C 645 7.87 -51.42 29.72
N ARG C 646 7.58 -50.11 29.64
CA ARG C 646 6.38 -49.51 30.24
C ARG C 646 5.05 -50.12 29.74
N GLU C 647 4.99 -50.60 28.47
CA GLU C 647 3.78 -51.25 27.91
C GLU C 647 3.46 -52.63 28.56
N ARG C 648 4.41 -53.17 29.36
CA ARG C 648 4.32 -54.48 30.02
C ARG C 648 4.10 -54.33 31.56
N LEU C 649 4.14 -53.08 32.06
CA LEU C 649 3.92 -52.81 33.49
C LEU C 649 2.45 -52.80 33.80
N TRP C 650 2.09 -53.22 35.02
CA TRP C 650 0.69 -53.25 35.45
C TRP C 650 0.57 -53.03 36.94
N VAL C 651 -0.65 -52.75 37.39
CA VAL C 651 -0.96 -52.51 38.80
C VAL C 651 -2.10 -53.44 39.18
N ALA C 652 -1.94 -54.23 40.26
CA ALA C 652 -2.99 -55.12 40.78
C ALA C 652 -4.25 -54.29 41.07
N ALA C 653 -5.45 -54.84 40.71
CA ALA C 653 -6.74 -54.14 40.88
C ALA C 653 -6.91 -53.46 42.24
N ASP C 654 -6.58 -54.18 43.34
CA ASP C 654 -6.71 -53.63 44.71
C ASP C 654 -5.69 -52.52 45.08
N LYS C 655 -4.68 -52.26 44.22
CA LYS C 655 -3.64 -51.24 44.47
C LYS C 655 -3.73 -50.06 43.48
N GLN C 656 -4.65 -50.14 42.49
CA GLN C 656 -4.75 -49.14 41.42
C GLN C 656 -5.15 -47.75 41.90
N GLY C 657 -4.46 -46.75 41.37
CA GLY C 657 -4.79 -45.35 41.62
C GLY C 657 -5.98 -44.97 40.77
N LYS C 658 -6.59 -43.82 41.06
CA LYS C 658 -7.76 -43.34 40.32
C LYS C 658 -7.39 -41.97 39.73
N TYR C 659 -6.40 -41.97 38.84
CA TYR C 659 -5.79 -40.77 38.25
C TYR C 659 -6.16 -40.45 36.81
N GLU C 660 -7.02 -41.26 36.18
CA GLU C 660 -7.38 -41.00 34.78
C GLU C 660 -8.16 -39.71 34.54
N LEU C 661 -7.66 -38.87 33.63
CA LEU C 661 -8.32 -37.63 33.19
C LEU C 661 -9.27 -37.88 31.99
N PHE C 662 -9.11 -39.02 31.30
CA PHE C 662 -10.01 -39.39 30.20
C PHE C 662 -10.41 -40.86 30.38
N PRO C 663 -11.02 -41.26 31.53
CA PRO C 663 -11.35 -42.68 31.73
C PRO C 663 -12.34 -43.19 30.68
N GLN C 664 -12.12 -44.43 30.23
CA GLN C 664 -12.92 -45.17 29.26
C GLN C 664 -13.07 -44.40 27.92
N GLN C 665 -12.04 -43.61 27.58
CA GLN C 665 -11.95 -42.82 26.35
C GLN C 665 -10.75 -43.26 25.51
N LEU C 666 -10.86 -43.11 24.18
CA LEU C 666 -9.81 -43.46 23.22
C LEU C 666 -9.40 -42.23 22.43
N PRO C 667 -8.20 -42.19 21.80
CA PRO C 667 -7.81 -41.00 21.03
C PRO C 667 -8.75 -40.69 19.88
N GLY C 668 -8.93 -39.39 19.60
CA GLY C 668 -9.72 -38.90 18.48
C GLY C 668 -8.91 -39.00 17.19
N LYS C 669 -9.41 -38.37 16.11
CA LYS C 669 -8.72 -38.39 14.82
C LYS C 669 -7.58 -37.37 14.79
N PRO C 670 -6.47 -37.62 14.03
CA PRO C 670 -5.38 -36.61 13.95
C PRO C 670 -5.86 -35.28 13.39
N GLY C 671 -5.45 -34.22 14.08
CA GLY C 671 -5.79 -32.83 13.75
C GLY C 671 -7.19 -32.42 14.15
N GLU C 672 -7.92 -33.30 14.87
CA GLU C 672 -9.29 -33.06 15.32
C GLU C 672 -9.40 -32.78 16.82
N GLY C 673 -10.54 -33.12 17.42
CA GLY C 673 -10.82 -32.87 18.83
C GLY C 673 -10.21 -33.82 19.83
N GLY C 674 -10.63 -33.67 21.09
CA GLY C 674 -10.19 -34.47 22.23
C GLY C 674 -10.63 -35.92 22.21
N PRO C 675 -10.34 -36.70 23.28
CA PRO C 675 -10.70 -38.13 23.28
C PRO C 675 -12.19 -38.45 23.09
N ILE C 676 -12.46 -39.54 22.37
CA ILE C 676 -13.81 -40.01 22.07
C ILE C 676 -14.33 -41.05 23.08
N ALA D 8 6.16 -7.34 0.28
CA ALA D 8 6.05 -6.17 1.16
C ALA D 8 5.24 -6.46 2.42
N PHE D 9 4.19 -7.29 2.28
CA PHE D 9 3.29 -7.68 3.37
C PHE D 9 3.51 -9.14 3.77
N GLU D 10 3.34 -9.43 5.08
CA GLU D 10 3.51 -10.77 5.62
C GLU D 10 2.17 -11.52 5.61
N THR D 11 1.81 -12.05 4.42
CA THR D 11 0.56 -12.78 4.19
C THR D 11 0.59 -14.15 4.87
N THR D 12 -0.59 -14.63 5.25
CA THR D 12 -0.80 -15.93 5.89
C THR D 12 -2.18 -16.46 5.42
N THR D 13 -2.79 -17.38 6.20
CA THR D 13 -4.13 -17.92 5.94
C THR D 13 -5.06 -17.29 7.00
N PRO D 14 -6.37 -17.09 6.73
CA PRO D 14 -7.23 -16.46 7.74
C PRO D 14 -7.46 -17.36 8.96
N PRO D 15 -7.50 -16.80 10.19
CA PRO D 15 -7.71 -17.65 11.38
C PRO D 15 -9.08 -18.31 11.42
N GLU D 16 -9.14 -19.52 11.98
CA GLU D 16 -10.39 -20.26 12.11
C GLU D 16 -11.35 -19.50 13.01
N PRO D 17 -12.62 -19.30 12.57
CA PRO D 17 -13.58 -18.57 13.40
C PRO D 17 -14.08 -19.45 14.55
N PRO D 18 -14.84 -18.90 15.55
CA PRO D 18 -15.38 -19.78 16.62
C PRO D 18 -16.35 -20.80 16.05
N GLN D 19 -16.38 -22.00 16.65
CA GLN D 19 -17.26 -23.07 16.19
C GLN D 19 -18.73 -22.68 16.36
N PHE D 20 -19.36 -22.36 15.24
CA PHE D 20 -20.76 -21.96 15.18
C PHE D 20 -21.50 -23.07 14.43
N PRO D 21 -22.11 -24.03 15.16
CA PRO D 21 -22.83 -25.11 14.48
C PRO D 21 -24.13 -24.62 13.82
N ALA D 22 -24.36 -25.03 12.55
CA ALA D 22 -25.55 -24.69 11.78
C ALA D 22 -26.77 -25.44 12.35
N GLU D 23 -27.45 -24.82 13.34
CA GLU D 23 -28.63 -25.36 14.04
C GLU D 23 -29.66 -25.91 13.04
N GLY D 24 -30.06 -27.18 13.26
CA GLY D 24 -30.95 -27.90 12.36
C GLY D 24 -30.17 -28.48 11.19
N LYS D 25 -30.23 -29.81 11.03
CA LYS D 25 -29.50 -30.53 9.99
C LYS D 25 -30.34 -30.86 8.76
N ILE D 26 -29.65 -31.03 7.64
CA ILE D 26 -30.28 -31.34 6.35
C ILE D 26 -30.52 -32.85 6.26
N ASN D 27 -31.69 -33.24 5.74
CA ASN D 27 -31.97 -34.65 5.48
C ASN D 27 -31.55 -34.85 4.03
N TYR D 28 -30.34 -35.37 3.81
CA TYR D 28 -29.82 -35.57 2.46
C TYR D 28 -30.55 -36.67 1.70
N VAL D 29 -30.88 -36.39 0.44
CA VAL D 29 -31.65 -37.27 -0.46
C VAL D 29 -30.99 -37.29 -1.87
N ALA D 30 -31.43 -38.26 -2.71
CA ALA D 30 -30.96 -38.34 -4.09
C ALA D 30 -31.79 -37.34 -4.94
N ARG D 31 -31.21 -36.90 -6.05
CA ARG D 31 -31.75 -35.89 -6.96
C ARG D 31 -33.20 -36.16 -7.46
N ASP D 32 -33.53 -37.41 -7.83
CA ASP D 32 -34.84 -37.74 -8.40
C ASP D 32 -35.91 -38.15 -7.39
N THR D 33 -35.73 -37.80 -6.12
CA THR D 33 -36.74 -38.07 -5.08
C THR D 33 -37.78 -36.94 -5.01
N ILE D 34 -37.46 -35.77 -5.54
CA ILE D 34 -38.32 -34.58 -5.40
C ILE D 34 -39.51 -34.57 -6.34
N LEU D 35 -39.26 -34.77 -7.64
CA LEU D 35 -40.29 -34.67 -8.65
C LEU D 35 -40.04 -35.53 -9.88
N GLU D 36 -41.08 -35.71 -10.69
CA GLU D 36 -41.03 -36.41 -11.98
C GLU D 36 -42.22 -35.95 -12.84
N PHE D 37 -42.09 -36.05 -14.15
CA PHE D 37 -43.17 -35.71 -15.09
C PHE D 37 -43.87 -36.99 -15.50
N LYS D 38 -45.19 -37.07 -15.27
CA LYS D 38 -46.03 -38.22 -15.60
C LYS D 38 -47.51 -37.87 -15.51
N ALA D 39 -48.34 -38.62 -16.25
CA ALA D 39 -49.78 -38.49 -16.22
C ALA D 39 -50.29 -39.25 -14.99
N LEU D 40 -51.30 -38.70 -14.31
CA LEU D 40 -51.92 -39.36 -13.16
C LEU D 40 -53.34 -39.82 -13.54
N PRO D 41 -53.94 -40.86 -12.87
CA PRO D 41 -55.30 -41.30 -13.27
C PRO D 41 -56.38 -40.22 -13.11
N SER D 42 -56.28 -39.38 -12.07
CA SER D 42 -57.25 -38.30 -11.83
C SER D 42 -56.60 -37.11 -11.11
N TYR D 43 -57.20 -35.92 -11.30
CA TYR D 43 -56.71 -34.68 -10.70
C TYR D 43 -57.79 -33.99 -9.86
N SER D 44 -57.37 -33.17 -8.89
CA SER D 44 -58.31 -32.44 -8.03
C SER D 44 -57.82 -31.01 -7.78
N GLU D 45 -58.73 -30.15 -7.30
CA GLU D 45 -58.49 -28.73 -7.05
C GLU D 45 -59.38 -28.27 -5.88
N PRO D 46 -59.21 -27.02 -5.34
CA PRO D 46 -60.13 -26.55 -4.27
C PRO D 46 -61.60 -26.65 -4.69
N ASP D 47 -62.45 -27.11 -3.75
CA ASP D 47 -63.89 -27.33 -3.97
C ASP D 47 -64.62 -26.13 -4.59
N TRP D 48 -64.31 -24.90 -4.10
CA TRP D 48 -64.92 -23.66 -4.58
C TRP D 48 -64.63 -23.36 -6.05
N ILE D 49 -63.50 -23.85 -6.61
CA ILE D 49 -63.17 -23.65 -8.03
C ILE D 49 -64.14 -24.51 -8.86
N THR D 50 -64.36 -25.76 -8.44
CA THR D 50 -65.25 -26.70 -9.10
C THR D 50 -66.70 -26.19 -9.09
N GLU D 51 -67.20 -25.70 -7.94
CA GLU D 51 -68.56 -25.19 -7.77
C GLU D 51 -68.83 -23.82 -8.39
N LYS D 52 -67.93 -22.84 -8.19
CA LYS D 52 -68.14 -21.46 -8.65
C LYS D 52 -67.55 -21.10 -10.01
N PHE D 53 -66.62 -21.92 -10.54
CA PHE D 53 -65.99 -21.59 -11.82
C PHE D 53 -66.22 -22.66 -12.89
N GLU D 54 -65.91 -23.95 -12.59
CA GLU D 54 -66.07 -25.10 -13.48
C GLU D 54 -67.55 -25.31 -13.87
N LYS D 55 -68.42 -25.54 -12.87
CA LYS D 55 -69.86 -25.78 -13.03
C LYS D 55 -70.62 -24.57 -13.56
N ALA D 56 -70.10 -23.36 -13.28
CA ALA D 56 -70.68 -22.09 -13.75
C ALA D 56 -70.16 -21.72 -15.15
N GLY D 57 -69.35 -22.61 -15.72
CA GLY D 57 -68.78 -22.45 -17.05
C GLY D 57 -67.39 -21.86 -17.02
N LYS D 58 -67.24 -20.67 -16.37
CA LYS D 58 -66.10 -19.73 -16.17
C LYS D 58 -64.66 -20.26 -16.40
N LEU D 59 -64.39 -21.54 -16.13
CA LEU D 59 -63.07 -22.12 -16.33
C LEU D 59 -63.15 -23.39 -17.18
N PRO D 60 -62.15 -23.68 -18.07
CA PRO D 60 -62.18 -24.93 -18.85
C PRO D 60 -61.35 -26.01 -18.13
N PRO D 61 -61.88 -26.72 -17.10
CA PRO D 61 -61.04 -27.60 -16.28
C PRO D 61 -61.06 -29.10 -16.61
N LEU D 62 -60.14 -29.89 -16.01
CA LEU D 62 -58.98 -29.51 -15.17
C LEU D 62 -57.84 -30.27 -15.79
N LYS D 63 -58.16 -31.46 -16.32
CA LYS D 63 -57.30 -32.36 -17.06
C LYS D 63 -56.89 -31.67 -18.37
N GLU D 64 -57.74 -30.73 -18.83
CA GLU D 64 -57.56 -29.90 -20.02
C GLU D 64 -56.54 -28.78 -19.74
N ARG D 65 -56.69 -28.06 -18.59
CA ARG D 65 -55.81 -26.98 -18.13
C ARG D 65 -54.38 -27.46 -17.90
N LEU D 66 -54.24 -28.67 -17.36
CA LEU D 66 -52.97 -29.33 -17.05
C LEU D 66 -52.32 -29.95 -18.29
N PRO D 67 -50.96 -30.07 -18.33
CA PRO D 67 -50.33 -30.78 -19.47
C PRO D 67 -50.63 -32.29 -19.35
N GLU D 68 -50.47 -33.06 -20.45
CA GLU D 68 -50.69 -34.51 -20.43
C GLU D 68 -49.84 -35.16 -19.34
N GLU D 69 -48.58 -34.72 -19.21
CA GLU D 69 -47.65 -35.17 -18.17
C GLU D 69 -47.21 -33.96 -17.33
N PRO D 70 -48.00 -33.57 -16.30
CA PRO D 70 -47.59 -32.43 -15.46
C PRO D 70 -46.40 -32.79 -14.57
N LEU D 71 -45.79 -31.79 -13.93
CA LEU D 71 -44.70 -31.98 -12.97
C LEU D 71 -45.39 -32.52 -11.71
N VAL D 72 -44.99 -33.70 -11.24
CA VAL D 72 -45.59 -34.32 -10.06
C VAL D 72 -44.56 -34.31 -8.91
N TYR D 73 -44.93 -33.70 -7.78
CA TYR D 73 -44.08 -33.73 -6.59
C TYR D 73 -44.29 -35.06 -5.88
N LYS D 74 -43.19 -35.74 -5.59
CA LYS D 74 -43.20 -37.05 -4.94
C LYS D 74 -43.35 -36.90 -3.43
N THR D 75 -44.28 -37.67 -2.83
CA THR D 75 -44.62 -37.62 -1.40
C THR D 75 -43.41 -37.90 -0.47
N GLY D 76 -42.56 -38.85 -0.85
CA GLY D 76 -41.36 -39.23 -0.09
C GLY D 76 -40.46 -38.06 0.30
N ASN D 77 -40.34 -37.05 -0.58
CA ASN D 77 -39.52 -35.87 -0.28
C ASN D 77 -40.25 -34.79 0.54
N PRO D 79 -41.58 -33.10 3.72
CA PRO D 79 -41.34 -33.25 5.18
C PRO D 79 -42.53 -33.70 6.00
N ASP D 80 -43.76 -33.27 5.62
CA ASP D 80 -45.00 -33.59 6.34
C ASP D 80 -46.06 -34.32 5.50
N GLY D 81 -45.68 -34.72 4.29
CA GLY D 81 -46.58 -35.42 3.36
C GLY D 81 -47.50 -34.49 2.58
N VAL D 82 -48.48 -35.09 1.90
CA VAL D 82 -49.50 -34.45 1.06
C VAL D 82 -50.30 -33.38 1.87
N GLY D 83 -50.52 -32.23 1.26
CA GLY D 83 -51.21 -31.14 1.93
C GLY D 83 -52.70 -31.02 1.72
N VAL D 84 -53.22 -29.92 2.25
CA VAL D 84 -54.62 -29.52 2.15
C VAL D 84 -54.63 -28.08 1.63
N TYR D 85 -55.72 -27.68 0.98
CA TYR D 85 -55.85 -26.33 0.44
C TYR D 85 -56.16 -25.27 1.49
N GLY D 86 -55.76 -24.03 1.16
CA GLY D 86 -56.08 -22.87 1.97
C GLY D 86 -54.91 -22.10 2.56
N ASP D 87 -55.25 -20.94 3.15
CA ASP D 87 -54.38 -20.00 3.82
C ASP D 87 -53.56 -19.12 2.84
N THR D 88 -52.82 -18.16 3.41
CA THR D 88 -52.02 -17.13 2.75
C THR D 88 -50.61 -17.10 3.32
N ARG D 90 -47.72 -14.53 4.03
CA ARG D 90 -47.47 -13.11 4.12
C ARG D 90 -45.97 -12.81 4.06
N HIS D 91 -45.53 -12.10 2.99
CA HIS D 91 -44.14 -11.67 2.85
C HIS D 91 -44.06 -10.18 3.13
N VAL D 92 -42.88 -9.70 3.57
CA VAL D 92 -42.59 -8.28 3.85
C VAL D 92 -41.31 -7.97 3.09
N VAL D 93 -41.32 -6.91 2.24
CA VAL D 93 -40.15 -6.59 1.40
C VAL D 93 -39.69 -5.14 1.55
N GLY D 94 -38.40 -4.89 1.32
CA GLY D 94 -37.84 -3.54 1.34
C GLY D 94 -37.76 -2.91 -0.05
N GLY D 95 -38.04 -3.72 -1.07
CA GLY D 95 -38.01 -3.26 -2.45
C GLY D 95 -39.34 -2.69 -2.88
N ARG D 96 -39.36 -2.07 -4.06
CA ARG D 96 -40.56 -1.48 -4.67
C ARG D 96 -40.65 -1.88 -6.13
N PRO D 97 -41.85 -2.22 -6.66
CA PRO D 97 -41.93 -2.63 -8.06
C PRO D 97 -41.73 -1.49 -9.05
N GLU D 98 -41.08 -1.79 -10.18
CA GLU D 98 -40.88 -0.88 -11.31
C GLU D 98 -41.92 -1.22 -12.37
N GLY D 99 -42.34 -2.47 -12.36
CA GLY D 99 -43.30 -3.01 -13.32
C GLY D 99 -43.10 -4.50 -13.41
N TRP D 100 -43.75 -5.13 -14.40
CA TRP D 100 -43.74 -6.60 -14.55
C TRP D 100 -42.78 -7.15 -15.62
N ASN D 101 -42.01 -6.29 -16.31
CA ASN D 101 -41.10 -6.73 -17.36
C ASN D 101 -39.73 -7.16 -16.81
N TYR D 102 -39.71 -8.35 -16.19
CA TYR D 102 -38.55 -8.99 -15.60
C TYR D 102 -37.42 -9.18 -16.63
N ILE D 103 -37.76 -9.69 -17.83
CA ILE D 103 -36.79 -10.01 -18.87
C ILE D 103 -36.13 -8.74 -19.45
N ALA D 104 -36.74 -7.55 -19.24
CA ALA D 104 -36.15 -6.28 -19.67
C ALA D 104 -35.47 -5.53 -18.50
N GLY D 105 -35.32 -6.20 -17.35
CA GLY D 105 -34.61 -5.65 -16.20
C GLY D 105 -35.40 -4.91 -15.15
N GLN D 106 -36.73 -5.02 -15.17
CA GLN D 106 -37.59 -4.40 -14.15
C GLN D 106 -37.69 -5.26 -12.90
N SER D 107 -37.50 -4.65 -11.72
CA SER D 107 -37.66 -5.34 -10.42
C SER D 107 -39.13 -5.29 -10.00
N GLN D 108 -39.61 -6.37 -9.36
CA GLN D 108 -40.99 -6.43 -8.84
C GLN D 108 -41.03 -6.18 -7.32
N GLY D 109 -39.85 -5.94 -6.71
CA GLY D 109 -39.72 -5.64 -5.28
C GLY D 109 -38.86 -6.60 -4.48
N TRP D 110 -38.31 -7.64 -5.14
CA TRP D 110 -37.46 -8.68 -4.55
C TRP D 110 -38.19 -9.45 -3.41
N GLY D 111 -37.44 -10.01 -2.47
CA GLY D 111 -37.99 -10.75 -1.34
C GLY D 111 -38.89 -11.93 -1.69
N GLY D 112 -38.64 -12.53 -2.86
CA GLY D 112 -39.38 -13.70 -3.34
C GLY D 112 -40.44 -13.50 -4.41
N ILE D 113 -40.87 -12.25 -4.69
CA ILE D 113 -41.93 -11.98 -5.67
C ILE D 113 -41.55 -12.49 -7.10
N ASP D 114 -40.44 -12.01 -7.68
CA ASP D 114 -39.98 -12.42 -9.00
C ASP D 114 -39.57 -13.90 -9.01
N ILE D 115 -39.06 -14.43 -7.86
CA ILE D 115 -38.70 -15.86 -7.76
C ILE D 115 -39.97 -16.70 -8.03
N ALA D 116 -41.11 -16.28 -7.44
CA ALA D 116 -42.40 -16.94 -7.56
C ALA D 116 -43.04 -16.74 -8.94
N LEU D 117 -42.95 -15.52 -9.50
CA LEU D 117 -43.54 -15.19 -10.80
C LEU D 117 -42.78 -15.74 -11.99
N SER D 118 -41.45 -15.49 -12.03
CA SER D 118 -40.63 -15.86 -13.18
C SER D 118 -39.97 -17.22 -13.03
N GLU D 119 -40.72 -18.30 -13.36
CA GLU D 119 -40.22 -19.67 -13.35
C GLU D 119 -39.17 -19.83 -14.49
N CYS D 120 -38.26 -20.80 -14.35
CA CYS D 120 -37.14 -20.94 -15.26
C CYS D 120 -37.05 -22.37 -15.86
N LEU D 121 -36.16 -22.57 -16.86
CA LEU D 121 -35.98 -23.87 -17.54
C LEU D 121 -35.63 -24.99 -16.57
N THR D 122 -34.68 -24.72 -15.66
CA THR D 122 -34.24 -25.65 -14.61
C THR D 122 -34.47 -25.02 -13.24
N ARG D 123 -34.25 -25.78 -12.16
CA ARG D 123 -34.39 -25.29 -10.78
C ARG D 123 -33.29 -25.90 -9.95
N THR D 124 -32.63 -25.08 -9.12
CA THR D 124 -31.48 -25.54 -8.33
C THR D 124 -31.56 -25.29 -6.83
N ALA D 125 -32.33 -24.28 -6.37
CA ALA D 125 -32.39 -23.95 -4.95
C ALA D 125 -32.74 -25.15 -4.02
N PRO D 126 -33.69 -26.09 -4.35
CA PRO D 126 -33.91 -27.24 -3.45
C PRO D 126 -32.76 -28.26 -3.43
N LEU D 127 -31.73 -28.09 -4.27
CA LEU D 127 -30.59 -29.00 -4.32
C LEU D 127 -29.64 -28.89 -3.12
N PHE D 128 -29.93 -28.00 -2.12
CA PHE D 128 -29.15 -27.95 -0.88
C PHE D 128 -29.28 -29.33 -0.18
N GLN D 129 -30.39 -30.07 -0.49
CA GLN D 129 -30.65 -31.36 0.14
C GLN D 129 -29.99 -32.56 -0.58
N VAL D 130 -29.18 -32.31 -1.64
CA VAL D 130 -28.42 -33.36 -2.34
C VAL D 130 -26.92 -33.15 -1.94
N ASP D 131 -26.31 -34.10 -1.20
CA ASP D 131 -24.92 -34.01 -0.69
C ASP D 131 -23.83 -34.20 -1.76
N ALA D 132 -23.77 -33.27 -2.71
CA ALA D 132 -22.81 -33.26 -3.82
C ALA D 132 -22.79 -31.88 -4.50
N LYS D 133 -21.74 -31.62 -5.30
CA LYS D 133 -21.58 -30.39 -6.06
C LYS D 133 -21.56 -30.66 -7.58
N ASP D 134 -21.97 -31.87 -7.99
CA ASP D 134 -22.03 -32.29 -9.40
C ASP D 134 -23.48 -32.66 -9.78
N THR D 135 -24.44 -32.30 -8.91
CA THR D 135 -25.86 -32.59 -9.10
C THR D 135 -26.38 -31.92 -10.36
N GLU D 136 -27.18 -32.66 -11.13
CA GLU D 136 -27.81 -32.14 -12.33
C GLU D 136 -29.01 -31.28 -11.90
N PRO D 137 -29.13 -30.00 -12.35
CA PRO D 137 -30.30 -29.19 -11.97
C PRO D 137 -31.62 -29.89 -12.24
N LEU D 138 -32.62 -29.60 -11.39
CA LEU D 138 -33.93 -30.21 -11.53
C LEU D 138 -34.62 -29.72 -12.80
N PRO D 139 -35.37 -30.60 -13.50
CA PRO D 139 -36.13 -30.13 -14.66
C PRO D 139 -37.30 -29.24 -14.17
N ASN D 140 -37.55 -28.13 -14.86
CA ASN D 140 -38.66 -27.25 -14.52
C ASN D 140 -39.49 -27.01 -15.79
N LEU D 141 -39.29 -25.87 -16.49
CA LEU D 141 -39.99 -25.63 -17.77
C LEU D 141 -39.42 -26.55 -18.88
N ALA D 142 -38.15 -26.98 -18.73
CA ALA D 142 -37.52 -27.97 -19.60
C ALA D 142 -37.64 -29.28 -18.80
N LYS D 143 -38.50 -30.21 -19.26
CA LYS D 143 -38.78 -31.46 -18.53
C LYS D 143 -37.65 -32.51 -18.63
N SER D 144 -36.85 -32.47 -19.74
CA SER D 144 -35.76 -33.40 -20.00
C SER D 144 -34.79 -32.86 -21.04
N TRP D 145 -33.58 -33.44 -21.08
CA TRP D 145 -32.53 -33.05 -22.02
C TRP D 145 -31.52 -34.18 -22.20
N GLU D 146 -30.81 -34.17 -23.33
CA GLU D 146 -29.79 -35.16 -23.65
C GLU D 146 -28.60 -34.54 -24.37
N TRP D 147 -27.39 -34.94 -23.96
CA TRP D 147 -26.15 -34.49 -24.57
C TRP D 147 -25.79 -35.41 -25.75
N SER D 148 -25.19 -34.85 -26.81
CA SER D 148 -24.69 -35.64 -27.94
C SER D 148 -23.36 -36.26 -27.49
N GLU D 149 -22.87 -37.29 -28.22
CA GLU D 149 -21.64 -38.01 -27.92
C GLU D 149 -20.40 -37.12 -27.82
N ASP D 150 -20.34 -36.06 -28.66
CA ASP D 150 -19.23 -35.11 -28.68
C ASP D 150 -19.38 -33.99 -27.62
N GLY D 151 -20.53 -33.98 -26.93
CA GLY D 151 -20.86 -33.02 -25.87
C GLY D 151 -21.01 -31.59 -26.31
N HIS D 152 -21.16 -31.35 -27.63
CA HIS D 152 -21.30 -30.02 -28.19
C HIS D 152 -22.76 -29.63 -28.39
N THR D 153 -23.66 -30.64 -28.44
CA THR D 153 -25.09 -30.44 -28.66
C THR D 153 -25.92 -30.91 -27.47
N LEU D 154 -26.85 -30.06 -27.03
CA LEU D 154 -27.78 -30.37 -25.94
C LEU D 154 -29.20 -30.20 -26.47
N THR D 155 -29.92 -31.33 -26.58
CA THR D 155 -31.31 -31.37 -27.04
C THR D 155 -32.20 -31.25 -25.81
N HIS D 157 -36.07 -30.80 -24.13
CA HIS D 157 -37.51 -31.04 -24.26
C HIS D 157 -38.26 -30.24 -23.22
N LEU D 158 -39.22 -29.44 -23.68
CA LEU D 158 -40.04 -28.56 -22.86
C LEU D 158 -41.31 -29.24 -22.36
N VAL D 159 -41.93 -28.68 -21.31
CA VAL D 159 -43.20 -29.13 -20.74
C VAL D 159 -44.28 -28.96 -21.83
N LYS D 160 -44.89 -30.08 -22.22
CA LYS D 160 -45.84 -30.13 -23.34
C LYS D 160 -47.29 -30.07 -22.89
N GLY D 161 -47.99 -29.04 -23.33
CA GLY D 161 -49.40 -28.84 -23.00
C GLY D 161 -49.66 -27.91 -21.82
N ALA D 162 -48.59 -27.28 -21.28
CA ALA D 162 -48.72 -26.32 -20.18
C ALA D 162 -49.14 -24.97 -20.75
N LYS D 163 -49.87 -24.19 -19.94
CA LYS D 163 -50.37 -22.88 -20.34
C LYS D 163 -49.93 -21.81 -19.36
N TRP D 164 -49.83 -20.55 -19.85
CA TRP D 164 -49.60 -19.35 -19.06
C TRP D 164 -50.86 -19.16 -18.21
N SER D 165 -50.81 -18.30 -17.20
CA SER D 165 -51.94 -18.02 -16.30
C SER D 165 -53.19 -17.45 -17.00
N ASP D 166 -53.05 -16.95 -18.25
CA ASP D 166 -54.18 -16.42 -19.02
C ASP D 166 -54.79 -17.45 -19.98
N GLY D 167 -54.28 -18.69 -19.93
CA GLY D 167 -54.76 -19.78 -20.78
C GLY D 167 -54.03 -19.95 -22.11
N GLU D 168 -53.08 -19.05 -22.43
CA GLU D 168 -52.30 -19.14 -23.67
C GLU D 168 -51.23 -20.21 -23.52
N ALA D 169 -50.98 -20.98 -24.60
CA ALA D 169 -50.02 -22.07 -24.60
C ALA D 169 -48.55 -21.66 -24.33
N PHE D 170 -47.84 -22.48 -23.52
CA PHE D 170 -46.42 -22.29 -23.27
C PHE D 170 -45.71 -23.25 -24.24
N ASN D 171 -44.71 -22.73 -24.98
CA ASN D 171 -43.95 -23.52 -25.94
C ASN D 171 -42.59 -22.89 -26.27
N ALA D 172 -41.86 -23.47 -27.26
CA ALA D 172 -40.54 -23.02 -27.70
C ALA D 172 -40.48 -21.56 -28.17
N ASP D 173 -41.63 -20.97 -28.58
CA ASP D 173 -41.70 -19.56 -29.00
C ASP D 173 -41.35 -18.62 -27.85
N ASP D 174 -41.75 -18.95 -26.62
CA ASP D 174 -41.43 -18.17 -25.41
C ASP D 174 -39.94 -18.28 -25.08
N VAL D 175 -39.37 -19.50 -25.25
CA VAL D 175 -37.95 -19.80 -25.02
C VAL D 175 -37.07 -19.04 -26.03
N PHE D 177 -37.98 -16.33 -27.94
CA PHE D 177 -38.13 -14.88 -27.75
C PHE D 177 -37.19 -14.36 -26.66
N TYR D 178 -37.10 -15.09 -25.53
CA TYR D 178 -36.19 -14.71 -24.44
C TYR D 178 -34.73 -14.76 -24.93
N TRP D 179 -34.33 -15.87 -25.58
CA TRP D 179 -32.97 -16.03 -26.08
C TRP D 179 -32.54 -14.95 -27.08
N GLU D 180 -33.31 -14.77 -28.16
CA GLU D 180 -33.00 -13.81 -29.21
C GLU D 180 -33.24 -12.35 -28.84
N ASP D 181 -34.43 -12.05 -28.30
CA ASP D 181 -34.84 -10.68 -28.09
C ASP D 181 -34.58 -10.12 -26.69
N ALA D 182 -34.02 -10.94 -25.77
CA ALA D 182 -33.62 -10.43 -24.45
C ALA D 182 -32.12 -10.65 -24.25
N VAL D 183 -31.65 -11.93 -24.19
CA VAL D 183 -30.24 -12.32 -24.02
C VAL D 183 -29.33 -11.84 -25.16
N VAL D 184 -29.57 -12.31 -26.43
CA VAL D 184 -28.74 -11.94 -27.59
C VAL D 184 -28.85 -10.45 -27.89
N ASP D 185 -30.08 -9.90 -27.84
CA ASP D 185 -30.34 -8.48 -28.04
C ASP D 185 -29.43 -7.63 -27.12
N PRO D 186 -28.52 -6.77 -27.68
CA PRO D 186 -27.62 -6.01 -26.80
C PRO D 186 -28.26 -4.81 -26.09
N ASN D 187 -29.53 -4.50 -26.40
CA ASN D 187 -30.27 -3.38 -25.82
C ASN D 187 -31.26 -3.79 -24.72
N VAL D 188 -31.33 -5.11 -24.43
CA VAL D 188 -32.21 -5.69 -23.42
C VAL D 188 -31.33 -6.43 -22.44
N SER D 189 -31.50 -6.17 -21.13
CA SER D 189 -30.75 -6.82 -20.05
C SER D 189 -31.70 -7.32 -18.97
N PRO D 190 -31.90 -8.66 -18.84
CA PRO D 190 -32.80 -9.20 -17.78
C PRO D 190 -32.39 -8.80 -16.36
N LEU D 191 -33.38 -8.86 -15.42
CA LEU D 191 -33.16 -8.50 -14.02
C LEU D 191 -32.08 -9.39 -13.39
N GLY D 192 -31.22 -8.79 -12.57
CA GLY D 192 -30.16 -9.50 -11.86
C GLY D 192 -28.74 -9.14 -12.24
N GLY D 193 -28.57 -8.46 -13.38
CA GLY D 193 -27.25 -8.04 -13.84
C GLY D 193 -26.48 -9.06 -14.65
N GLY D 194 -27.02 -10.28 -14.77
CA GLY D 194 -26.46 -11.38 -15.54
C GLY D 194 -27.18 -11.58 -16.86
N ALA D 195 -27.24 -12.83 -17.33
CA ALA D 195 -27.90 -13.24 -18.57
C ALA D 195 -27.36 -12.59 -19.86
N SER D 196 -26.03 -12.32 -19.92
CA SER D 196 -25.41 -11.82 -21.16
C SER D 196 -25.25 -13.07 -22.07
N PRO D 197 -25.08 -12.95 -23.42
CA PRO D 197 -24.92 -14.16 -24.23
C PRO D 197 -23.77 -15.08 -23.80
N GLU D 198 -22.64 -14.47 -23.38
CA GLU D 198 -21.42 -15.18 -22.96
C GLU D 198 -21.56 -15.92 -21.61
N ALA D 199 -22.63 -15.62 -20.82
CA ALA D 199 -22.92 -16.33 -19.56
C ALA D 199 -23.28 -17.81 -19.86
N PHE D 200 -23.69 -18.09 -21.12
CA PHE D 200 -24.05 -19.42 -21.61
C PHE D 200 -22.92 -20.03 -22.45
N GLY D 201 -21.77 -19.38 -22.44
CA GLY D 201 -20.58 -19.79 -23.19
C GLY D 201 -20.34 -18.94 -24.41
N GLU D 202 -19.07 -18.64 -24.72
CA GLU D 202 -18.68 -17.84 -25.88
C GLU D 202 -19.06 -18.59 -27.17
N GLY D 203 -19.85 -17.93 -28.02
CA GLY D 203 -20.30 -18.50 -29.30
C GLY D 203 -21.43 -19.51 -29.21
N THR D 204 -22.08 -19.62 -28.02
CA THR D 204 -23.21 -20.53 -27.80
C THR D 204 -24.42 -20.11 -28.63
N THR D 205 -25.06 -21.09 -29.28
CA THR D 205 -26.26 -20.86 -30.07
C THR D 205 -27.43 -21.69 -29.51
N LEU D 206 -28.66 -21.17 -29.63
CA LEU D 206 -29.90 -21.85 -29.25
C LEU D 206 -30.90 -21.72 -30.40
N LYS D 207 -31.43 -22.84 -30.87
CA LYS D 207 -32.38 -22.88 -31.97
C LYS D 207 -33.61 -23.74 -31.66
N LYS D 208 -34.75 -23.41 -32.29
CA LYS D 208 -36.01 -24.14 -32.15
C LYS D 208 -36.02 -25.33 -33.10
N ILE D 209 -36.29 -26.53 -32.57
CA ILE D 209 -36.41 -27.76 -33.36
C ILE D 209 -37.87 -27.88 -33.79
N ASP D 210 -38.78 -27.87 -32.81
CA ASP D 210 -40.23 -27.90 -32.96
C ASP D 210 -40.84 -27.16 -31.76
N ASP D 211 -42.17 -27.06 -31.68
CA ASP D 211 -42.91 -26.36 -30.62
C ASP D 211 -42.52 -26.78 -29.18
N TYR D 212 -41.99 -28.00 -28.98
CA TYR D 212 -41.63 -28.42 -27.61
C TYR D 212 -40.17 -28.91 -27.48
N THR D 213 -39.30 -28.54 -28.45
CA THR D 213 -37.90 -28.95 -28.47
C THR D 213 -37.00 -27.82 -28.92
N VAL D 214 -35.93 -27.58 -28.14
CA VAL D 214 -34.90 -26.58 -28.44
C VAL D 214 -33.54 -27.25 -28.43
N GLU D 215 -32.57 -26.68 -29.15
CA GLU D 215 -31.25 -27.26 -29.26
C GLU D 215 -30.14 -26.24 -29.00
N TRP D 216 -29.28 -26.56 -28.03
CA TRP D 216 -28.12 -25.72 -27.70
C TRP D 216 -26.87 -26.27 -28.43
N THR D 217 -26.02 -25.36 -28.94
CA THR D 217 -24.73 -25.72 -29.55
C THR D 217 -23.66 -24.95 -28.77
N PHE D 218 -22.70 -25.69 -28.19
CA PHE D 218 -21.62 -25.15 -27.37
C PHE D 218 -20.27 -25.36 -28.02
N LYS D 219 -19.36 -24.37 -27.87
CA LYS D 219 -17.99 -24.40 -28.38
C LYS D 219 -17.21 -25.46 -27.60
N ALA D 220 -17.36 -25.47 -26.26
CA ALA D 220 -16.72 -26.48 -25.39
C ALA D 220 -17.52 -27.78 -25.37
N ALA D 221 -16.88 -28.90 -25.02
CA ALA D 221 -17.51 -30.22 -24.93
C ALA D 221 -17.98 -30.44 -23.48
N PHE D 222 -19.23 -30.89 -23.32
CA PHE D 222 -19.95 -31.14 -22.05
C PHE D 222 -19.83 -29.97 -21.01
N PRO D 223 -20.19 -28.70 -21.36
CA PRO D 223 -20.12 -27.64 -20.33
C PRO D 223 -21.40 -27.66 -19.49
N LYS D 224 -21.63 -28.80 -18.81
CA LYS D 224 -22.81 -29.14 -17.99
C LYS D 224 -23.18 -28.08 -16.94
N GLN D 225 -22.21 -27.20 -16.55
CA GLN D 225 -22.42 -26.12 -15.60
C GLN D 225 -23.47 -25.12 -16.07
N TYR D 226 -23.63 -24.96 -17.41
CA TYR D 226 -24.61 -24.02 -17.99
C TYR D 226 -26.07 -24.41 -17.71
N LEU D 227 -26.31 -25.66 -17.25
CA LEU D 227 -27.65 -26.10 -16.83
C LEU D 227 -28.10 -25.29 -15.57
N TYR D 228 -27.14 -24.85 -14.73
CA TYR D 228 -27.39 -24.02 -13.54
C TYR D 228 -27.77 -22.61 -13.98
N THR D 229 -27.14 -22.10 -15.06
CA THR D 229 -27.39 -20.78 -15.65
C THR D 229 -28.82 -20.74 -16.24
N ALA D 231 -31.38 -21.87 -14.69
CA ALA D 231 -32.28 -21.70 -13.54
C ALA D 231 -32.38 -20.20 -13.22
N TYR D 232 -32.98 -19.85 -12.08
CA TYR D 232 -33.10 -18.47 -11.63
C TYR D 232 -31.70 -17.89 -11.32
N PRO D 233 -31.37 -16.65 -11.72
CA PRO D 233 -32.22 -15.66 -12.41
C PRO D 233 -32.09 -15.54 -13.94
N SER D 234 -31.09 -16.21 -14.55
CA SER D 234 -30.62 -16.02 -15.93
C SER D 234 -31.43 -16.68 -17.11
N PHE D 235 -32.44 -17.56 -16.88
CA PHE D 235 -33.23 -18.07 -18.01
C PHE D 235 -34.66 -18.34 -17.57
N CYS D 236 -35.39 -17.24 -17.30
CA CYS D 236 -36.75 -17.28 -16.77
C CYS D 236 -37.67 -16.48 -17.70
N PRO D 237 -38.21 -17.17 -18.74
CA PRO D 237 -38.96 -16.46 -19.80
C PRO D 237 -40.26 -15.77 -19.39
N GLY D 238 -40.56 -14.70 -20.12
CA GLY D 238 -41.79 -13.91 -19.93
C GLY D 238 -42.82 -14.26 -20.99
N PRO D 239 -44.10 -13.81 -20.83
CA PRO D 239 -45.13 -14.17 -21.82
C PRO D 239 -44.92 -13.47 -23.17
N SER D 240 -44.28 -14.17 -24.14
CA SER D 240 -43.96 -13.64 -25.48
C SER D 240 -45.18 -13.12 -26.25
N HIS D 241 -46.39 -13.67 -26.01
CA HIS D 241 -47.62 -13.22 -26.69
C HIS D 241 -48.05 -11.80 -26.24
N ILE D 242 -47.59 -11.39 -25.05
CA ILE D 242 -47.83 -10.08 -24.43
C ILE D 242 -46.61 -9.12 -24.70
N LEU D 243 -45.37 -9.63 -24.52
CA LEU D 243 -44.12 -8.89 -24.63
C LEU D 243 -43.61 -8.65 -26.07
N LYS D 244 -43.68 -9.68 -26.95
CA LYS D 244 -43.23 -9.60 -28.34
C LYS D 244 -43.86 -8.42 -29.11
N PRO D 245 -45.21 -8.17 -29.04
CA PRO D 245 -45.77 -7.00 -29.75
C PRO D 245 -45.26 -5.63 -29.27
N GLN D 246 -44.54 -5.59 -28.13
CA GLN D 246 -44.00 -4.36 -27.56
C GLN D 246 -42.49 -4.19 -27.80
N HIS D 247 -41.81 -5.27 -28.24
CA HIS D 247 -40.37 -5.27 -28.52
C HIS D 247 -40.02 -4.42 -29.77
N PRO D 248 -38.92 -3.62 -29.74
CA PRO D 248 -38.60 -2.75 -30.89
C PRO D 248 -38.41 -3.43 -32.26
N LYS D 249 -38.10 -4.75 -32.26
CA LYS D 249 -37.95 -5.51 -33.50
C LYS D 249 -39.31 -5.76 -34.20
N TYR D 250 -40.42 -5.73 -33.43
CA TYR D 250 -41.76 -6.03 -33.92
C TYR D 250 -42.79 -4.89 -33.75
N SER D 251 -42.31 -3.68 -33.38
CA SER D 251 -43.16 -2.51 -33.13
C SER D 251 -42.42 -1.19 -33.35
N LYS D 252 -43.11 -0.05 -33.10
CA LYS D 252 -42.58 1.31 -33.21
C LYS D 252 -42.01 1.78 -31.87
N ASN D 253 -42.13 0.93 -30.83
CA ASN D 253 -41.64 1.20 -29.48
C ASN D 253 -40.11 1.30 -29.44
N THR D 254 -39.58 2.21 -28.59
CA THR D 254 -38.15 2.31 -28.33
C THR D 254 -37.86 1.22 -27.27
N TYR D 255 -36.57 0.99 -26.92
CA TYR D 255 -36.24 -0.01 -25.90
C TYR D 255 -36.72 0.38 -24.52
N ASN D 256 -36.72 1.69 -24.20
CA ASN D 256 -37.24 2.20 -22.92
C ASN D 256 -38.75 2.00 -22.84
N GLN D 257 -39.46 2.16 -23.97
CA GLN D 257 -40.91 1.96 -24.04
C GLN D 257 -41.25 0.49 -23.83
N PHE D 258 -40.45 -0.44 -24.43
CA PHE D 258 -40.63 -1.88 -24.26
C PHE D 258 -40.43 -2.27 -22.80
N LYS D 259 -39.34 -1.76 -22.18
CA LYS D 259 -38.99 -2.04 -20.79
C LYS D 259 -40.12 -1.62 -19.82
N ASN D 260 -40.76 -0.47 -20.09
CA ASN D 260 -41.79 0.12 -19.25
C ASN D 260 -43.26 -0.10 -19.71
N ALA D 261 -43.49 -0.94 -20.74
CA ALA D 261 -44.86 -1.18 -21.28
C ALA D 261 -45.86 -1.86 -20.30
N PHE D 262 -45.37 -2.49 -19.23
CA PHE D 262 -46.22 -3.17 -18.23
C PHE D 262 -45.93 -2.63 -16.80
N PRO D 263 -46.46 -1.42 -16.46
CA PRO D 263 -46.19 -0.82 -15.13
C PRO D 263 -46.87 -1.55 -13.96
N PRO D 264 -46.58 -1.23 -12.66
CA PRO D 264 -47.18 -2.02 -11.56
C PRO D 264 -48.72 -2.03 -11.52
N GLU D 265 -49.37 -0.97 -12.05
CA GLU D 265 -50.83 -0.83 -12.11
C GLU D 265 -51.48 -1.82 -13.09
N TYR D 266 -50.69 -2.31 -14.08
CA TYR D 266 -51.14 -3.31 -15.06
C TYR D 266 -51.41 -4.61 -14.27
N ASN D 268 -52.90 -8.68 -13.57
CA ASN D 268 -52.92 -10.07 -14.05
C ASN D 268 -51.89 -10.39 -15.15
N PRO D 270 -49.48 -12.30 -17.30
CA PRO D 270 -49.37 -13.76 -17.44
C PRO D 270 -48.05 -14.32 -16.93
N VAL D 271 -48.12 -15.43 -16.16
CA VAL D 271 -46.96 -16.08 -15.53
C VAL D 271 -47.05 -17.62 -15.67
N GLY D 273 -45.77 -19.16 -13.02
CA GLY D 273 -45.71 -19.32 -11.56
C GLY D 273 -47.00 -19.79 -10.91
N ALA D 274 -46.92 -20.09 -9.59
CA ALA D 274 -48.05 -20.62 -8.80
C ALA D 274 -49.14 -19.61 -8.49
N TRP D 275 -48.80 -18.30 -8.46
CA TRP D 275 -49.72 -17.20 -8.17
C TRP D 275 -49.53 -16.07 -9.17
N VAL D 276 -50.61 -15.33 -9.42
CA VAL D 276 -50.67 -14.22 -10.39
C VAL D 276 -50.89 -12.90 -9.63
N PRO D 277 -50.18 -11.80 -9.99
CA PRO D 277 -50.45 -10.51 -9.33
C PRO D 277 -51.83 -9.99 -9.71
N VAL D 278 -52.69 -9.75 -8.71
CA VAL D 278 -54.07 -9.29 -8.91
C VAL D 278 -54.31 -7.90 -8.37
N SER D 279 -53.44 -7.41 -7.46
CA SER D 279 -53.64 -6.13 -6.81
C SER D 279 -52.33 -5.47 -6.44
N TYR D 280 -52.29 -4.15 -6.62
CA TYR D 280 -51.14 -3.32 -6.32
C TYR D 280 -51.61 -1.99 -5.76
N ARG D 281 -51.09 -1.61 -4.60
CA ARG D 281 -51.34 -0.31 -3.98
C ARG D 281 -49.98 0.31 -3.65
N PRO D 282 -49.64 1.47 -4.29
CA PRO D 282 -48.32 2.08 -4.06
C PRO D 282 -47.91 2.22 -2.59
N ASP D 283 -46.65 1.80 -2.28
CA ASP D 283 -46.02 1.82 -0.95
C ASP D 283 -46.80 1.03 0.12
N ASP D 284 -47.71 0.15 -0.31
CA ASP D 284 -48.50 -0.63 0.63
C ASP D 284 -48.41 -2.13 0.44
N LEU D 285 -48.98 -2.65 -0.67
CA LEU D 285 -49.12 -4.09 -0.86
C LEU D 285 -49.29 -4.54 -2.29
N ILE D 286 -48.79 -5.76 -2.55
CA ILE D 286 -48.99 -6.53 -3.78
C ILE D 286 -49.67 -7.82 -3.34
N VAL D 287 -50.80 -8.16 -3.97
CA VAL D 287 -51.52 -9.39 -3.67
C VAL D 287 -51.45 -10.29 -4.92
N LEU D 288 -51.11 -11.56 -4.70
CA LEU D 288 -51.09 -12.60 -5.73
C LEU D 288 -52.15 -13.63 -5.37
N ARG D 289 -52.87 -14.16 -6.38
CA ARG D 289 -53.88 -15.22 -6.22
C ARG D 289 -53.48 -16.42 -7.03
N ARG D 290 -53.83 -17.63 -6.54
CA ARG D 290 -53.51 -18.91 -7.20
C ARG D 290 -53.78 -18.90 -8.73
N ASN D 291 -52.80 -19.43 -9.50
CA ASN D 291 -52.86 -19.55 -10.95
C ASN D 291 -53.66 -20.83 -11.30
N PRO D 292 -54.86 -20.71 -11.94
CA PRO D 292 -55.64 -21.92 -12.27
C PRO D 292 -55.04 -22.78 -13.38
N TYR D 293 -54.00 -22.29 -14.07
CA TYR D 293 -53.31 -23.04 -15.11
C TYR D 293 -51.97 -23.61 -14.63
N TYR D 294 -51.68 -23.56 -13.30
CA TYR D 294 -50.43 -24.10 -12.76
C TYR D 294 -50.29 -25.57 -13.15
N TRP D 295 -49.10 -25.91 -13.62
CA TRP D 295 -48.72 -27.19 -14.22
C TRP D 295 -48.03 -28.18 -13.24
N LYS D 296 -48.11 -27.90 -11.92
CA LYS D 296 -47.53 -28.76 -10.88
C LYS D 296 -48.61 -29.37 -9.97
N VAL D 297 -48.49 -30.68 -9.69
CA VAL D 297 -49.45 -31.44 -8.88
C VAL D 297 -48.73 -32.29 -7.82
N ASP D 298 -49.50 -32.84 -6.84
CA ASP D 298 -48.95 -33.79 -5.90
C ASP D 298 -49.28 -35.20 -6.41
N GLU D 299 -48.80 -36.25 -5.73
CA GLU D 299 -49.04 -37.64 -6.12
C GLU D 299 -50.50 -38.08 -5.99
N LYS D 300 -51.33 -37.33 -5.23
CA LYS D 300 -52.76 -37.60 -5.10
C LYS D 300 -53.56 -36.92 -6.24
N GLY D 301 -52.84 -36.20 -7.12
CA GLY D 301 -53.44 -35.49 -8.24
C GLY D 301 -53.93 -34.09 -7.91
N GLN D 302 -53.65 -33.59 -6.69
CA GLN D 302 -54.08 -32.23 -6.30
C GLN D 302 -53.21 -31.19 -7.00
N GLN D 303 -53.84 -30.27 -7.73
CA GLN D 303 -53.14 -29.19 -8.43
C GLN D 303 -52.57 -28.19 -7.42
N LEU D 304 -51.29 -27.88 -7.55
CA LEU D 304 -50.64 -26.92 -6.66
C LEU D 304 -50.91 -25.48 -7.15
N PRO D 305 -50.70 -24.41 -6.32
CA PRO D 305 -50.22 -24.41 -4.92
C PRO D 305 -51.29 -24.82 -3.91
N TYR D 306 -50.89 -25.15 -2.64
CA TYR D 306 -51.88 -25.43 -1.60
C TYR D 306 -52.44 -24.09 -1.08
N LEU D 307 -51.54 -23.10 -0.89
CA LEU D 307 -51.87 -21.76 -0.44
C LEU D 307 -52.59 -21.02 -1.56
N ASN D 308 -53.70 -20.38 -1.24
CA ASN D 308 -54.54 -19.68 -2.23
C ASN D 308 -54.05 -18.29 -2.59
N GLU D 309 -53.32 -17.65 -1.67
CA GLU D 309 -52.95 -16.25 -1.77
C GLU D 309 -51.57 -16.00 -1.19
N VAL D 310 -50.88 -14.97 -1.78
CA VAL D 310 -49.56 -14.52 -1.32
C VAL D 310 -49.58 -12.99 -1.25
N HIS D 311 -49.07 -12.42 -0.13
CA HIS D 311 -48.98 -10.98 0.07
C HIS D 311 -47.52 -10.56 0.06
N TYR D 312 -47.23 -9.37 -0.51
CA TYR D 312 -45.91 -8.73 -0.46
C TYR D 312 -46.15 -7.33 0.09
N LYS D 313 -45.96 -7.18 1.40
CA LYS D 313 -46.15 -5.91 2.09
C LYS D 313 -44.93 -5.06 1.80
N LEU D 314 -45.18 -3.84 1.33
CA LEU D 314 -44.12 -2.91 0.92
C LEU D 314 -43.66 -2.10 2.13
N SER D 315 -42.52 -2.51 2.71
CA SER D 315 -42.00 -1.90 3.93
C SER D 315 -40.48 -1.75 3.83
N THR D 316 -39.71 -2.18 4.86
CA THR D 316 -38.24 -2.15 4.83
C THR D 316 -37.73 -3.58 5.03
N TRP D 317 -36.45 -3.82 4.69
CA TRP D 317 -35.82 -5.12 4.91
C TRP D 317 -35.70 -5.45 6.40
N ALA D 318 -35.39 -4.44 7.26
CA ALA D 318 -35.31 -4.63 8.70
C ALA D 318 -36.71 -4.97 9.30
N ASP D 319 -37.79 -4.36 8.76
CA ASP D 319 -39.17 -4.64 9.21
C ASP D 319 -39.59 -6.08 8.91
N ARG D 320 -38.99 -6.72 7.88
CA ARG D 320 -39.29 -8.12 7.56
C ARG D 320 -38.97 -9.03 8.75
N ASP D 321 -37.81 -8.80 9.41
CA ASP D 321 -37.41 -9.55 10.61
C ASP D 321 -38.37 -9.29 11.76
N VAL D 322 -38.71 -8.00 11.98
CA VAL D 322 -39.61 -7.54 13.05
C VAL D 322 -40.98 -8.22 12.89
N GLN D 323 -41.59 -8.14 11.68
CA GLN D 323 -42.90 -8.74 11.40
C GLN D 323 -42.90 -10.28 11.51
N ALA D 324 -41.80 -10.95 11.07
CA ALA D 324 -41.69 -12.40 11.14
C ALA D 324 -41.67 -12.90 12.58
N VAL D 325 -40.90 -12.24 13.48
CA VAL D 325 -40.86 -12.67 14.88
C VAL D 325 -42.14 -12.25 15.63
N ALA D 326 -42.84 -11.19 15.16
CA ALA D 326 -44.10 -10.75 15.78
C ALA D 326 -45.29 -11.64 15.34
N GLY D 327 -45.19 -12.26 14.17
CA GLY D 327 -46.24 -13.12 13.64
C GLY D 327 -47.12 -12.53 12.55
N SER D 328 -46.86 -11.24 12.13
CA SER D 328 -47.66 -10.59 11.06
C SER D 328 -47.08 -10.90 9.69
N GLY D 329 -45.78 -11.17 9.68
CA GLY D 329 -45.06 -11.62 8.50
C GLY D 329 -44.81 -13.10 8.71
N ASP D 330 -44.81 -13.91 7.65
CA ASP D 330 -44.63 -15.36 7.76
C ASP D 330 -43.25 -15.91 7.46
N PHE D 331 -42.37 -15.05 6.94
CA PHE D 331 -41.07 -15.47 6.48
C PHE D 331 -40.06 -14.32 6.57
N SER D 332 -38.82 -14.67 6.92
CA SER D 332 -37.69 -13.74 6.83
C SER D 332 -36.38 -14.46 6.63
N ASN D 333 -35.45 -13.80 5.94
CA ASN D 333 -34.06 -14.20 5.88
C ASN D 333 -33.39 -13.17 6.83
N LEU D 334 -33.08 -13.60 8.06
CA LEU D 334 -32.40 -12.75 9.05
C LEU D 334 -30.94 -12.74 8.60
N GLU D 335 -30.54 -11.63 7.97
CA GLU D 335 -29.27 -11.47 7.28
C GLU D 335 -28.51 -10.17 7.64
N GLN D 336 -29.07 -9.37 8.52
CA GLN D 336 -28.45 -8.13 8.97
C GLN D 336 -28.07 -8.32 10.46
N PRO D 337 -26.75 -8.45 10.77
CA PRO D 337 -26.32 -8.68 12.16
C PRO D 337 -26.90 -7.75 13.23
N GLU D 338 -27.23 -6.51 12.84
CA GLU D 338 -27.83 -5.48 13.70
C GLU D 338 -29.23 -5.91 14.24
N ASN D 339 -29.86 -6.92 13.60
CA ASN D 339 -31.17 -7.43 14.01
C ASN D 339 -31.08 -8.81 14.66
N PHE D 340 -29.87 -9.38 14.77
CA PHE D 340 -29.68 -10.72 15.36
C PHE D 340 -30.15 -10.84 16.80
N VAL D 341 -29.74 -9.91 17.70
CA VAL D 341 -30.03 -9.94 19.13
C VAL D 341 -31.53 -9.87 19.42
N ALA D 342 -32.24 -8.86 18.84
CA ALA D 342 -33.69 -8.70 19.02
C ALA D 342 -34.49 -9.91 18.51
N SER D 343 -34.05 -10.52 17.40
CA SER D 343 -34.73 -11.70 16.84
C SER D 343 -34.47 -12.94 17.70
N LEU D 344 -33.24 -13.11 18.18
CA LEU D 344 -32.89 -14.23 19.06
C LEU D 344 -33.63 -14.17 20.41
N LYS D 345 -33.77 -12.95 20.99
CA LYS D 345 -34.50 -12.70 22.24
C LYS D 345 -35.96 -13.12 22.08
N ARG D 346 -36.60 -12.66 20.98
CA ARG D 346 -37.99 -12.97 20.68
C ARG D 346 -38.17 -14.48 20.47
N ALA D 347 -37.26 -15.11 19.70
CA ALA D 347 -37.29 -16.55 19.40
C ALA D 347 -37.00 -17.45 20.60
N ALA D 348 -36.44 -16.88 21.70
CA ALA D 348 -36.14 -17.61 22.93
C ALA D 348 -37.40 -17.96 23.73
N ASP D 349 -38.51 -17.29 23.44
CA ASP D 349 -39.81 -17.53 24.07
C ASP D 349 -40.43 -18.80 23.46
N PRO D 350 -40.79 -19.85 24.24
CA PRO D 350 -41.41 -21.04 23.63
C PRO D 350 -42.77 -20.75 22.95
N ASN D 351 -43.43 -19.65 23.35
CA ASN D 351 -44.71 -19.18 22.80
C ASN D 351 -44.54 -18.36 21.49
N ALA D 352 -43.28 -18.16 21.03
CA ALA D 352 -42.95 -17.41 19.81
C ALA D 352 -43.73 -17.97 18.58
N PRO D 353 -44.33 -17.10 17.73
CA PRO D 353 -45.11 -17.63 16.57
C PRO D 353 -44.24 -18.18 15.43
N ALA D 354 -42.94 -17.89 15.46
CA ALA D 354 -42.02 -18.31 14.42
C ALA D 354 -40.81 -19.03 14.95
N ARG D 355 -40.25 -19.89 14.10
CA ARG D 355 -39.07 -20.71 14.35
C ARG D 355 -37.89 -20.00 13.65
N LEU D 356 -36.71 -20.01 14.28
CA LEU D 356 -35.51 -19.34 13.78
C LEU D 356 -34.35 -20.35 13.78
N ALA D 357 -33.66 -20.48 12.63
CA ALA D 357 -32.52 -21.40 12.54
C ALA D 357 -31.38 -20.86 11.71
N PHE D 358 -30.20 -20.70 12.32
CA PHE D 358 -28.98 -20.26 11.65
C PHE D 358 -28.40 -21.41 10.80
N GLY D 359 -27.71 -21.05 9.73
CA GLY D 359 -27.06 -22.00 8.85
C GLY D 359 -25.57 -21.73 8.80
N PRO D 360 -24.84 -22.26 7.80
CA PRO D 360 -23.38 -21.98 7.72
C PRO D 360 -23.07 -20.53 7.32
N ARG D 361 -21.80 -20.09 7.43
CA ARG D 361 -21.41 -18.70 7.10
C ARG D 361 -21.40 -18.46 5.59
N LEU D 362 -22.57 -18.13 5.01
CA LEU D 362 -22.70 -17.94 3.57
C LEU D 362 -23.05 -16.51 3.14
N ILE D 363 -23.16 -15.59 4.10
CA ILE D 363 -23.42 -14.18 3.80
C ILE D 363 -22.09 -13.44 3.90
N GLY D 364 -21.57 -12.99 2.76
CA GLY D 364 -20.31 -12.29 2.71
C GLY D 364 -20.43 -10.93 2.05
N TYR D 365 -19.58 -9.98 2.47
CA TYR D 365 -19.55 -8.64 1.89
C TYR D 365 -18.17 -8.32 1.35
N ASN D 366 -18.15 -7.72 0.14
CA ASN D 366 -16.90 -7.31 -0.48
C ASN D 366 -16.90 -5.85 -0.87
N LEU D 367 -15.72 -5.27 -0.85
CA LEU D 367 -15.42 -3.98 -1.42
C LEU D 367 -15.01 -4.36 -2.87
N GLN D 368 -15.73 -3.82 -3.86
CA GLN D 368 -15.47 -4.05 -5.27
C GLN D 368 -14.95 -2.76 -5.91
N ASN D 370 -13.77 -0.78 -9.46
CA ASN D 370 -13.94 -0.75 -10.91
C ASN D 370 -12.55 -0.90 -11.57
N PHE D 371 -12.32 -2.03 -12.27
CA PHE D 371 -11.05 -2.36 -12.93
C PHE D 371 -10.95 -1.91 -14.41
N SER D 372 -12.01 -1.30 -14.96
CA SER D 372 -11.98 -0.86 -16.36
C SER D 372 -11.28 0.48 -16.56
N ALA D 373 -10.14 0.47 -17.25
CA ALA D 373 -9.41 1.71 -17.58
C ALA D 373 -9.69 2.08 -19.05
N ASN D 374 -10.65 1.38 -19.69
CA ASN D 374 -11.02 1.56 -21.10
C ASN D 374 -12.43 2.18 -21.35
N GLY D 375 -12.95 2.93 -20.38
CA GLY D 375 -14.20 3.67 -20.55
C GLY D 375 -15.52 3.16 -20.05
N TRP D 376 -15.57 2.04 -19.28
CA TRP D 376 -16.84 1.54 -18.73
C TRP D 376 -17.38 2.58 -17.73
N GLY D 377 -18.59 3.06 -18.02
CA GLY D 377 -19.25 4.09 -17.22
C GLY D 377 -18.86 5.50 -17.59
N ASN D 378 -18.07 5.65 -18.70
CA ASN D 378 -17.56 6.91 -19.25
C ASN D 378 -17.01 7.84 -18.13
N PRO D 379 -15.96 7.43 -17.37
CA PRO D 379 -15.49 8.28 -16.25
C PRO D 379 -14.82 9.57 -16.72
N ASP D 380 -14.87 10.61 -15.86
CA ASP D 380 -14.19 11.88 -16.09
C ASP D 380 -12.70 11.67 -15.73
N GLU D 381 -11.88 12.74 -15.80
CA GLU D 381 -10.45 12.69 -15.46
C GLU D 381 -10.19 12.12 -14.05
N ARG D 382 -11.01 12.55 -13.07
CA ARG D 382 -10.93 12.08 -11.68
C ARG D 382 -11.21 10.57 -11.57
N GLY D 383 -12.31 10.11 -12.19
CA GLY D 383 -12.72 8.71 -12.21
C GLY D 383 -11.68 7.81 -12.85
N GLN D 384 -11.09 8.27 -13.99
CA GLN D 384 -10.06 7.56 -14.73
C GLN D 384 -8.79 7.34 -13.89
N ALA D 385 -8.39 8.35 -13.09
CA ALA D 385 -7.22 8.29 -12.20
C ALA D 385 -7.45 7.25 -11.07
N ILE D 386 -8.72 7.08 -10.64
CA ILE D 386 -9.06 6.09 -9.61
C ILE D 386 -8.99 4.65 -10.24
N ARG D 387 -9.49 4.50 -11.49
CA ARG D 387 -9.44 3.26 -12.27
C ARG D 387 -7.99 2.74 -12.33
N GLU D 388 -7.03 3.66 -12.61
CA GLU D 388 -5.60 3.38 -12.70
C GLU D 388 -5.00 2.96 -11.35
N LEU D 389 -5.45 3.60 -10.24
CA LEU D 389 -5.01 3.20 -8.89
C LEU D 389 -5.57 1.82 -8.54
N ASN D 390 -6.85 1.54 -8.86
CA ASN D 390 -7.51 0.25 -8.60
C ASN D 390 -6.78 -0.91 -9.26
N ARG D 391 -6.24 -0.69 -10.49
CA ARG D 391 -5.49 -1.66 -11.28
C ARG D 391 -4.04 -1.87 -10.77
N ASN D 392 -3.54 -0.96 -9.91
CA ASN D 392 -2.21 -1.07 -9.31
C ASN D 392 -2.29 -2.04 -8.12
N GLU D 393 -1.60 -3.21 -8.20
CA GLU D 393 -1.63 -4.24 -7.16
C GLU D 393 -1.11 -3.75 -5.80
N VAL D 394 -0.14 -2.82 -5.78
CA VAL D 394 0.43 -2.25 -4.55
C VAL D 394 -0.65 -1.41 -3.84
N PHE D 395 -1.47 -0.67 -4.61
CA PHE D 395 -2.59 0.11 -4.08
C PHE D 395 -3.63 -0.85 -3.42
N ARG D 396 -3.95 -1.98 -4.11
CA ARG D 396 -4.92 -2.97 -3.59
C ARG D 396 -4.41 -3.62 -2.30
N GLN D 397 -3.12 -3.96 -2.27
CA GLN D 397 -2.46 -4.56 -1.10
C GLN D 397 -2.48 -3.60 0.08
N ALA D 398 -2.29 -2.28 -0.17
CA ALA D 398 -2.36 -1.26 0.87
C ALA D 398 -3.79 -1.14 1.44
N VAL D 399 -4.82 -1.08 0.56
CA VAL D 399 -6.23 -0.96 0.98
C VAL D 399 -6.64 -2.14 1.88
N THR D 400 -6.37 -3.37 1.45
CA THR D 400 -6.73 -4.57 2.20
C THR D 400 -5.95 -4.66 3.54
N SER D 401 -4.67 -4.22 3.58
CA SER D 401 -3.82 -4.23 4.79
C SER D 401 -4.19 -3.14 5.79
N ALA D 402 -4.89 -2.10 5.33
CA ALA D 402 -5.35 -1.02 6.18
C ALA D 402 -6.69 -1.36 6.87
N LEU D 403 -7.30 -2.50 6.51
CA LEU D 403 -8.56 -2.97 7.13
C LEU D 403 -8.33 -3.81 8.38
N ASP D 404 -8.91 -3.35 9.51
CA ASP D 404 -8.88 -4.06 10.78
C ASP D 404 -10.17 -4.90 10.75
N ARG D 405 -10.07 -6.13 10.20
CA ARG D 405 -11.20 -7.03 9.99
C ARG D 405 -11.87 -7.49 11.29
N LYS D 406 -11.10 -7.61 12.39
CA LYS D 406 -11.63 -7.94 13.71
C LYS D 406 -12.58 -6.82 14.15
N ALA D 407 -12.17 -5.54 13.95
CA ALA D 407 -12.99 -4.36 14.29
C ALA D 407 -14.23 -4.27 13.40
N ILE D 408 -14.11 -4.69 12.12
CA ILE D 408 -15.26 -4.72 11.18
C ILE D 408 -16.32 -5.71 11.73
N GLY D 409 -15.88 -6.91 12.10
CA GLY D 409 -16.75 -7.94 12.67
C GLY D 409 -17.44 -7.46 13.94
N ASP D 410 -16.67 -6.83 14.87
CA ASP D 410 -17.15 -6.27 16.13
C ASP D 410 -18.18 -5.15 15.93
N SER D 411 -18.05 -4.36 14.85
CA SER D 411 -18.96 -3.26 14.55
C SER D 411 -20.36 -3.75 14.12
N LEU D 412 -20.46 -5.01 13.67
CA LEU D 412 -21.74 -5.58 13.24
C LEU D 412 -22.47 -6.28 14.37
N VAL D 413 -21.80 -7.26 15.03
CA VAL D 413 -22.37 -8.03 16.13
C VAL D 413 -21.26 -8.77 16.88
N LYS D 414 -21.40 -8.88 18.20
CA LYS D 414 -20.45 -9.60 19.03
C LYS D 414 -20.81 -11.10 18.98
N GLY D 415 -19.97 -11.95 19.55
CA GLY D 415 -20.23 -13.37 19.58
C GLY D 415 -19.56 -14.17 18.47
N PRO D 416 -20.04 -15.42 18.24
CA PRO D 416 -19.37 -16.29 17.27
C PRO D 416 -19.79 -16.15 15.81
N PHE D 417 -20.60 -15.13 15.46
CA PHE D 417 -21.15 -14.97 14.10
C PHE D 417 -20.10 -14.65 13.02
N THR D 418 -19.40 -13.50 13.14
CA THR D 418 -18.45 -13.04 12.12
C THR D 418 -17.17 -13.87 12.06
N ALA D 419 -16.59 -13.93 10.86
CA ALA D 419 -15.33 -14.62 10.56
C ALA D 419 -14.47 -13.66 9.76
N ILE D 420 -13.14 -13.76 9.92
CA ILE D 420 -12.15 -12.98 9.16
C ILE D 420 -12.33 -13.40 7.69
N TYR D 421 -12.67 -12.44 6.83
CA TYR D 421 -12.93 -12.70 5.43
C TYR D 421 -12.04 -11.87 4.51
N PRO D 422 -10.98 -12.49 3.93
CA PRO D 422 -10.09 -11.73 3.03
C PRO D 422 -10.73 -11.45 1.67
N GLY D 423 -11.72 -12.25 1.29
CA GLY D 423 -12.41 -12.21 0.01
C GLY D 423 -12.46 -13.60 -0.59
N GLY D 424 -13.07 -13.72 -1.77
CA GLY D 424 -13.18 -14.99 -2.49
C GLY D 424 -14.34 -15.86 -2.06
N ILE D 425 -14.21 -17.16 -2.28
CA ILE D 425 -15.22 -18.18 -1.93
C ILE D 425 -15.49 -18.13 -0.42
N SER D 426 -16.77 -18.17 -0.07
CA SER D 426 -17.24 -18.18 1.30
C SER D 426 -16.71 -19.42 2.06
N SER D 427 -16.30 -19.24 3.34
CA SER D 427 -15.82 -20.35 4.18
C SER D 427 -16.92 -21.40 4.51
N GLY D 428 -18.18 -21.05 4.30
CA GLY D 428 -19.30 -21.95 4.55
C GLY D 428 -19.66 -22.93 3.44
N THR D 429 -18.94 -22.88 2.29
CA THR D 429 -19.25 -23.78 1.17
C THR D 429 -18.12 -24.84 1.02
N SER D 430 -18.45 -26.04 0.50
CA SER D 430 -17.53 -27.16 0.38
C SER D 430 -16.29 -26.91 -0.53
N PHE D 431 -16.41 -26.06 -1.58
CA PHE D 431 -15.27 -25.78 -2.46
C PHE D 431 -14.20 -24.88 -1.82
N TYR D 432 -14.50 -24.29 -0.64
CA TYR D 432 -13.58 -23.45 0.10
C TYR D 432 -12.40 -24.24 0.65
N ASP D 433 -11.20 -23.65 0.57
CA ASP D 433 -9.98 -24.21 1.12
C ASP D 433 -9.23 -23.09 1.84
N ARG D 434 -9.14 -23.19 3.19
CA ARG D 434 -8.47 -22.22 4.06
C ARG D 434 -6.99 -22.04 3.67
N ALA D 435 -6.30 -23.16 3.38
CA ALA D 435 -4.89 -23.17 2.97
C ALA D 435 -4.64 -22.39 1.65
N SER D 436 -5.67 -22.28 0.78
CA SER D 436 -5.58 -21.56 -0.50
C SER D 436 -6.03 -20.09 -0.36
N THR D 437 -6.43 -19.67 0.84
CA THR D 437 -6.93 -18.31 1.09
C THR D 437 -5.83 -17.39 1.59
N VAL D 438 -5.48 -16.38 0.79
CA VAL D 438 -4.45 -15.41 1.15
C VAL D 438 -5.04 -14.31 2.05
N TYR D 439 -4.54 -14.25 3.28
CA TYR D 439 -4.95 -13.26 4.28
C TYR D 439 -3.85 -12.21 4.45
N TYR D 440 -4.21 -10.93 4.25
CA TYR D 440 -3.34 -9.77 4.46
C TYR D 440 -3.75 -9.23 5.83
N PRO D 441 -2.96 -9.48 6.90
CA PRO D 441 -3.37 -9.00 8.23
C PRO D 441 -3.40 -7.46 8.34
N PHE D 442 -4.00 -6.94 9.42
CA PHE D 442 -4.04 -5.49 9.67
C PHE D 442 -2.62 -4.95 9.91
N ASN D 443 -2.13 -4.13 8.96
CA ASN D 443 -0.82 -3.50 8.97
C ASN D 443 -0.96 -2.09 8.37
N LEU D 444 -1.46 -1.16 9.19
CA LEU D 444 -1.68 0.23 8.79
C LEU D 444 -0.39 0.95 8.36
N GLU D 445 0.70 0.69 9.09
CA GLU D 445 2.00 1.31 8.79
C GLU D 445 2.57 0.81 7.46
N GLY D 446 2.46 -0.50 7.22
CA GLY D 446 2.88 -1.10 5.95
C GLY D 446 2.06 -0.57 4.79
N ALA D 447 0.74 -0.36 5.02
CA ALA D 447 -0.20 0.18 4.04
C ALA D 447 0.18 1.63 3.66
N LYS D 448 0.57 2.46 4.67
CA LYS D 448 0.99 3.85 4.47
C LYS D 448 2.28 3.92 3.64
N ALA D 449 3.23 3.00 3.91
CA ALA D 449 4.51 2.93 3.19
C ALA D 449 4.29 2.46 1.74
N ALA D 450 3.32 1.54 1.54
CA ALA D 450 2.97 1.01 0.21
C ALA D 450 2.41 2.13 -0.69
N LEU D 451 1.54 3.01 -0.13
CA LEU D 451 1.00 4.14 -0.87
C LEU D 451 2.05 5.18 -1.21
N ALA D 452 3.01 5.42 -0.28
CA ALA D 452 4.12 6.36 -0.48
C ALA D 452 5.01 5.84 -1.62
N SER D 453 5.22 4.50 -1.69
CA SER D 453 6.02 3.83 -2.72
C SER D 453 5.42 3.94 -4.14
N ILE D 454 4.11 4.25 -4.26
CA ILE D 454 3.49 4.40 -5.57
C ILE D 454 3.20 5.89 -5.87
N GLY D 455 3.96 6.77 -5.22
CA GLY D 455 3.90 8.22 -5.42
C GLY D 455 2.77 8.97 -4.74
N LEU D 456 2.14 8.38 -3.71
CA LEU D 456 1.06 9.07 -3.00
C LEU D 456 1.52 9.65 -1.65
N LYS D 457 1.36 10.98 -1.46
CA LYS D 457 1.73 11.66 -0.20
C LYS D 457 0.93 12.95 0.03
N ASP D 458 0.73 13.30 1.31
CA ASP D 458 0.01 14.52 1.68
C ASP D 458 0.97 15.69 1.49
N THR D 459 0.67 16.56 0.49
CA THR D 459 1.50 17.70 0.12
C THR D 459 0.91 19.07 0.57
N ASP D 460 -0.23 19.06 1.28
CA ASP D 460 -0.88 20.29 1.74
C ASP D 460 -1.24 20.24 3.26
N GLY D 461 -0.72 19.22 3.97
CA GLY D 461 -0.89 19.03 5.40
C GLY D 461 -2.30 18.79 5.94
N ASP D 462 -3.27 18.42 5.08
CA ASP D 462 -4.65 18.20 5.56
C ASP D 462 -4.95 16.75 6.00
N GLY D 463 -3.92 15.91 6.08
CA GLY D 463 -4.06 14.51 6.49
C GLY D 463 -4.49 13.55 5.40
N PHE D 464 -4.86 14.09 4.21
CA PHE D 464 -5.27 13.28 3.06
C PHE D 464 -4.19 13.26 1.99
N LEU D 465 -3.93 12.06 1.44
CA LEU D 465 -2.90 11.85 0.41
C LEU D 465 -3.30 12.52 -0.90
N ASN D 466 -2.31 13.15 -1.53
CA ASN D 466 -2.42 13.83 -2.80
C ASN D 466 -1.86 12.98 -3.93
N PHE D 467 -2.45 13.16 -5.13
CA PHE D 467 -2.03 12.53 -6.37
C PHE D 467 -0.67 13.11 -6.75
N PRO D 468 0.19 12.40 -7.54
CA PRO D 468 1.45 13.05 -7.97
C PRO D 468 1.16 14.31 -8.81
N LYS D 469 2.12 15.25 -8.89
CA LYS D 469 2.00 16.54 -9.59
C LYS D 469 1.47 16.42 -11.04
N GLU D 470 1.83 15.32 -11.72
CA GLU D 470 1.43 14.99 -13.09
C GLU D 470 -0.08 14.82 -13.22
N THR D 471 -0.68 14.01 -12.34
CA THR D 471 -2.09 13.64 -12.32
C THR D 471 -2.96 14.61 -11.48
N LEU D 472 -4.03 15.12 -12.13
CA LEU D 472 -5.05 16.03 -11.60
C LEU D 472 -4.51 17.22 -10.78
N GLY D 473 -3.39 17.80 -11.25
CA GLY D 473 -2.73 18.93 -10.62
C GLY D 473 -2.27 18.74 -9.19
N GLY D 474 -1.99 17.48 -8.82
CA GLY D 474 -1.53 17.09 -7.50
C GLY D 474 -2.54 17.24 -6.37
N ARG D 475 -3.84 17.25 -6.71
CA ARG D 475 -4.93 17.38 -5.73
C ARG D 475 -5.10 16.11 -4.91
N ASN D 476 -5.89 16.19 -3.83
CA ASN D 476 -6.18 15.06 -2.95
C ASN D 476 -6.86 13.93 -3.70
N VAL D 477 -6.49 12.69 -3.35
CA VAL D 477 -7.13 11.49 -3.91
C VAL D 477 -8.56 11.49 -3.35
N GLU D 478 -9.56 11.36 -4.22
CA GLU D 478 -10.97 11.37 -3.82
C GLU D 478 -11.67 10.20 -4.47
N ILE D 479 -12.17 9.26 -3.63
CA ILE D 479 -12.82 8.03 -4.09
C ILE D 479 -14.29 7.99 -3.71
N THR D 480 -15.16 7.65 -4.67
CA THR D 480 -16.61 7.52 -4.41
C THR D 480 -16.92 6.05 -4.05
N LEU D 481 -17.86 5.86 -3.10
CA LEU D 481 -18.25 4.54 -2.63
C LEU D 481 -19.75 4.35 -2.81
N LEU D 482 -20.14 3.50 -3.78
CA LEU D 482 -21.53 3.21 -4.08
C LEU D 482 -22.11 2.23 -3.07
N VAL D 483 -23.21 2.63 -2.40
CA VAL D 483 -23.84 1.86 -1.32
C VAL D 483 -25.34 1.64 -1.57
N ASN D 484 -25.84 0.44 -1.23
CA ASN D 484 -27.25 0.10 -1.28
C ASN D 484 -27.92 0.71 -0.04
N ASN D 485 -28.79 1.70 -0.23
CA ASN D 485 -29.49 2.45 0.83
C ASN D 485 -30.54 1.64 1.63
N GLY D 486 -30.95 0.47 1.13
CA GLY D 486 -31.99 -0.34 1.76
C GLY D 486 -31.60 -1.17 2.97
N TYR D 487 -30.29 -1.25 3.28
CA TYR D 487 -29.79 -2.10 4.36
C TYR D 487 -28.90 -1.38 5.35
N ALA D 488 -29.15 -1.63 6.66
CA ALA D 488 -28.34 -1.08 7.73
C ALA D 488 -26.93 -1.65 7.69
N THR D 489 -26.76 -2.95 7.34
CA THR D 489 -25.46 -3.61 7.25
C THR D 489 -24.56 -2.94 6.22
N ASP D 490 -25.06 -2.76 4.98
CA ASP D 490 -24.30 -2.10 3.89
C ASP D 490 -23.83 -0.72 4.35
N LYS D 491 -24.76 0.06 4.89
CA LYS D 491 -24.49 1.42 5.36
C LYS D 491 -23.45 1.45 6.49
N SER D 492 -23.55 0.51 7.45
CA SER D 492 -22.61 0.41 8.56
C SER D 492 -21.20 0.03 8.05
N LEU D 493 -21.12 -0.89 7.07
CA LEU D 493 -19.84 -1.30 6.48
C LEU D 493 -19.20 -0.15 5.71
N ALA D 494 -20.02 0.64 4.98
CA ALA D 494 -19.57 1.79 4.20
C ALA D 494 -19.00 2.87 5.11
N GLU D 495 -19.68 3.16 6.22
CA GLU D 495 -19.25 4.14 7.23
C GLU D 495 -17.94 3.68 7.90
N GLY D 496 -17.85 2.38 8.21
CA GLY D 496 -16.66 1.77 8.81
C GLY D 496 -15.46 1.89 7.87
N LEU D 497 -15.69 1.63 6.56
CA LEU D 497 -14.69 1.70 5.51
C LEU D 497 -14.17 3.13 5.35
N VAL D 498 -15.06 4.15 5.38
CA VAL D 498 -14.69 5.56 5.29
C VAL D 498 -13.71 5.95 6.42
N GLY D 499 -14.01 5.52 7.65
CA GLY D 499 -13.18 5.78 8.82
C GLY D 499 -11.81 5.13 8.74
N GLN D 500 -11.75 3.85 8.31
CA GLN D 500 -10.48 3.12 8.15
C GLN D 500 -9.60 3.74 7.05
N ALA D 502 -9.68 6.88 6.05
CA ALA D 502 -9.27 8.20 6.55
C ALA D 502 -7.96 8.08 7.34
N LYS D 503 -7.81 6.99 8.14
CA LYS D 503 -6.60 6.69 8.92
C LYS D 503 -5.42 6.38 7.97
N LEU D 504 -5.71 5.74 6.82
CA LEU D 504 -4.74 5.45 5.76
C LEU D 504 -4.36 6.72 4.94
N GLY D 505 -5.24 7.71 4.92
CA GLY D 505 -5.01 8.96 4.20
C GLY D 505 -5.81 9.09 2.93
N LEU D 506 -6.78 8.17 2.70
CA LEU D 506 -7.61 8.22 1.49
C LEU D 506 -9.00 8.75 1.81
N ARG D 507 -9.40 9.81 1.11
CA ARG D 507 -10.73 10.39 1.30
C ARG D 507 -11.78 9.63 0.49
N VAL D 508 -12.74 9.02 1.21
CA VAL D 508 -13.81 8.23 0.61
C VAL D 508 -15.16 8.92 0.83
N VAL D 509 -15.93 9.09 -0.25
CA VAL D 509 -17.25 9.75 -0.23
C VAL D 509 -18.37 8.75 -0.55
N ILE D 510 -19.34 8.60 0.37
CA ILE D 510 -20.47 7.68 0.19
C ILE D 510 -21.50 8.24 -0.80
N HIS D 511 -21.90 7.39 -1.76
CA HIS D 511 -22.95 7.65 -2.74
C HIS D 511 -24.01 6.57 -2.45
N SER D 512 -24.97 6.90 -1.56
CA SER D 512 -26.00 5.96 -1.12
C SER D 512 -27.24 6.06 -2.00
N LEU D 513 -27.59 4.95 -2.68
CA LEU D 513 -28.72 4.92 -3.60
C LEU D 513 -29.70 3.81 -3.32
N ASP D 514 -30.96 4.03 -3.72
CA ASP D 514 -32.00 3.02 -3.60
C ASP D 514 -31.69 1.90 -4.60
N SER D 515 -32.17 0.69 -4.30
CA SER D 515 -31.97 -0.54 -5.07
C SER D 515 -31.88 -0.34 -6.60
N ASN D 516 -32.96 0.18 -7.21
CA ASN D 516 -33.08 0.39 -8.65
C ASN D 516 -31.95 1.31 -9.22
N GLN D 517 -31.71 2.46 -8.56
CA GLN D 517 -30.67 3.40 -8.99
C GLN D 517 -29.27 2.84 -8.73
N ARG D 518 -29.13 2.07 -7.65
CA ARG D 518 -27.87 1.43 -7.28
C ARG D 518 -27.49 0.39 -8.35
N ASP D 519 -28.45 -0.47 -8.77
CA ASP D 519 -28.21 -1.47 -9.82
C ASP D 519 -27.80 -0.82 -11.14
N ALA D 520 -28.47 0.29 -11.54
CA ALA D 520 -28.16 1.01 -12.78
C ALA D 520 -26.75 1.62 -12.76
N ALA D 521 -26.34 2.24 -11.62
CA ALA D 521 -25.00 2.82 -11.48
C ALA D 521 -23.90 1.73 -11.53
N HIS D 522 -24.15 0.57 -10.85
CA HIS D 522 -23.21 -0.56 -10.82
C HIS D 522 -23.03 -1.19 -12.22
N TYR D 523 -24.16 -1.65 -12.83
CA TYR D 523 -24.12 -2.32 -14.12
C TYR D 523 -23.71 -1.37 -15.25
N GLY D 524 -23.96 -0.07 -15.08
CA GLY D 524 -23.53 0.96 -16.03
C GLY D 524 -22.07 1.37 -15.83
N GLY D 525 -21.40 0.84 -14.80
CA GLY D 525 -20.00 1.16 -14.51
C GLY D 525 -19.73 2.54 -13.98
N GLN D 526 -20.77 3.20 -13.45
CA GLN D 526 -20.70 4.56 -12.90
C GLN D 526 -20.34 4.51 -11.42
N PHE D 527 -19.12 4.01 -11.13
CA PHE D 527 -18.61 3.87 -9.76
C PHE D 527 -17.08 3.73 -9.76
N ASP D 528 -16.44 4.12 -8.64
CA ASP D 528 -15.01 3.94 -8.40
C ASP D 528 -14.90 2.62 -7.61
N TRP D 529 -15.55 2.62 -6.42
CA TRP D 529 -15.65 1.52 -5.47
C TRP D 529 -17.13 1.31 -5.11
N LEU D 530 -17.48 0.10 -4.66
CA LEU D 530 -18.80 -0.21 -4.15
C LEU D 530 -18.73 -1.25 -3.05
N VAL D 531 -19.73 -1.23 -2.15
CA VAL D 531 -19.89 -2.23 -1.09
C VAL D 531 -21.02 -3.11 -1.60
N ARG D 532 -20.84 -4.44 -1.56
CA ARG D 532 -21.86 -5.35 -2.06
C ARG D 532 -21.89 -6.68 -1.32
N ARG D 533 -23.11 -7.17 -1.04
CA ARG D 533 -23.32 -8.50 -0.47
C ARG D 533 -23.09 -9.48 -1.63
N ASN D 534 -22.38 -10.59 -1.36
CA ASN D 534 -22.07 -11.60 -2.38
C ASN D 534 -23.29 -12.28 -2.97
N SER D 535 -23.23 -12.61 -4.26
CA SER D 535 -24.29 -13.38 -4.93
C SER D 535 -23.92 -14.88 -4.88
N THR D 536 -24.72 -15.75 -5.52
CA THR D 536 -24.59 -17.22 -5.45
C THR D 536 -23.23 -17.81 -5.82
N GLU D 537 -22.50 -17.24 -6.78
CA GLU D 537 -21.20 -17.82 -7.20
C GLU D 537 -20.18 -17.89 -6.05
N LEU D 538 -20.20 -16.94 -5.09
CA LEU D 538 -19.26 -17.01 -3.96
C LEU D 538 -19.81 -17.85 -2.81
N SER D 539 -21.14 -18.00 -2.72
CA SER D 539 -21.81 -18.79 -1.69
C SER D 539 -21.98 -20.26 -2.08
N SER D 540 -21.83 -20.60 -3.37
CA SER D 540 -22.05 -21.98 -3.82
C SER D 540 -21.10 -22.48 -4.91
N VAL D 541 -20.46 -21.55 -5.65
CA VAL D 541 -19.55 -21.83 -6.78
C VAL D 541 -20.33 -22.30 -8.03
N VAL D 542 -21.14 -23.37 -7.88
CA VAL D 542 -21.85 -24.06 -8.98
C VAL D 542 -23.01 -23.25 -9.59
N GLN D 543 -23.58 -22.27 -8.83
CA GLN D 543 -24.68 -21.43 -9.33
C GLN D 543 -24.16 -20.13 -9.92
N ASN D 544 -24.38 -19.94 -11.24
CA ASN D 544 -23.91 -18.79 -12.03
C ASN D 544 -22.39 -18.63 -11.88
N THR D 545 -21.67 -19.73 -12.20
CA THR D 545 -20.22 -19.91 -12.15
C THR D 545 -19.49 -18.85 -13.00
N GLU D 546 -20.14 -18.39 -14.10
CA GLU D 546 -19.61 -17.37 -15.02
C GLU D 546 -19.32 -16.03 -14.32
N GLN D 547 -19.96 -15.77 -13.16
CA GLN D 547 -19.78 -14.54 -12.39
C GLN D 547 -18.50 -14.54 -11.51
N LEU D 548 -17.78 -15.68 -11.49
CA LEU D 548 -16.53 -15.82 -10.74
C LEU D 548 -15.36 -15.05 -11.40
N ALA D 549 -15.44 -14.78 -12.69
CA ALA D 549 -14.37 -14.10 -13.41
C ALA D 549 -14.90 -13.38 -14.66
N PRO D 550 -14.07 -12.51 -15.30
CA PRO D 550 -14.52 -11.90 -16.57
C PRO D 550 -14.35 -12.87 -17.74
N VAL D 551 -15.14 -13.99 -17.74
CA VAL D 551 -15.13 -15.01 -18.82
C VAL D 551 -15.71 -14.43 -20.10
N GLY D 552 -16.65 -13.51 -19.94
CA GLY D 552 -17.27 -12.77 -21.01
C GLY D 552 -17.10 -11.28 -20.77
N PRO D 553 -17.46 -10.42 -21.75
CA PRO D 553 -17.27 -8.96 -21.54
C PRO D 553 -18.14 -8.32 -20.46
N ARG D 554 -19.21 -9.01 -20.00
CA ARG D 554 -20.14 -8.49 -18.98
C ARG D 554 -20.45 -9.49 -17.85
N THR D 555 -19.68 -10.59 -17.72
CA THR D 555 -19.94 -11.58 -16.66
C THR D 555 -19.42 -11.14 -15.27
N SER D 556 -18.33 -10.34 -15.25
CA SER D 556 -17.70 -9.85 -14.01
C SER D 556 -18.51 -8.71 -13.37
N TRP D 557 -18.62 -8.70 -12.03
CA TRP D 557 -19.32 -7.63 -11.34
C TRP D 557 -18.52 -6.31 -11.34
N ASN D 558 -17.17 -6.37 -11.36
CA ASN D 558 -16.37 -5.16 -11.25
C ASN D 558 -15.46 -4.86 -12.47
N HIS D 559 -15.51 -5.72 -13.50
CA HIS D 559 -14.69 -5.49 -14.72
C HIS D 559 -15.46 -5.84 -15.99
N ARG D 560 -16.15 -4.84 -16.53
CA ARG D 560 -16.95 -5.01 -17.74
C ARG D 560 -16.41 -4.11 -18.85
N SER D 561 -16.87 -4.34 -20.08
CA SER D 561 -16.46 -3.56 -21.23
C SER D 561 -17.59 -2.63 -21.69
N PRO D 562 -17.27 -1.41 -22.20
CA PRO D 562 -18.33 -0.50 -22.70
C PRO D 562 -19.10 -1.01 -23.94
N GLU D 563 -20.08 -0.19 -24.42
CA GLU D 563 -21.00 -0.41 -25.55
C GLU D 563 -20.46 -1.31 -26.69
N GLY D 564 -19.38 -0.88 -27.33
CA GLY D 564 -18.74 -1.59 -28.43
C GLY D 564 -17.24 -1.69 -28.28
N LYS D 565 -16.79 -2.17 -27.11
CA LYS D 565 -15.37 -2.33 -26.80
C LYS D 565 -15.07 -3.68 -26.14
N GLU D 566 -13.78 -4.07 -26.11
CA GLU D 566 -13.28 -5.31 -25.52
C GLU D 566 -12.71 -5.08 -24.12
N LEU D 567 -12.47 -6.17 -23.36
CA LEU D 567 -11.93 -6.10 -21.99
C LEU D 567 -10.44 -5.79 -21.92
N ASP D 568 -10.03 -4.99 -20.91
CA ASP D 568 -8.61 -4.68 -20.65
C ASP D 568 -8.16 -5.54 -19.45
N LEU D 569 -8.17 -6.88 -19.65
CA LEU D 569 -7.83 -7.84 -18.59
C LEU D 569 -6.37 -7.83 -18.19
N PRO D 571 -3.11 -10.01 -16.32
CA PRO D 571 -2.79 -11.45 -16.40
C PRO D 571 -3.52 -12.35 -15.38
N PHE D 572 -3.61 -11.93 -14.10
CA PHE D 572 -4.28 -12.75 -13.08
C PHE D 572 -5.76 -13.03 -13.39
N GLU D 573 -6.47 -12.06 -14.02
CA GLU D 573 -7.89 -12.24 -14.37
C GLU D 573 -8.04 -13.24 -15.52
N LYS D 574 -7.08 -13.28 -16.46
CA LYS D 574 -7.05 -14.22 -17.59
C LYS D 574 -6.83 -15.63 -17.02
N GLU D 575 -5.96 -15.76 -16.00
CA GLU D 575 -5.72 -17.03 -15.31
C GLU D 575 -7.03 -17.47 -14.60
N ALA D 577 -10.21 -16.51 -15.45
CA ALA D 577 -11.14 -16.83 -16.55
C ALA D 577 -10.90 -18.26 -17.07
N ASP D 578 -9.61 -18.66 -17.26
CA ASP D 578 -9.22 -19.99 -17.75
C ASP D 578 -9.65 -21.08 -16.78
N ILE D 579 -9.40 -20.90 -15.47
CA ILE D 579 -9.78 -21.82 -14.40
C ILE D 579 -11.31 -22.04 -14.40
N VAL D 580 -12.09 -20.96 -14.50
CA VAL D 580 -13.56 -20.99 -14.53
C VAL D 580 -14.08 -21.77 -15.74
N ARG D 581 -13.54 -21.48 -16.97
CA ARG D 581 -13.95 -22.21 -18.18
C ARG D 581 -13.63 -23.71 -18.08
N LYS D 582 -12.46 -24.07 -17.50
CA LYS D 582 -12.06 -25.47 -17.31
C LYS D 582 -13.03 -26.17 -16.32
N PHE D 583 -13.37 -25.48 -15.21
CA PHE D 583 -14.32 -25.96 -14.22
C PHE D 583 -15.70 -26.27 -14.85
N ILE D 584 -16.21 -25.33 -15.68
CA ILE D 584 -17.52 -25.44 -16.36
C ILE D 584 -17.67 -26.73 -17.21
N SER D 585 -16.58 -27.13 -17.90
CA SER D 585 -16.55 -28.31 -18.75
C SER D 585 -15.96 -29.58 -18.09
N SER D 586 -15.67 -29.53 -16.79
CA SER D 586 -15.12 -30.69 -16.07
C SER D 586 -16.24 -31.46 -15.35
N GLN D 587 -16.14 -32.79 -15.36
CA GLN D 587 -17.05 -33.70 -14.66
C GLN D 587 -16.26 -34.56 -13.65
N ASP D 588 -15.00 -34.17 -13.39
CA ASP D 588 -14.08 -34.84 -12.46
C ASP D 588 -14.11 -34.08 -11.14
N ASN D 589 -14.63 -34.72 -10.07
CA ASN D 589 -14.76 -34.15 -8.73
C ASN D 589 -13.45 -33.67 -8.13
N ALA D 590 -12.38 -34.49 -8.21
CA ALA D 590 -11.05 -34.18 -7.68
C ALA D 590 -10.45 -33.00 -8.42
N GLU D 591 -10.59 -32.98 -9.77
CA GLU D 591 -10.10 -31.91 -10.65
C GLU D 591 -10.79 -30.59 -10.30
N ARG D 592 -12.13 -30.62 -10.16
CA ARG D 592 -12.98 -29.48 -9.83
C ARG D 592 -12.63 -28.86 -8.48
N ALA D 593 -12.35 -29.68 -7.45
CA ALA D 593 -11.94 -29.22 -6.11
C ALA D 593 -10.56 -28.54 -6.19
N ASP D 594 -9.63 -29.13 -6.96
CA ASP D 594 -8.29 -28.58 -7.18
C ASP D 594 -8.35 -27.24 -7.92
N LEU D 595 -9.27 -27.13 -8.91
CA LEU D 595 -9.48 -25.89 -9.67
C LEU D 595 -9.98 -24.74 -8.78
N LYS D 597 -9.34 -24.48 -5.56
CA LYS D 597 -8.21 -24.14 -4.66
C LYS D 597 -7.31 -23.14 -5.40
N GLN D 598 -7.00 -23.43 -6.68
CA GLN D 598 -6.19 -22.54 -7.51
C GLN D 598 -6.91 -21.21 -7.72
N TYR D 599 -8.22 -21.26 -8.01
CA TYR D 599 -9.06 -20.07 -8.17
C TYR D 599 -8.99 -19.15 -6.93
N GLN D 600 -9.18 -19.75 -5.74
CA GLN D 600 -9.15 -19.06 -4.45
C GLN D 600 -7.81 -18.37 -4.21
N LYS D 601 -6.71 -19.07 -4.53
CA LYS D 601 -5.34 -18.57 -4.39
C LYS D 601 -5.09 -17.35 -5.27
N VAL D 602 -5.45 -17.44 -6.58
CA VAL D 602 -5.25 -16.35 -7.55
C VAL D 602 -6.08 -15.14 -7.14
N TYR D 603 -7.38 -15.35 -6.83
CA TYR D 603 -8.34 -14.34 -6.39
C TYR D 603 -7.79 -13.54 -5.20
N THR D 604 -7.45 -14.24 -4.10
CA THR D 604 -7.06 -13.63 -2.83
C THR D 604 -5.64 -13.04 -2.86
N GLN D 605 -4.69 -13.67 -3.58
CA GLN D 605 -3.33 -13.13 -3.69
C GLN D 605 -3.35 -11.77 -4.42
N ASN D 606 -4.09 -11.70 -5.54
CA ASN D 606 -4.17 -10.54 -6.42
C ASN D 606 -5.26 -9.52 -6.07
N LEU D 607 -6.15 -9.87 -5.12
CA LEU D 607 -7.24 -9.03 -4.64
C LEU D 607 -8.22 -8.61 -5.75
N TYR D 608 -8.82 -9.63 -6.40
CA TYR D 608 -9.86 -9.44 -7.42
C TYR D 608 -11.00 -8.58 -6.82
N THR D 609 -11.30 -8.78 -5.52
CA THR D 609 -12.15 -7.94 -4.67
C THR D 609 -11.48 -7.95 -3.29
N ILE D 610 -11.95 -7.10 -2.37
CA ILE D 610 -11.40 -7.03 -1.02
C ILE D 610 -12.54 -7.37 -0.04
N GLY D 611 -12.40 -8.51 0.65
CA GLY D 611 -13.40 -8.96 1.62
C GLY D 611 -13.52 -8.05 2.82
N LEU D 612 -14.76 -7.83 3.31
CA LEU D 612 -15.00 -6.99 4.49
C LEU D 612 -15.22 -7.89 5.70
N THR D 613 -16.25 -8.73 5.62
CA THR D 613 -16.64 -9.67 6.66
C THR D 613 -17.60 -10.71 6.08
N GLU D 614 -17.77 -11.81 6.81
CA GLU D 614 -18.73 -12.87 6.47
C GLU D 614 -19.33 -13.39 7.75
N TYR D 615 -20.55 -13.91 7.68
CA TYR D 615 -21.28 -14.40 8.84
C TYR D 615 -22.45 -15.31 8.39
N PRO D 616 -23.12 -16.01 9.34
CA PRO D 616 -24.28 -16.82 8.94
C PRO D 616 -25.60 -16.04 9.06
N GLY D 617 -26.59 -16.46 8.27
CA GLY D 617 -27.94 -15.92 8.35
C GLY D 617 -28.89 -16.95 8.94
N ALA D 618 -30.09 -16.52 9.35
CA ALA D 618 -31.07 -17.44 9.92
C ALA D 618 -32.41 -17.39 9.20
N LEU D 619 -32.99 -18.56 8.93
CA LEU D 619 -34.29 -18.66 8.29
C LEU D 619 -35.37 -18.53 9.38
N ILE D 620 -36.31 -17.60 9.19
CA ILE D 620 -37.42 -17.39 10.12
C ILE D 620 -38.70 -17.76 9.38
N VAL D 621 -39.47 -18.74 9.89
CA VAL D 621 -40.73 -19.15 9.26
C VAL D 621 -41.79 -19.31 10.34
N ASN D 622 -42.99 -18.81 10.09
CA ASN D 622 -44.12 -18.97 10.99
C ASN D 622 -44.37 -20.48 11.23
N LYS D 623 -44.61 -20.86 12.48
CA LYS D 623 -44.79 -22.26 12.91
C LYS D 623 -46.00 -23.00 12.32
N ARG D 624 -47.03 -22.29 11.80
CA ARG D 624 -48.21 -22.97 11.27
C ARG D 624 -47.97 -23.70 9.93
N PHE D 625 -46.89 -23.39 9.22
CA PHE D 625 -46.60 -24.00 7.93
C PHE D 625 -45.99 -25.40 8.07
N SER D 626 -46.57 -26.36 7.31
CA SER D 626 -46.09 -27.72 7.12
C SER D 626 -45.31 -27.76 5.79
N ASN D 627 -44.46 -28.79 5.61
CA ASN D 627 -43.62 -29.07 4.43
C ASN D 627 -42.40 -28.17 4.27
N VAL D 628 -42.01 -27.42 5.34
CA VAL D 628 -40.80 -26.58 5.28
C VAL D 628 -39.60 -27.54 5.48
N PRO D 629 -38.67 -27.67 4.51
CA PRO D 629 -37.56 -28.62 4.71
C PRO D 629 -36.62 -28.22 5.84
N GLN D 630 -36.17 -29.21 6.62
CA GLN D 630 -35.22 -29.06 7.73
C GLN D 630 -33.86 -28.60 7.20
N GLY D 631 -33.19 -27.72 7.95
CA GLY D 631 -31.86 -27.25 7.61
C GLY D 631 -31.74 -26.38 6.37
N THR D 632 -32.86 -25.82 5.85
CA THR D 632 -32.80 -24.97 4.67
C THR D 632 -31.90 -23.75 4.93
N PRO D 633 -30.84 -23.49 4.10
CA PRO D 633 -30.03 -22.27 4.31
C PRO D 633 -30.77 -21.06 3.74
N ILE D 634 -30.50 -19.85 4.25
CA ILE D 634 -31.14 -18.66 3.66
C ILE D 634 -30.64 -18.36 2.25
N PHE D 635 -29.40 -18.81 1.94
CA PHE D 635 -28.79 -18.48 0.67
C PHE D 635 -27.70 -19.47 0.31
N PHE D 637 -27.82 -22.00 -3.38
CA PHE D 637 -28.03 -22.05 -4.84
C PHE D 637 -28.96 -20.90 -5.24
N ASN D 638 -29.77 -20.43 -4.28
CA ASN D 638 -30.67 -19.27 -4.36
C ASN D 638 -31.14 -18.94 -2.94
N TRP D 639 -31.95 -17.88 -2.83
CA TRP D 639 -32.57 -17.49 -1.57
C TRP D 639 -33.58 -18.59 -1.10
N ALA D 640 -33.79 -18.67 0.22
CA ALA D 640 -34.69 -19.64 0.87
C ALA D 640 -36.14 -19.60 0.33
N GLU D 641 -36.60 -18.43 -0.22
CA GLU D 641 -37.94 -18.31 -0.82
C GLU D 641 -38.10 -19.35 -1.93
N ASP D 642 -37.03 -19.60 -2.69
CA ASP D 642 -37.00 -20.61 -3.75
C ASP D 642 -36.81 -22.04 -3.16
N ALA D 643 -35.78 -22.22 -2.30
CA ALA D 643 -35.37 -23.49 -1.72
C ALA D 643 -36.47 -24.24 -0.95
N ILE D 644 -37.38 -23.52 -0.26
CA ILE D 644 -38.44 -24.15 0.55
C ILE D 644 -39.62 -24.67 -0.29
N ILE D 645 -39.66 -24.36 -1.60
CA ILE D 645 -40.72 -24.78 -2.54
C ILE D 645 -42.08 -24.32 -1.98
N ARG D 646 -42.36 -23.00 -2.08
CA ARG D 646 -43.55 -22.37 -1.54
C ARG D 646 -44.88 -22.95 -2.10
N GLU D 647 -44.89 -23.42 -3.37
CA GLU D 647 -46.08 -24.03 -3.98
C GLU D 647 -46.42 -25.42 -3.37
N ARG D 648 -45.51 -25.99 -2.54
CA ARG D 648 -45.67 -27.29 -1.89
C ARG D 648 -45.96 -27.15 -0.36
N LEU D 649 -45.92 -25.91 0.18
CA LEU D 649 -46.19 -25.62 1.58
C LEU D 649 -47.68 -25.60 1.83
N TRP D 650 -48.10 -26.02 3.02
CA TRP D 650 -49.50 -26.04 3.39
C TRP D 650 -49.69 -25.82 4.89
N VAL D 651 -50.92 -25.51 5.29
CA VAL D 651 -51.29 -25.28 6.68
C VAL D 651 -52.46 -26.19 6.99
N ALA D 652 -52.36 -26.98 8.09
CA ALA D 652 -53.44 -27.88 8.55
C ALA D 652 -54.72 -27.03 8.79
N ALA D 653 -55.89 -27.54 8.36
CA ALA D 653 -57.17 -26.83 8.47
C ALA D 653 -57.41 -26.16 9.84
N ASP D 654 -57.14 -26.87 10.95
CA ASP D 654 -57.33 -26.35 12.31
C ASP D 654 -56.31 -25.24 12.73
N LYS D 655 -55.25 -24.99 11.92
CA LYS D 655 -54.23 -23.98 12.22
C LYS D 655 -54.25 -22.80 11.23
N GLN D 656 -55.11 -22.86 10.21
CA GLN D 656 -55.15 -21.86 9.14
C GLN D 656 -55.56 -20.47 9.60
N GLY D 657 -54.82 -19.47 9.11
CA GLY D 657 -55.15 -18.07 9.33
C GLY D 657 -56.30 -17.69 8.42
N LYS D 658 -56.94 -16.55 8.64
CA LYS D 658 -58.03 -16.12 7.77
C LYS D 658 -57.65 -14.74 7.21
N TYR D 659 -56.57 -14.72 6.42
CA TYR D 659 -55.96 -13.50 5.87
C TYR D 659 -56.24 -13.17 4.42
N GLU D 660 -57.13 -13.93 3.76
CA GLU D 660 -57.45 -13.72 2.35
C GLU D 660 -58.20 -12.43 2.05
N LEU D 661 -57.60 -11.58 1.19
CA LEU D 661 -58.22 -10.33 0.73
C LEU D 661 -59.12 -10.55 -0.51
N PHE D 662 -58.94 -11.69 -1.19
CA PHE D 662 -59.79 -12.06 -2.34
C PHE D 662 -60.21 -13.53 -2.19
N PRO D 663 -60.88 -13.91 -1.05
CA PRO D 663 -61.25 -15.33 -0.89
C PRO D 663 -62.18 -15.82 -1.99
N GLN D 664 -61.94 -17.06 -2.44
CA GLN D 664 -62.70 -17.80 -3.45
C GLN D 664 -62.77 -17.03 -4.79
N GLN D 665 -61.66 -16.33 -5.10
CA GLN D 665 -61.53 -15.54 -6.31
C GLN D 665 -60.32 -15.95 -7.11
N LEU D 666 -60.40 -15.78 -8.43
CA LEU D 666 -59.31 -16.13 -9.33
C LEU D 666 -58.85 -14.89 -10.10
N PRO D 667 -57.61 -14.86 -10.64
CA PRO D 667 -57.15 -13.68 -11.39
C PRO D 667 -58.03 -13.36 -12.60
N GLY D 668 -58.16 -12.06 -12.88
CA GLY D 668 -58.88 -11.56 -14.04
C GLY D 668 -58.00 -11.66 -15.27
N LYS D 669 -58.45 -11.07 -16.38
CA LYS D 669 -57.70 -11.08 -17.64
C LYS D 669 -56.57 -10.03 -17.63
N PRO D 670 -55.43 -10.27 -18.32
CA PRO D 670 -54.36 -9.24 -18.37
C PRO D 670 -54.87 -7.98 -19.10
N GLY D 671 -54.87 -6.74 -18.60
CA GLY D 671 -54.47 -6.23 -17.30
C GLY D 671 -55.52 -5.29 -16.75
N GLU D 672 -56.82 -5.61 -17.04
CA GLU D 672 -58.07 -4.93 -16.68
C GLU D 672 -57.99 -4.06 -15.41
#